data_7MJO
#
_entry.id   7MJO
#
_cell.length_a   1.00
_cell.length_b   1.00
_cell.length_c   1.00
_cell.angle_alpha   90.00
_cell.angle_beta   90.00
_cell.angle_gamma   90.00
#
_symmetry.space_group_name_H-M   'P 1'
#
loop_
_entity.id
_entity.type
_entity.pdbx_description
1 polymer 'ATP-sensitive inward rectifier potassium channel 8'
2 polymer 'Isoform SUR2B of ATP-binding cassette sub-family C member 9'
3 branched 2-acetamido-2-deoxy-beta-D-glucopyranose-(1-4)-2-acetamido-2-deoxy-beta-D-glucopyranose
4 non-polymer 'POTASSIUM ION'
5 non-polymer "ADENOSINE-5'-TRIPHOSPHATE"
6 non-polymer PHOSPHATIDYLETHANOLAMINE
7 non-polymer '(2S)-3-(hexadecanoyloxy)-2-[(9Z)-octadec-9-enoyloxy]propyl 2-(trimethylammonio)ethyl phosphate'
8 non-polymer 5-chloro-N-(2-{4-[(cyclohexylcarbamoyl)sulfamoyl]phenyl}ethyl)-2-methoxybenzamide
#
loop_
_entity_poly.entity_id
_entity_poly.type
_entity_poly.pdbx_seq_one_letter_code
_entity_poly.pdbx_strand_id
1 'polypeptide(L)'
;MLARKSIIPEEYVLARIAAENLRKPRIRDRLPKARFIAKSGACNLAHKNIREQGRFLQDIFTTLVDLKWRHTLVIFTMSF
LCSWLLFAIMWWLVAFAHGDIYAYMEKGITEKSGLESAVCVTNVRSFTSAFLFSIEVQVTIGFGGRMMTEECPLAITVLI
LQNIVGLIINAVMLGCIFMKTAQAHRRAETLIFSRHAVIAVRNGKLCFMFRVGDLRKSMIISASVRIQVVKKTTTPEGEV
VPIHQQDIPVDNPIESNNIFLVAPLIICHVIDKRSPLYDISATDLVNQDLEVIVILEGVVETTGITTQARTSYIAEEIQW
GHRFVSIVTEEEGVYSVDYSKFGNTVRVAAPRCSARELDEKPSILIQTLQKSELSHQNSLRKRNSMRRNNSMRRSNSIRR
NNSSLMVPKVQFMTPEGNQCPSES
;
A,B,C,D
2 'polypeptide(L)'
;MSLSFCGNNISSYNIYHGVLQNPCFVDALNLVPHVFLLFITFPILFIGWGSQSSKVQIHHNTWLHFPGHNLRWILTFALL
FVHVCEIAEGIVSDSQRASRHLHLFMPAVMGFVATTTSIVYYHNIETSNFPKLLLALFLYWVMAFITKTIKLVKYWQLGW
GMSDLRFCITGVMVILNGLLMAVEINVIRVRRYVFFMNPQKVKPPEDLQDLGVRFLQPFVNLLSKATYWWMNTLIISAHR
KPIDLKAIGKLPIAMRAVTNYVCLKEAYEEQKKKAADHPNRTPSIWLAMYRAFGRPILLSSTFRYLADLLGFAGPLCISG
IVQRVNEPKNNTTRFSETLSSKEFLENAHVLAVLLFLALILQRTFLQASYYVTIETGINLRGALLAMIYNKILRLSTSNL
SMGEMTLGQINNLVAIETNQLMWFLFLCPNLWAMPVQIIMGVILLYNLLGSSALVGAAVIVLLAPIQYFIATKLAEAQKS
TLDYSTERLKKTNEILKGIKLLKLYAWEHIFCKSVEETRMKELSSLKTFALYTSLSIFMNAAIPIAAVLATFVTHAYASG
NNLKPAEAFASLSLFHILVTPLFLLSTVVRFAVKAIISVQKLNEFLLSDEIGEDSWRTGEGTLPFESCKKHTGVQSKPIN
RKQPGRYHLDNYEQARRLRPAETEDVAIKVTNGYFSWGSGLATLSNIDIRIPTGQLTMIVGQVGCGKSSLLLAILGEMQT
LEGKVYWNNVNESEPSFEATRSRSRYSVAYAAQKPWLLNATVEENITFGSSFNRQRYKAVTDACSLQPDIDLLPFGDQTE
IGERGINLSGGQRQRICVARALYQNTNIVFLDDPFSALDIHLSDHLMQEGILKFLQDDKRTVVLVTHKLQYLTHADWIIA
MKDGSVLREGTLKDIQTKDVELYEHWKTLMNRQDQELEKDMEADQTTLERKTLRRAMYSREAKAQMEDEDEEEEEEEDED
DNMSTVMRLRTKMPWKTCWWYLTSGGFFLLFLMIFSKLLKHSVIVAIDYWLATWTSEYSINDPGKADQTFYVAGFSILCG
AGIFLCLVTSLTVEWMGLTAAKNLHHNLLNKIILGPIRFFDTTPLGLILNRFSADTNIIDQHIPPTLESLTRSTLLCLSA
IGMISYATPVFLIALAPLGVAFYFIQKYFRVASKDLQELDDSTQLPLLCHFSETAEGLTTIRAFRHETRFKQRMLELTDT
NNIAYLFLSAANRWLEVRTDYLGACIVLTASIASISGSSNSGLVGLGLLYALTITNYLNWVVRNLADLEVQMGAVKKVNS
FLTMESENYEGTMDPSQVPEHWPQEGEIKIHDLCVRYENNLKPVLKHVKAYIKPGQKVGICGRTGSGKSSLSLAFFRMVD
IFDGKIVIDGIDISKLPLHTLRSRLSIILQDPILFSGSIRFNLDPECKCTDDRLWEALEIAQLKNMVKSLPGGLDATVTE
GGENFSVGQRQLFCLARAFVRKSSILIMDEATASIDMATENILQKVVMTAFADRTVVTIAHRVHTILTADLVIVMKRGNI
LEYDTPESLLAQEDGVFASFVRADM
;
E,G
#
loop_
_chem_comp.id
_chem_comp.type
_chem_comp.name
_chem_comp.formula
ATP non-polymer ADENOSINE-5'-TRIPHOSPHATE 'C10 H16 N5 O13 P3'
GBM non-polymer 5-chloro-N-(2-{4-[(cyclohexylcarbamoyl)sulfamoyl]phenyl}ethyl)-2-methoxybenzamide 'C23 H28 Cl N3 O5 S'
K non-polymer 'POTASSIUM ION' 'K 1'
NAG D-saccharide, beta linking 2-acetamido-2-deoxy-beta-D-glucopyranose 'C8 H15 N O6'
POV non-polymer '(2S)-3-(hexadecanoyloxy)-2-[(9Z)-octadec-9-enoyloxy]propyl 2-(trimethylammonio)ethyl phosphate' 'C42 H82 N O8 P'
PTY non-polymer PHOSPHATIDYLETHANOLAMINE 'C40 H80 N O8 P'
#
# COMPACT_ATOMS: atom_id res chain seq x y z
N LYS A 24 16.55 18.55 12.50
CA LYS A 24 17.32 18.94 11.33
C LYS A 24 18.51 18.01 11.12
N PRO A 25 19.49 18.06 12.04
CA PRO A 25 20.73 17.27 12.05
C PRO A 25 20.43 15.78 12.16
N ARG A 26 19.37 15.45 12.90
CA ARG A 26 18.94 14.07 13.14
C ARG A 26 18.59 13.31 11.86
N ILE A 27 18.04 14.01 10.87
CA ILE A 27 17.66 13.40 9.61
C ILE A 27 18.85 12.75 8.89
N ARG A 28 20.03 13.37 8.95
CA ARG A 28 21.22 12.84 8.30
C ARG A 28 21.56 11.46 8.89
N ASP A 29 21.45 11.32 10.21
CA ASP A 29 21.63 10.04 10.89
C ASP A 29 20.50 9.10 10.51
N ARG A 30 19.31 9.69 10.39
CA ARG A 30 18.04 9.04 10.05
C ARG A 30 17.89 8.40 8.66
N LEU A 31 18.47 9.02 7.63
CA LEU A 31 18.28 8.50 6.28
C LEU A 31 18.74 7.06 6.10
N PRO A 32 19.89 6.73 6.66
CA PRO A 32 20.42 5.37 6.57
C PRO A 32 19.88 4.57 7.71
N LYS A 33 19.58 3.28 7.52
CA LYS A 33 19.02 2.49 8.62
C LYS A 33 19.27 1.03 8.31
N ALA A 34 20.18 0.41 9.05
CA ALA A 34 20.53 -0.99 8.85
C ALA A 34 19.46 -1.85 9.50
N ARG A 35 18.49 -2.30 8.71
CA ARG A 35 17.39 -3.12 9.19
C ARG A 35 17.22 -4.33 8.29
N PHE A 36 16.84 -5.46 8.87
CA PHE A 36 16.85 -6.73 8.17
C PHE A 36 15.47 -7.29 7.86
N ILE A 37 14.52 -7.20 8.80
CA ILE A 37 13.13 -7.53 8.53
C ILE A 37 12.25 -6.43 9.08
N ALA A 38 11.19 -6.11 8.36
CA ALA A 38 10.33 -4.97 8.70
C ALA A 38 9.60 -5.24 10.02
N LYS A 39 9.41 -4.16 10.78
CA LYS A 39 8.63 -4.25 12.01
C LYS A 39 7.25 -4.82 11.74
N SER A 40 6.67 -4.52 10.58
CA SER A 40 5.42 -5.16 10.19
C SER A 40 5.62 -6.67 10.07
N GLY A 41 6.73 -7.11 9.49
CA GLY A 41 7.01 -8.53 9.40
C GLY A 41 7.65 -8.95 8.09
N ALA A 42 7.55 -8.13 7.06
CA ALA A 42 8.15 -8.49 5.79
C ALA A 42 9.68 -8.45 5.89
N CYS A 43 10.33 -9.20 5.02
CA CYS A 43 11.79 -9.33 5.02
C CYS A 43 12.37 -8.42 3.93
N ASN A 44 12.42 -7.12 4.23
CA ASN A 44 12.96 -6.16 3.29
C ASN A 44 14.44 -6.44 3.02
N LEU A 45 14.75 -6.86 1.81
CA LEU A 45 16.10 -7.25 1.43
C LEU A 45 16.25 -6.93 -0.06
N ALA A 46 17.27 -7.48 -0.70
CA ALA A 46 17.46 -7.28 -2.13
C ALA A 46 18.31 -8.40 -2.69
N HIS A 47 17.72 -9.22 -3.56
CA HIS A 47 18.48 -10.19 -4.33
C HIS A 47 18.98 -9.52 -5.60
N LYS A 48 20.18 -9.91 -6.03
CA LYS A 48 20.77 -9.29 -7.20
C LYS A 48 21.77 -10.24 -7.85
N ASN A 49 22.11 -9.95 -9.10
CA ASN A 49 23.06 -10.73 -9.89
C ASN A 49 22.55 -12.15 -10.12
N ILE A 50 21.24 -12.34 -10.11
CA ILE A 50 20.69 -13.68 -10.26
C ILE A 50 20.95 -14.20 -11.67
N ARG A 51 20.84 -15.52 -11.82
CA ARG A 51 20.96 -16.17 -13.13
C ARG A 51 19.57 -16.45 -13.68
N GLU A 52 18.87 -15.38 -14.02
CA GLU A 52 17.50 -15.50 -14.54
C GLU A 52 17.57 -16.13 -15.92
N GLN A 53 17.33 -17.45 -15.97
CA GLN A 53 17.33 -18.15 -17.25
C GLN A 53 16.08 -17.82 -18.06
N GLY A 54 14.97 -17.53 -17.39
CA GLY A 54 13.75 -17.20 -18.09
C GLY A 54 12.57 -17.25 -17.15
N ARG A 55 11.39 -17.22 -17.75
CA ARG A 55 10.13 -17.35 -17.03
C ARG A 55 9.20 -18.19 -17.90
N PHE A 56 9.13 -19.49 -17.62
CA PHE A 56 8.39 -20.37 -18.49
C PHE A 56 6.89 -20.16 -18.34
N LEU A 57 6.14 -20.69 -19.31
CA LEU A 57 4.80 -20.19 -19.61
C LEU A 57 3.83 -20.43 -18.46
N GLN A 58 3.77 -21.67 -17.96
CA GLN A 58 2.73 -22.07 -17.02
C GLN A 58 2.55 -21.10 -15.87
N ASP A 59 3.56 -20.28 -15.58
CA ASP A 59 3.44 -19.31 -14.49
C ASP A 59 2.19 -18.47 -14.63
N ILE A 60 1.91 -17.99 -15.84
CA ILE A 60 0.73 -17.14 -16.04
C ILE A 60 -0.53 -17.86 -15.59
N PHE A 61 -0.61 -19.17 -15.88
CA PHE A 61 -1.79 -19.92 -15.49
C PHE A 61 -1.97 -19.91 -13.98
N THR A 62 -0.87 -20.03 -13.24
CA THR A 62 -0.96 -19.98 -11.79
C THR A 62 -1.50 -18.63 -11.33
N THR A 63 -1.12 -17.54 -12.01
CA THR A 63 -1.64 -16.25 -11.64
C THR A 63 -3.15 -16.20 -11.80
N LEU A 64 -3.70 -17.00 -12.71
CA LEU A 64 -5.15 -17.05 -12.86
C LEU A 64 -5.80 -17.59 -11.60
N VAL A 65 -5.15 -18.54 -10.93
CA VAL A 65 -5.75 -19.16 -9.75
C VAL A 65 -5.80 -18.19 -8.58
N ASP A 66 -4.72 -17.44 -8.34
CA ASP A 66 -4.54 -16.68 -7.12
C ASP A 66 -4.92 -15.22 -7.25
N LEU A 67 -5.91 -14.89 -8.06
CA LEU A 67 -6.35 -13.51 -8.19
C LEU A 67 -7.38 -13.20 -7.10
N LYS A 68 -8.02 -12.04 -7.20
CA LYS A 68 -9.11 -11.66 -6.32
C LYS A 68 -10.45 -11.81 -7.03
N TRP A 69 -11.53 -11.67 -6.26
CA TRP A 69 -12.86 -11.90 -6.82
C TRP A 69 -13.21 -10.97 -7.95
N ARG A 70 -12.90 -9.68 -7.84
CA ARG A 70 -13.28 -8.78 -8.93
C ARG A 70 -12.57 -9.18 -10.21
N HIS A 71 -11.27 -9.45 -10.13
CA HIS A 71 -10.53 -9.86 -11.31
C HIS A 71 -10.98 -11.22 -11.83
N THR A 72 -11.27 -12.16 -10.91
CA THR A 72 -11.73 -13.48 -11.36
C THR A 72 -13.07 -13.38 -12.06
N LEU A 73 -13.99 -12.58 -11.53
CA LEU A 73 -15.28 -12.44 -12.19
C LEU A 73 -15.12 -11.81 -13.56
N VAL A 74 -14.27 -10.79 -13.67
CA VAL A 74 -14.07 -10.17 -14.97
C VAL A 74 -13.47 -11.15 -15.96
N ILE A 75 -12.43 -11.89 -15.55
CA ILE A 75 -11.80 -12.80 -16.50
C ILE A 75 -12.76 -13.93 -16.88
N PHE A 76 -13.54 -14.41 -15.92
CA PHE A 76 -14.54 -15.45 -16.17
C PHE A 76 -15.53 -15.00 -17.24
N THR A 77 -16.26 -13.91 -16.96
CA THR A 77 -17.30 -13.48 -17.89
C THR A 77 -16.70 -13.06 -19.23
N MET A 78 -15.57 -12.36 -19.20
CA MET A 78 -14.94 -11.95 -20.45
C MET A 78 -14.55 -13.15 -21.28
N SER A 79 -14.06 -14.22 -20.63
CA SER A 79 -13.66 -15.40 -21.39
C SER A 79 -14.86 -16.05 -22.05
N PHE A 80 -15.95 -16.21 -21.31
CA PHE A 80 -17.14 -16.81 -21.91
C PHE A 80 -17.64 -15.97 -23.08
N LEU A 81 -17.72 -14.66 -22.89
CA LEU A 81 -18.24 -13.81 -23.95
C LEU A 81 -17.31 -13.79 -25.16
N CYS A 82 -15.99 -13.82 -24.93
CA CYS A 82 -15.06 -13.85 -26.05
C CYS A 82 -15.20 -15.14 -26.84
N SER A 83 -15.32 -16.27 -26.15
CA SER A 83 -15.49 -17.53 -26.87
C SER A 83 -16.76 -17.50 -27.70
N TRP A 84 -17.86 -17.01 -27.12
CA TRP A 84 -19.11 -16.96 -27.86
C TRP A 84 -19.00 -16.08 -29.09
N LEU A 85 -18.45 -14.87 -28.95
CA LEU A 85 -18.36 -13.98 -30.09
C LEU A 85 -17.46 -14.55 -31.17
N LEU A 86 -16.32 -15.12 -30.79
CA LEU A 86 -15.40 -15.67 -31.78
C LEU A 86 -16.06 -16.79 -32.57
N PHE A 87 -16.63 -17.76 -31.88
CA PHE A 87 -17.23 -18.85 -32.64
C PHE A 87 -18.50 -18.41 -33.35
N ALA A 88 -19.14 -17.33 -32.93
CA ALA A 88 -20.24 -16.79 -33.70
C ALA A 88 -19.76 -16.24 -35.03
N ILE A 89 -18.62 -15.52 -35.02
CA ILE A 89 -18.03 -15.08 -36.28
C ILE A 89 -17.71 -16.28 -37.15
N MET A 90 -17.19 -17.35 -36.55
CA MET A 90 -16.84 -18.54 -37.31
C MET A 90 -18.08 -19.16 -37.96
N TRP A 91 -19.15 -19.35 -37.19
CA TRP A 91 -20.38 -19.90 -37.75
C TRP A 91 -20.93 -19.00 -38.83
N TRP A 92 -20.79 -17.69 -38.67
CA TRP A 92 -21.27 -16.77 -39.68
C TRP A 92 -20.54 -16.98 -41.00
N LEU A 93 -19.21 -17.08 -40.93
CA LEU A 93 -18.45 -17.38 -42.15
C LEU A 93 -18.90 -18.69 -42.76
N VAL A 94 -19.07 -19.73 -41.94
CA VAL A 94 -19.41 -21.04 -42.48
C VAL A 94 -20.76 -20.99 -43.20
N ALA A 95 -21.77 -20.41 -42.55
CA ALA A 95 -23.08 -20.30 -43.17
C ALA A 95 -23.11 -19.25 -44.27
N PHE A 96 -22.03 -18.49 -44.44
CA PHE A 96 -21.89 -17.59 -45.57
C PHE A 96 -21.35 -18.31 -46.80
N ALA A 97 -20.23 -19.01 -46.64
CA ALA A 97 -19.55 -19.58 -47.80
C ALA A 97 -20.38 -20.63 -48.50
N HIS A 98 -21.26 -21.31 -47.76
CA HIS A 98 -22.04 -22.39 -48.34
C HIS A 98 -23.17 -21.89 -49.24
N GLY A 99 -23.20 -20.60 -49.55
CA GLY A 99 -24.27 -20.06 -50.37
C GLY A 99 -25.63 -20.21 -49.71
N ASP A 100 -25.70 -19.86 -48.43
CA ASP A 100 -26.91 -20.04 -47.62
C ASP A 100 -27.64 -18.75 -47.32
N ILE A 101 -26.92 -17.68 -46.97
CA ILE A 101 -27.59 -16.44 -46.60
C ILE A 101 -28.36 -15.88 -47.79
N TYR A 102 -27.76 -15.91 -48.98
CA TYR A 102 -28.49 -15.48 -50.17
C TYR A 102 -29.68 -16.40 -50.42
N ALA A 103 -29.48 -17.71 -50.32
CA ALA A 103 -30.57 -18.64 -50.57
C ALA A 103 -31.75 -18.36 -49.66
N TYR A 104 -31.50 -17.91 -48.43
CA TYR A 104 -32.59 -17.53 -47.57
C TYR A 104 -33.17 -16.17 -47.96
N MET A 105 -32.31 -15.23 -48.37
CA MET A 105 -32.78 -13.88 -48.67
C MET A 105 -33.65 -13.82 -49.92
N GLU A 106 -33.69 -14.88 -50.73
CA GLU A 106 -34.49 -14.87 -51.94
C GLU A 106 -35.96 -15.00 -51.56
N LYS A 107 -36.66 -13.87 -51.53
CA LYS A 107 -38.07 -13.84 -51.17
C LYS A 107 -38.97 -14.13 -52.37
N GLY A 108 -38.69 -15.25 -53.06
CA GLY A 108 -39.55 -15.64 -54.16
C GLY A 108 -40.94 -16.03 -53.70
N ILE A 109 -41.02 -16.81 -52.62
CA ILE A 109 -42.27 -17.24 -52.03
C ILE A 109 -42.12 -17.19 -50.51
N THR A 110 -43.17 -17.63 -49.81
CA THR A 110 -43.06 -17.76 -48.36
C THR A 110 -42.00 -18.78 -47.98
N GLU A 111 -41.95 -19.91 -48.68
CA GLU A 111 -40.88 -20.89 -48.50
C GLU A 111 -40.77 -21.70 -49.78
N LYS A 112 -39.82 -21.34 -50.63
CA LYS A 112 -39.64 -22.00 -51.92
C LYS A 112 -38.28 -22.67 -52.06
N SER A 113 -37.19 -21.93 -51.82
CA SER A 113 -35.85 -22.45 -52.03
C SER A 113 -35.07 -22.69 -50.75
N GLY A 114 -35.61 -22.30 -49.59
CA GLY A 114 -34.93 -22.54 -48.34
C GLY A 114 -35.17 -23.91 -47.74
N LEU A 115 -36.06 -24.70 -48.33
CA LEU A 115 -36.34 -26.05 -47.87
C LEU A 115 -35.65 -27.11 -48.72
N GLU A 116 -35.79 -27.01 -50.05
CA GLU A 116 -35.23 -28.03 -50.94
C GLU A 116 -33.72 -27.92 -51.05
N SER A 117 -33.17 -26.70 -51.03
CA SER A 117 -31.76 -26.50 -51.30
C SER A 117 -30.85 -27.06 -50.21
N ALA A 118 -31.40 -27.45 -49.06
CA ALA A 118 -30.64 -28.07 -47.97
C ALA A 118 -29.53 -27.12 -47.47
N VAL A 119 -29.98 -26.01 -46.88
CA VAL A 119 -29.09 -25.05 -46.25
C VAL A 119 -28.18 -25.78 -45.28
N CYS A 120 -26.94 -25.30 -45.14
CA CYS A 120 -25.97 -26.02 -44.33
C CYS A 120 -26.38 -26.06 -42.88
N VAL A 121 -26.83 -24.93 -42.33
CA VAL A 121 -27.32 -24.85 -40.95
C VAL A 121 -28.69 -24.21 -40.99
N THR A 122 -29.69 -24.90 -40.45
CA THR A 122 -31.06 -24.42 -40.58
C THR A 122 -31.23 -23.08 -39.88
N ASN A 123 -31.90 -22.14 -40.56
CA ASN A 123 -32.33 -20.87 -39.98
C ASN A 123 -31.18 -20.06 -39.39
N VAL A 124 -30.09 -19.96 -40.14
CA VAL A 124 -29.03 -19.00 -39.85
C VAL A 124 -29.11 -17.93 -40.92
N ARG A 125 -29.77 -16.82 -40.59
CA ARG A 125 -30.01 -15.77 -41.57
C ARG A 125 -29.06 -14.62 -41.46
N SER A 126 -28.59 -14.27 -40.26
CA SER A 126 -27.76 -13.10 -40.09
C SER A 126 -26.83 -13.33 -38.90
N PHE A 127 -25.80 -12.49 -38.82
CA PHE A 127 -24.81 -12.63 -37.76
C PHE A 127 -25.47 -12.65 -36.39
N THR A 128 -26.52 -11.85 -36.20
CA THR A 128 -27.26 -11.94 -34.95
C THR A 128 -27.77 -13.37 -34.73
N SER A 129 -28.37 -13.95 -35.76
CA SER A 129 -28.86 -15.32 -35.65
C SER A 129 -27.72 -16.30 -35.43
N ALA A 130 -26.61 -16.10 -36.14
CA ALA A 130 -25.47 -17.01 -35.96
C ALA A 130 -24.95 -16.95 -34.54
N PHE A 131 -24.91 -15.75 -33.96
CA PHE A 131 -24.48 -15.62 -32.57
C PHE A 131 -25.45 -16.30 -31.64
N LEU A 132 -26.75 -16.16 -31.90
CA LEU A 132 -27.73 -16.88 -31.09
C LEU A 132 -27.52 -18.37 -31.20
N PHE A 133 -27.15 -18.86 -32.38
CA PHE A 133 -26.89 -20.28 -32.52
C PHE A 133 -25.64 -20.69 -31.75
N SER A 134 -24.61 -19.86 -31.77
CA SER A 134 -23.41 -20.16 -30.97
C SER A 134 -23.78 -20.29 -29.51
N ILE A 135 -24.55 -19.33 -28.98
CA ILE A 135 -25.01 -19.43 -27.61
C ILE A 135 -25.79 -20.72 -27.39
N GLU A 136 -26.71 -21.03 -28.31
CA GLU A 136 -27.57 -22.19 -28.16
C GLU A 136 -26.79 -23.50 -28.22
N VAL A 137 -25.60 -23.51 -28.80
CA VAL A 137 -24.85 -24.76 -28.96
C VAL A 137 -23.70 -24.86 -27.97
N GLN A 138 -23.28 -23.79 -27.33
CA GLN A 138 -22.13 -23.91 -26.46
C GLN A 138 -22.52 -24.21 -25.02
N VAL A 139 -23.64 -23.65 -24.55
CA VAL A 139 -24.08 -23.86 -23.19
C VAL A 139 -25.09 -25.02 -23.10
N THR A 140 -25.15 -25.86 -24.14
CA THR A 140 -26.05 -27.00 -24.19
C THR A 140 -27.51 -26.60 -24.08
N ILE A 141 -27.85 -25.39 -24.55
CA ILE A 141 -29.24 -24.96 -24.49
C ILE A 141 -30.08 -25.75 -25.48
N GLY A 142 -29.76 -25.65 -26.76
CA GLY A 142 -30.46 -26.43 -27.75
C GLY A 142 -31.91 -26.03 -27.94
N PHE A 143 -32.16 -24.87 -28.54
CA PHE A 143 -33.53 -24.40 -28.70
C PHE A 143 -34.25 -25.03 -29.87
N GLY A 144 -33.58 -25.87 -30.66
CA GLY A 144 -34.31 -26.68 -31.62
C GLY A 144 -34.72 -25.99 -32.90
N GLY A 145 -35.02 -24.69 -32.81
CA GLY A 145 -35.43 -23.96 -33.99
C GLY A 145 -34.37 -23.91 -35.07
N ARG A 146 -33.10 -24.07 -34.72
CA ARG A 146 -32.00 -23.92 -35.66
C ARG A 146 -30.98 -25.02 -35.37
N MET A 147 -31.12 -26.14 -36.07
CA MET A 147 -30.31 -27.33 -35.82
C MET A 147 -29.30 -27.54 -36.94
N MET A 148 -28.20 -28.20 -36.62
CA MET A 148 -27.26 -28.63 -37.64
C MET A 148 -27.89 -29.72 -38.50
N THR A 149 -27.40 -29.84 -39.71
CA THR A 149 -27.93 -30.79 -40.67
C THR A 149 -26.83 -31.77 -41.08
N GLU A 150 -27.18 -32.67 -42.01
CA GLU A 150 -26.29 -33.75 -42.42
C GLU A 150 -25.64 -33.48 -43.77
N GLU A 151 -25.57 -32.23 -44.20
CA GLU A 151 -25.10 -31.91 -45.55
C GLU A 151 -23.65 -31.45 -45.58
N CYS A 152 -23.29 -30.49 -44.73
CA CYS A 152 -21.99 -29.83 -44.85
C CYS A 152 -21.03 -30.38 -43.81
N PRO A 153 -20.05 -31.20 -44.20
CA PRO A 153 -19.10 -31.73 -43.20
C PRO A 153 -18.33 -30.65 -42.48
N LEU A 154 -18.09 -29.51 -43.12
CA LEU A 154 -17.36 -28.43 -42.47
C LEU A 154 -18.06 -27.99 -41.19
N ALA A 155 -19.39 -27.89 -41.24
CA ALA A 155 -20.14 -27.49 -40.06
C ALA A 155 -19.98 -28.52 -38.94
N ILE A 156 -19.97 -29.80 -39.27
CA ILE A 156 -19.79 -30.81 -38.23
C ILE A 156 -18.40 -30.73 -37.63
N THR A 157 -17.39 -30.45 -38.46
CA THR A 157 -16.04 -30.28 -37.92
C THR A 157 -15.98 -29.10 -36.96
N VAL A 158 -16.58 -27.98 -37.36
CA VAL A 158 -16.54 -26.82 -36.48
C VAL A 158 -17.37 -27.06 -35.24
N LEU A 159 -18.44 -27.86 -35.32
CA LEU A 159 -19.23 -28.17 -34.13
C LEU A 159 -18.40 -29.00 -33.15
N ILE A 160 -17.68 -29.99 -33.66
CA ILE A 160 -16.84 -30.80 -32.78
C ILE A 160 -15.82 -29.92 -32.08
N LEU A 161 -15.14 -29.06 -32.84
CA LEU A 161 -14.16 -28.17 -32.22
C LEU A 161 -14.83 -27.27 -31.20
N GLN A 162 -16.02 -26.77 -31.52
CA GLN A 162 -16.76 -25.93 -30.60
C GLN A 162 -17.00 -26.63 -29.28
N ASN A 163 -17.47 -27.87 -29.33
CA ASN A 163 -17.83 -28.53 -28.09
C ASN A 163 -16.59 -28.88 -27.28
N ILE A 164 -15.50 -29.29 -27.93
CA ILE A 164 -14.29 -29.59 -27.16
C ILE A 164 -13.80 -28.33 -26.44
N VAL A 165 -13.72 -27.21 -27.15
CA VAL A 165 -13.22 -26.01 -26.50
C VAL A 165 -14.19 -25.55 -25.43
N GLY A 166 -15.50 -25.72 -25.66
CA GLY A 166 -16.47 -25.30 -24.67
C GLY A 166 -16.32 -26.07 -23.38
N LEU A 167 -16.20 -27.39 -23.47
CA LEU A 167 -16.05 -28.20 -22.26
C LEU A 167 -14.74 -27.89 -21.56
N ILE A 168 -13.66 -27.67 -22.32
CA ILE A 168 -12.38 -27.37 -21.68
C ILE A 168 -12.47 -26.05 -20.92
N ILE A 169 -13.06 -25.03 -21.54
CA ILE A 169 -13.19 -23.74 -20.87
C ILE A 169 -14.07 -23.87 -19.65
N ASN A 170 -15.14 -24.65 -19.74
CA ASN A 170 -16.02 -24.85 -18.58
C ASN A 170 -15.24 -25.47 -17.44
N ALA A 171 -14.47 -26.51 -17.74
CA ALA A 171 -13.69 -27.17 -16.69
C ALA A 171 -12.68 -26.22 -16.07
N VAL A 172 -11.99 -25.44 -16.90
CA VAL A 172 -10.96 -24.56 -16.36
C VAL A 172 -11.58 -23.48 -15.49
N MET A 173 -12.71 -22.91 -15.89
CA MET A 173 -13.33 -21.87 -15.08
C MET A 173 -13.89 -22.45 -13.79
N LEU A 174 -14.43 -23.67 -13.85
CA LEU A 174 -14.89 -24.31 -12.63
C LEU A 174 -13.74 -24.57 -11.68
N GLY A 175 -12.60 -25.01 -12.20
CA GLY A 175 -11.43 -25.19 -11.37
C GLY A 175 -10.98 -23.90 -10.72
N CYS A 176 -11.02 -22.81 -11.48
CA CYS A 176 -10.65 -21.51 -10.94
C CYS A 176 -11.55 -21.14 -9.78
N ILE A 177 -12.87 -21.21 -9.98
CA ILE A 177 -13.78 -20.77 -8.93
C ILE A 177 -13.69 -21.67 -7.71
N PHE A 178 -13.65 -22.98 -7.92
CA PHE A 178 -13.49 -23.87 -6.76
C PHE A 178 -12.23 -23.54 -5.99
N MET A 179 -11.08 -23.47 -6.68
CA MET A 179 -9.84 -23.23 -5.95
C MET A 179 -9.84 -21.89 -5.25
N LYS A 180 -10.59 -20.92 -5.77
CA LYS A 180 -10.77 -19.68 -4.99
C LYS A 180 -11.71 -19.90 -3.81
N THR A 181 -12.49 -20.98 -3.82
CA THR A 181 -13.28 -21.31 -2.63
C THR A 181 -12.46 -22.07 -1.59
N ALA A 182 -11.63 -23.02 -2.02
CA ALA A 182 -10.84 -23.84 -1.11
C ALA A 182 -9.69 -23.08 -0.47
N GLN A 183 -9.36 -21.89 -0.95
CA GLN A 183 -8.37 -21.02 -0.33
C GLN A 183 -9.05 -19.83 0.32
N ALA A 184 -10.21 -20.08 0.94
CA ALA A 184 -10.96 -19.04 1.60
C ALA A 184 -11.02 -19.20 3.11
N HIS A 185 -10.57 -20.33 3.65
CA HIS A 185 -10.47 -20.46 5.10
C HIS A 185 -9.53 -19.42 5.68
N ARG A 186 -8.40 -19.18 5.02
CA ARG A 186 -7.45 -18.19 5.49
C ARG A 186 -8.05 -16.79 5.45
N ARG A 187 -7.66 -15.97 6.42
CA ARG A 187 -7.88 -14.52 6.31
C ARG A 187 -6.57 -13.75 6.29
N ALA A 188 -5.74 -13.89 7.33
CA ALA A 188 -4.49 -13.16 7.46
C ALA A 188 -3.76 -13.58 8.74
N GLU A 189 -2.55 -13.06 8.94
CA GLU A 189 -1.83 -13.34 10.17
C GLU A 189 -2.53 -12.68 11.36
N THR A 190 -2.49 -13.36 12.51
CA THR A 190 -3.19 -12.86 13.69
C THR A 190 -2.33 -12.95 14.95
N LEU A 191 -1.02 -13.11 14.83
CA LEU A 191 -0.13 -13.12 15.99
C LEU A 191 0.46 -11.72 16.16
N ILE A 192 0.44 -11.23 17.39
CA ILE A 192 0.68 -9.82 17.67
C ILE A 192 1.84 -9.71 18.64
N PHE A 193 2.77 -8.80 18.34
CA PHE A 193 3.92 -8.55 19.20
C PHE A 193 3.81 -7.18 19.85
N SER A 194 4.59 -7.00 20.91
CA SER A 194 4.65 -5.70 21.57
C SER A 194 5.40 -4.70 20.70
N ARG A 195 4.99 -3.44 20.80
CA ARG A 195 5.70 -2.37 20.10
C ARG A 195 7.14 -2.28 20.57
N HIS A 196 7.36 -2.35 21.88
CA HIS A 196 8.67 -2.19 22.46
C HIS A 196 9.06 -3.43 23.25
N ALA A 197 10.36 -3.56 23.48
CA ALA A 197 10.91 -4.64 24.27
C ALA A 197 10.85 -4.28 25.75
N VAL A 198 11.58 -5.04 26.57
CA VAL A 198 11.82 -4.68 27.96
C VAL A 198 13.02 -5.48 28.44
N ILE A 199 13.83 -4.85 29.29
CA ILE A 199 14.92 -5.52 29.98
C ILE A 199 14.77 -5.21 31.46
N ALA A 200 15.03 -6.19 32.31
CA ALA A 200 14.84 -5.97 33.73
C ALA A 200 15.67 -6.98 34.51
N VAL A 201 15.40 -7.09 35.80
CA VAL A 201 15.99 -8.12 36.65
C VAL A 201 14.85 -9.01 37.13
N ARG A 202 14.96 -10.30 36.86
CA ARG A 202 14.01 -11.27 37.38
C ARG A 202 14.76 -12.47 37.94
N ASN A 203 14.23 -13.02 39.02
CA ASN A 203 14.80 -14.20 39.69
C ASN A 203 16.28 -14.01 40.00
N GLY A 204 16.73 -12.76 40.09
CA GLY A 204 18.09 -12.45 40.48
C GLY A 204 19.00 -12.02 39.35
N LYS A 205 18.63 -12.27 38.10
CA LYS A 205 19.53 -11.98 36.99
C LYS A 205 18.79 -11.21 35.90
N LEU A 206 19.58 -10.62 34.99
CA LEU A 206 19.02 -9.82 33.93
C LEU A 206 18.20 -10.65 32.96
N CYS A 207 17.11 -10.06 32.47
CA CYS A 207 16.18 -10.74 31.59
C CYS A 207 15.76 -9.80 30.47
N PHE A 208 15.53 -10.40 29.32
CA PHE A 208 15.03 -9.72 28.12
C PHE A 208 13.59 -10.17 27.93
N MET A 209 12.72 -9.23 27.57
CA MET A 209 11.30 -9.54 27.47
C MET A 209 10.76 -9.16 26.11
N PHE A 210 9.54 -9.60 25.85
CA PHE A 210 8.79 -9.29 24.64
C PHE A 210 7.40 -9.88 24.81
N ARG A 211 6.38 -9.27 24.24
CA ARG A 211 5.01 -9.70 24.48
C ARG A 211 4.43 -10.31 23.21
N VAL A 212 3.72 -11.42 23.36
CA VAL A 212 3.10 -12.14 22.25
C VAL A 212 1.65 -12.42 22.61
N GLY A 213 0.75 -12.11 21.69
CA GLY A 213 -0.66 -12.33 21.91
C GLY A 213 -1.33 -12.82 20.64
N ASP A 214 -2.53 -13.38 20.82
CA ASP A 214 -3.28 -13.92 19.70
C ASP A 214 -4.72 -13.44 19.76
N LEU A 215 -5.34 -13.36 18.59
CA LEU A 215 -6.71 -12.87 18.45
C LEU A 215 -7.67 -13.92 17.92
N ARG A 216 -7.24 -14.72 16.95
CA ARG A 216 -8.10 -15.75 16.38
C ARG A 216 -8.62 -16.69 17.45
N LYS A 217 -9.92 -16.98 17.41
CA LYS A 217 -10.52 -17.83 18.42
C LYS A 217 -9.92 -19.23 18.38
N SER A 218 -9.70 -19.77 17.19
CA SER A 218 -9.09 -21.08 17.07
C SER A 218 -7.68 -21.05 17.65
N MET A 219 -7.31 -22.13 18.34
CA MET A 219 -6.03 -22.19 19.00
C MET A 219 -4.93 -22.47 17.98
N ILE A 220 -3.68 -22.44 18.45
CA ILE A 220 -2.52 -22.67 17.59
C ILE A 220 -1.73 -23.82 18.22
N ILE A 221 -1.74 -24.98 17.57
CA ILE A 221 -1.16 -26.17 18.16
C ILE A 221 0.28 -26.35 17.69
N SER A 222 1.09 -26.94 18.56
CA SER A 222 2.49 -27.27 18.28
C SER A 222 3.31 -26.03 17.96
N ALA A 223 3.01 -24.94 18.64
CA ALA A 223 3.71 -23.69 18.37
C ALA A 223 5.15 -23.77 18.84
N SER A 224 6.00 -22.92 18.27
CA SER A 224 7.39 -22.83 18.67
C SER A 224 7.89 -21.41 18.40
N VAL A 225 8.89 -21.00 19.18
CA VAL A 225 9.50 -19.68 19.00
C VAL A 225 11.01 -19.83 18.90
N ARG A 226 11.64 -18.87 18.23
CA ARG A 226 13.09 -18.79 18.16
C ARG A 226 13.49 -17.33 18.19
N ILE A 227 14.53 -17.03 18.97
CA ILE A 227 15.09 -15.69 19.07
C ILE A 227 16.54 -15.75 18.61
N GLN A 228 16.89 -14.87 17.67
CA GLN A 228 18.22 -14.87 17.08
C GLN A 228 18.79 -13.45 17.12
N VAL A 229 20.11 -13.38 17.26
CA VAL A 229 20.84 -12.13 17.20
C VAL A 229 21.46 -12.03 15.81
N VAL A 230 21.19 -10.93 15.12
CA VAL A 230 21.76 -10.63 13.82
C VAL A 230 22.77 -9.51 14.02
N LYS A 231 24.00 -9.73 13.56
CA LYS A 231 25.06 -8.76 13.78
C LYS A 231 26.15 -8.94 12.73
N LYS A 232 26.95 -7.89 12.57
CA LYS A 232 28.20 -7.97 11.82
C LYS A 232 29.29 -8.47 12.76
N THR A 233 29.96 -9.54 12.36
CA THR A 233 30.83 -10.28 13.27
C THR A 233 32.29 -10.14 12.84
N THR A 234 33.17 -10.72 13.66
CA THR A 234 34.59 -10.80 13.40
C THR A 234 35.08 -12.19 13.74
N THR A 235 36.16 -12.61 13.08
CA THR A 235 36.77 -13.89 13.36
C THR A 235 38.26 -13.70 13.58
N PRO A 236 38.87 -14.48 14.48
CA PRO A 236 40.33 -14.39 14.65
C PRO A 236 41.10 -14.68 13.38
N GLU A 237 40.62 -15.61 12.56
CA GLU A 237 41.31 -15.89 11.30
C GLU A 237 41.17 -14.75 10.31
N GLY A 238 40.05 -14.01 10.36
CA GLY A 238 39.92 -12.83 9.53
C GLY A 238 38.62 -12.72 8.76
N GLU A 239 37.94 -13.84 8.52
CA GLU A 239 36.69 -13.80 7.78
C GLU A 239 35.64 -13.01 8.55
N VAL A 240 34.89 -12.19 7.82
CA VAL A 240 33.81 -11.39 8.39
C VAL A 240 32.52 -11.70 7.64
N VAL A 241 31.48 -12.05 8.39
CA VAL A 241 30.16 -12.33 7.83
C VAL A 241 29.30 -11.10 8.05
N PRO A 242 28.87 -10.40 7.01
CA PRO A 242 28.12 -9.15 7.20
C PRO A 242 26.84 -9.36 8.00
N ILE A 243 25.95 -10.21 7.51
CA ILE A 243 24.73 -10.56 8.23
C ILE A 243 25.00 -11.94 8.85
N HIS A 244 25.45 -11.94 10.09
CA HIS A 244 25.63 -13.17 10.83
C HIS A 244 24.45 -13.39 11.75
N GLN A 245 23.94 -14.62 11.78
CA GLN A 245 22.83 -14.99 12.62
C GLN A 245 23.29 -16.02 13.64
N GLN A 246 22.92 -15.81 14.90
CA GLN A 246 23.17 -16.83 15.91
C GLN A 246 21.97 -16.94 16.83
N ASP A 247 21.59 -18.17 17.14
CA ASP A 247 20.42 -18.40 17.97
C ASP A 247 20.72 -18.06 19.43
N ILE A 248 19.65 -17.96 20.22
CA ILE A 248 19.79 -17.83 21.66
C ILE A 248 18.73 -18.67 22.35
N PRO A 249 19.01 -19.15 23.55
CA PRO A 249 18.03 -19.96 24.28
C PRO A 249 16.74 -19.19 24.51
N VAL A 250 15.72 -19.91 24.98
CA VAL A 250 14.41 -19.30 25.20
C VAL A 250 13.97 -19.53 26.64
N ASP A 251 14.90 -19.97 27.48
CA ASP A 251 14.71 -20.06 28.93
C ASP A 251 13.40 -20.75 29.30
N ASN A 252 13.31 -21.95 28.95
CA ASN A 252 12.13 -22.64 29.43
C ASN A 252 12.49 -23.55 30.61
N PRO A 253 11.56 -23.81 31.52
CA PRO A 253 11.88 -24.68 32.65
C PRO A 253 12.24 -26.10 32.26
N ILE A 254 11.87 -26.55 31.08
CA ILE A 254 12.28 -27.85 30.56
C ILE A 254 13.13 -27.73 29.30
N GLU A 255 13.59 -26.52 28.98
CA GLU A 255 14.44 -26.27 27.82
C GLU A 255 13.81 -26.85 26.55
N SER A 256 12.67 -26.28 26.19
CA SER A 256 12.02 -26.63 24.94
C SER A 256 11.33 -25.41 24.37
N ASN A 257 11.19 -25.40 23.05
CA ASN A 257 10.52 -24.31 22.35
C ASN A 257 9.04 -24.63 22.12
N ASN A 258 8.33 -24.98 23.18
CA ASN A 258 6.89 -25.19 23.12
C ASN A 258 6.22 -24.14 24.00
N ILE A 259 5.37 -23.31 23.39
CA ILE A 259 4.71 -22.24 24.11
C ILE A 259 3.20 -22.37 23.88
N PHE A 260 2.44 -22.30 24.96
CA PHE A 260 0.99 -22.35 24.89
C PHE A 260 0.46 -20.92 24.76
N LEU A 261 -0.56 -20.74 23.93
CA LEU A 261 -1.08 -19.41 23.60
C LEU A 261 -2.58 -19.38 23.89
N VAL A 262 -2.93 -19.03 25.12
CA VAL A 262 -4.33 -18.81 25.51
C VAL A 262 -4.46 -17.35 25.87
N ALA A 263 -3.75 -16.92 26.89
CA ALA A 263 -3.59 -15.52 27.23
C ALA A 263 -2.27 -15.00 26.69
N PRO A 264 -2.13 -13.69 26.52
CA PRO A 264 -0.82 -13.15 26.14
C PRO A 264 0.19 -13.38 27.26
N LEU A 265 1.47 -13.42 26.88
CA LEU A 265 2.52 -13.70 27.84
C LEU A 265 3.81 -13.02 27.40
N ILE A 266 4.87 -13.25 28.16
CA ILE A 266 6.18 -12.66 27.92
C ILE A 266 7.18 -13.79 27.75
N ILE A 267 7.74 -13.92 26.55
CA ILE A 267 8.69 -15.02 26.24
C ILE A 267 10.07 -14.50 26.59
N CYS A 268 10.43 -14.62 27.86
CA CYS A 268 11.66 -14.05 28.38
C CYS A 268 12.87 -14.93 28.07
N HIS A 269 14.03 -14.30 27.99
CA HIS A 269 15.30 -14.95 27.70
C HIS A 269 16.36 -14.42 28.65
N VAL A 270 16.76 -15.25 29.62
CA VAL A 270 17.76 -14.80 30.59
C VAL A 270 19.09 -14.56 29.87
N ILE A 271 19.69 -13.41 30.13
CA ILE A 271 20.93 -13.02 29.43
C ILE A 271 22.08 -13.53 30.28
N ASP A 272 22.43 -14.80 30.08
CA ASP A 272 23.54 -15.37 30.80
C ASP A 272 24.86 -15.01 30.12
N LYS A 273 25.97 -15.43 30.76
CA LYS A 273 27.29 -15.11 30.23
C LYS A 273 27.52 -15.74 28.87
N ARG A 274 27.07 -16.98 28.69
CA ARG A 274 27.25 -17.66 27.42
C ARG A 274 26.54 -16.93 26.28
N SER A 275 25.49 -16.18 26.59
CA SER A 275 24.77 -15.44 25.58
C SER A 275 25.67 -14.37 24.96
N PRO A 276 25.44 -14.02 23.70
CA PRO A 276 26.26 -12.99 23.06
C PRO A 276 25.91 -11.55 23.43
N LEU A 277 25.10 -11.33 24.48
CA LEU A 277 24.83 -9.98 24.96
C LEU A 277 25.42 -9.71 26.32
N TYR A 278 26.41 -10.52 26.74
CA TYR A 278 27.06 -10.28 28.02
C TYR A 278 27.75 -8.92 28.04
N ASP A 279 28.45 -8.57 26.96
CA ASP A 279 29.30 -7.38 26.97
C ASP A 279 28.50 -6.09 26.88
N ILE A 280 27.31 -6.13 26.27
CA ILE A 280 26.55 -4.92 26.05
C ILE A 280 26.25 -4.22 27.37
N SER A 281 26.13 -2.91 27.33
CA SER A 281 25.84 -2.10 28.49
C SER A 281 24.61 -1.24 28.23
N ALA A 282 23.91 -0.88 29.31
CA ALA A 282 22.68 -0.10 29.17
C ALA A 282 22.97 1.25 28.52
N THR A 283 24.12 1.84 28.80
CA THR A 283 24.45 3.16 28.24
C THR A 283 24.76 3.07 26.75
N ASP A 284 25.41 1.98 26.31
CA ASP A 284 25.90 1.86 24.95
C ASP A 284 24.83 1.40 23.97
N LEU A 285 23.60 1.22 24.44
CA LEU A 285 22.55 0.63 23.61
C LEU A 285 22.27 1.44 22.35
N VAL A 286 22.34 2.77 22.44
CA VAL A 286 21.91 3.62 21.33
C VAL A 286 22.74 3.35 20.08
N ASN A 287 24.02 3.07 20.24
CA ASN A 287 24.89 2.83 19.10
C ASN A 287 25.03 1.37 18.73
N GLN A 288 24.61 0.44 19.59
CA GLN A 288 24.88 -0.98 19.39
C GLN A 288 24.30 -1.47 18.08
N ASP A 289 25.11 -2.21 17.32
CA ASP A 289 24.75 -2.65 15.98
C ASP A 289 23.93 -3.94 15.97
N LEU A 290 23.82 -4.64 17.10
CA LEU A 290 23.10 -5.89 17.13
C LEU A 290 21.61 -5.67 16.98
N GLU A 291 20.93 -6.59 16.32
CA GLU A 291 19.49 -6.51 16.12
C GLU A 291 18.85 -7.85 16.49
N VAL A 292 17.77 -7.80 17.28
CA VAL A 292 17.13 -9.03 17.72
C VAL A 292 16.02 -9.38 16.74
N ILE A 293 15.93 -10.65 16.37
CA ILE A 293 14.88 -11.12 15.48
C ILE A 293 14.12 -12.22 16.20
N VAL A 294 12.79 -12.20 16.06
CA VAL A 294 11.95 -13.23 16.65
C VAL A 294 11.15 -13.88 15.53
N ILE A 295 11.24 -15.20 15.44
CA ILE A 295 10.50 -15.96 14.44
C ILE A 295 9.78 -17.09 15.17
N LEU A 296 8.44 -17.07 15.11
CA LEU A 296 7.67 -18.12 15.75
C LEU A 296 6.72 -18.69 14.71
N GLU A 297 6.28 -19.92 14.94
CA GLU A 297 5.47 -20.58 13.94
C GLU A 297 4.65 -21.69 14.57
N GLY A 298 3.62 -22.11 13.85
CA GLY A 298 2.77 -23.19 14.31
C GLY A 298 1.67 -23.45 13.29
N VAL A 299 0.94 -24.52 13.53
CA VAL A 299 -0.13 -24.94 12.63
C VAL A 299 -1.47 -24.62 13.29
N VAL A 300 -2.39 -24.08 12.50
CA VAL A 300 -3.70 -23.67 12.98
C VAL A 300 -4.64 -24.85 12.95
N GLU A 301 -5.46 -24.99 13.99
CA GLU A 301 -6.22 -26.21 14.18
C GLU A 301 -7.34 -26.35 13.16
N THR A 302 -8.07 -25.27 12.88
CA THR A 302 -9.29 -25.37 12.10
C THR A 302 -9.07 -25.18 10.61
N THR A 303 -7.84 -25.02 10.16
CA THR A 303 -7.59 -24.90 8.72
C THR A 303 -6.58 -25.91 8.20
N GLY A 304 -5.52 -26.20 8.96
CA GLY A 304 -4.53 -27.17 8.54
C GLY A 304 -3.27 -26.59 7.93
N ILE A 305 -3.08 -25.28 7.99
CA ILE A 305 -1.95 -24.60 7.35
C ILE A 305 -0.92 -24.26 8.41
N THR A 306 0.36 -24.44 8.07
CA THR A 306 1.46 -24.05 8.95
C THR A 306 1.82 -22.60 8.66
N THR A 307 1.66 -21.73 9.65
CA THR A 307 1.96 -20.32 9.51
C THR A 307 3.19 -19.95 10.33
N GLN A 308 3.80 -18.84 9.93
CA GLN A 308 5.04 -18.38 10.53
C GLN A 308 5.04 -16.86 10.57
N ALA A 309 5.19 -16.29 11.76
CA ALA A 309 5.18 -14.85 11.95
C ALA A 309 6.52 -14.40 12.53
N ARG A 310 7.02 -13.30 12.00
CA ARG A 310 8.35 -12.81 12.33
C ARG A 310 8.29 -11.32 12.68
N THR A 311 9.08 -10.92 13.68
CA THR A 311 9.16 -9.53 14.10
C THR A 311 10.61 -9.15 14.35
N SER A 312 10.87 -7.86 14.31
CA SER A 312 12.22 -7.32 14.47
C SER A 312 12.27 -6.34 15.64
N TYR A 313 13.32 -6.46 16.44
CA TYR A 313 13.57 -5.61 17.59
C TYR A 313 14.86 -4.86 17.26
N ILE A 314 14.72 -3.61 16.82
CA ILE A 314 15.89 -2.80 16.51
C ILE A 314 16.43 -2.19 17.80
N ALA A 315 17.71 -1.84 17.78
CA ALA A 315 18.36 -1.31 18.98
C ALA A 315 17.69 -0.04 19.45
N GLU A 316 17.11 0.74 18.54
CA GLU A 316 16.53 2.01 18.93
C GLU A 316 15.23 1.86 19.70
N GLU A 317 14.61 0.68 19.63
CA GLU A 317 13.28 0.48 20.21
C GLU A 317 13.31 -0.22 21.57
N ILE A 318 14.49 -0.55 22.10
CA ILE A 318 14.59 -1.36 23.32
C ILE A 318 14.69 -0.39 24.49
N GLN A 319 13.54 -0.04 25.06
CA GLN A 319 13.52 0.86 26.20
C GLN A 319 14.00 0.12 27.44
N TRP A 320 15.18 0.49 27.94
CA TRP A 320 15.77 -0.17 29.09
C TRP A 320 14.92 0.05 30.33
N GLY A 321 15.13 -0.82 31.32
CA GLY A 321 14.58 -0.62 32.65
C GLY A 321 13.11 -0.90 32.79
N HIS A 322 12.35 -0.87 31.71
CA HIS A 322 10.91 -0.99 31.81
C HIS A 322 10.50 -2.41 32.16
N ARG A 323 9.23 -2.56 32.51
CA ARG A 323 8.65 -3.86 32.81
C ARG A 323 7.18 -3.84 32.42
N PHE A 324 6.62 -5.02 32.21
CA PHE A 324 5.22 -5.14 31.81
C PHE A 324 4.32 -5.26 33.03
N VAL A 325 3.08 -4.82 32.86
CA VAL A 325 2.11 -4.80 33.94
C VAL A 325 1.21 -6.02 33.81
N SER A 326 0.49 -6.33 34.89
CA SER A 326 -0.48 -7.41 34.86
C SER A 326 -1.62 -7.07 33.91
N ILE A 327 -2.12 -8.09 33.20
CA ILE A 327 -3.14 -7.88 32.18
C ILE A 327 -4.28 -8.87 32.39
N VAL A 328 -4.31 -9.53 33.56
CA VAL A 328 -5.30 -10.56 33.83
C VAL A 328 -5.84 -10.35 35.23
N THR A 329 -7.16 -10.21 35.34
CA THR A 329 -7.76 -10.03 36.66
C THR A 329 -8.95 -10.95 36.85
N GLU A 330 -9.13 -11.41 38.09
CA GLU A 330 -10.27 -12.25 38.42
C GLU A 330 -11.56 -11.43 38.38
N GLU A 331 -12.43 -11.73 37.43
CA GLU A 331 -13.77 -11.16 37.43
C GLU A 331 -14.69 -12.07 38.23
N GLU A 332 -15.99 -11.86 38.12
CA GLU A 332 -16.92 -12.72 38.84
C GLU A 332 -16.98 -14.10 38.18
N GLY A 333 -16.14 -15.02 38.66
CA GLY A 333 -16.18 -16.40 38.24
C GLY A 333 -15.34 -16.75 37.03
N VAL A 334 -14.94 -15.77 36.23
CA VAL A 334 -14.19 -15.99 34.99
C VAL A 334 -13.10 -14.94 34.90
N TYR A 335 -11.91 -15.36 34.46
CA TYR A 335 -10.82 -14.40 34.34
C TYR A 335 -11.10 -13.41 33.21
N SER A 336 -10.75 -12.15 33.44
CA SER A 336 -10.81 -11.12 32.42
C SER A 336 -9.40 -10.80 31.93
N VAL A 337 -9.32 -10.38 30.69
CA VAL A 337 -8.07 -10.06 30.00
C VAL A 337 -8.26 -8.78 29.22
N ASP A 338 -7.29 -7.88 29.31
CA ASP A 338 -7.33 -6.60 28.61
C ASP A 338 -6.37 -6.63 27.42
N TYR A 339 -6.72 -5.85 26.40
CA TYR A 339 -5.80 -5.58 25.31
C TYR A 339 -5.51 -4.10 25.12
N SER A 340 -6.19 -3.21 25.85
CA SER A 340 -5.85 -1.80 25.80
C SER A 340 -4.51 -1.54 26.50
N LYS A 341 -4.32 -2.12 27.68
CA LYS A 341 -3.08 -2.00 28.43
C LYS A 341 -2.00 -2.93 27.90
N PHE A 342 -2.19 -3.49 26.71
CA PHE A 342 -1.32 -4.53 26.17
C PHE A 342 0.14 -4.14 26.25
N GLY A 343 0.53 -3.06 25.58
CA GLY A 343 1.91 -2.63 25.53
C GLY A 343 2.33 -1.67 26.63
N ASN A 344 1.47 -1.39 27.60
CA ASN A 344 1.79 -0.43 28.64
C ASN A 344 2.92 -0.96 29.53
N THR A 345 3.93 -0.12 29.76
CA THR A 345 5.11 -0.50 30.52
C THR A 345 5.35 0.51 31.63
N VAL A 346 5.89 0.02 32.74
CA VAL A 346 6.24 0.84 33.89
C VAL A 346 7.75 0.91 33.98
N ARG A 347 8.29 2.12 34.10
CA ARG A 347 9.74 2.31 34.20
C ARG A 347 10.17 2.19 35.65
N VAL A 348 10.18 0.94 36.14
CA VAL A 348 10.75 0.65 37.44
C VAL A 348 12.27 0.83 37.36
N ALA A 349 12.84 1.48 38.37
CA ALA A 349 14.28 1.69 38.39
C ALA A 349 15.02 0.36 38.34
N ALA A 350 16.07 0.31 37.54
CA ALA A 350 16.77 -0.92 37.23
C ALA A 350 18.27 -0.74 37.37
N PRO A 351 19.00 -1.81 37.62
CA PRO A 351 20.48 -1.71 37.63
C PRO A 351 21.01 -1.23 36.29
N ARG A 352 22.12 -0.51 36.36
CA ARG A 352 22.68 0.21 35.23
C ARG A 352 23.95 -0.47 34.73
N CYS A 353 23.99 -0.75 33.43
CA CYS A 353 25.19 -1.26 32.77
C CYS A 353 25.78 -2.47 33.48
N SER A 354 24.93 -3.24 34.15
CA SER A 354 25.38 -4.39 34.92
C SER A 354 25.39 -5.68 34.11
N ALA A 355 25.13 -5.60 32.80
CA ALA A 355 25.07 -6.81 31.99
C ALA A 355 26.38 -7.57 32.05
N ARG A 356 27.50 -6.86 31.96
CA ARG A 356 28.81 -7.44 32.20
C ARG A 356 29.32 -7.15 33.61
N GLU A 357 29.04 -5.96 34.12
CA GLU A 357 29.56 -5.57 35.43
C GLU A 357 29.04 -6.50 36.52
N LEU A 358 27.73 -6.69 36.59
CA LEU A 358 27.19 -7.62 37.58
C LEU A 358 27.55 -9.06 37.23
N ASP A 359 27.58 -9.39 35.94
CA ASP A 359 27.98 -10.73 35.53
C ASP A 359 29.39 -11.04 35.98
N GLU A 360 30.34 -10.16 35.64
CA GLU A 360 31.70 -10.25 36.16
C GLU A 360 31.65 -9.78 37.61
N LYS A 361 31.17 -10.67 38.48
CA LYS A 361 30.75 -10.27 39.82
C LYS A 361 31.90 -9.65 40.58
N PRO A 362 31.69 -8.51 41.24
CA PRO A 362 32.75 -7.92 42.07
C PRO A 362 33.03 -8.76 43.29
N SER A 363 33.91 -8.27 44.17
CA SER A 363 34.19 -9.00 45.42
C SER A 363 32.92 -9.11 46.27
N ILE A 364 32.16 -8.02 46.39
CA ILE A 364 30.90 -8.08 47.11
C ILE A 364 29.86 -8.86 46.31
N LEU A 365 29.83 -8.66 44.99
CA LEU A 365 28.88 -9.32 44.10
C LEU A 365 27.43 -9.01 44.48
N ILE A 366 27.20 -7.84 45.07
CA ILE A 366 25.86 -7.43 45.48
C ILE A 366 25.51 -6.05 44.91
N GLN A 367 26.15 -5.66 43.81
CA GLN A 367 25.82 -4.39 43.18
C GLN A 367 24.45 -4.41 42.50
N THR A 368 23.89 -5.60 42.29
CA THR A 368 22.55 -5.72 41.72
C THR A 368 21.51 -5.75 42.82
N ARG B 30 39.54 -41.83 -14.88
CA ARG B 30 38.52 -42.33 -15.81
C ARG B 30 37.61 -43.30 -15.11
N LEU B 31 38.16 -44.08 -14.19
CA LEU B 31 37.39 -45.09 -13.49
C LEU B 31 36.23 -44.44 -12.75
N PRO B 32 35.07 -45.10 -12.77
CA PRO B 32 33.93 -44.45 -12.13
C PRO B 32 34.02 -44.22 -10.61
N LYS B 33 34.43 -45.19 -9.80
CA LYS B 33 34.51 -45.07 -8.35
C LYS B 33 33.17 -44.54 -7.93
N ALA B 34 32.13 -45.27 -8.20
CA ALA B 34 30.77 -44.79 -8.04
C ALA B 34 30.35 -44.17 -6.73
N ARG B 35 29.51 -43.13 -6.84
CA ARG B 35 29.00 -42.43 -5.68
C ARG B 35 27.77 -43.11 -5.08
N PHE B 36 27.11 -42.33 -4.24
CA PHE B 36 25.84 -42.67 -3.60
C PHE B 36 24.71 -41.78 -4.10
N ILE B 37 24.91 -40.47 -4.05
CA ILE B 37 23.96 -39.51 -4.60
C ILE B 37 24.69 -38.68 -5.64
N ALA B 38 24.12 -38.58 -6.84
CA ALA B 38 24.69 -37.70 -7.85
C ALA B 38 24.55 -36.26 -7.41
N LYS B 39 25.45 -35.41 -7.93
CA LYS B 39 25.54 -34.03 -7.48
C LYS B 39 24.21 -33.28 -7.52
N SER B 40 23.24 -33.77 -8.29
CA SER B 40 21.93 -33.15 -8.33
C SER B 40 20.91 -33.85 -7.45
N GLY B 41 21.23 -35.01 -6.91
CA GLY B 41 20.27 -35.79 -6.16
C GLY B 41 19.94 -37.09 -6.88
N ALA B 42 18.73 -37.60 -6.70
CA ALA B 42 18.24 -38.76 -7.45
C ALA B 42 19.17 -39.96 -7.25
N CYS B 43 19.14 -40.46 -6.01
CA CYS B 43 20.05 -41.52 -5.59
C CYS B 43 20.11 -42.65 -6.61
N ASN B 44 21.30 -42.84 -7.19
CA ASN B 44 21.48 -43.79 -8.29
C ASN B 44 22.02 -45.10 -7.72
N LEU B 45 21.11 -45.88 -7.14
CA LEU B 45 21.43 -47.19 -6.63
C LEU B 45 20.47 -48.20 -7.26
N ALA B 46 20.96 -49.42 -7.47
CA ALA B 46 20.16 -50.44 -8.11
C ALA B 46 19.15 -51.01 -7.12
N HIS B 47 18.29 -51.89 -7.62
CA HIS B 47 17.38 -52.65 -6.76
C HIS B 47 17.10 -53.96 -7.49
N LYS B 48 17.81 -55.01 -7.13
CA LYS B 48 17.76 -56.27 -7.85
C LYS B 48 17.13 -57.36 -7.01
N ASN B 49 16.56 -58.36 -7.69
CA ASN B 49 15.88 -59.48 -7.06
C ASN B 49 14.74 -59.00 -6.18
N ILE B 50 13.81 -58.28 -6.81
CA ILE B 50 12.61 -57.78 -6.16
C ILE B 50 11.41 -58.55 -6.69
N ARG B 51 10.63 -59.11 -5.78
CA ARG B 51 9.45 -59.86 -6.19
C ARG B 51 8.38 -58.91 -6.68
N GLU B 52 7.78 -59.25 -7.82
CA GLU B 52 6.79 -58.37 -8.43
C GLU B 52 5.49 -58.41 -7.64
N GLN B 53 4.83 -57.25 -7.57
CA GLN B 53 3.48 -57.14 -7.01
C GLN B 53 2.42 -57.14 -8.10
N GLY B 54 2.81 -57.45 -9.34
CA GLY B 54 1.92 -57.31 -10.47
C GLY B 54 1.68 -55.86 -10.80
N ARG B 55 0.43 -55.43 -10.80
CA ARG B 55 0.05 -54.03 -10.97
C ARG B 55 -1.44 -53.92 -10.67
N PHE B 56 -1.97 -52.72 -10.84
CA PHE B 56 -3.39 -52.48 -10.65
C PHE B 56 -3.84 -51.41 -11.63
N LEU B 57 -5.11 -51.51 -12.04
CA LEU B 57 -5.71 -50.40 -12.77
C LEU B 57 -5.65 -49.11 -11.96
N GLN B 58 -5.59 -49.23 -10.64
CA GLN B 58 -5.28 -48.07 -9.81
C GLN B 58 -4.05 -47.34 -10.35
N ASP B 59 -3.08 -48.11 -10.85
CA ASP B 59 -1.89 -47.48 -11.43
C ASP B 59 -2.22 -46.74 -12.72
N ILE B 60 -3.13 -47.27 -13.56
CA ILE B 60 -3.45 -46.53 -14.78
C ILE B 60 -4.13 -45.22 -14.40
N PHE B 61 -5.02 -45.25 -13.41
CA PHE B 61 -5.67 -44.01 -13.00
C PHE B 61 -4.67 -43.03 -12.41
N THR B 62 -3.76 -43.51 -11.58
CA THR B 62 -2.76 -42.63 -10.98
C THR B 62 -1.86 -42.03 -12.06
N THR B 63 -1.51 -42.80 -13.07
CA THR B 63 -0.75 -42.26 -14.20
C THR B 63 -1.54 -41.19 -14.91
N LEU B 64 -2.85 -41.38 -15.06
CA LEU B 64 -3.68 -40.37 -15.68
C LEU B 64 -3.65 -39.06 -14.89
N VAL B 65 -3.84 -39.15 -13.57
CA VAL B 65 -3.93 -37.94 -12.76
C VAL B 65 -2.65 -37.14 -12.83
N ASP B 66 -1.50 -37.81 -12.71
CA ASP B 66 -0.22 -37.12 -12.59
C ASP B 66 0.38 -36.74 -13.93
N LEU B 67 -0.41 -36.71 -15.00
CA LEU B 67 0.13 -36.37 -16.31
C LEU B 67 0.42 -34.86 -16.40
N LYS B 68 1.00 -34.45 -17.52
CA LYS B 68 1.21 -33.04 -17.81
C LYS B 68 0.29 -32.60 -18.94
N TRP B 69 0.12 -31.28 -19.06
CA TRP B 69 -0.94 -30.71 -19.89
C TRP B 69 -0.89 -31.25 -21.32
N ARG B 70 0.29 -31.21 -21.93
CA ARG B 70 0.45 -31.59 -23.33
C ARG B 70 -0.13 -32.96 -23.64
N HIS B 71 -0.39 -33.77 -22.61
CA HIS B 71 -1.04 -35.05 -22.80
C HIS B 71 -2.44 -35.11 -22.22
N THR B 72 -2.76 -34.27 -21.24
CA THR B 72 -4.12 -34.20 -20.73
C THR B 72 -5.06 -33.67 -21.81
N LEU B 73 -4.68 -32.57 -22.46
CA LEU B 73 -5.54 -32.01 -23.50
C LEU B 73 -5.58 -32.85 -24.75
N VAL B 74 -4.96 -34.02 -24.72
CA VAL B 74 -5.06 -35.00 -25.79
C VAL B 74 -5.89 -36.20 -25.35
N ILE B 75 -5.60 -36.74 -24.16
CA ILE B 75 -6.34 -37.90 -23.69
C ILE B 75 -7.80 -37.54 -23.43
N PHE B 76 -8.05 -36.34 -22.90
CA PHE B 76 -9.42 -35.86 -22.68
C PHE B 76 -10.21 -35.82 -24.00
N THR B 77 -9.66 -35.13 -25.00
CA THR B 77 -10.34 -35.01 -26.28
C THR B 77 -10.53 -36.35 -26.95
N MET B 78 -9.51 -37.22 -26.89
CA MET B 78 -9.64 -38.53 -27.51
C MET B 78 -10.72 -39.36 -26.81
N SER B 79 -10.81 -39.27 -25.48
CA SER B 79 -11.88 -39.94 -24.78
C SER B 79 -13.23 -39.49 -25.29
N PHE B 80 -13.43 -38.16 -25.38
CA PHE B 80 -14.71 -37.66 -25.86
C PHE B 80 -15.01 -38.16 -27.27
N LEU B 81 -14.05 -38.02 -28.18
CA LEU B 81 -14.32 -38.36 -29.57
C LEU B 81 -14.58 -39.85 -29.73
N CYS B 82 -13.83 -40.69 -29.02
CA CYS B 82 -14.09 -42.12 -29.07
C CYS B 82 -15.47 -42.44 -28.54
N SER B 83 -15.88 -41.80 -27.43
CA SER B 83 -17.21 -42.03 -26.90
C SER B 83 -18.27 -41.72 -27.95
N TRP B 84 -18.17 -40.54 -28.55
CA TRP B 84 -19.19 -40.12 -29.53
C TRP B 84 -19.24 -41.07 -30.70
N LEU B 85 -18.07 -41.43 -31.25
CA LEU B 85 -18.06 -42.28 -32.44
C LEU B 85 -18.62 -43.65 -32.14
N LEU B 86 -18.24 -44.25 -31.00
CA LEU B 86 -18.74 -45.57 -30.66
C LEU B 86 -20.25 -45.56 -30.50
N PHE B 87 -20.78 -44.58 -29.77
CA PHE B 87 -22.22 -44.54 -29.61
C PHE B 87 -22.93 -44.25 -30.92
N ALA B 88 -22.31 -43.46 -31.80
CA ALA B 88 -22.91 -43.21 -33.09
C ALA B 88 -22.99 -44.48 -33.93
N ILE B 89 -21.94 -45.29 -33.89
CA ILE B 89 -21.97 -46.57 -34.60
C ILE B 89 -23.10 -47.43 -34.07
N MET B 90 -23.26 -47.49 -32.75
CA MET B 90 -24.35 -48.30 -32.20
C MET B 90 -25.70 -47.75 -32.64
N TRP B 91 -25.85 -46.42 -32.65
CA TRP B 91 -27.10 -45.82 -33.09
C TRP B 91 -27.40 -46.17 -34.53
N TRP B 92 -26.38 -46.14 -35.39
CA TRP B 92 -26.57 -46.45 -36.80
C TRP B 92 -27.02 -47.89 -36.97
N LEU B 93 -26.37 -48.83 -36.26
CA LEU B 93 -26.80 -50.22 -36.33
C LEU B 93 -28.25 -50.36 -35.88
N VAL B 94 -28.61 -49.69 -34.78
CA VAL B 94 -29.96 -49.81 -34.25
C VAL B 94 -30.98 -49.28 -35.25
N ALA B 95 -30.70 -48.13 -35.85
CA ALA B 95 -31.59 -47.59 -36.86
C ALA B 95 -31.57 -48.41 -38.14
N PHE B 96 -30.58 -49.28 -38.32
CA PHE B 96 -30.62 -50.19 -39.45
C PHE B 96 -31.52 -51.39 -39.17
N ALA B 97 -31.37 -52.02 -38.01
CA ALA B 97 -32.10 -53.25 -37.72
C ALA B 97 -33.60 -53.02 -37.78
N HIS B 98 -34.08 -51.96 -37.14
CA HIS B 98 -35.51 -51.66 -37.20
C HIS B 98 -35.97 -51.23 -38.58
N GLY B 99 -35.07 -51.18 -39.56
CA GLY B 99 -35.46 -50.81 -40.90
C GLY B 99 -35.71 -49.33 -41.12
N ASP B 100 -35.27 -48.48 -40.19
CA ASP B 100 -35.50 -47.04 -40.34
C ASP B 100 -34.85 -46.52 -41.63
N ILE B 101 -33.60 -46.89 -41.87
CA ILE B 101 -32.93 -46.45 -43.09
C ILE B 101 -33.68 -46.98 -44.30
N TYR B 102 -33.95 -48.29 -44.32
CA TYR B 102 -34.68 -48.91 -45.41
C TYR B 102 -36.13 -48.46 -45.48
N ALA B 103 -36.57 -47.56 -44.60
CA ALA B 103 -37.92 -47.01 -44.64
C ALA B 103 -37.97 -45.55 -45.07
N TYR B 104 -37.06 -44.73 -44.60
CA TYR B 104 -37.02 -43.35 -45.08
C TYR B 104 -36.64 -43.28 -46.56
N MET B 105 -35.89 -44.28 -47.05
CA MET B 105 -35.42 -44.25 -48.42
C MET B 105 -36.57 -44.28 -49.42
N GLU B 106 -37.57 -45.14 -49.17
CA GLU B 106 -38.65 -45.31 -50.13
C GLU B 106 -39.56 -44.09 -50.22
N LYS B 107 -39.60 -43.26 -49.18
CA LYS B 107 -40.50 -42.11 -49.14
C LYS B 107 -39.97 -41.03 -50.08
N GLY B 108 -40.18 -41.26 -51.37
CA GLY B 108 -39.69 -40.34 -52.39
C GLY B 108 -40.28 -38.95 -52.30
N ILE B 109 -41.58 -38.83 -52.55
CA ILE B 109 -42.24 -37.52 -52.58
C ILE B 109 -43.47 -37.55 -51.68
N THR B 110 -43.89 -38.75 -51.27
CA THR B 110 -45.05 -38.91 -50.40
C THR B 110 -44.55 -38.95 -48.96
N GLU B 111 -44.72 -37.84 -48.25
CA GLU B 111 -44.30 -37.80 -46.84
C GLU B 111 -45.10 -38.76 -45.99
N LYS B 112 -46.37 -38.99 -46.34
CA LYS B 112 -47.19 -39.93 -45.58
C LYS B 112 -46.65 -41.36 -45.70
N SER B 113 -46.12 -41.72 -46.87
CA SER B 113 -45.65 -43.08 -47.10
C SER B 113 -44.47 -43.47 -46.24
N GLY B 114 -43.81 -42.51 -45.60
CA GLY B 114 -42.76 -42.80 -44.64
C GLY B 114 -43.14 -42.40 -43.23
N LEU B 115 -44.07 -41.46 -43.12
CA LEU B 115 -44.57 -41.08 -41.80
C LEU B 115 -45.42 -42.19 -41.19
N GLU B 116 -46.10 -42.98 -42.01
CA GLU B 116 -47.03 -43.98 -41.51
C GLU B 116 -46.32 -45.02 -40.63
N SER B 117 -45.24 -45.61 -41.14
CA SER B 117 -44.52 -46.61 -40.37
C SER B 117 -43.84 -45.96 -39.18
N ALA B 118 -44.08 -46.50 -37.99
CA ALA B 118 -43.52 -45.93 -36.77
C ALA B 118 -42.03 -46.23 -36.74
N VAL B 119 -41.21 -45.23 -37.02
CA VAL B 119 -39.76 -45.39 -36.98
C VAL B 119 -39.31 -45.41 -35.53
N CYS B 120 -38.07 -45.81 -35.30
CA CYS B 120 -37.58 -45.96 -33.94
C CYS B 120 -36.95 -44.68 -33.40
N VAL B 121 -36.28 -43.91 -34.25
CA VAL B 121 -35.72 -42.62 -33.87
C VAL B 121 -35.96 -41.63 -35.00
N THR B 122 -36.91 -40.73 -34.83
CA THR B 122 -37.37 -39.89 -35.92
C THR B 122 -36.21 -39.09 -36.51
N ASN B 123 -36.15 -39.07 -37.85
CA ASN B 123 -35.19 -38.26 -38.60
C ASN B 123 -33.74 -38.68 -38.31
N VAL B 124 -33.50 -39.98 -38.28
CA VAL B 124 -32.16 -40.52 -38.50
C VAL B 124 -32.25 -41.44 -39.70
N ARG B 125 -31.43 -41.16 -40.72
CA ARG B 125 -31.58 -41.85 -41.99
C ARG B 125 -30.26 -42.22 -42.62
N SER B 126 -29.15 -42.05 -41.92
CA SER B 126 -27.82 -42.27 -42.47
C SER B 126 -26.84 -42.19 -41.31
N PHE B 127 -25.58 -42.51 -41.57
CA PHE B 127 -24.60 -42.45 -40.50
C PHE B 127 -24.49 -41.05 -39.94
N THR B 128 -24.07 -40.09 -40.77
CA THR B 128 -23.87 -38.71 -40.34
C THR B 128 -25.02 -38.23 -39.47
N SER B 129 -26.25 -38.62 -39.82
CA SER B 129 -27.39 -38.30 -38.99
C SER B 129 -27.24 -38.93 -37.61
N ALA B 130 -26.88 -40.20 -37.55
CA ALA B 130 -26.74 -40.87 -36.27
C ALA B 130 -25.60 -40.25 -35.45
N PHE B 131 -24.52 -39.89 -36.12
CA PHE B 131 -23.44 -39.17 -35.46
C PHE B 131 -23.96 -37.91 -34.80
N LEU B 132 -24.73 -37.11 -35.56
CA LEU B 132 -25.26 -35.89 -34.99
C LEU B 132 -26.21 -36.17 -33.84
N PHE B 133 -27.00 -37.24 -33.94
CA PHE B 133 -27.90 -37.56 -32.85
C PHE B 133 -27.11 -37.90 -31.59
N SER B 134 -26.03 -38.66 -31.74
CA SER B 134 -25.18 -38.92 -30.58
C SER B 134 -24.65 -37.63 -30.00
N ILE B 135 -24.02 -36.81 -30.85
CA ILE B 135 -23.37 -35.59 -30.36
C ILE B 135 -24.38 -34.65 -29.73
N GLU B 136 -25.66 -34.77 -30.11
CA GLU B 136 -26.71 -34.04 -29.42
C GLU B 136 -27.19 -34.72 -28.15
N VAL B 137 -26.89 -36.00 -27.97
CA VAL B 137 -27.37 -36.69 -26.78
C VAL B 137 -26.36 -36.63 -25.65
N GLN B 138 -25.11 -36.99 -25.92
CA GLN B 138 -24.16 -37.08 -24.81
C GLN B 138 -23.88 -35.72 -24.19
N VAL B 139 -23.54 -34.73 -25.01
CA VAL B 139 -23.19 -33.41 -24.50
C VAL B 139 -24.44 -32.68 -24.05
N THR B 140 -25.59 -33.32 -24.23
CA THR B 140 -26.88 -32.79 -23.79
C THR B 140 -27.27 -31.51 -24.55
N ILE B 141 -26.77 -31.36 -25.78
CA ILE B 141 -27.20 -30.22 -26.60
C ILE B 141 -28.68 -30.34 -26.91
N GLY B 142 -29.10 -31.50 -27.40
CA GLY B 142 -30.52 -31.80 -27.55
C GLY B 142 -31.33 -30.82 -28.37
N PHE B 143 -31.09 -30.77 -29.68
CA PHE B 143 -31.85 -29.87 -30.52
C PHE B 143 -33.31 -30.31 -30.62
N GLY B 144 -33.54 -31.58 -30.88
CA GLY B 144 -34.87 -32.12 -30.89
C GLY B 144 -35.48 -32.32 -32.27
N GLY B 145 -34.91 -31.72 -33.30
CA GLY B 145 -35.35 -32.03 -34.65
C GLY B 145 -35.18 -33.49 -34.99
N ARG B 146 -34.30 -34.18 -34.29
CA ARG B 146 -34.14 -35.62 -34.38
C ARG B 146 -34.61 -36.17 -33.04
N MET B 147 -35.87 -36.55 -32.98
CA MET B 147 -36.53 -36.93 -31.73
C MET B 147 -36.55 -38.44 -31.57
N MET B 148 -36.69 -38.88 -30.34
CA MET B 148 -36.75 -40.30 -29.98
C MET B 148 -38.12 -40.60 -29.39
N THR B 149 -38.72 -41.71 -29.83
CA THR B 149 -40.07 -42.06 -29.44
C THR B 149 -40.09 -43.36 -28.64
N GLU B 150 -41.27 -43.71 -28.14
CA GLU B 150 -41.47 -44.91 -27.35
C GLU B 150 -42.00 -46.01 -28.27
N GLU B 151 -41.09 -46.58 -29.07
CA GLU B 151 -41.46 -47.64 -29.99
C GLU B 151 -40.45 -48.78 -30.05
N CYS B 152 -39.36 -48.71 -29.31
CA CYS B 152 -38.30 -49.69 -29.45
C CYS B 152 -37.48 -49.77 -28.16
N PRO B 153 -37.71 -50.77 -27.32
CA PRO B 153 -36.99 -50.84 -26.03
C PRO B 153 -35.48 -50.80 -26.19
N LEU B 154 -34.96 -51.40 -27.26
CA LEU B 154 -33.52 -51.34 -27.51
C LEU B 154 -33.04 -49.89 -27.55
N ALA B 155 -33.84 -49.00 -28.14
CA ALA B 155 -33.44 -47.60 -28.15
C ALA B 155 -33.40 -47.02 -26.73
N ILE B 156 -34.31 -47.46 -25.86
CA ILE B 156 -34.28 -46.94 -24.50
C ILE B 156 -33.05 -47.44 -23.76
N THR B 157 -32.70 -48.72 -23.93
CA THR B 157 -31.49 -49.20 -23.25
C THR B 157 -30.24 -48.52 -23.80
N VAL B 158 -30.15 -48.30 -25.12
CA VAL B 158 -28.98 -47.59 -25.62
C VAL B 158 -28.93 -46.17 -25.07
N LEU B 159 -30.08 -45.51 -24.96
CA LEU B 159 -30.08 -44.15 -24.43
C LEU B 159 -29.58 -44.13 -22.99
N ILE B 160 -30.11 -45.03 -22.16
CA ILE B 160 -29.68 -45.08 -20.76
C ILE B 160 -28.18 -45.31 -20.69
N LEU B 161 -27.69 -46.29 -21.45
CA LEU B 161 -26.26 -46.61 -21.40
C LEU B 161 -25.43 -45.43 -21.87
N GLN B 162 -25.85 -44.77 -22.95
CA GLN B 162 -25.09 -43.64 -23.48
C GLN B 162 -25.01 -42.53 -22.45
N ASN B 163 -26.15 -42.19 -21.84
CA ASN B 163 -26.15 -41.08 -20.89
C ASN B 163 -25.29 -41.40 -19.68
N ILE B 164 -25.35 -42.63 -19.17
CA ILE B 164 -24.55 -42.99 -18.01
C ILE B 164 -23.07 -42.91 -18.35
N VAL B 165 -22.68 -43.46 -19.51
CA VAL B 165 -21.28 -43.40 -19.92
C VAL B 165 -20.84 -41.95 -20.05
N GLY B 166 -21.69 -41.11 -20.63
CA GLY B 166 -21.35 -39.71 -20.77
C GLY B 166 -21.13 -39.03 -19.44
N LEU B 167 -21.99 -39.30 -18.46
CA LEU B 167 -21.80 -38.68 -17.16
C LEU B 167 -20.52 -39.16 -16.49
N ILE B 168 -20.23 -40.45 -16.56
CA ILE B 168 -19.02 -40.95 -15.92
C ILE B 168 -17.78 -40.35 -16.56
N ILE B 169 -17.75 -40.32 -17.90
CA ILE B 169 -16.58 -39.76 -18.59
C ILE B 169 -16.44 -38.27 -18.28
N ASN B 170 -17.55 -37.55 -18.30
CA ASN B 170 -17.50 -36.11 -18.01
C ASN B 170 -17.01 -35.85 -16.59
N ALA B 171 -17.51 -36.62 -15.63
CA ALA B 171 -17.10 -36.43 -14.24
C ALA B 171 -15.61 -36.70 -14.06
N VAL B 172 -15.12 -37.82 -14.61
CA VAL B 172 -13.72 -38.16 -14.38
C VAL B 172 -12.80 -37.16 -15.08
N MET B 173 -13.20 -36.67 -16.26
CA MET B 173 -12.35 -35.70 -16.95
C MET B 173 -12.37 -34.35 -16.25
N LEU B 174 -13.53 -33.95 -15.70
CA LEU B 174 -13.56 -32.74 -14.90
C LEU B 174 -12.68 -32.89 -13.67
N GLY B 175 -12.70 -34.07 -13.05
CA GLY B 175 -11.84 -34.31 -11.92
C GLY B 175 -10.37 -34.15 -12.26
N CYS B 176 -9.95 -34.74 -13.39
CA CYS B 176 -8.55 -34.63 -13.79
C CYS B 176 -8.16 -33.19 -14.08
N ILE B 177 -9.00 -32.47 -14.83
CA ILE B 177 -8.67 -31.09 -15.18
C ILE B 177 -8.56 -30.24 -13.93
N PHE B 178 -9.50 -30.39 -13.00
CA PHE B 178 -9.38 -29.62 -11.77
C PHE B 178 -8.14 -30.02 -11.00
N MET B 179 -7.82 -31.31 -10.95
CA MET B 179 -6.66 -31.72 -10.17
C MET B 179 -5.41 -31.06 -10.71
N LYS B 180 -5.32 -30.89 -12.02
CA LYS B 180 -4.18 -30.16 -12.57
C LYS B 180 -4.25 -28.69 -12.19
N THR B 181 -5.43 -28.08 -12.30
CA THR B 181 -5.56 -26.67 -11.93
C THR B 181 -5.29 -26.44 -10.45
N ALA B 182 -5.37 -27.49 -9.63
CA ALA B 182 -5.14 -27.38 -8.20
C ALA B 182 -3.70 -27.63 -7.82
N GLN B 183 -3.07 -28.66 -8.40
CA GLN B 183 -1.73 -29.06 -8.01
C GLN B 183 -0.67 -28.56 -8.97
N ALA B 184 -1.00 -27.64 -9.88
CA ALA B 184 0.01 -26.90 -10.62
C ALA B 184 0.47 -25.64 -9.89
N HIS B 185 0.30 -25.60 -8.57
CA HIS B 185 0.80 -24.50 -7.77
C HIS B 185 2.22 -24.73 -7.27
N ARG B 186 2.77 -25.93 -7.46
CA ARG B 186 4.11 -26.27 -7.02
C ARG B 186 4.96 -26.64 -8.23
N ARG B 187 6.26 -26.42 -8.10
CA ARG B 187 7.17 -26.64 -9.20
C ARG B 187 8.38 -27.40 -8.69
N ALA B 188 9.40 -27.53 -9.53
CA ALA B 188 10.61 -28.23 -9.16
C ALA B 188 11.28 -27.54 -7.97
N GLU B 189 11.94 -28.33 -7.13
CA GLU B 189 12.60 -27.78 -5.96
C GLU B 189 13.61 -26.72 -6.39
N THR B 190 13.58 -25.58 -5.71
CA THR B 190 14.45 -24.46 -6.03
C THR B 190 15.35 -24.20 -4.82
N LEU B 191 16.46 -24.94 -4.77
CA LEU B 191 17.48 -24.71 -3.76
C LEU B 191 18.84 -24.79 -4.42
N ILE B 192 19.78 -23.99 -3.95
CA ILE B 192 21.10 -23.87 -4.54
C ILE B 192 22.13 -24.22 -3.49
N PHE B 193 23.00 -25.17 -3.82
CA PHE B 193 24.13 -25.54 -2.99
C PHE B 193 25.43 -25.17 -3.70
N SER B 194 26.48 -24.93 -2.91
CA SER B 194 27.77 -24.63 -3.50
C SER B 194 28.27 -25.81 -4.32
N ARG B 195 28.98 -25.50 -5.41
CA ARG B 195 29.57 -26.57 -6.20
C ARG B 195 30.59 -27.35 -5.39
N HIS B 196 31.44 -26.67 -4.65
CA HIS B 196 32.51 -27.30 -3.90
C HIS B 196 32.31 -27.07 -2.41
N ALA B 197 32.98 -27.90 -1.62
CA ALA B 197 33.01 -27.75 -0.17
C ALA B 197 34.42 -27.33 0.24
N VAL B 198 34.51 -26.65 1.39
CA VAL B 198 35.77 -26.08 1.83
C VAL B 198 36.07 -26.54 3.23
N ILE B 199 37.26 -27.10 3.44
CA ILE B 199 37.79 -27.34 4.77
C ILE B 199 38.67 -26.16 5.12
N ALA B 200 38.26 -25.39 6.14
CA ALA B 200 38.94 -24.14 6.47
C ALA B 200 39.34 -24.11 7.93
N VAL B 201 39.77 -22.95 8.42
CA VAL B 201 40.11 -22.75 9.81
C VAL B 201 39.14 -21.75 10.42
N ARG B 202 38.67 -22.05 11.63
CA ARG B 202 37.74 -21.19 12.33
C ARG B 202 37.95 -21.34 13.82
N ASN B 203 37.99 -20.22 14.53
CA ASN B 203 38.10 -20.20 15.99
C ASN B 203 39.24 -21.10 16.47
N GLY B 204 40.33 -21.11 15.71
CA GLY B 204 41.47 -21.91 16.07
C GLY B 204 41.25 -23.40 15.99
N LYS B 205 40.52 -23.87 14.98
CA LYS B 205 40.38 -25.30 14.75
C LYS B 205 39.96 -25.54 13.31
N LEU B 206 40.31 -26.72 12.80
CA LEU B 206 39.83 -27.13 11.49
C LEU B 206 38.31 -27.10 11.46
N CYS B 207 37.76 -26.95 10.26
CA CYS B 207 36.32 -26.86 10.14
C CYS B 207 35.91 -27.20 8.71
N PHE B 208 34.62 -27.45 8.55
CA PHE B 208 34.00 -27.89 7.31
C PHE B 208 32.92 -26.88 6.95
N MET B 209 32.82 -26.54 5.67
CA MET B 209 31.83 -25.54 5.27
C MET B 209 31.31 -25.86 3.87
N PHE B 210 30.02 -25.65 3.68
CA PHE B 210 29.38 -25.61 2.38
C PHE B 210 28.35 -24.50 2.40
N ARG B 211 27.82 -24.16 1.23
CA ARG B 211 26.90 -23.06 1.09
C ARG B 211 25.53 -23.56 0.65
N VAL B 212 24.48 -23.03 1.27
CA VAL B 212 23.10 -23.40 0.96
C VAL B 212 22.32 -22.11 0.74
N GLY B 213 21.68 -21.98 -0.42
CA GLY B 213 20.99 -20.76 -0.75
C GLY B 213 19.50 -20.90 -0.94
N ASP B 214 18.90 -20.00 -1.71
CA ASP B 214 17.47 -20.02 -1.95
C ASP B 214 17.17 -19.15 -3.17
N LEU B 215 16.06 -19.45 -3.83
CA LEU B 215 15.64 -18.66 -4.99
C LEU B 215 14.19 -18.22 -4.87
N ARG B 216 13.34 -19.01 -4.21
CA ARG B 216 11.93 -18.70 -4.14
C ARG B 216 11.70 -17.50 -3.22
N LYS B 217 10.43 -17.13 -3.05
CA LYS B 217 10.08 -15.99 -2.23
C LYS B 217 9.74 -16.40 -0.79
N SER B 218 8.74 -17.26 -0.63
CA SER B 218 8.28 -17.63 0.70
C SER B 218 9.34 -18.50 1.39
N MET B 219 9.78 -18.05 2.56
CA MET B 219 10.80 -18.78 3.30
C MET B 219 10.25 -20.10 3.81
N ILE B 220 11.04 -21.17 3.69
CA ILE B 220 10.62 -22.46 4.22
C ILE B 220 10.43 -22.34 5.73
N ILE B 221 9.62 -23.24 6.27
CA ILE B 221 9.19 -23.18 7.67
C ILE B 221 9.81 -24.34 8.43
N SER B 222 10.46 -24.02 9.56
CA SER B 222 11.07 -25.02 10.43
C SER B 222 12.05 -25.90 9.68
N ALA B 223 12.90 -25.27 8.86
CA ALA B 223 13.86 -26.03 8.08
C ALA B 223 14.81 -26.78 9.01
N SER B 224 15.27 -27.94 8.53
CA SER B 224 16.26 -28.72 9.26
C SER B 224 17.31 -29.21 8.28
N VAL B 225 18.53 -29.38 8.79
CA VAL B 225 19.66 -29.82 7.98
C VAL B 225 20.31 -31.01 8.67
N ARG B 226 20.78 -31.97 7.87
CA ARG B 226 21.51 -33.10 8.39
C ARG B 226 22.67 -33.43 7.46
N ILE B 227 23.73 -33.96 8.06
CA ILE B 227 24.98 -34.28 7.39
C ILE B 227 25.35 -35.72 7.70
N GLN B 228 25.63 -36.50 6.67
CA GLN B 228 25.99 -37.90 6.85
C GLN B 228 27.26 -38.22 6.09
N VAL B 229 28.26 -38.75 6.78
CA VAL B 229 29.49 -39.20 6.16
C VAL B 229 29.31 -40.67 5.82
N VAL B 230 29.45 -41.01 4.54
CA VAL B 230 29.18 -42.36 4.06
C VAL B 230 30.47 -42.97 3.54
N LYS B 231 30.90 -44.06 4.15
CA LYS B 231 32.11 -44.76 3.76
C LYS B 231 32.00 -46.19 4.23
N LYS B 232 32.62 -47.10 3.48
CA LYS B 232 32.64 -48.49 3.91
C LYS B 232 33.45 -48.60 5.20
N THR B 233 32.87 -49.26 6.20
CA THR B 233 33.51 -49.42 7.49
C THR B 233 33.59 -50.88 7.85
N THR B 234 34.60 -51.22 8.62
CA THR B 234 34.70 -52.53 9.24
C THR B 234 34.16 -52.42 10.67
N THR B 235 34.13 -53.56 11.35
CA THR B 235 33.80 -53.60 12.76
C THR B 235 34.79 -54.51 13.44
N PRO B 236 35.57 -54.01 14.40
CA PRO B 236 36.72 -54.76 14.93
C PRO B 236 36.45 -56.24 15.23
N GLU B 237 35.19 -56.58 15.51
CA GLU B 237 34.86 -57.99 15.66
C GLU B 237 34.59 -58.62 14.30
N GLY B 238 35.49 -58.40 13.34
CA GLY B 238 35.49 -59.14 12.10
C GLY B 238 34.22 -59.16 11.30
N GLU B 239 33.55 -58.01 11.16
CA GLU B 239 32.35 -57.93 10.33
C GLU B 239 32.41 -56.66 9.50
N VAL B 240 32.04 -56.77 8.23
CA VAL B 240 32.09 -55.66 7.29
C VAL B 240 30.69 -55.17 7.00
N VAL B 241 30.61 -53.93 6.52
CA VAL B 241 29.35 -53.28 6.16
C VAL B 241 29.62 -52.41 4.93
N PRO B 242 28.88 -52.56 3.85
CA PRO B 242 29.24 -51.89 2.59
C PRO B 242 29.18 -50.38 2.63
N ILE B 243 28.03 -49.79 2.95
CA ILE B 243 27.85 -48.35 2.94
C ILE B 243 27.24 -47.94 4.28
N HIS B 244 28.08 -47.63 5.25
CA HIS B 244 27.61 -47.12 6.51
C HIS B 244 27.07 -45.71 6.34
N GLN B 245 26.30 -45.26 7.33
CA GLN B 245 25.84 -43.88 7.38
C GLN B 245 25.97 -43.41 8.81
N GLN B 246 26.73 -42.35 9.01
CA GLN B 246 27.11 -41.89 10.34
C GLN B 246 26.69 -40.43 10.49
N ASP B 247 25.47 -40.20 10.98
CA ASP B 247 25.03 -38.84 11.22
C ASP B 247 26.03 -38.09 12.08
N ILE B 248 26.14 -36.79 11.85
CA ILE B 248 27.12 -35.92 12.52
C ILE B 248 26.48 -34.55 12.72
N PRO B 249 26.65 -33.90 13.87
CA PRO B 249 25.83 -32.72 14.16
C PRO B 249 26.40 -31.45 13.54
N VAL B 250 25.54 -30.72 12.83
CA VAL B 250 25.90 -29.40 12.35
C VAL B 250 26.04 -28.46 13.54
N ASP B 251 27.07 -27.63 13.52
CA ASP B 251 27.37 -26.78 14.66
C ASP B 251 26.26 -25.75 14.87
N ASN B 252 25.95 -25.50 16.14
CA ASN B 252 24.94 -24.53 16.56
C ASN B 252 25.03 -24.40 18.07
N PRO B 253 24.79 -23.21 18.63
CA PRO B 253 24.97 -23.03 20.08
C PRO B 253 23.96 -23.77 20.94
N ILE B 254 22.93 -24.38 20.37
CA ILE B 254 21.96 -25.13 21.16
C ILE B 254 21.75 -26.51 20.56
N GLU B 255 22.63 -26.90 19.65
CA GLU B 255 22.54 -28.18 18.94
C GLU B 255 21.14 -28.40 18.41
N SER B 256 20.73 -27.50 17.52
CA SER B 256 19.40 -27.53 16.92
C SER B 256 19.55 -27.52 15.41
N ASN B 257 19.09 -28.60 14.77
CA ASN B 257 19.12 -28.65 13.32
C ASN B 257 18.30 -27.55 12.67
N ASN B 258 17.33 -27.00 13.38
CA ASN B 258 16.51 -25.94 12.82
C ASN B 258 17.37 -24.74 12.44
N ILE B 259 17.14 -24.20 11.25
CA ILE B 259 17.96 -23.12 10.72
C ILE B 259 17.07 -22.11 9.99
N PHE B 260 17.19 -20.84 10.36
CA PHE B 260 16.56 -19.77 9.61
C PHE B 260 17.22 -19.65 8.24
N LEU B 261 16.41 -19.41 7.20
CA LEU B 261 16.98 -19.41 5.85
C LEU B 261 16.23 -18.38 5.00
N VAL B 262 16.80 -17.17 4.94
CA VAL B 262 16.32 -16.16 4.00
C VAL B 262 17.44 -15.56 3.16
N ALA B 263 18.69 -15.65 3.57
CA ALA B 263 19.85 -15.22 2.83
C ALA B 263 20.83 -16.38 2.78
N PRO B 264 21.74 -16.40 1.81
CA PRO B 264 22.70 -17.50 1.74
C PRO B 264 23.49 -17.64 3.03
N LEU B 265 23.70 -18.89 3.44
CA LEU B 265 24.28 -19.21 4.74
C LEU B 265 25.45 -20.17 4.55
N ILE B 266 26.19 -20.39 5.63
CA ILE B 266 27.34 -21.28 5.64
C ILE B 266 27.14 -22.24 6.80
N ILE B 267 26.52 -23.39 6.53
CA ILE B 267 26.25 -24.39 7.56
C ILE B 267 27.56 -25.04 7.94
N CYS B 268 28.09 -24.66 9.09
CA CYS B 268 29.42 -25.10 9.49
C CYS B 268 29.39 -26.53 10.02
N HIS B 269 30.58 -27.00 10.42
CA HIS B 269 30.75 -28.36 10.92
C HIS B 269 32.06 -28.39 11.71
N VAL B 270 31.98 -28.32 13.04
CA VAL B 270 33.19 -28.46 13.82
C VAL B 270 33.76 -29.86 13.61
N ILE B 271 35.07 -29.96 13.57
CA ILE B 271 35.75 -31.24 13.42
C ILE B 271 36.33 -31.64 14.77
N ASP B 272 36.02 -32.86 15.21
CA ASP B 272 36.37 -33.30 16.54
C ASP B 272 36.95 -34.70 16.47
N LYS B 273 37.65 -35.09 17.54
CA LYS B 273 38.18 -36.44 17.69
C LYS B 273 37.05 -37.46 17.79
N ARG B 274 35.82 -36.97 17.79
CA ARG B 274 34.64 -37.82 17.82
C ARG B 274 34.00 -38.00 16.45
N SER B 275 34.31 -37.12 15.49
CA SER B 275 33.79 -37.00 14.13
C SER B 275 34.70 -37.74 13.15
N PRO B 276 34.14 -38.41 12.15
CA PRO B 276 34.92 -39.31 11.28
C PRO B 276 35.79 -38.60 10.26
N LEU B 277 35.98 -37.29 10.38
CA LEU B 277 36.91 -36.57 9.52
C LEU B 277 38.25 -36.31 10.19
N TYR B 278 38.49 -36.95 11.34
CA TYR B 278 39.64 -36.59 12.16
C TYR B 278 40.96 -36.88 11.45
N ASP B 279 41.03 -38.01 10.72
CA ASP B 279 42.30 -38.54 10.22
C ASP B 279 42.52 -38.23 8.75
N ILE B 280 42.13 -37.06 8.26
CA ILE B 280 42.31 -36.72 6.86
C ILE B 280 43.05 -35.39 6.75
N SER B 281 44.18 -35.40 6.05
CA SER B 281 44.96 -34.22 5.75
C SER B 281 44.94 -33.97 4.24
N ALA B 282 45.44 -32.79 3.85
CA ALA B 282 45.45 -32.45 2.43
C ALA B 282 46.30 -33.42 1.63
N THR B 283 47.40 -33.89 2.21
CA THR B 283 48.22 -34.90 1.56
C THR B 283 47.40 -36.17 1.29
N ASP B 284 46.71 -36.66 2.31
CA ASP B 284 45.87 -37.84 2.17
C ASP B 284 44.49 -37.52 1.59
N LEU B 285 44.23 -36.26 1.25
CA LEU B 285 42.90 -35.88 0.79
C LEU B 285 42.59 -36.45 -0.58
N VAL B 286 43.58 -36.51 -1.46
CA VAL B 286 43.32 -36.76 -2.87
C VAL B 286 42.75 -38.16 -3.09
N ASN B 287 43.54 -39.19 -2.81
CA ASN B 287 43.14 -40.57 -3.09
C ASN B 287 42.54 -41.23 -1.86
N GLN B 288 41.53 -40.62 -1.26
CA GLN B 288 40.86 -41.16 -0.08
C GLN B 288 39.41 -41.45 -0.38
N ASP B 289 38.95 -42.63 0.05
CA ASP B 289 37.56 -43.03 -0.16
C ASP B 289 36.69 -42.38 0.90
N LEU B 290 35.70 -41.60 0.45
CA LEU B 290 34.84 -40.86 1.36
C LEU B 290 33.69 -40.28 0.54
N GLU B 291 32.84 -39.53 1.21
CA GLU B 291 31.68 -38.86 0.63
C GLU B 291 31.02 -38.06 1.74
N VAL B 292 30.24 -37.07 1.36
CA VAL B 292 29.39 -36.36 2.31
C VAL B 292 28.03 -36.18 1.67
N ILE B 293 26.98 -36.50 2.41
CA ILE B 293 25.60 -36.30 1.97
C ILE B 293 25.01 -35.21 2.84
N VAL B 294 24.35 -34.25 2.20
CA VAL B 294 23.69 -33.17 2.93
C VAL B 294 22.22 -33.20 2.55
N ILE B 295 21.35 -33.41 3.53
CA ILE B 295 19.91 -33.48 3.29
C ILE B 295 19.23 -32.45 4.17
N LEU B 296 18.44 -31.57 3.55
CA LEU B 296 17.72 -30.58 4.33
C LEU B 296 16.26 -30.57 3.90
N GLU B 297 15.38 -30.38 4.88
CA GLU B 297 13.96 -30.60 4.71
C GLU B 297 13.17 -29.48 5.38
N GLY B 298 11.99 -29.22 4.84
CA GLY B 298 11.13 -28.18 5.39
C GLY B 298 9.83 -28.13 4.62
N VAL B 299 8.93 -27.28 5.11
CA VAL B 299 7.58 -27.18 4.57
C VAL B 299 7.42 -25.81 3.94
N VAL B 300 7.19 -25.77 2.63
CA VAL B 300 6.88 -24.50 1.99
C VAL B 300 5.47 -24.09 2.34
N GLU B 301 5.29 -22.80 2.65
CA GLU B 301 4.03 -22.29 3.14
C GLU B 301 3.10 -21.86 2.03
N THR B 302 3.64 -21.38 0.90
CA THR B 302 2.79 -21.02 -0.22
C THR B 302 2.00 -22.22 -0.71
N THR B 303 2.65 -23.36 -0.87
CA THR B 303 1.99 -24.60 -1.20
C THR B 303 1.70 -25.47 0.02
N GLY B 304 2.14 -25.04 1.20
CA GLY B 304 1.85 -25.76 2.43
C GLY B 304 2.26 -27.21 2.43
N ILE B 305 3.36 -27.55 1.76
CA ILE B 305 3.71 -28.94 1.49
C ILE B 305 5.16 -29.20 1.88
N THR B 306 5.40 -30.38 2.45
CA THR B 306 6.73 -30.79 2.85
C THR B 306 7.59 -31.07 1.63
N THR B 307 8.90 -30.89 1.78
CA THR B 307 9.85 -31.13 0.71
C THR B 307 11.23 -31.30 1.30
N GLN B 308 12.09 -32.02 0.59
CA GLN B 308 13.46 -32.20 1.03
C GLN B 308 14.37 -32.23 -0.18
N ALA B 309 15.54 -31.62 -0.03
CA ALA B 309 16.53 -31.56 -1.09
C ALA B 309 17.84 -32.09 -0.55
N ARG B 310 18.68 -32.59 -1.46
CA ARG B 310 19.92 -33.23 -1.04
C ARG B 310 21.05 -32.88 -1.99
N THR B 311 22.26 -33.05 -1.49
CA THR B 311 23.48 -32.93 -2.28
C THR B 311 24.45 -34.00 -1.81
N SER B 312 25.59 -34.09 -2.50
CA SER B 312 26.59 -35.10 -2.16
C SER B 312 27.92 -34.68 -2.74
N TYR B 313 28.92 -34.54 -1.88
CA TYR B 313 30.26 -34.12 -2.25
C TYR B 313 31.21 -35.30 -2.18
N ILE B 314 32.13 -35.37 -3.12
CA ILE B 314 33.12 -36.41 -3.15
C ILE B 314 34.44 -35.87 -2.64
N ALA B 315 35.42 -36.75 -2.44
CA ALA B 315 36.68 -36.35 -1.84
C ALA B 315 37.40 -35.31 -2.67
N GLU B 316 37.51 -35.54 -3.97
CA GLU B 316 38.29 -34.65 -4.83
C GLU B 316 37.66 -33.30 -5.04
N GLU B 317 36.39 -33.13 -4.68
CA GLU B 317 35.67 -31.89 -4.90
C GLU B 317 35.74 -30.94 -3.70
N ILE B 318 36.54 -31.28 -2.70
CA ILE B 318 36.67 -30.45 -1.51
C ILE B 318 38.03 -29.77 -1.49
N GLN B 319 38.10 -28.55 -2.02
CA GLN B 319 39.36 -27.83 -2.10
C GLN B 319 39.82 -27.46 -0.69
N TRP B 320 40.84 -28.15 -0.21
CA TRP B 320 41.37 -27.91 1.13
C TRP B 320 41.85 -26.47 1.27
N GLY B 321 41.60 -25.89 2.44
CA GLY B 321 42.13 -24.59 2.78
C GLY B 321 41.55 -23.41 2.04
N HIS B 322 40.81 -23.63 0.96
CA HIS B 322 40.23 -22.54 0.19
C HIS B 322 39.00 -22.03 0.94
N ARG B 323 39.25 -21.10 1.88
CA ARG B 323 38.18 -20.58 2.72
C ARG B 323 37.10 -19.91 1.87
N PHE B 324 35.84 -20.07 2.29
CA PHE B 324 34.74 -19.45 1.60
C PHE B 324 34.85 -17.93 1.69
N VAL B 325 34.29 -17.25 0.68
CA VAL B 325 34.43 -15.82 0.52
C VAL B 325 33.15 -15.13 0.96
N SER B 326 33.29 -13.99 1.63
CA SER B 326 32.12 -13.20 2.02
C SER B 326 31.32 -12.83 0.78
N ILE B 327 30.01 -12.69 0.97
CA ILE B 327 29.11 -12.50 -0.15
C ILE B 327 28.29 -11.23 0.02
N VAL B 328 27.54 -11.15 1.10
CA VAL B 328 26.54 -10.09 1.25
C VAL B 328 27.22 -8.75 1.48
N THR B 329 26.61 -7.69 0.96
CA THR B 329 27.06 -6.32 1.14
C THR B 329 26.00 -5.53 1.90
N GLU B 330 26.38 -4.31 2.30
CA GLU B 330 25.56 -3.48 3.18
C GLU B 330 25.42 -2.08 2.60
N GLU B 331 24.42 -1.88 1.76
CA GLU B 331 24.08 -0.55 1.27
C GLU B 331 23.40 0.25 2.38
N GLU B 332 23.28 1.55 2.14
CA GLU B 332 22.72 2.46 3.15
C GLU B 332 21.26 2.14 3.46
N GLY B 333 20.39 2.30 2.47
CA GLY B 333 18.97 2.13 2.73
C GLY B 333 18.57 0.68 2.91
N VAL B 334 18.99 -0.17 1.99
CA VAL B 334 18.56 -1.57 1.94
C VAL B 334 19.76 -2.45 1.67
N TYR B 335 19.86 -3.56 2.39
CA TYR B 335 20.94 -4.51 2.17
C TYR B 335 20.88 -5.06 0.74
N SER B 336 21.92 -5.79 0.38
CA SER B 336 21.98 -6.44 -0.92
C SER B 336 22.89 -7.65 -0.83
N VAL B 337 22.68 -8.60 -1.72
CA VAL B 337 23.42 -9.85 -1.73
C VAL B 337 23.98 -10.07 -3.13
N ASP B 338 24.64 -11.22 -3.31
CA ASP B 338 25.25 -11.56 -4.58
C ASP B 338 25.01 -13.04 -4.87
N TYR B 339 24.90 -13.36 -6.15
CA TYR B 339 24.87 -14.74 -6.59
C TYR B 339 25.82 -15.02 -7.74
N SER B 340 26.35 -14.00 -8.40
CA SER B 340 27.34 -14.23 -9.45
C SER B 340 28.59 -14.87 -8.88
N LYS B 341 29.10 -14.32 -7.78
CA LYS B 341 30.19 -14.96 -7.05
C LYS B 341 29.65 -15.78 -5.88
N PHE B 342 28.86 -16.79 -6.23
CA PHE B 342 28.20 -17.60 -5.23
C PHE B 342 29.15 -18.61 -4.60
N GLY B 343 29.84 -19.38 -5.43
CA GLY B 343 30.73 -20.41 -4.93
C GLY B 343 32.19 -20.09 -5.08
N ASN B 344 32.54 -18.81 -5.07
CA ASN B 344 33.93 -18.40 -5.21
C ASN B 344 34.72 -18.85 -3.98
N THR B 345 35.78 -19.62 -4.21
CA THR B 345 36.60 -20.18 -3.14
C THR B 345 37.94 -19.45 -3.13
N VAL B 346 37.99 -18.33 -2.40
CA VAL B 346 39.25 -17.62 -2.22
C VAL B 346 40.15 -18.48 -1.35
N ARG B 347 41.43 -18.16 -1.31
CA ARG B 347 42.40 -18.96 -0.57
C ARG B 347 43.03 -18.13 0.54
N VAL B 348 43.12 -18.73 1.72
CA VAL B 348 43.85 -18.15 2.84
C VAL B 348 44.71 -19.26 3.45
N ALA B 349 45.71 -18.85 4.20
CA ALA B 349 46.65 -19.81 4.76
C ALA B 349 45.94 -20.78 5.68
N ALA B 350 46.19 -22.07 5.48
CA ALA B 350 45.64 -23.13 6.30
C ALA B 350 46.70 -24.20 6.48
N PRO B 351 46.78 -24.80 7.67
CA PRO B 351 47.79 -25.85 7.88
C PRO B 351 47.54 -27.06 6.99
N ARG B 352 48.63 -27.65 6.51
CA ARG B 352 48.57 -28.90 5.76
C ARG B 352 48.92 -30.08 6.66
N CYS B 353 48.08 -30.31 7.67
CA CYS B 353 48.35 -31.36 8.64
C CYS B 353 47.03 -31.89 9.16
N SER B 354 47.10 -33.07 9.80
CA SER B 354 45.92 -33.75 10.30
C SER B 354 45.35 -33.02 11.51
N ALA B 355 44.31 -33.59 12.08
CA ALA B 355 43.69 -33.06 13.28
C ALA B 355 44.21 -33.70 14.55
N ARG B 356 44.48 -35.01 14.53
CA ARG B 356 45.13 -35.64 15.67
C ARG B 356 46.51 -35.05 15.89
N GLU B 357 47.29 -34.91 14.82
CA GLU B 357 48.58 -34.24 14.92
C GLU B 357 48.41 -32.76 15.26
N LEU B 358 47.24 -32.20 15.00
CA LEU B 358 47.01 -30.79 15.33
C LEU B 358 47.10 -30.56 16.83
N ASP B 359 46.56 -31.47 17.63
CA ASP B 359 46.72 -31.40 19.07
C ASP B 359 47.91 -32.20 19.58
N GLU B 360 48.57 -32.98 18.72
CA GLU B 360 49.78 -33.68 19.15
C GLU B 360 50.93 -32.70 19.36
N LYS B 361 51.01 -31.68 18.50
CA LYS B 361 51.96 -30.57 18.67
C LYS B 361 51.19 -29.27 18.50
N PRO B 362 50.33 -28.93 19.46
CA PRO B 362 49.37 -27.85 19.26
C PRO B 362 49.89 -26.46 19.64
N SER B 363 51.20 -26.30 19.73
CA SER B 363 51.78 -25.08 20.26
C SER B 363 51.31 -23.84 19.49
N ILE B 364 51.66 -23.75 18.22
CA ILE B 364 51.37 -22.56 17.41
C ILE B 364 50.74 -23.00 16.10
N LEU B 365 49.74 -22.25 15.65
CA LEU B 365 49.05 -22.50 14.40
C LEU B 365 49.42 -21.42 13.38
N ILE B 366 49.79 -21.84 12.18
CA ILE B 366 50.18 -20.91 11.13
C ILE B 366 48.96 -20.22 10.51
N LEU C 31 -1.49 -73.50 25.00
CA LEU C 31 -1.48 -73.23 23.56
C LEU C 31 -0.64 -72.00 23.24
N PRO C 32 -1.07 -71.21 22.24
CA PRO C 32 -0.36 -70.01 21.81
C PRO C 32 -0.61 -68.84 22.75
N LYS C 33 0.47 -68.22 23.23
CA LYS C 33 0.37 -67.10 24.14
C LYS C 33 0.14 -65.94 23.23
N ALA C 34 -0.79 -65.09 23.59
CA ALA C 34 -1.20 -63.95 22.77
C ALA C 34 -0.06 -62.95 22.62
N ARG C 35 -0.04 -62.28 21.48
CA ARG C 35 0.89 -61.19 21.20
C ARG C 35 0.15 -59.88 21.14
N PHE C 36 0.81 -58.81 21.55
CA PHE C 36 0.19 -57.49 21.56
C PHE C 36 -0.22 -57.06 20.16
N ILE C 37 0.73 -57.07 19.22
CA ILE C 37 0.45 -56.75 17.83
C ILE C 37 1.09 -57.80 16.95
N ALA C 38 0.36 -58.28 15.95
CA ALA C 38 0.80 -59.40 15.15
C ALA C 38 1.98 -59.01 14.27
N LYS C 39 2.53 -60.01 13.58
CA LYS C 39 3.74 -59.83 12.80
C LYS C 39 3.54 -58.94 11.57
N SER C 40 2.30 -58.57 11.25
CA SER C 40 2.04 -57.66 10.14
C SER C 40 0.97 -56.65 10.59
N GLY C 41 1.41 -55.57 11.21
CA GLY C 41 0.54 -54.48 11.64
C GLY C 41 -0.65 -54.99 12.43
N ALA C 42 -1.77 -54.30 12.28
CA ALA C 42 -3.08 -54.80 12.70
C ALA C 42 -3.10 -55.16 14.19
N CYS C 43 -2.98 -54.12 15.00
CA CYS C 43 -3.04 -54.28 16.44
C CYS C 43 -4.30 -55.03 16.85
N ASN C 44 -4.12 -56.23 17.41
CA ASN C 44 -5.23 -57.06 17.84
C ASN C 44 -5.41 -56.90 19.35
N LEU C 45 -6.64 -56.67 19.77
CA LEU C 45 -6.95 -56.35 21.15
C LEU C 45 -8.41 -56.69 21.40
N ALA C 46 -8.96 -56.21 22.51
CA ALA C 46 -10.38 -56.39 22.78
C ALA C 46 -10.86 -55.16 23.58
N HIS C 47 -11.39 -54.17 22.85
CA HIS C 47 -11.94 -52.98 23.49
C HIS C 47 -13.30 -53.33 24.08
N LYS C 48 -13.26 -54.12 25.15
CA LYS C 48 -14.47 -54.71 25.71
C LYS C 48 -15.27 -53.69 26.48
N ASN C 49 -16.60 -53.78 26.35
CA ASN C 49 -17.55 -53.01 27.14
C ASN C 49 -17.47 -51.51 26.85
N ILE C 50 -17.16 -51.13 25.61
CA ILE C 50 -17.11 -49.71 25.26
C ILE C 50 -18.50 -49.10 25.38
N ARG C 51 -18.55 -47.81 25.70
CA ARG C 51 -19.83 -47.13 25.77
C ARG C 51 -20.44 -47.00 24.39
N GLU C 52 -21.76 -46.79 24.37
CA GLU C 52 -22.51 -46.75 23.12
C GLU C 52 -22.59 -45.31 22.64
N GLN C 53 -21.88 -44.99 21.56
CA GLN C 53 -21.96 -43.65 20.99
C GLN C 53 -23.25 -43.45 20.22
N GLY C 54 -23.67 -44.45 19.45
CA GLY C 54 -24.83 -44.30 18.58
C GLY C 54 -24.43 -43.85 17.19
N ARG C 55 -24.72 -44.67 16.18
CA ARG C 55 -24.28 -44.39 14.81
C ARG C 55 -25.06 -43.21 14.27
N PHE C 56 -24.46 -42.04 14.29
CA PHE C 56 -25.11 -40.82 13.86
C PHE C 56 -25.27 -40.79 12.34
N LEU C 57 -26.32 -40.10 11.87
CA LEU C 57 -26.75 -40.26 10.50
C LEU C 57 -25.71 -39.79 9.49
N GLN C 58 -24.83 -38.86 9.89
CA GLN C 58 -23.80 -38.40 8.96
C GLN C 58 -22.85 -39.50 8.56
N ASP C 59 -22.79 -40.57 9.36
CA ASP C 59 -21.85 -41.66 9.08
C ASP C 59 -22.16 -42.35 7.75
N ILE C 60 -23.43 -42.36 7.33
CA ILE C 60 -23.77 -43.00 6.07
C ILE C 60 -23.09 -42.28 4.92
N PHE C 61 -23.18 -40.95 4.90
CA PHE C 61 -22.47 -40.19 3.88
C PHE C 61 -20.96 -40.35 4.04
N THR C 62 -20.48 -40.37 5.29
CA THR C 62 -19.06 -40.57 5.53
C THR C 62 -18.56 -41.83 4.85
N THR C 63 -19.28 -42.93 5.01
CA THR C 63 -18.87 -44.19 4.40
C THR C 63 -19.14 -44.20 2.90
N LEU C 64 -20.08 -43.38 2.43
CA LEU C 64 -20.26 -43.26 0.98
C LEU C 64 -19.02 -42.64 0.34
N VAL C 65 -18.44 -41.63 0.99
CA VAL C 65 -17.32 -40.91 0.39
C VAL C 65 -16.15 -41.86 0.13
N ASP C 66 -15.83 -42.72 1.08
CA ASP C 66 -14.66 -43.57 1.02
C ASP C 66 -15.11 -45.00 0.73
N LEU C 67 -15.24 -45.34 -0.55
CA LEU C 67 -15.55 -46.68 -0.99
C LEU C 67 -14.59 -47.09 -2.09
N LYS C 68 -14.40 -48.39 -2.23
CA LYS C 68 -13.66 -48.90 -3.38
C LYS C 68 -14.50 -48.70 -4.64
N TRP C 69 -13.85 -48.80 -5.79
CA TRP C 69 -14.52 -48.48 -7.04
C TRP C 69 -15.44 -49.57 -7.55
N ARG C 70 -15.37 -50.77 -7.01
CA ARG C 70 -16.35 -51.78 -7.35
C ARG C 70 -17.68 -51.56 -6.65
N HIS C 71 -17.89 -50.39 -6.05
CA HIS C 71 -19.17 -50.06 -5.46
C HIS C 71 -19.63 -48.66 -5.86
N THR C 72 -18.68 -47.79 -6.19
CA THR C 72 -19.02 -46.40 -6.46
C THR C 72 -19.86 -46.29 -7.73
N LEU C 73 -19.44 -46.94 -8.80
CA LEU C 73 -20.24 -46.90 -10.02
C LEU C 73 -21.59 -47.57 -9.82
N VAL C 74 -21.64 -48.61 -8.99
CA VAL C 74 -22.92 -49.28 -8.72
C VAL C 74 -23.89 -48.32 -8.04
N ILE C 75 -23.44 -47.64 -6.99
CA ILE C 75 -24.34 -46.73 -6.28
C ILE C 75 -24.71 -45.57 -7.18
N PHE C 76 -23.74 -45.06 -7.94
CA PHE C 76 -23.97 -44.02 -8.94
C PHE C 76 -25.13 -44.38 -9.86
N THR C 77 -24.99 -45.50 -10.57
CA THR C 77 -26.00 -45.91 -11.54
C THR C 77 -27.33 -46.17 -10.87
N MET C 78 -27.33 -46.84 -9.71
CA MET C 78 -28.58 -47.15 -9.05
C MET C 78 -29.32 -45.88 -8.67
N SER C 79 -28.60 -44.87 -8.16
CA SER C 79 -29.23 -43.63 -7.77
C SER C 79 -29.84 -42.94 -8.99
N PHE C 80 -29.08 -42.86 -10.09
CA PHE C 80 -29.61 -42.21 -11.28
C PHE C 80 -30.86 -42.91 -11.78
N LEU C 81 -30.81 -44.24 -11.92
CA LEU C 81 -31.95 -44.97 -12.46
C LEU C 81 -33.16 -44.87 -11.54
N CYS C 82 -32.94 -44.97 -10.24
CA CYS C 82 -34.07 -44.88 -9.32
C CYS C 82 -34.72 -43.52 -9.37
N SER C 83 -33.94 -42.44 -9.41
CA SER C 83 -34.53 -41.12 -9.53
C SER C 83 -35.33 -41.00 -10.82
N TRP C 84 -34.76 -41.47 -11.93
CA TRP C 84 -35.46 -41.42 -13.21
C TRP C 84 -36.79 -42.14 -13.13
N LEU C 85 -36.78 -43.38 -12.66
CA LEU C 85 -38.01 -44.17 -12.63
C LEU C 85 -39.05 -43.56 -11.70
N LEU C 86 -38.62 -43.11 -10.52
CA LEU C 86 -39.57 -42.53 -9.58
C LEU C 86 -40.25 -41.30 -10.17
N PHE C 87 -39.48 -40.38 -10.72
CA PHE C 87 -40.13 -39.20 -11.27
C PHE C 87 -40.93 -39.52 -12.52
N ALA C 88 -40.55 -40.54 -13.28
CA ALA C 88 -41.38 -40.94 -14.40
C ALA C 88 -42.73 -41.43 -13.93
N ILE C 89 -42.77 -42.22 -12.86
CA ILE C 89 -44.05 -42.65 -12.32
C ILE C 89 -44.85 -41.45 -11.86
N MET C 90 -44.18 -40.45 -11.27
CA MET C 90 -44.90 -39.26 -10.84
C MET C 90 -45.50 -38.51 -12.02
N TRP C 91 -44.74 -38.37 -13.11
CA TRP C 91 -45.27 -37.71 -14.30
C TRP C 91 -46.45 -38.48 -14.87
N TRP C 92 -46.38 -39.80 -14.87
CA TRP C 92 -47.50 -40.59 -15.37
C TRP C 92 -48.75 -40.37 -14.53
N LEU C 93 -48.60 -40.34 -13.20
CA LEU C 93 -49.75 -40.07 -12.35
C LEU C 93 -50.31 -38.69 -12.65
N VAL C 94 -49.43 -37.71 -12.88
CA VAL C 94 -49.91 -36.37 -13.22
C VAL C 94 -50.62 -36.38 -14.56
N ALA C 95 -50.17 -37.20 -15.51
CA ALA C 95 -50.84 -37.32 -16.79
C ALA C 95 -51.89 -38.43 -16.77
N PHE C 96 -52.39 -38.77 -15.60
CA PHE C 96 -53.57 -39.61 -15.42
C PHE C 96 -54.66 -38.89 -14.66
N ALA C 97 -54.33 -38.30 -13.50
CA ALA C 97 -55.35 -37.59 -12.74
C ALA C 97 -55.94 -36.45 -13.54
N HIS C 98 -55.10 -35.70 -14.24
CA HIS C 98 -55.58 -34.83 -15.29
C HIS C 98 -55.91 -35.67 -16.51
N GLY C 99 -56.96 -35.30 -17.22
CA GLY C 99 -57.38 -36.14 -18.31
C GLY C 99 -56.64 -35.81 -19.59
N ASP C 100 -55.58 -36.57 -19.85
CA ASP C 100 -54.83 -36.47 -21.10
C ASP C 100 -54.77 -37.79 -21.84
N ILE C 101 -54.43 -38.86 -21.13
CA ILE C 101 -54.29 -40.17 -21.78
C ILE C 101 -55.58 -40.56 -22.47
N TYR C 102 -56.72 -40.26 -21.85
CA TYR C 102 -57.99 -40.54 -22.49
C TYR C 102 -58.12 -39.77 -23.80
N ALA C 103 -57.71 -38.50 -23.80
CA ALA C 103 -57.81 -37.70 -25.01
C ALA C 103 -56.97 -38.29 -26.12
N TYR C 104 -55.71 -38.58 -25.83
CA TYR C 104 -54.83 -39.09 -26.89
C TYR C 104 -55.25 -40.48 -27.35
N MET C 105 -55.75 -41.33 -26.44
CA MET C 105 -56.09 -42.69 -26.82
C MET C 105 -57.41 -42.75 -27.58
N GLU C 106 -58.50 -42.32 -26.94
CA GLU C 106 -59.81 -42.54 -27.52
C GLU C 106 -60.03 -41.68 -28.77
N LYS C 107 -59.65 -40.41 -28.72
CA LYS C 107 -59.84 -39.54 -29.87
C LYS C 107 -58.89 -39.95 -30.99
N GLY C 108 -59.45 -40.12 -32.18
CA GLY C 108 -58.65 -40.52 -33.32
C GLY C 108 -57.75 -39.42 -33.84
N ILE C 109 -57.31 -39.54 -35.09
CA ILE C 109 -56.46 -38.51 -35.68
C ILE C 109 -57.23 -37.22 -35.87
N THR C 110 -58.44 -37.31 -36.44
CA THR C 110 -59.21 -36.14 -36.81
C THR C 110 -60.58 -36.08 -36.17
N GLU C 111 -60.97 -37.08 -35.37
CA GLU C 111 -62.25 -37.04 -34.69
C GLU C 111 -62.37 -35.79 -33.83
N LYS C 112 -61.35 -35.52 -33.01
CA LYS C 112 -61.21 -34.23 -32.38
C LYS C 112 -60.37 -33.27 -33.20
N SER C 113 -59.49 -33.78 -34.06
CA SER C 113 -58.65 -32.98 -34.95
C SER C 113 -57.78 -32.01 -34.16
N GLY C 114 -56.93 -32.56 -33.31
CA GLY C 114 -56.05 -31.75 -32.51
C GLY C 114 -56.53 -31.58 -31.09
N LEU C 115 -55.65 -31.83 -30.12
CA LEU C 115 -56.03 -31.67 -28.72
C LEU C 115 -56.17 -30.19 -28.37
N GLU C 116 -57.39 -29.67 -28.48
CA GLU C 116 -57.62 -28.25 -28.16
C GLU C 116 -57.37 -27.97 -26.68
N SER C 117 -57.94 -28.79 -25.81
CA SER C 117 -57.73 -28.64 -24.38
C SER C 117 -56.33 -29.13 -24.02
N ALA C 118 -55.34 -28.23 -24.14
CA ALA C 118 -53.94 -28.60 -23.95
C ALA C 118 -53.73 -29.35 -22.65
N VAL C 119 -53.15 -30.54 -22.75
CA VAL C 119 -52.89 -31.39 -21.60
C VAL C 119 -51.86 -30.74 -20.70
N CYS C 120 -51.72 -31.25 -19.47
CA CYS C 120 -50.69 -30.74 -18.58
C CYS C 120 -49.31 -30.81 -19.23
N VAL C 121 -49.04 -31.90 -19.94
CA VAL C 121 -47.81 -32.06 -20.69
C VAL C 121 -48.16 -32.60 -22.07
N THR C 122 -47.66 -31.95 -23.11
CA THR C 122 -47.97 -32.39 -24.47
C THR C 122 -47.28 -33.73 -24.76
N ASN C 123 -47.94 -34.53 -25.58
CA ASN C 123 -47.40 -35.78 -26.10
C ASN C 123 -46.87 -36.68 -24.98
N VAL C 124 -47.76 -37.05 -24.09
CA VAL C 124 -47.50 -38.04 -23.05
C VAL C 124 -48.69 -38.98 -23.06
N ARG C 125 -48.56 -40.13 -23.73
CA ARG C 125 -49.66 -41.04 -23.89
C ARG C 125 -49.22 -42.48 -23.63
N SER C 126 -48.38 -42.68 -22.63
CA SER C 126 -47.93 -44.01 -22.23
C SER C 126 -47.22 -43.87 -20.91
N PHE C 127 -46.58 -44.95 -20.46
CA PHE C 127 -45.60 -44.83 -19.39
C PHE C 127 -44.20 -44.70 -19.97
N THR C 128 -43.86 -45.55 -20.94
CA THR C 128 -42.58 -45.42 -21.62
C THR C 128 -42.39 -44.00 -22.14
N SER C 129 -43.45 -43.41 -22.68
CA SER C 129 -43.34 -42.02 -23.11
C SER C 129 -43.07 -41.11 -21.93
N ALA C 130 -43.73 -41.37 -20.79
CA ALA C 130 -43.44 -40.58 -19.61
C ALA C 130 -42.03 -40.82 -19.11
N PHE C 131 -41.54 -42.06 -19.21
CA PHE C 131 -40.16 -42.32 -18.83
C PHE C 131 -39.19 -41.54 -19.71
N LEU C 132 -39.44 -41.52 -21.01
CA LEU C 132 -38.58 -40.74 -21.90
C LEU C 132 -38.64 -39.26 -21.55
N PHE C 133 -39.83 -38.76 -21.25
CA PHE C 133 -39.94 -37.35 -20.85
C PHE C 133 -39.15 -37.08 -19.58
N SER C 134 -39.19 -38.00 -18.62
CA SER C 134 -38.45 -37.79 -17.38
C SER C 134 -36.95 -37.79 -17.64
N ILE C 135 -36.47 -38.71 -18.48
CA ILE C 135 -35.04 -38.71 -18.82
C ILE C 135 -34.67 -37.38 -19.48
N GLU C 136 -35.50 -36.92 -20.42
CA GLU C 136 -35.24 -35.65 -21.09
C GLU C 136 -35.13 -34.51 -20.09
N VAL C 137 -36.03 -34.44 -19.12
CA VAL C 137 -36.01 -33.30 -18.21
C VAL C 137 -34.85 -33.40 -17.25
N GLN C 138 -34.54 -34.61 -16.80
CA GLN C 138 -33.48 -34.79 -15.82
C GLN C 138 -32.11 -34.45 -16.40
N VAL C 139 -31.77 -35.04 -17.54
CA VAL C 139 -30.39 -34.99 -18.00
C VAL C 139 -30.15 -33.74 -18.83
N THR C 140 -31.11 -32.82 -18.83
CA THR C 140 -30.99 -31.55 -19.53
C THR C 140 -30.86 -31.76 -21.03
N ILE C 141 -31.77 -32.54 -21.59
CA ILE C 141 -31.80 -32.74 -23.04
C ILE C 141 -32.96 -31.95 -23.60
N GLY C 142 -34.18 -32.30 -23.20
CA GLY C 142 -35.35 -31.58 -23.64
C GLY C 142 -35.50 -31.51 -25.14
N PHE C 143 -35.82 -32.65 -25.75
CA PHE C 143 -35.87 -32.71 -27.21
C PHE C 143 -36.88 -31.72 -27.77
N GLY C 144 -38.08 -31.69 -27.21
CA GLY C 144 -39.07 -30.76 -27.70
C GLY C 144 -40.40 -31.39 -28.01
N GLY C 145 -40.37 -32.64 -28.47
CA GLY C 145 -41.62 -33.35 -28.67
C GLY C 145 -42.43 -33.46 -27.40
N ARG C 146 -41.76 -33.81 -26.30
CA ARG C 146 -42.41 -33.88 -25.00
C ARG C 146 -42.38 -32.52 -24.31
N MET C 147 -42.93 -31.53 -25.00
CA MET C 147 -42.92 -30.17 -24.52
C MET C 147 -43.90 -30.01 -23.36
N MET C 148 -43.71 -28.95 -22.58
CA MET C 148 -44.56 -28.65 -21.43
C MET C 148 -45.24 -27.31 -21.64
N THR C 149 -46.54 -27.27 -21.39
CA THR C 149 -47.30 -26.04 -21.43
C THR C 149 -47.57 -25.54 -20.01
N GLU C 150 -48.03 -24.29 -19.92
CA GLU C 150 -48.32 -23.65 -18.65
C GLU C 150 -49.80 -23.73 -18.31
N GLU C 151 -50.44 -24.85 -18.66
CA GLU C 151 -51.87 -24.98 -18.44
C GLU C 151 -52.18 -25.31 -16.99
N CYS C 152 -51.47 -26.28 -16.40
CA CYS C 152 -51.83 -26.69 -15.07
C CYS C 152 -50.68 -26.50 -14.09
N PRO C 153 -50.96 -26.10 -12.85
CA PRO C 153 -49.87 -25.76 -11.92
C PRO C 153 -49.13 -26.97 -11.37
N LEU C 154 -49.86 -28.04 -11.02
CA LEU C 154 -49.24 -29.18 -10.36
C LEU C 154 -48.08 -29.72 -11.17
N ALA C 155 -48.22 -29.75 -12.50
CA ALA C 155 -47.12 -30.18 -13.34
C ALA C 155 -45.91 -29.28 -13.16
N ILE C 156 -46.13 -27.96 -13.08
CA ILE C 156 -45.01 -27.04 -12.91
C ILE C 156 -44.32 -27.28 -11.58
N THR C 157 -45.11 -27.50 -10.53
CA THR C 157 -44.51 -27.75 -9.21
C THR C 157 -43.67 -29.02 -9.23
N VAL C 158 -44.19 -30.08 -9.87
CA VAL C 158 -43.40 -31.30 -9.99
C VAL C 158 -42.14 -31.05 -10.79
N LEU C 159 -42.23 -30.22 -11.84
CA LEU C 159 -41.06 -29.91 -12.63
C LEU C 159 -39.97 -29.27 -11.78
N ILE C 160 -40.35 -28.26 -10.99
CA ILE C 160 -39.38 -27.60 -10.12
C ILE C 160 -38.78 -28.60 -9.14
N LEU C 161 -39.63 -29.42 -8.53
CA LEU C 161 -39.15 -30.38 -7.54
C LEU C 161 -38.14 -31.33 -8.13
N GLN C 162 -38.50 -31.96 -9.25
CA GLN C 162 -37.59 -32.91 -9.87
C GLN C 162 -36.32 -32.24 -10.35
N ASN C 163 -36.44 -31.02 -10.89
CA ASN C 163 -35.27 -30.31 -11.35
C ASN C 163 -34.27 -30.10 -10.20
N ILE C 164 -34.76 -29.61 -9.06
CA ILE C 164 -33.84 -29.30 -7.96
C ILE C 164 -33.25 -30.57 -7.39
N VAL C 165 -34.06 -31.63 -7.25
CA VAL C 165 -33.54 -32.89 -6.72
C VAL C 165 -32.47 -33.44 -7.66
N GLY C 166 -32.74 -33.38 -8.96
CA GLY C 166 -31.75 -33.84 -9.92
C GLY C 166 -30.44 -33.09 -9.81
N LEU C 167 -30.50 -31.77 -9.67
CA LEU C 167 -29.26 -31.03 -9.52
C LEU C 167 -28.52 -31.44 -8.26
N ILE C 168 -29.24 -31.64 -7.15
CA ILE C 168 -28.55 -32.02 -5.92
C ILE C 168 -27.86 -33.37 -6.09
N ILE C 169 -28.54 -34.33 -6.72
CA ILE C 169 -27.92 -35.64 -6.93
C ILE C 169 -26.72 -35.53 -7.85
N ASN C 170 -26.83 -34.68 -8.88
CA ASN C 170 -25.70 -34.45 -9.78
C ASN C 170 -24.50 -33.93 -9.00
N ALA C 171 -24.71 -32.93 -8.14
CA ALA C 171 -23.62 -32.39 -7.36
C ALA C 171 -23.01 -33.43 -6.43
N VAL C 172 -23.86 -34.24 -5.78
CA VAL C 172 -23.35 -35.24 -4.85
C VAL C 172 -22.46 -36.23 -5.58
N MET C 173 -22.92 -36.76 -6.71
CA MET C 173 -22.14 -37.77 -7.41
C MET C 173 -20.86 -37.19 -7.99
N LEU C 174 -20.92 -35.96 -8.50
CA LEU C 174 -19.69 -35.34 -8.97
C LEU C 174 -18.69 -35.17 -7.84
N GLY C 175 -19.16 -34.73 -6.67
CA GLY C 175 -18.26 -34.61 -5.53
C GLY C 175 -17.65 -35.94 -5.14
N CYS C 176 -18.45 -37.00 -5.13
CA CYS C 176 -17.94 -38.33 -4.81
C CYS C 176 -16.82 -38.74 -5.78
N ILE C 177 -17.08 -38.61 -7.07
CA ILE C 177 -16.10 -39.07 -8.05
C ILE C 177 -14.85 -38.21 -7.95
N PHE C 178 -15.00 -36.92 -7.66
CA PHE C 178 -13.79 -36.12 -7.59
C PHE C 178 -13.00 -36.38 -6.31
N MET C 179 -13.69 -36.64 -5.20
CA MET C 179 -12.98 -37.03 -3.99
C MET C 179 -12.16 -38.28 -4.24
N LYS C 180 -12.75 -39.27 -4.92
CA LYS C 180 -11.98 -40.47 -5.22
C LYS C 180 -10.81 -40.15 -6.14
N THR C 181 -11.01 -39.24 -7.10
CA THR C 181 -9.91 -38.85 -7.98
C THR C 181 -8.77 -38.24 -7.19
N ALA C 182 -9.08 -37.44 -6.17
CA ALA C 182 -8.05 -36.79 -5.37
C ALA C 182 -7.24 -37.77 -4.54
N GLN C 183 -7.61 -39.05 -4.49
CA GLN C 183 -6.88 -40.05 -3.74
C GLN C 183 -6.20 -41.07 -4.64
N ALA C 184 -5.84 -40.66 -5.86
CA ALA C 184 -5.14 -41.55 -6.76
C ALA C 184 -3.77 -41.94 -6.21
N HIS C 185 -3.02 -40.96 -5.71
CA HIS C 185 -1.69 -41.25 -5.20
C HIS C 185 -1.74 -42.19 -4.00
N ARG C 186 -2.68 -41.96 -3.09
CA ARG C 186 -2.79 -42.77 -1.87
C ARG C 186 -3.19 -44.18 -2.27
N ARG C 187 -2.23 -45.10 -2.27
CA ARG C 187 -2.41 -46.41 -2.85
C ARG C 187 -2.38 -47.54 -1.82
N ALA C 188 -1.30 -47.67 -1.08
CA ALA C 188 -1.14 -48.77 -0.11
C ALA C 188 0.08 -48.46 0.75
N GLU C 189 0.46 -49.43 1.58
CA GLU C 189 1.62 -49.33 2.45
C GLU C 189 2.64 -50.39 2.06
N THR C 190 3.90 -49.99 1.93
CA THR C 190 4.99 -50.91 1.61
C THR C 190 6.18 -50.54 2.47
N LEU C 191 6.54 -51.41 3.40
CA LEU C 191 7.74 -51.25 4.21
C LEU C 191 8.26 -52.63 4.57
N ILE C 192 9.52 -52.89 4.25
CA ILE C 192 10.07 -54.24 4.28
C ILE C 192 10.81 -54.40 5.60
N PHE C 193 10.14 -55.01 6.57
CA PHE C 193 10.77 -55.38 7.83
C PHE C 193 11.36 -56.79 7.71
N SER C 194 11.74 -57.37 8.83
CA SER C 194 12.27 -58.73 8.84
C SER C 194 11.60 -59.55 9.92
N ARG C 195 11.55 -60.85 9.70
CA ARG C 195 10.98 -61.78 10.66
C ARG C 195 12.00 -62.25 11.69
N HIS C 196 13.21 -61.72 11.66
CA HIS C 196 14.28 -62.22 12.53
C HIS C 196 15.08 -61.06 13.09
N ALA C 197 15.07 -60.93 14.41
CA ALA C 197 15.93 -59.98 15.10
C ALA C 197 17.19 -60.69 15.56
N VAL C 198 18.32 -60.01 15.47
CA VAL C 198 19.61 -60.58 15.75
C VAL C 198 20.15 -60.00 17.05
N ILE C 199 20.52 -60.88 17.99
CA ILE C 199 21.20 -60.46 19.21
C ILE C 199 22.67 -60.87 19.07
N ALA C 200 23.49 -59.96 18.56
CA ALA C 200 24.87 -60.31 18.22
C ALA C 200 25.81 -59.21 18.69
N VAL C 201 27.06 -59.61 18.94
CA VAL C 201 28.07 -58.68 19.43
C VAL C 201 28.35 -57.63 18.37
N ARG C 202 28.71 -56.43 18.83
CA ARG C 202 29.10 -55.34 17.94
C ARG C 202 29.92 -54.35 18.74
N ASN C 203 31.21 -54.27 18.43
CA ASN C 203 32.12 -53.33 19.08
C ASN C 203 32.01 -53.42 20.60
N GLY C 204 32.14 -54.64 21.13
CA GLY C 204 32.19 -54.84 22.56
C GLY C 204 30.91 -54.50 23.31
N LYS C 205 29.79 -55.06 22.86
CA LYS C 205 28.51 -54.97 23.58
C LYS C 205 27.52 -55.88 22.86
N LEU C 206 26.30 -55.94 23.39
CA LEU C 206 25.24 -56.69 22.75
C LEU C 206 24.38 -55.75 21.90
N CYS C 207 23.37 -56.31 21.25
CA CYS C 207 22.46 -55.53 20.43
C CYS C 207 21.17 -56.32 20.22
N PHE C 208 20.15 -55.63 19.68
CA PHE C 208 18.96 -56.28 19.14
C PHE C 208 18.67 -55.58 17.81
N MET C 209 19.32 -56.03 16.75
CA MET C 209 19.21 -55.35 15.47
C MET C 209 18.03 -55.89 14.68
N PHE C 210 17.66 -55.13 13.65
CA PHE C 210 16.75 -55.62 12.63
C PHE C 210 16.95 -54.80 11.37
N ARG C 211 16.37 -55.29 10.28
CA ARG C 211 16.58 -54.69 8.97
C ARG C 211 15.31 -53.98 8.51
N VAL C 212 15.49 -52.78 7.98
CA VAL C 212 14.38 -51.97 7.47
C VAL C 212 14.64 -51.68 6.00
N GLY C 213 13.63 -51.89 5.17
CA GLY C 213 13.73 -51.64 3.75
C GLY C 213 12.78 -50.54 3.28
N ASP C 214 12.71 -50.41 1.96
CA ASP C 214 11.75 -49.52 1.32
C ASP C 214 11.64 -49.93 -0.13
N LEU C 215 10.40 -50.04 -0.62
CA LEU C 215 10.14 -50.43 -2.00
C LEU C 215 9.80 -49.25 -2.90
N ARG C 216 8.96 -48.36 -2.43
CA ARG C 216 8.51 -47.24 -3.26
C ARG C 216 9.69 -46.37 -3.67
N LYS C 217 9.62 -45.84 -4.89
CA LYS C 217 10.70 -45.01 -5.40
C LYS C 217 10.85 -43.70 -4.64
N SER C 218 9.88 -43.31 -3.83
CA SER C 218 9.99 -42.08 -3.08
C SER C 218 10.93 -42.25 -1.89
N MET C 219 11.37 -41.11 -1.35
CA MET C 219 12.21 -41.09 -0.15
C MET C 219 11.40 -40.48 0.98
N ILE C 220 11.22 -41.24 2.06
CA ILE C 220 10.38 -40.80 3.17
C ILE C 220 11.06 -39.65 3.88
N ILE C 221 10.39 -38.50 3.91
CA ILE C 221 10.96 -37.28 4.45
C ILE C 221 10.71 -37.21 5.95
N SER C 222 11.77 -36.94 6.72
CA SER C 222 11.68 -36.74 8.16
C SER C 222 11.20 -38.00 8.87
N ALA C 223 11.72 -39.15 8.46
CA ALA C 223 11.36 -40.40 9.10
C ALA C 223 11.89 -40.46 10.52
N SER C 224 11.26 -41.30 11.33
CA SER C 224 11.71 -41.54 12.69
C SER C 224 11.45 -43.00 13.05
N VAL C 225 12.27 -43.51 13.96
CA VAL C 225 12.16 -44.87 14.46
C VAL C 225 11.93 -44.83 15.96
N ARG C 226 11.20 -45.81 16.48
CA ARG C 226 11.00 -45.96 17.91
C ARG C 226 10.98 -47.43 18.27
N ILE C 227 11.60 -47.77 19.40
CA ILE C 227 11.68 -49.12 19.90
C ILE C 227 11.12 -49.17 21.32
N GLN C 228 10.14 -50.05 21.53
CA GLN C 228 9.47 -50.18 22.80
C GLN C 228 9.48 -51.63 23.26
N VAL C 229 9.43 -51.82 24.57
CA VAL C 229 9.50 -53.13 25.19
C VAL C 229 8.24 -53.32 26.03
N VAL C 230 7.56 -54.43 25.81
CA VAL C 230 6.32 -54.74 26.54
C VAL C 230 6.55 -55.98 27.39
N LYS C 231 6.23 -55.86 28.67
CA LYS C 231 6.25 -56.99 29.60
C LYS C 231 5.40 -56.63 30.81
N LYS C 232 4.91 -57.66 31.48
CA LYS C 232 4.21 -57.48 32.75
C LYS C 232 5.19 -56.98 33.80
N THR C 233 4.73 -56.06 34.67
CA THR C 233 5.64 -55.49 35.64
C THR C 233 4.96 -55.35 37.00
N THR C 234 5.79 -55.41 38.05
CA THR C 234 5.36 -55.24 39.43
C THR C 234 6.26 -54.19 40.08
N THR C 235 5.71 -53.01 40.33
CA THR C 235 6.46 -51.94 40.96
C THR C 235 6.81 -52.30 42.40
N PRO C 236 7.85 -51.69 42.96
CA PRO C 236 8.28 -52.07 44.32
C PRO C 236 7.18 -51.95 45.35
N GLU C 237 6.24 -51.03 45.17
CA GLU C 237 5.16 -50.87 46.13
C GLU C 237 4.01 -51.85 45.89
N GLY C 238 4.23 -52.90 45.11
CA GLY C 238 3.25 -53.95 44.95
C GLY C 238 2.17 -53.72 43.93
N GLU C 239 2.15 -52.56 43.27
CA GLU C 239 1.18 -52.31 42.21
C GLU C 239 1.70 -52.89 40.91
N VAL C 240 0.83 -53.55 40.17
CA VAL C 240 1.23 -54.27 38.97
C VAL C 240 0.61 -53.58 37.76
N VAL C 241 1.33 -53.65 36.65
CA VAL C 241 0.83 -53.20 35.36
C VAL C 241 0.93 -54.38 34.39
N PRO C 242 -0.18 -54.85 33.84
CA PRO C 242 -0.18 -56.11 33.07
C PRO C 242 0.56 -55.99 31.75
N ILE C 243 0.19 -55.00 30.94
CA ILE C 243 1.01 -54.60 29.81
C ILE C 243 1.57 -53.24 30.13
N HIS C 244 2.63 -52.87 29.43
CA HIS C 244 3.36 -51.66 29.77
C HIS C 244 4.34 -51.39 28.65
N GLN C 245 4.50 -50.13 28.28
CA GLN C 245 5.41 -49.74 27.22
C GLN C 245 6.60 -49.02 27.84
N GLN C 246 7.68 -49.76 28.07
CA GLN C 246 8.94 -49.09 28.32
C GLN C 246 9.56 -48.73 26.98
N ASP C 247 10.42 -47.72 26.98
CA ASP C 247 11.09 -47.36 25.74
C ASP C 247 12.55 -47.74 25.82
N ILE C 248 13.19 -47.86 24.66
CA ILE C 248 14.62 -48.15 24.64
C ILE C 248 15.25 -47.19 23.65
N PRO C 249 16.41 -46.63 23.93
CA PRO C 249 17.01 -45.67 23.00
C PRO C 249 17.46 -46.39 21.75
N VAL C 250 17.51 -45.63 20.66
CA VAL C 250 18.06 -46.13 19.40
C VAL C 250 19.47 -45.59 19.26
N ASP C 251 20.42 -46.47 19.01
CA ASP C 251 21.81 -46.06 18.95
C ASP C 251 22.04 -45.12 17.77
N ASN C 252 22.66 -43.98 18.03
CA ASN C 252 22.96 -42.98 17.03
C ASN C 252 23.98 -42.02 17.61
N PRO C 253 25.06 -41.71 16.89
CA PRO C 253 26.11 -40.87 17.47
C PRO C 253 25.68 -39.46 17.81
N ILE C 254 24.41 -39.11 17.61
CA ILE C 254 23.90 -37.83 18.06
C ILE C 254 22.62 -38.01 18.85
N GLU C 255 22.26 -39.27 19.14
CA GLU C 255 21.04 -39.60 19.87
C GLU C 255 19.83 -38.89 19.25
N SER C 256 19.60 -39.16 17.97
CA SER C 256 18.51 -38.55 17.24
C SER C 256 17.67 -39.65 16.60
N ASN C 257 16.38 -39.63 16.85
CA ASN C 257 15.49 -40.64 16.30
C ASN C 257 15.23 -40.47 14.82
N ASN C 258 15.78 -39.43 14.18
CA ASN C 258 15.65 -39.30 12.74
C ASN C 258 16.56 -40.30 12.05
N ILE C 259 16.18 -40.69 10.83
CA ILE C 259 16.93 -41.70 10.09
C ILE C 259 16.64 -41.49 8.61
N PHE C 260 17.50 -42.08 7.76
CA PHE C 260 17.48 -41.84 6.32
C PHE C 260 17.58 -43.21 5.64
N LEU C 261 16.43 -43.79 5.30
CA LEU C 261 16.36 -45.14 4.75
C LEU C 261 16.34 -45.05 3.23
N VAL C 262 17.50 -45.23 2.61
CA VAL C 262 17.58 -45.32 1.15
C VAL C 262 17.75 -46.79 0.78
N ALA C 263 18.86 -47.37 1.19
CA ALA C 263 19.09 -48.80 1.10
C ALA C 263 18.40 -49.44 2.31
N PRO C 264 18.42 -50.77 2.41
CA PRO C 264 18.10 -51.37 3.71
C PRO C 264 19.08 -50.89 4.76
N LEU C 265 18.56 -50.65 5.96
CA LEU C 265 19.36 -50.22 7.09
C LEU C 265 19.24 -51.23 8.21
N ILE C 266 20.17 -51.17 9.15
CA ILE C 266 20.22 -52.10 10.27
C ILE C 266 20.03 -51.28 11.54
N ILE C 267 18.77 -51.15 11.97
CA ILE C 267 18.50 -50.53 13.26
C ILE C 267 19.12 -51.39 14.35
N CYS C 268 19.68 -50.74 15.37
CA CYS C 268 20.22 -51.44 16.53
C CYS C 268 19.92 -50.65 17.79
N HIS C 269 19.84 -51.36 18.92
CA HIS C 269 19.52 -50.73 20.21
C HIS C 269 20.45 -51.31 21.28
N VAL C 270 21.60 -50.66 21.45
CA VAL C 270 22.64 -51.21 22.30
C VAL C 270 22.09 -51.44 23.72
N ILE C 271 22.64 -52.44 24.40
CA ILE C 271 22.20 -52.81 25.73
C ILE C 271 23.19 -52.22 26.73
N ASP C 272 22.87 -51.06 27.27
CA ASP C 272 23.63 -50.50 28.37
C ASP C 272 23.24 -51.22 29.65
N LYS C 273 23.89 -50.83 30.77
CA LYS C 273 23.55 -51.44 32.04
C LYS C 273 22.14 -51.08 32.47
N ARG C 274 21.60 -49.97 32.01
CA ARG C 274 20.30 -49.49 32.45
C ARG C 274 19.17 -49.85 31.51
N SER C 275 19.44 -50.59 30.45
CA SER C 275 18.35 -50.99 29.57
C SER C 275 17.55 -52.12 30.21
N PRO C 276 16.26 -52.24 29.85
CA PRO C 276 15.46 -53.35 30.40
C PRO C 276 15.99 -54.72 30.05
N LEU C 277 16.62 -54.88 28.88
CA LEU C 277 17.15 -56.17 28.46
C LEU C 277 18.50 -56.49 29.08
N TYR C 278 18.90 -55.80 30.15
CA TYR C 278 20.24 -55.98 30.67
C TYR C 278 20.42 -57.30 31.39
N ASP C 279 19.33 -57.94 31.80
CA ASP C 279 19.43 -59.19 32.55
C ASP C 279 18.71 -60.33 31.83
N ILE C 280 18.92 -60.44 30.52
CA ILE C 280 18.21 -61.43 29.73
C ILE C 280 18.79 -62.81 29.97
N SER C 281 17.97 -63.83 29.76
CA SER C 281 18.37 -65.24 29.89
C SER C 281 18.99 -65.66 28.56
N ALA C 282 20.30 -65.43 28.44
CA ALA C 282 20.98 -65.53 27.15
C ALA C 282 20.71 -66.86 26.47
N THR C 283 20.86 -67.96 27.19
CA THR C 283 20.57 -69.28 26.65
C THR C 283 19.15 -69.72 26.95
N ASP C 284 18.35 -68.88 27.60
CA ASP C 284 16.99 -69.23 27.98
C ASP C 284 16.01 -68.16 27.49
N LEU C 285 16.12 -67.82 26.21
CA LEU C 285 15.11 -66.99 25.57
C LEU C 285 13.93 -67.83 25.13
N VAL C 286 13.41 -68.65 26.04
CA VAL C 286 12.25 -69.49 25.74
C VAL C 286 11.19 -69.24 26.80
N ASN C 287 11.56 -69.44 28.06
CA ASN C 287 10.65 -69.17 29.18
C ASN C 287 10.77 -67.74 29.66
N GLN C 288 10.64 -66.81 28.73
CA GLN C 288 10.75 -65.39 29.00
C GLN C 288 9.50 -64.68 28.52
N ASP C 289 8.99 -63.77 29.34
CA ASP C 289 7.78 -63.02 29.03
C ASP C 289 8.20 -61.65 28.52
N LEU C 290 8.26 -61.52 27.20
CA LEU C 290 8.88 -60.35 26.59
C LEU C 290 8.17 -60.04 25.28
N GLU C 291 8.27 -58.80 24.83
CA GLU C 291 7.95 -58.49 23.45
C GLU C 291 8.64 -57.19 23.04
N VAL C 292 9.10 -57.12 21.80
CA VAL C 292 9.74 -55.92 21.27
C VAL C 292 8.87 -55.35 20.17
N ILE C 293 8.68 -54.04 20.18
CA ILE C 293 7.82 -53.35 19.23
C ILE C 293 8.65 -52.32 18.50
N VAL C 294 8.48 -52.25 17.18
CA VAL C 294 9.16 -51.26 16.35
C VAL C 294 8.10 -50.44 15.64
N ILE C 295 8.25 -49.12 15.69
CA ILE C 295 7.30 -48.20 15.08
C ILE C 295 8.06 -47.17 14.26
N LEU C 296 7.67 -47.02 12.99
CA LEU C 296 8.36 -46.15 12.05
C LEU C 296 7.37 -45.11 11.54
N GLU C 297 7.73 -43.84 11.68
CA GLU C 297 6.87 -42.73 11.31
C GLU C 297 7.48 -41.95 10.17
N GLY C 298 6.65 -41.43 9.28
CA GLY C 298 7.21 -40.62 8.21
C GLY C 298 6.16 -39.88 7.42
N VAL C 299 6.63 -39.11 6.46
CA VAL C 299 5.79 -38.42 5.50
C VAL C 299 6.38 -38.68 4.12
N VAL C 300 5.53 -39.04 3.16
CA VAL C 300 5.97 -39.37 1.82
C VAL C 300 6.08 -38.09 1.00
N GLU C 301 7.24 -37.88 0.39
CA GLU C 301 7.55 -36.63 -0.29
C GLU C 301 6.90 -36.52 -1.65
N THR C 302 5.99 -37.42 -2.01
CA THR C 302 5.22 -37.29 -3.25
C THR C 302 3.80 -36.81 -3.01
N THR C 303 3.13 -37.36 -2.00
CA THR C 303 1.78 -36.90 -1.66
C THR C 303 1.83 -35.84 -0.57
N GLY C 304 2.42 -36.18 0.57
CA GLY C 304 2.37 -35.34 1.74
C GLY C 304 1.60 -35.97 2.88
N ILE C 305 1.07 -37.18 2.69
CA ILE C 305 0.30 -37.85 3.72
C ILE C 305 1.24 -38.44 4.76
N THR C 306 0.97 -38.16 6.02
CA THR C 306 1.69 -38.83 7.09
C THR C 306 1.40 -40.33 7.04
N THR C 307 2.32 -41.13 7.56
CA THR C 307 2.10 -42.57 7.59
C THR C 307 2.96 -43.19 8.67
N GLN C 308 2.59 -44.41 9.06
CA GLN C 308 3.23 -45.09 10.17
C GLN C 308 3.11 -46.59 9.97
N ALA C 309 4.24 -47.29 10.07
CA ALA C 309 4.28 -48.74 10.00
C ALA C 309 4.79 -49.28 11.32
N ARG C 310 4.53 -50.56 11.58
CA ARG C 310 4.86 -51.11 12.89
C ARG C 310 4.94 -52.62 12.79
N THR C 311 5.62 -53.21 13.77
CA THR C 311 5.75 -54.66 13.84
C THR C 311 6.25 -55.04 15.22
N SER C 312 6.27 -56.35 15.48
CA SER C 312 6.63 -56.85 16.79
C SER C 312 7.41 -58.15 16.68
N TYR C 313 8.34 -58.33 17.61
CA TYR C 313 9.14 -59.54 17.73
C TYR C 313 8.80 -60.21 19.05
N ILE C 314 8.30 -61.44 18.97
CA ILE C 314 8.13 -62.31 20.13
C ILE C 314 9.46 -62.98 20.40
N ALA C 315 9.58 -63.65 21.54
CA ALA C 315 10.84 -64.27 21.92
C ALA C 315 11.29 -65.31 20.91
N GLU C 316 10.34 -66.11 20.41
CA GLU C 316 10.71 -67.25 19.58
C GLU C 316 11.24 -66.86 18.21
N GLU C 317 11.00 -65.62 17.76
CA GLU C 317 11.45 -65.17 16.45
C GLU C 317 12.69 -64.30 16.54
N ILE C 318 13.48 -64.42 17.60
CA ILE C 318 14.69 -63.62 17.78
C ILE C 318 15.86 -64.59 17.78
N GLN C 319 16.47 -64.79 16.62
CA GLN C 319 17.64 -65.64 16.55
C GLN C 319 18.76 -65.03 17.37
N TRP C 320 19.54 -65.89 18.02
CA TRP C 320 20.64 -65.48 18.86
C TRP C 320 21.96 -65.80 18.16
N GLY C 321 22.95 -64.94 18.36
CA GLY C 321 24.28 -65.18 17.83
C GLY C 321 24.37 -64.97 16.34
N HIS C 322 23.26 -65.08 15.65
CA HIS C 322 23.24 -64.96 14.20
C HIS C 322 23.28 -63.49 13.82
N ARG C 323 24.23 -63.10 12.97
CA ARG C 323 24.32 -61.70 12.57
C ARG C 323 23.88 -61.54 11.11
N PHE C 324 23.41 -60.34 10.78
CA PHE C 324 22.85 -60.09 9.47
C PHE C 324 23.96 -60.06 8.42
N VAL C 325 23.55 -60.10 7.16
CA VAL C 325 24.43 -60.36 6.04
C VAL C 325 24.61 -59.10 5.22
N SER C 326 25.87 -58.78 4.88
CA SER C 326 26.14 -57.65 4.02
C SER C 326 25.47 -57.84 2.67
N ILE C 327 25.02 -56.72 2.10
CA ILE C 327 24.20 -56.79 0.89
C ILE C 327 24.89 -56.09 -0.27
N VAL C 328 25.21 -54.81 -0.09
CA VAL C 328 25.65 -53.99 -1.21
C VAL C 328 27.01 -54.46 -1.70
N THR C 329 27.13 -54.67 -3.01
CA THR C 329 28.39 -55.05 -3.64
C THR C 329 28.55 -54.23 -4.92
N GLU C 330 29.50 -53.31 -4.93
CA GLU C 330 29.76 -52.51 -6.12
C GLU C 330 30.16 -53.41 -7.28
N GLU C 331 29.52 -53.20 -8.44
CA GLU C 331 29.73 -54.07 -9.60
C GLU C 331 30.41 -53.34 -10.75
N GLU C 332 29.82 -52.25 -11.25
CA GLU C 332 30.35 -51.54 -12.40
C GLU C 332 30.27 -50.04 -12.20
N GLY C 333 30.63 -49.57 -11.01
CA GLY C 333 30.51 -48.17 -10.70
C GLY C 333 29.13 -47.71 -10.32
N VAL C 334 28.18 -48.64 -10.19
CA VAL C 334 26.84 -48.34 -9.70
C VAL C 334 26.53 -49.29 -8.56
N TYR C 335 26.13 -48.74 -7.43
CA TYR C 335 25.92 -49.57 -6.24
C TYR C 335 24.75 -50.52 -6.44
N SER C 336 24.90 -51.73 -5.92
CA SER C 336 23.92 -52.79 -6.10
C SER C 336 23.34 -53.19 -4.74
N VAL C 337 22.04 -53.41 -4.71
CA VAL C 337 21.34 -53.90 -3.51
C VAL C 337 20.48 -55.07 -3.93
N ASP C 338 20.68 -56.22 -3.28
CA ASP C 338 19.97 -57.44 -3.63
C ASP C 338 19.14 -57.87 -2.42
N TYR C 339 17.83 -58.04 -2.64
CA TYR C 339 16.96 -58.54 -1.59
C TYR C 339 16.94 -60.04 -1.50
N SER C 340 17.63 -60.74 -2.41
CA SER C 340 17.67 -62.20 -2.35
C SER C 340 18.10 -62.66 -0.96
N LYS C 341 19.17 -62.08 -0.45
CA LYS C 341 19.64 -62.35 0.91
C LYS C 341 19.21 -61.25 1.88
N PHE C 342 18.01 -60.70 1.69
CA PHE C 342 17.58 -59.57 2.51
C PHE C 342 17.61 -59.90 4.00
N GLY C 343 16.97 -60.99 4.39
CA GLY C 343 16.77 -61.26 5.79
C GLY C 343 17.17 -62.65 6.25
N ASN C 344 18.24 -63.18 5.68
CA ASN C 344 18.83 -64.42 6.16
C ASN C 344 20.15 -64.10 6.83
N THR C 345 20.40 -64.71 7.98
CA THR C 345 21.50 -64.33 8.84
C THR C 345 22.51 -65.46 8.94
N VAL C 346 23.79 -65.11 9.00
CA VAL C 346 24.85 -66.09 9.12
C VAL C 346 25.12 -66.36 10.59
N ARG C 347 25.23 -67.63 10.93
CA ARG C 347 25.62 -68.01 12.28
C ARG C 347 27.06 -67.58 12.53
N VAL C 348 27.28 -67.00 13.71
CA VAL C 348 28.62 -66.61 14.15
C VAL C 348 28.70 -66.85 15.65
N ALA C 349 29.78 -67.47 16.10
CA ALA C 349 29.93 -67.75 17.52
C ALA C 349 29.93 -66.46 18.32
N ALA C 350 29.35 -66.53 19.51
CA ALA C 350 29.19 -65.35 20.36
C ALA C 350 29.08 -65.81 21.81
N PRO C 351 29.38 -64.93 22.76
CA PRO C 351 29.24 -65.32 24.17
C PRO C 351 27.79 -65.60 24.52
N ARG C 352 27.60 -66.44 25.54
CA ARG C 352 26.27 -66.86 25.99
C ARG C 352 26.18 -66.59 27.49
N CYS C 353 25.82 -65.35 27.83
CA CYS C 353 25.62 -64.92 29.21
C CYS C 353 25.03 -63.52 29.16
N SER C 354 24.26 -63.18 30.18
CA SER C 354 23.64 -61.86 30.22
C SER C 354 24.70 -60.77 30.19
N ALA C 355 24.31 -59.60 29.68
CA ALA C 355 25.23 -58.48 29.63
C ALA C 355 25.72 -58.11 31.02
N ARG C 356 24.90 -58.33 32.04
CA ARG C 356 25.39 -58.19 33.41
C ARG C 356 26.48 -59.20 33.70
N GLU C 357 26.33 -60.43 33.22
CA GLU C 357 27.36 -61.43 33.38
C GLU C 357 28.56 -61.19 32.47
N LEU C 358 28.36 -60.46 31.38
CA LEU C 358 29.45 -60.11 30.47
C LEU C 358 30.11 -58.78 30.83
N ASP C 359 29.63 -58.12 31.87
CA ASP C 359 30.24 -56.87 32.33
C ASP C 359 30.80 -56.96 33.74
N GLU C 360 30.11 -57.67 34.65
CA GLU C 360 30.57 -57.76 36.02
C GLU C 360 31.97 -58.36 36.11
N LYS C 361 32.21 -59.34 35.26
CA LYS C 361 33.52 -59.94 35.21
C LYS C 361 34.39 -58.96 34.42
N PRO C 362 35.68 -58.96 34.70
CA PRO C 362 36.50 -57.98 33.99
C PRO C 362 36.51 -58.19 32.48
N SER C 363 36.67 -59.43 32.04
CA SER C 363 36.65 -59.65 30.62
C SER C 363 36.03 -60.97 30.28
N ILE C 364 35.01 -60.92 29.46
CA ILE C 364 34.40 -62.15 29.00
C ILE C 364 34.23 -61.91 27.50
N LEU C 365 35.35 -61.66 26.84
CA LEU C 365 35.40 -61.43 25.42
C LEU C 365 36.18 -62.55 24.77
N ILE C 366 36.26 -63.69 25.44
CA ILE C 366 37.03 -64.82 24.95
C ILE C 366 36.52 -65.28 23.59
N GLN C 367 35.20 -65.34 23.44
CA GLN C 367 34.55 -65.71 22.19
C GLN C 367 35.14 -66.95 21.51
N ARG D 30 -20.62 -16.06 45.55
CA ARG D 30 -21.08 -17.43 45.75
C ARG D 30 -20.40 -18.36 44.77
N LEU D 31 -19.86 -17.78 43.70
CA LEU D 31 -19.18 -18.55 42.67
C LEU D 31 -17.88 -19.10 43.20
N PRO D 32 -17.41 -20.23 42.66
CA PRO D 32 -16.19 -20.94 43.01
C PRO D 32 -15.01 -20.28 42.33
N LYS D 33 -13.78 -20.68 42.64
CA LYS D 33 -12.65 -20.01 42.03
C LYS D 33 -12.67 -20.23 40.52
N ALA D 34 -12.36 -19.17 39.78
CA ALA D 34 -12.43 -19.22 38.33
C ALA D 34 -11.49 -20.29 37.79
N ARG D 35 -12.02 -21.16 36.93
CA ARG D 35 -11.28 -22.26 36.35
C ARG D 35 -10.75 -21.88 34.98
N PHE D 36 -9.50 -22.26 34.70
CA PHE D 36 -8.87 -21.84 33.45
C PHE D 36 -9.42 -22.62 32.26
N ILE D 37 -9.66 -23.93 32.43
CA ILE D 37 -10.14 -24.77 31.34
C ILE D 37 -11.20 -25.70 31.87
N ALA D 38 -12.43 -25.58 31.36
CA ALA D 38 -13.49 -26.48 31.76
C ALA D 38 -13.18 -27.89 31.31
N LYS D 39 -13.90 -28.86 31.89
CA LYS D 39 -13.59 -30.27 31.65
C LYS D 39 -13.64 -30.62 30.17
N SER D 40 -14.46 -29.93 29.39
CA SER D 40 -14.52 -30.18 27.95
C SER D 40 -13.63 -29.19 27.19
N GLY D 41 -12.36 -29.12 27.58
CA GLY D 41 -11.45 -28.19 26.93
C GLY D 41 -11.99 -26.78 26.99
N ALA D 42 -12.02 -26.11 25.84
CA ALA D 42 -12.77 -24.87 25.65
C ALA D 42 -12.33 -23.80 26.66
N CYS D 43 -11.09 -23.35 26.50
CA CYS D 43 -10.54 -22.31 27.34
C CYS D 43 -11.50 -21.14 27.46
N ASN D 44 -12.03 -20.91 28.65
CA ASN D 44 -13.08 -19.91 28.84
C ASN D 44 -12.48 -18.59 29.34
N LEU D 45 -11.54 -18.06 28.56
CA LEU D 45 -11.13 -16.69 28.76
C LEU D 45 -12.07 -15.74 28.02
N ALA D 46 -11.95 -14.45 28.31
CA ALA D 46 -12.87 -13.47 27.76
C ALA D 46 -12.06 -12.22 27.40
N HIS D 47 -11.63 -12.13 26.16
CA HIS D 47 -10.86 -10.99 25.70
C HIS D 47 -11.79 -9.81 25.48
N LYS D 48 -11.49 -8.69 26.14
CA LYS D 48 -12.19 -7.44 25.89
C LYS D 48 -11.17 -6.40 25.43
N ASN D 49 -11.65 -5.16 25.24
CA ASN D 49 -10.82 -4.06 24.74
C ASN D 49 -10.11 -4.47 23.45
N ILE D 50 -10.90 -4.78 22.44
CA ILE D 50 -10.41 -5.31 21.17
C ILE D 50 -10.63 -4.29 20.07
N ARG D 51 -9.65 -4.15 19.18
CA ARG D 51 -9.72 -3.22 18.07
C ARG D 51 -10.53 -3.87 16.95
N GLU D 52 -11.86 -3.77 17.09
CA GLU D 52 -12.79 -4.48 16.20
C GLU D 52 -12.69 -3.94 14.78
N GLN D 53 -12.11 -4.72 13.88
CA GLN D 53 -11.96 -4.32 12.48
C GLN D 53 -13.31 -4.13 11.80
N GLY D 54 -14.06 -5.21 11.67
CA GLY D 54 -15.29 -5.18 10.91
C GLY D 54 -15.59 -6.57 10.34
N ARG D 55 -16.07 -6.58 9.11
CA ARG D 55 -16.43 -7.86 8.49
C ARG D 55 -15.80 -8.06 7.12
N PHE D 56 -15.65 -7.01 6.32
CA PHE D 56 -15.04 -6.98 4.99
C PHE D 56 -15.90 -7.63 3.91
N LEU D 57 -17.06 -8.19 4.25
CA LEU D 57 -17.99 -8.80 3.30
C LEU D 57 -17.42 -10.08 2.68
N GLN D 58 -16.16 -10.38 2.97
CA GLN D 58 -15.60 -11.69 2.63
C GLN D 58 -15.82 -12.71 3.73
N ASP D 59 -16.34 -12.29 4.88
CA ASP D 59 -16.68 -13.22 5.94
C ASP D 59 -17.90 -14.05 5.59
N ILE D 60 -18.84 -13.47 4.84
CA ILE D 60 -20.07 -14.18 4.52
C ILE D 60 -19.76 -15.46 3.75
N PHE D 61 -18.87 -15.37 2.76
CA PHE D 61 -18.55 -16.55 1.97
C PHE D 61 -17.80 -17.59 2.79
N THR D 62 -16.93 -17.13 3.69
CA THR D 62 -16.24 -18.06 4.60
C THR D 62 -17.24 -18.80 5.46
N THR D 63 -18.24 -18.10 5.98
CA THR D 63 -19.28 -18.79 6.76
C THR D 63 -20.07 -19.74 5.88
N LEU D 64 -20.40 -19.32 4.66
CA LEU D 64 -21.25 -20.13 3.80
C LEU D 64 -20.58 -21.45 3.44
N VAL D 65 -19.26 -21.45 3.26
CA VAL D 65 -18.60 -22.69 2.88
C VAL D 65 -18.70 -23.74 3.98
N ASP D 66 -18.93 -23.34 5.22
CA ASP D 66 -19.02 -24.27 6.36
C ASP D 66 -20.34 -24.05 7.08
N LEU D 67 -21.34 -24.87 6.76
CA LEU D 67 -22.60 -24.87 7.46
C LEU D 67 -23.02 -26.29 7.73
N LYS D 68 -23.85 -26.47 8.75
CA LYS D 68 -24.44 -27.78 8.98
C LYS D 68 -25.31 -28.16 7.80
N TRP D 69 -25.22 -29.42 7.38
CA TRP D 69 -25.86 -29.90 6.15
C TRP D 69 -27.33 -29.53 6.08
N ARG D 70 -27.99 -29.29 7.22
CA ARG D 70 -29.39 -28.91 7.18
C ARG D 70 -29.60 -27.65 6.37
N HIS D 71 -28.67 -26.69 6.47
CA HIS D 71 -28.85 -25.43 5.76
C HIS D 71 -28.43 -25.53 4.29
N THR D 72 -27.35 -26.23 4.00
CA THR D 72 -26.90 -26.28 2.61
C THR D 72 -27.76 -27.12 1.72
N LEU D 73 -28.90 -27.63 2.18
CA LEU D 73 -29.96 -28.08 1.29
C LEU D 73 -31.11 -27.10 1.26
N VAL D 74 -30.93 -25.92 1.84
CA VAL D 74 -31.89 -24.84 1.76
C VAL D 74 -31.34 -23.69 0.92
N ILE D 75 -30.13 -23.23 1.25
CA ILE D 75 -29.51 -22.14 0.49
C ILE D 75 -29.35 -22.54 -0.97
N PHE D 76 -29.12 -23.83 -1.24
CA PHE D 76 -29.20 -24.34 -2.61
C PHE D 76 -30.56 -24.05 -3.21
N THR D 77 -31.62 -24.55 -2.57
CA THR D 77 -32.96 -24.38 -3.10
C THR D 77 -33.36 -22.91 -3.14
N MET D 78 -33.01 -22.15 -2.10
CA MET D 78 -33.36 -20.73 -2.09
C MET D 78 -32.68 -19.99 -3.22
N SER D 79 -31.39 -20.26 -3.45
CA SER D 79 -30.67 -19.58 -4.51
C SER D 79 -31.25 -19.92 -5.88
N PHE D 80 -31.41 -21.22 -6.16
CA PHE D 80 -31.94 -21.60 -7.46
C PHE D 80 -33.33 -21.00 -7.69
N LEU D 81 -34.22 -21.18 -6.72
CA LEU D 81 -35.60 -20.73 -6.91
C LEU D 81 -35.68 -19.21 -7.02
N CYS D 82 -34.90 -18.49 -6.20
CA CYS D 82 -34.84 -17.04 -6.33
C CYS D 82 -34.42 -16.67 -7.74
N SER D 83 -33.22 -17.07 -8.15
CA SER D 83 -32.71 -16.70 -9.46
C SER D 83 -33.73 -17.01 -10.56
N TRP D 84 -34.37 -18.17 -10.49
CA TRP D 84 -35.37 -18.51 -11.48
C TRP D 84 -36.50 -17.48 -11.49
N LEU D 85 -37.08 -17.19 -10.33
CA LEU D 85 -38.21 -16.28 -10.29
C LEU D 85 -37.81 -14.88 -10.75
N LEU D 86 -36.64 -14.42 -10.31
CA LEU D 86 -36.18 -13.09 -10.68
C LEU D 86 -36.03 -12.97 -12.20
N PHE D 87 -35.36 -13.93 -12.82
CA PHE D 87 -35.22 -13.83 -14.27
C PHE D 87 -36.56 -14.02 -14.95
N ALA D 88 -37.48 -14.76 -14.33
CA ALA D 88 -38.81 -14.87 -14.90
C ALA D 88 -39.51 -13.52 -14.93
N ILE D 89 -39.43 -12.75 -13.85
CA ILE D 89 -40.07 -11.45 -13.87
C ILE D 89 -39.38 -10.56 -14.89
N MET D 90 -38.07 -10.71 -15.07
CA MET D 90 -37.39 -9.88 -16.06
C MET D 90 -37.88 -10.21 -17.46
N TRP D 91 -38.05 -11.49 -17.77
CA TRP D 91 -38.58 -11.86 -19.07
C TRP D 91 -39.99 -11.34 -19.24
N TRP D 92 -40.78 -11.39 -18.17
CA TRP D 92 -42.15 -10.92 -18.27
C TRP D 92 -42.19 -9.46 -18.66
N LEU D 93 -41.41 -8.63 -17.98
CA LEU D 93 -41.43 -7.21 -18.33
C LEU D 93 -40.84 -6.98 -19.71
N VAL D 94 -39.81 -7.73 -20.09
CA VAL D 94 -39.20 -7.51 -21.40
C VAL D 94 -40.21 -7.81 -22.50
N ALA D 95 -40.91 -8.94 -22.39
CA ALA D 95 -41.94 -9.26 -23.36
C ALA D 95 -43.12 -8.28 -23.28
N PHE D 96 -43.51 -7.91 -22.06
CA PHE D 96 -44.68 -7.06 -21.88
C PHE D 96 -44.50 -5.70 -22.54
N ALA D 97 -43.33 -5.08 -22.40
CA ALA D 97 -43.16 -3.74 -22.93
C ALA D 97 -42.96 -3.70 -24.44
N HIS D 98 -42.78 -4.83 -25.09
CA HIS D 98 -42.60 -4.83 -26.53
C HIS D 98 -43.92 -5.02 -27.27
N GLY D 99 -45.03 -5.17 -26.55
CA GLY D 99 -46.32 -5.35 -27.16
C GLY D 99 -46.65 -6.77 -27.57
N ASP D 100 -45.78 -7.74 -27.26
CA ASP D 100 -46.07 -9.12 -27.62
C ASP D 100 -47.36 -9.61 -26.97
N ILE D 101 -47.44 -9.48 -25.64
CA ILE D 101 -48.59 -10.00 -24.89
C ILE D 101 -49.89 -9.50 -25.49
N TYR D 102 -49.91 -8.26 -25.99
CA TYR D 102 -51.10 -7.77 -26.67
C TYR D 102 -51.40 -8.59 -27.91
N ALA D 103 -50.36 -8.87 -28.71
CA ALA D 103 -50.57 -9.59 -29.96
C ALA D 103 -51.08 -11.00 -29.70
N TYR D 104 -50.56 -11.65 -28.66
CA TYR D 104 -51.01 -12.99 -28.36
C TYR D 104 -52.42 -12.98 -27.77
N MET D 105 -52.61 -12.30 -26.64
CA MET D 105 -53.88 -12.38 -25.94
C MET D 105 -55.03 -11.86 -26.78
N GLU D 106 -54.90 -10.64 -27.32
CA GLU D 106 -56.08 -9.98 -27.87
C GLU D 106 -56.37 -10.45 -29.29
N LYS D 107 -55.38 -10.42 -30.17
CA LYS D 107 -55.59 -10.80 -31.55
C LYS D 107 -56.10 -12.24 -31.63
N GLY D 108 -56.59 -12.59 -32.82
CA GLY D 108 -57.21 -13.88 -33.05
C GLY D 108 -56.42 -15.05 -32.50
N ILE D 109 -57.13 -16.07 -31.99
CA ILE D 109 -56.46 -17.17 -31.32
C ILE D 109 -55.61 -17.96 -32.30
N THR D 110 -56.25 -18.61 -33.27
CA THR D 110 -55.54 -19.45 -34.22
C THR D 110 -55.73 -19.03 -35.67
N GLU D 111 -56.97 -18.83 -36.10
CA GLU D 111 -57.27 -18.62 -37.51
C GLU D 111 -57.31 -17.13 -37.89
N LYS D 112 -58.03 -16.33 -37.10
CA LYS D 112 -58.24 -14.94 -37.45
C LYS D 112 -56.95 -14.13 -37.49
N SER D 113 -55.89 -14.63 -36.86
CA SER D 113 -54.63 -13.90 -36.75
C SER D 113 -53.49 -14.70 -37.35
N GLY D 114 -52.64 -14.00 -38.10
CA GLY D 114 -51.37 -14.56 -38.54
C GLY D 114 -50.25 -13.75 -37.94
N LEU D 115 -49.30 -14.43 -37.29
CA LEU D 115 -48.25 -13.73 -36.57
C LEU D 115 -47.44 -12.83 -37.51
N GLU D 116 -47.16 -11.61 -37.04
CA GLU D 116 -46.37 -10.66 -37.80
C GLU D 116 -44.87 -10.91 -37.68
N SER D 117 -44.46 -11.97 -36.96
CA SER D 117 -43.07 -12.36 -36.78
C SER D 117 -42.29 -11.30 -36.00
N ALA D 118 -42.96 -10.22 -35.61
CA ALA D 118 -42.34 -9.15 -34.87
C ALA D 118 -42.10 -9.49 -33.40
N VAL D 119 -42.62 -10.63 -32.94
CA VAL D 119 -42.56 -10.94 -31.53
C VAL D 119 -41.11 -11.02 -31.05
N CYS D 120 -40.94 -10.82 -29.74
CA CYS D 120 -39.63 -10.82 -29.14
C CYS D 120 -39.19 -12.21 -28.70
N VAL D 121 -40.10 -12.96 -28.07
CA VAL D 121 -39.81 -14.31 -27.59
C VAL D 121 -41.00 -15.17 -27.97
N THR D 122 -40.83 -16.00 -29.01
CA THR D 122 -41.96 -16.73 -29.58
C THR D 122 -42.71 -17.52 -28.52
N ASN D 123 -44.02 -17.32 -28.49
CA ASN D 123 -44.94 -18.15 -27.71
C ASN D 123 -44.60 -18.12 -26.21
N VAL D 124 -44.62 -16.91 -25.64
CA VAL D 124 -44.67 -16.71 -24.20
C VAL D 124 -45.74 -15.66 -23.95
N ARG D 125 -46.96 -16.09 -23.66
CA ARG D 125 -48.09 -15.18 -23.56
C ARG D 125 -48.67 -15.10 -22.16
N SER D 126 -47.91 -15.53 -21.15
CA SER D 126 -48.39 -15.44 -19.78
C SER D 126 -47.19 -15.47 -18.86
N PHE D 127 -47.41 -15.05 -17.60
CA PHE D 127 -46.32 -15.08 -16.64
C PHE D 127 -45.79 -16.49 -16.46
N THR D 128 -46.69 -17.44 -16.18
CA THR D 128 -46.26 -18.83 -16.06
C THR D 128 -45.48 -19.28 -17.29
N SER D 129 -45.84 -18.76 -18.46
CA SER D 129 -45.03 -19.03 -19.64
C SER D 129 -43.62 -18.46 -19.48
N ALA D 130 -43.51 -17.28 -18.87
CA ALA D 130 -42.17 -16.73 -18.65
C ALA D 130 -41.40 -17.52 -17.61
N PHE D 131 -42.09 -18.10 -16.63
CA PHE D 131 -41.44 -18.98 -15.68
C PHE D 131 -40.90 -20.23 -16.37
N LEU D 132 -41.74 -20.86 -17.20
CA LEU D 132 -41.31 -22.02 -17.97
C LEU D 132 -40.36 -21.66 -19.09
N PHE D 133 -40.14 -20.38 -19.34
CA PHE D 133 -39.04 -20.01 -20.21
C PHE D 133 -37.75 -19.78 -19.43
N SER D 134 -37.84 -19.18 -18.25
CA SER D 134 -36.61 -18.95 -17.48
C SER D 134 -35.99 -20.26 -17.03
N ILE D 135 -36.83 -21.20 -16.60
CA ILE D 135 -36.31 -22.52 -16.26
C ILE D 135 -35.52 -23.09 -17.43
N GLU D 136 -36.12 -23.03 -18.61
CA GLU D 136 -35.45 -23.54 -19.80
C GLU D 136 -34.14 -22.82 -20.06
N VAL D 137 -34.16 -21.49 -19.96
CA VAL D 137 -33.00 -20.70 -20.35
C VAL D 137 -31.86 -20.80 -19.35
N GLN D 138 -32.11 -21.30 -18.15
CA GLN D 138 -31.02 -21.33 -17.17
C GLN D 138 -30.62 -22.74 -16.74
N VAL D 139 -31.54 -23.68 -16.65
CA VAL D 139 -31.17 -25.05 -16.28
C VAL D 139 -30.72 -25.79 -17.52
N THR D 140 -30.56 -25.05 -18.62
CA THR D 140 -30.08 -25.58 -19.89
C THR D 140 -31.00 -26.65 -20.47
N ILE D 141 -32.28 -26.65 -20.09
CA ILE D 141 -33.20 -27.63 -20.67
C ILE D 141 -33.54 -27.24 -22.10
N GLY D 142 -34.17 -26.09 -22.28
CA GLY D 142 -34.43 -25.59 -23.61
C GLY D 142 -35.30 -26.49 -24.46
N PHE D 143 -36.59 -26.57 -24.12
CA PHE D 143 -37.48 -27.47 -24.86
C PHE D 143 -37.61 -27.06 -26.31
N GLY D 144 -37.59 -25.77 -26.60
CA GLY D 144 -37.69 -25.30 -27.95
C GLY D 144 -39.05 -24.82 -28.38
N GLY D 145 -40.02 -24.80 -27.48
CA GLY D 145 -41.29 -24.18 -27.80
C GLY D 145 -41.32 -22.70 -27.56
N ARG D 146 -40.26 -22.16 -26.95
CA ARG D 146 -40.14 -20.73 -26.68
C ARG D 146 -38.75 -20.30 -27.18
N MET D 147 -38.67 -20.00 -28.47
CA MET D 147 -37.39 -19.67 -29.07
C MET D 147 -37.03 -18.22 -28.77
N MET D 148 -35.79 -17.87 -29.09
CA MET D 148 -35.29 -16.51 -28.98
C MET D 148 -35.12 -15.96 -30.40
N THR D 149 -35.96 -15.00 -30.77
CA THR D 149 -35.85 -14.41 -32.09
C THR D 149 -34.79 -13.32 -32.09
N GLU D 150 -34.57 -12.73 -33.26
CA GLU D 150 -33.47 -11.79 -33.46
C GLU D 150 -33.89 -10.34 -33.45
N GLU D 151 -35.12 -10.03 -33.02
CA GLU D 151 -35.60 -8.66 -33.12
C GLU D 151 -35.11 -7.80 -31.95
N CYS D 152 -35.50 -8.16 -30.74
CA CYS D 152 -35.31 -7.32 -29.56
C CYS D 152 -33.92 -7.46 -28.98
N PRO D 153 -33.05 -6.46 -29.17
CA PRO D 153 -31.68 -6.57 -28.65
C PRO D 153 -31.61 -6.73 -27.15
N LEU D 154 -32.50 -6.06 -26.42
CA LEU D 154 -32.48 -6.18 -24.97
C LEU D 154 -32.70 -7.63 -24.55
N ALA D 155 -33.48 -8.39 -25.33
CA ALA D 155 -33.69 -9.78 -24.99
C ALA D 155 -32.38 -10.56 -25.06
N ILE D 156 -31.59 -10.33 -26.11
CA ILE D 156 -30.31 -11.03 -26.20
C ILE D 156 -29.39 -10.59 -25.06
N THR D 157 -29.43 -9.31 -24.70
CA THR D 157 -28.60 -8.84 -23.59
C THR D 157 -28.97 -9.54 -22.30
N VAL D 158 -30.26 -9.61 -21.99
CA VAL D 158 -30.67 -10.24 -20.74
C VAL D 158 -30.44 -11.74 -20.81
N LEU D 159 -30.45 -12.33 -22.01
CA LEU D 159 -30.11 -13.74 -22.12
C LEU D 159 -28.65 -13.98 -21.76
N ILE D 160 -27.76 -13.14 -22.29
CA ILE D 160 -26.35 -13.27 -21.94
C ILE D 160 -26.16 -13.12 -20.44
N LEU D 161 -26.81 -12.09 -19.87
CA LEU D 161 -26.64 -11.83 -18.43
C LEU D 161 -27.18 -12.98 -17.59
N GLN D 162 -28.36 -13.49 -17.94
CA GLN D 162 -28.93 -14.60 -17.18
C GLN D 162 -28.07 -15.84 -17.27
N ASN D 163 -27.56 -16.13 -18.47
CA ASN D 163 -26.73 -17.32 -18.62
C ASN D 163 -25.44 -17.18 -17.79
N ILE D 164 -24.81 -16.01 -17.82
CA ILE D 164 -23.59 -15.81 -17.05
C ILE D 164 -23.86 -15.96 -15.56
N VAL D 165 -24.94 -15.34 -15.07
CA VAL D 165 -25.27 -15.43 -13.65
C VAL D 165 -25.54 -16.88 -13.28
N GLY D 166 -26.27 -17.60 -14.13
CA GLY D 166 -26.56 -18.98 -13.84
C GLY D 166 -25.29 -19.81 -13.72
N LEU D 167 -24.34 -19.60 -14.63
CA LEU D 167 -23.09 -20.36 -14.53
C LEU D 167 -22.31 -20.01 -13.27
N ILE D 168 -22.24 -18.73 -12.92
CA ILE D 168 -21.48 -18.35 -11.73
C ILE D 168 -22.09 -18.97 -10.48
N ILE D 169 -23.42 -18.89 -10.35
CA ILE D 169 -24.08 -19.50 -9.21
C ILE D 169 -23.87 -21.00 -9.20
N ASN D 170 -23.94 -21.63 -10.39
CA ASN D 170 -23.79 -23.08 -10.47
C ASN D 170 -22.41 -23.50 -10.00
N ALA D 171 -21.37 -22.79 -10.46
CA ALA D 171 -20.01 -23.15 -10.04
C ALA D 171 -19.83 -22.95 -8.54
N VAL D 172 -20.35 -21.85 -8.00
CA VAL D 172 -20.18 -21.61 -6.56
C VAL D 172 -20.88 -22.71 -5.75
N MET D 173 -22.11 -23.06 -6.12
CA MET D 173 -22.83 -24.09 -5.39
C MET D 173 -22.16 -25.45 -5.54
N LEU D 174 -21.67 -25.77 -6.74
CA LEU D 174 -20.99 -27.05 -6.93
C LEU D 174 -19.73 -27.13 -6.08
N GLY D 175 -18.96 -26.04 -6.02
CA GLY D 175 -17.79 -26.04 -5.18
C GLY D 175 -18.13 -26.15 -3.71
N CYS D 176 -19.20 -25.49 -3.28
CA CYS D 176 -19.63 -25.63 -1.90
C CYS D 176 -20.01 -27.07 -1.58
N ILE D 177 -20.73 -27.74 -2.49
CA ILE D 177 -21.15 -29.11 -2.22
C ILE D 177 -19.94 -30.03 -2.19
N PHE D 178 -18.96 -29.81 -3.06
CA PHE D 178 -17.78 -30.65 -2.96
C PHE D 178 -16.98 -30.36 -1.69
N MET D 179 -16.93 -29.10 -1.26
CA MET D 179 -16.20 -28.80 -0.03
C MET D 179 -16.85 -29.50 1.15
N LYS D 180 -18.17 -29.46 1.22
CA LYS D 180 -18.89 -30.11 2.30
C LYS D 180 -19.03 -31.61 2.09
N THR D 181 -18.54 -32.15 0.98
CA THR D 181 -18.29 -33.57 0.88
C THR D 181 -16.86 -33.97 1.18
N ALA D 182 -15.94 -33.00 1.16
CA ALA D 182 -14.56 -33.28 1.57
C ALA D 182 -14.44 -33.51 3.07
N GLN D 183 -15.24 -32.80 3.87
CA GLN D 183 -15.17 -32.86 5.32
C GLN D 183 -16.09 -33.92 5.92
N ALA D 184 -16.32 -35.01 5.20
CA ALA D 184 -17.13 -36.09 5.73
C ALA D 184 -16.35 -37.09 6.57
N HIS D 185 -15.02 -36.98 6.60
CA HIS D 185 -14.22 -37.90 7.41
C HIS D 185 -14.14 -37.44 8.86
N ARG D 186 -13.68 -36.21 9.08
CA ARG D 186 -13.55 -35.69 10.44
C ARG D 186 -14.92 -35.50 11.08
N ARG D 187 -15.07 -35.98 12.31
CA ARG D 187 -16.29 -35.72 13.07
C ARG D 187 -16.02 -34.89 14.32
N ALA D 188 -15.15 -35.36 15.22
CA ALA D 188 -14.96 -34.71 16.50
C ALA D 188 -13.78 -35.35 17.20
N GLU D 189 -13.08 -34.55 17.99
CA GLU D 189 -11.98 -35.06 18.80
C GLU D 189 -12.55 -35.96 19.88
N THR D 190 -12.07 -37.22 19.92
CA THR D 190 -12.51 -38.20 20.90
C THR D 190 -11.26 -38.81 21.52
N LEU D 191 -10.71 -38.13 22.52
CA LEU D 191 -9.62 -38.64 23.34
C LEU D 191 -9.98 -38.39 24.79
N ILE D 192 -10.07 -39.45 25.57
CA ILE D 192 -10.78 -39.41 26.83
C ILE D 192 -9.78 -39.46 27.98
N PHE D 193 -9.70 -38.37 28.73
CA PHE D 193 -8.93 -38.31 29.96
C PHE D 193 -9.80 -38.74 31.13
N SER D 194 -9.17 -39.36 32.12
CA SER D 194 -9.91 -39.79 33.30
C SER D 194 -10.47 -38.59 34.06
N ARG D 195 -11.48 -38.86 34.89
CA ARG D 195 -12.14 -37.79 35.61
C ARG D 195 -11.21 -37.05 36.54
N HIS D 196 -10.73 -37.74 37.58
CA HIS D 196 -9.88 -37.11 38.58
C HIS D 196 -8.54 -37.83 38.65
N ALA D 197 -7.48 -37.04 38.86
CA ALA D 197 -6.13 -37.57 38.89
C ALA D 197 -5.88 -38.24 40.24
N VAL D 198 -4.63 -38.63 40.48
CA VAL D 198 -4.22 -39.25 41.73
C VAL D 198 -2.84 -38.73 42.10
N ILE D 199 -2.37 -39.16 43.26
CA ILE D 199 -0.99 -38.96 43.68
C ILE D 199 -0.61 -40.14 44.56
N ALA D 200 0.41 -40.89 44.17
CA ALA D 200 0.70 -42.17 44.80
C ALA D 200 2.20 -42.30 44.95
N VAL D 201 2.66 -43.53 45.20
CA VAL D 201 4.08 -43.82 45.38
C VAL D 201 4.51 -44.81 44.30
N ARG D 202 5.55 -44.45 43.55
CA ARG D 202 6.18 -45.34 42.59
C ARG D 202 7.68 -45.28 42.78
N ASN D 203 8.30 -46.43 42.98
CA ASN D 203 9.74 -46.54 43.16
C ASN D 203 10.23 -45.57 44.25
N GLY D 204 9.60 -45.68 45.42
CA GLY D 204 10.03 -44.95 46.59
C GLY D 204 9.94 -43.45 46.45
N LYS D 205 9.29 -42.98 45.40
CA LYS D 205 9.12 -41.56 45.18
C LYS D 205 7.68 -41.31 44.74
N LEU D 206 7.19 -40.11 45.02
CA LEU D 206 5.80 -39.80 44.71
C LEU D 206 5.62 -39.65 43.21
N CYS D 207 4.40 -39.35 42.80
CA CYS D 207 4.10 -39.15 41.38
C CYS D 207 2.79 -38.37 41.29
N PHE D 208 2.25 -38.31 40.08
CA PHE D 208 0.97 -37.64 39.82
C PHE D 208 0.47 -38.14 38.48
N MET D 209 -0.65 -38.85 38.46
CA MET D 209 -1.06 -39.59 37.29
C MET D 209 -2.49 -39.23 36.88
N PHE D 210 -2.71 -39.15 35.57
CA PHE D 210 -4.04 -39.21 34.99
C PHE D 210 -4.07 -40.40 34.05
N ARG D 211 -5.14 -40.52 33.27
CA ARG D 211 -5.28 -41.64 32.35
C ARG D 211 -5.84 -41.18 31.02
N VAL D 212 -5.02 -41.28 29.97
CA VAL D 212 -5.47 -40.95 28.62
C VAL D 212 -6.02 -42.21 27.97
N GLY D 213 -6.72 -42.02 26.86
CA GLY D 213 -7.28 -43.17 26.15
C GLY D 213 -7.73 -42.75 24.77
N ASP D 214 -8.22 -43.74 24.02
CA ASP D 214 -8.63 -43.53 22.64
C ASP D 214 -9.86 -44.38 22.37
N LEU D 215 -10.64 -43.98 21.37
CA LEU D 215 -11.88 -44.68 21.05
C LEU D 215 -11.88 -45.29 19.66
N ARG D 216 -11.63 -44.52 18.61
CA ARG D 216 -11.91 -45.01 17.27
C ARG D 216 -10.77 -45.88 16.74
N LYS D 217 -10.97 -46.42 15.54
CA LYS D 217 -10.12 -47.51 15.06
C LYS D 217 -8.68 -47.07 14.82
N SER D 218 -8.49 -45.96 14.10
CA SER D 218 -7.15 -45.58 13.68
C SER D 218 -6.32 -45.12 14.87
N MET D 219 -5.08 -45.58 14.94
CA MET D 219 -4.16 -45.14 15.98
C MET D 219 -3.80 -43.68 15.77
N ILE D 220 -3.04 -43.13 16.69
CA ILE D 220 -2.52 -41.77 16.57
C ILE D 220 -1.09 -41.85 16.10
N ILE D 221 -0.65 -40.80 15.41
CA ILE D 221 0.67 -40.76 14.79
C ILE D 221 1.42 -39.57 15.36
N SER D 222 2.67 -39.80 15.78
CA SER D 222 3.51 -38.74 16.33
C SER D 222 2.83 -38.05 17.51
N ALA D 223 2.09 -38.84 18.31
CA ALA D 223 1.38 -38.28 19.44
C ALA D 223 2.35 -37.68 20.45
N SER D 224 1.95 -36.56 21.06
CA SER D 224 2.79 -35.91 22.05
C SER D 224 1.93 -35.46 23.22
N VAL D 225 2.54 -35.39 24.40
CA VAL D 225 1.86 -35.00 25.63
C VAL D 225 2.67 -33.92 26.33
N ARG D 226 1.97 -32.91 26.85
CA ARG D 226 2.60 -31.85 27.61
C ARG D 226 1.75 -31.54 28.83
N ILE D 227 2.42 -31.33 29.97
CA ILE D 227 1.76 -31.04 31.23
C ILE D 227 2.19 -29.65 31.68
N GLN D 228 1.23 -28.76 31.89
CA GLN D 228 1.51 -27.43 32.40
C GLN D 228 0.77 -27.23 33.71
N VAL D 229 1.43 -26.59 34.66
CA VAL D 229 0.82 -26.22 35.93
C VAL D 229 0.61 -24.72 35.93
N VAL D 230 -0.62 -24.30 36.21
CA VAL D 230 -1.01 -22.90 36.15
C VAL D 230 -1.12 -22.37 37.58
N LYS D 231 -0.49 -21.24 37.84
CA LYS D 231 -0.40 -20.73 39.20
C LYS D 231 -0.19 -19.24 39.16
N LYS D 232 -0.39 -18.60 40.30
CA LYS D 232 -0.10 -17.18 40.49
C LYS D 232 1.17 -17.12 41.33
N THR D 233 2.30 -16.87 40.66
CA THR D 233 3.61 -16.93 41.29
C THR D 233 4.24 -15.54 41.26
N THR D 234 4.28 -14.88 42.40
CA THR D 234 5.01 -13.64 42.51
C THR D 234 6.51 -13.90 42.42
N THR D 235 7.27 -12.82 42.26
CA THR D 235 8.71 -12.92 42.14
C THR D 235 9.36 -11.99 43.15
N PRO D 236 10.57 -12.32 43.61
CA PRO D 236 11.25 -11.45 44.59
C PRO D 236 11.64 -10.08 44.03
N GLU D 237 11.33 -9.78 42.78
CA GLU D 237 11.74 -8.53 42.14
C GLU D 237 10.54 -7.77 41.59
N GLY D 238 9.50 -7.65 42.40
CA GLY D 238 8.35 -6.84 42.02
C GLY D 238 7.31 -7.48 41.12
N GLU D 239 7.73 -8.16 40.06
CA GLU D 239 6.78 -8.71 39.11
C GLU D 239 5.86 -9.72 39.78
N VAL D 240 4.58 -9.62 39.48
CA VAL D 240 3.57 -10.56 39.99
C VAL D 240 2.73 -10.97 38.78
N VAL D 241 3.08 -12.09 38.17
CA VAL D 241 2.34 -12.59 37.01
C VAL D 241 1.03 -13.19 37.53
N PRO D 242 -0.10 -12.72 37.05
CA PRO D 242 -1.38 -13.16 37.62
C PRO D 242 -1.68 -14.62 37.35
N ILE D 243 -1.66 -15.02 36.08
CA ILE D 243 -1.97 -16.39 35.67
C ILE D 243 -0.80 -16.85 34.81
N HIS D 244 0.17 -17.51 35.42
CA HIS D 244 1.39 -17.90 34.75
C HIS D 244 1.51 -19.42 34.74
N GLN D 245 2.01 -19.94 33.64
CA GLN D 245 1.94 -21.38 33.35
C GLN D 245 3.33 -21.95 33.20
N GLN D 246 3.76 -22.75 34.16
CA GLN D 246 5.02 -23.47 34.04
C GLN D 246 4.77 -24.79 33.33
N ASP D 247 5.82 -25.33 32.72
CA ASP D 247 5.76 -26.66 32.11
C ASP D 247 6.54 -27.65 32.97
N ILE D 248 6.03 -28.87 33.10
CA ILE D 248 6.77 -29.85 33.89
C ILE D 248 6.90 -31.13 33.08
N PRO D 249 8.00 -31.86 33.22
CA PRO D 249 8.22 -33.04 32.39
C PRO D 249 7.28 -34.18 32.77
N VAL D 250 7.04 -35.07 31.81
CA VAL D 250 6.35 -36.32 32.06
C VAL D 250 7.39 -37.43 32.15
N ASP D 251 7.14 -38.41 33.01
CA ASP D 251 8.10 -39.47 33.22
C ASP D 251 8.34 -40.23 31.92
N ASN D 252 9.61 -40.45 31.58
CA ASN D 252 9.98 -41.23 30.41
C ASN D 252 11.45 -41.57 30.45
N PRO D 253 11.84 -42.80 30.10
CA PRO D 253 13.24 -43.20 30.20
C PRO D 253 14.12 -42.69 29.07
N ILE D 254 13.61 -41.86 28.16
CA ILE D 254 14.45 -41.31 27.11
C ILE D 254 14.26 -39.80 27.01
N GLU D 255 13.57 -39.21 27.99
CA GLU D 255 13.31 -37.78 28.01
C GLU D 255 12.63 -37.31 26.74
N SER D 256 11.71 -38.12 26.24
CA SER D 256 10.94 -37.78 25.04
C SER D 256 9.47 -37.70 25.41
N ASN D 257 8.86 -36.58 25.06
CA ASN D 257 7.45 -36.31 25.34
C ASN D 257 6.52 -37.08 24.47
N ASN D 258 6.97 -38.05 23.68
CA ASN D 258 6.06 -38.81 22.83
C ASN D 258 5.45 -39.98 23.60
N ILE D 259 4.42 -40.57 23.01
CA ILE D 259 3.74 -41.71 23.61
C ILE D 259 2.97 -42.42 22.49
N PHE D 260 2.99 -43.75 22.54
CA PHE D 260 2.35 -44.59 21.54
C PHE D 260 1.30 -45.42 22.26
N LEU D 261 0.03 -45.09 22.04
CA LEU D 261 -1.06 -45.65 22.85
C LEU D 261 -2.05 -46.38 21.97
N VAL D 262 -2.40 -47.60 22.39
CA VAL D 262 -3.54 -48.33 21.86
C VAL D 262 -4.56 -48.64 22.95
N ALA D 263 -4.09 -49.06 24.11
CA ALA D 263 -4.84 -49.21 25.34
C ALA D 263 -4.46 -48.08 26.29
N PRO D 264 -5.33 -47.70 27.20
CA PRO D 264 -5.06 -46.50 28.02
C PRO D 264 -3.76 -46.60 28.79
N LEU D 265 -3.00 -45.51 28.76
CA LEU D 265 -1.74 -45.39 29.46
C LEU D 265 -1.92 -44.57 30.72
N ILE D 266 -0.84 -44.41 31.48
CA ILE D 266 -0.83 -43.62 32.71
C ILE D 266 0.41 -42.73 32.64
N ILE D 267 0.24 -41.50 32.18
CA ILE D 267 1.37 -40.60 31.98
C ILE D 267 1.76 -39.96 33.30
N CYS D 268 2.66 -40.61 34.04
CA CYS D 268 3.09 -40.08 35.32
C CYS D 268 4.02 -38.88 35.14
N HIS D 269 4.26 -38.16 36.24
CA HIS D 269 5.18 -37.03 36.22
C HIS D 269 5.74 -36.86 37.64
N VAL D 270 6.94 -37.40 37.88
CA VAL D 270 7.46 -37.40 39.24
C VAL D 270 7.66 -35.98 39.74
N ILE D 271 7.71 -35.84 41.05
CA ILE D 271 7.91 -34.55 41.72
C ILE D 271 9.30 -34.53 42.32
N ASP D 272 9.98 -33.39 42.16
CA ASP D 272 11.35 -33.24 42.64
C ASP D 272 11.57 -31.77 42.96
N LYS D 273 12.76 -31.46 43.49
CA LYS D 273 13.05 -30.10 43.92
C LYS D 273 12.80 -29.10 42.81
N ARG D 274 13.11 -29.46 41.57
CA ARG D 274 12.84 -28.56 40.47
C ARG D 274 11.35 -28.39 40.23
N SER D 275 10.54 -29.41 40.53
CA SER D 275 9.13 -29.35 40.23
C SER D 275 8.41 -28.37 41.16
N PRO D 276 7.31 -27.77 40.69
CA PRO D 276 6.61 -26.80 41.52
C PRO D 276 5.70 -27.44 42.55
N LEU D 277 5.19 -28.64 42.27
CA LEU D 277 4.35 -29.29 43.26
C LEU D 277 5.14 -29.79 44.45
N TYR D 278 6.46 -29.59 44.46
CA TYR D 278 7.34 -30.15 45.48
C TYR D 278 6.98 -29.66 46.89
N ASP D 279 6.28 -28.54 47.00
CA ASP D 279 5.88 -28.01 48.29
C ASP D 279 4.43 -28.34 48.63
N ILE D 280 3.77 -29.17 47.82
CA ILE D 280 2.39 -29.55 48.11
C ILE D 280 2.34 -30.32 49.42
N SER D 281 1.16 -30.34 50.03
CA SER D 281 0.97 -31.00 51.31
C SER D 281 -0.34 -31.77 51.28
N ALA D 282 -0.43 -32.77 52.16
CA ALA D 282 -1.63 -33.59 52.22
C ALA D 282 -2.85 -32.78 52.65
N THR D 283 -2.69 -31.91 53.65
CA THR D 283 -3.80 -31.12 54.13
C THR D 283 -3.95 -29.81 53.38
N ASP D 284 -2.84 -29.18 52.99
CA ASP D 284 -2.92 -27.90 52.29
C ASP D 284 -3.59 -28.04 50.93
N LEU D 285 -3.47 -29.19 50.29
CA LEU D 285 -4.11 -29.38 48.99
C LEU D 285 -5.62 -29.28 49.09
N VAL D 286 -6.20 -29.50 50.28
CA VAL D 286 -7.62 -29.33 50.47
C VAL D 286 -8.03 -27.88 50.28
N ASN D 287 -7.09 -26.94 50.43
CA ASN D 287 -7.33 -25.52 50.12
C ASN D 287 -6.04 -24.98 49.52
N GLN D 288 -5.94 -25.06 48.20
CA GLN D 288 -4.71 -24.71 47.49
C GLN D 288 -5.08 -24.24 46.10
N ASP D 289 -4.16 -23.49 45.50
CA ASP D 289 -4.37 -22.91 44.18
C ASP D 289 -3.44 -23.63 43.20
N LEU D 290 -3.91 -24.75 42.66
CA LEU D 290 -3.18 -25.50 41.66
C LEU D 290 -4.06 -25.69 40.44
N GLU D 291 -3.40 -25.84 39.28
CA GLU D 291 -4.11 -26.01 38.03
C GLU D 291 -3.19 -26.77 37.09
N VAL D 292 -3.40 -28.07 36.98
CA VAL D 292 -2.56 -28.93 36.14
C VAL D 292 -3.36 -29.20 34.88
N ILE D 293 -3.13 -28.39 33.86
CA ILE D 293 -3.68 -28.67 32.54
C ILE D 293 -2.79 -29.68 31.85
N VAL D 294 -3.42 -30.49 31.01
CA VAL D 294 -2.73 -31.47 30.18
C VAL D 294 -3.21 -31.28 28.76
N ILE D 295 -2.27 -31.27 27.82
CA ILE D 295 -2.58 -31.13 26.40
C ILE D 295 -1.93 -32.28 25.66
N LEU D 296 -2.63 -32.79 24.65
CA LEU D 296 -2.14 -33.94 23.89
C LEU D 296 -2.40 -33.66 22.42
N GLU D 297 -1.35 -33.77 21.62
CA GLU D 297 -1.40 -33.43 20.20
C GLU D 297 -1.07 -34.63 19.35
N GLY D 298 -1.37 -34.54 18.06
CA GLY D 298 -1.02 -35.58 17.13
C GLY D 298 -1.98 -35.63 15.97
N VAL D 299 -1.64 -36.47 15.00
CA VAL D 299 -2.45 -36.62 13.79
C VAL D 299 -3.09 -38.00 13.80
N VAL D 300 -4.01 -38.21 12.87
CA VAL D 300 -4.70 -39.48 12.71
C VAL D 300 -4.51 -39.97 11.27
N GLU D 301 -4.29 -41.26 11.12
CA GLU D 301 -3.82 -41.80 9.85
C GLU D 301 -4.84 -41.61 8.74
N THR D 302 -6.12 -41.86 9.02
CA THR D 302 -7.13 -41.77 7.97
C THR D 302 -7.35 -40.32 7.55
N THR D 303 -7.52 -39.42 8.51
CA THR D 303 -7.79 -38.02 8.17
C THR D 303 -6.54 -37.29 7.69
N GLY D 304 -5.38 -37.62 8.25
CA GLY D 304 -4.18 -36.86 7.91
C GLY D 304 -4.28 -35.41 8.32
N ILE D 305 -4.87 -35.14 9.47
CA ILE D 305 -5.10 -33.79 9.96
C ILE D 305 -4.60 -33.70 11.39
N THR D 306 -3.88 -32.63 11.72
CA THR D 306 -3.44 -32.45 13.08
C THR D 306 -4.64 -32.27 14.01
N THR D 307 -4.42 -32.49 15.29
CA THR D 307 -5.47 -32.31 16.28
C THR D 307 -4.84 -32.31 17.67
N GLN D 308 -5.62 -31.83 18.63
CA GLN D 308 -5.17 -31.79 20.02
C GLN D 308 -6.40 -31.79 20.92
N ALA D 309 -6.18 -32.17 22.17
CA ALA D 309 -7.22 -32.22 23.17
C ALA D 309 -6.63 -31.81 24.52
N ARG D 310 -7.41 -31.12 25.32
CA ARG D 310 -6.91 -30.46 26.51
C ARG D 310 -7.88 -30.66 27.67
N THR D 311 -7.35 -30.67 28.88
CA THR D 311 -8.20 -30.70 30.05
C THR D 311 -7.41 -30.15 31.24
N SER D 312 -8.11 -30.02 32.38
CA SER D 312 -7.52 -29.41 33.57
C SER D 312 -8.02 -30.13 34.81
N TYR D 313 -7.25 -30.03 35.88
CA TYR D 313 -7.49 -30.76 37.13
C TYR D 313 -7.36 -29.80 38.31
N ILE D 314 -8.47 -29.19 38.72
CA ILE D 314 -8.45 -28.34 39.90
C ILE D 314 -8.17 -29.18 41.13
N ALA D 315 -7.81 -28.49 42.21
CA ALA D 315 -7.44 -29.18 43.45
C ALA D 315 -8.59 -30.04 43.97
N GLU D 316 -9.83 -29.63 43.74
CA GLU D 316 -10.97 -30.35 44.30
C GLU D 316 -11.03 -31.78 43.77
N GLU D 317 -10.70 -31.99 42.50
CA GLU D 317 -10.68 -33.32 41.91
C GLU D 317 -9.28 -33.92 41.87
N ILE D 318 -8.45 -33.66 42.86
CA ILE D 318 -7.18 -34.38 43.02
C ILE D 318 -7.28 -35.20 44.29
N GLN D 319 -7.26 -36.51 44.13
CA GLN D 319 -7.36 -37.42 45.26
C GLN D 319 -6.00 -37.54 45.93
N TRP D 320 -5.85 -38.50 46.84
CA TRP D 320 -4.57 -38.71 47.49
C TRP D 320 -4.50 -40.15 47.98
N GLY D 321 -3.37 -40.79 47.74
CA GLY D 321 -3.19 -42.16 48.15
C GLY D 321 -3.84 -43.14 47.20
N HIS D 322 -4.93 -42.73 46.58
CA HIS D 322 -5.61 -43.57 45.61
C HIS D 322 -4.69 -43.85 44.43
N ARG D 323 -4.62 -45.10 44.00
CA ARG D 323 -3.91 -45.49 42.80
C ARG D 323 -4.89 -46.11 41.81
N PHE D 324 -4.52 -46.06 40.54
CA PHE D 324 -5.39 -46.56 39.50
C PHE D 324 -5.39 -48.09 39.50
N VAL D 325 -6.40 -48.66 38.86
CA VAL D 325 -6.66 -50.09 38.90
C VAL D 325 -6.13 -50.73 37.62
N SER D 326 -5.57 -51.93 37.74
CA SER D 326 -5.23 -52.71 36.57
C SER D 326 -6.47 -52.93 35.72
N ILE D 327 -6.33 -52.74 34.40
CA ILE D 327 -7.50 -52.76 33.53
C ILE D 327 -7.38 -53.87 32.48
N VAL D 328 -6.16 -54.21 32.11
CA VAL D 328 -5.94 -55.21 31.06
C VAL D 328 -5.81 -56.59 31.70
N THR D 329 -6.60 -57.54 31.22
CA THR D 329 -6.55 -58.92 31.68
C THR D 329 -6.45 -59.84 30.47
N GLU D 330 -5.48 -60.74 30.50
CA GLU D 330 -5.25 -61.64 29.38
C GLU D 330 -6.29 -62.76 29.45
N GLU D 331 -7.28 -62.68 28.57
CA GLU D 331 -8.32 -63.71 28.50
C GLU D 331 -7.73 -64.97 27.88
N GLU D 332 -8.59 -65.96 27.65
CA GLU D 332 -8.12 -67.22 27.08
C GLU D 332 -7.51 -67.01 25.71
N GLY D 333 -8.16 -66.21 24.86
CA GLY D 333 -7.69 -66.05 23.50
C GLY D 333 -6.70 -64.93 23.28
N VAL D 334 -7.05 -63.72 23.70
CA VAL D 334 -6.30 -62.53 23.32
C VAL D 334 -6.57 -61.44 24.35
N TYR D 335 -5.69 -60.45 24.40
CA TYR D 335 -5.73 -59.42 25.43
C TYR D 335 -7.03 -58.63 25.38
N SER D 336 -7.49 -58.20 26.54
CA SER D 336 -8.73 -57.45 26.65
C SER D 336 -8.50 -56.23 27.55
N VAL D 337 -8.91 -55.06 27.06
CA VAL D 337 -8.91 -53.83 27.84
C VAL D 337 -10.35 -53.57 28.26
N ASP D 338 -10.58 -53.51 29.56
CA ASP D 338 -11.93 -53.51 30.12
C ASP D 338 -12.30 -52.09 30.54
N TYR D 339 -13.00 -51.37 29.65
CA TYR D 339 -13.38 -50.00 29.94
C TYR D 339 -14.36 -49.88 31.09
N SER D 340 -14.96 -50.99 31.53
CA SER D 340 -15.92 -50.98 32.62
C SER D 340 -15.42 -50.23 33.84
N LYS D 341 -14.11 -50.16 34.04
CA LYS D 341 -13.53 -49.50 35.20
C LYS D 341 -12.46 -48.50 34.77
N PHE D 342 -12.83 -47.64 33.81
CA PHE D 342 -11.87 -46.68 33.26
C PHE D 342 -11.23 -45.84 34.34
N GLY D 343 -12.03 -45.24 35.21
CA GLY D 343 -11.51 -44.30 36.18
C GLY D 343 -11.63 -44.72 37.63
N ASN D 344 -11.90 -46.00 37.87
CA ASN D 344 -11.99 -46.48 39.24
C ASN D 344 -10.62 -46.46 39.90
N THR D 345 -10.59 -46.13 41.19
CA THR D 345 -9.36 -46.02 41.95
C THR D 345 -9.48 -46.78 43.26
N VAL D 346 -8.36 -47.30 43.75
CA VAL D 346 -8.34 -48.02 45.02
C VAL D 346 -7.33 -47.37 45.95
N ARG D 347 -7.65 -47.33 47.23
CA ARG D 347 -6.75 -46.75 48.21
C ARG D 347 -5.56 -47.66 48.44
N VAL D 348 -4.42 -47.04 48.79
CA VAL D 348 -3.18 -47.76 49.01
C VAL D 348 -2.31 -46.89 49.90
N ALA D 349 -1.28 -47.51 50.50
CA ALA D 349 -0.43 -46.80 51.45
C ALA D 349 0.16 -45.55 50.83
N ALA D 350 0.21 -44.48 51.64
CA ALA D 350 0.76 -43.20 51.22
C ALA D 350 1.02 -42.37 52.46
N PRO D 351 2.09 -41.59 52.49
CA PRO D 351 2.38 -40.76 53.66
C PRO D 351 1.71 -39.40 53.57
N ARG D 352 1.36 -38.86 54.73
CA ARG D 352 0.69 -37.57 54.80
C ARG D 352 1.67 -36.41 54.84
N CYS D 353 2.97 -36.67 54.83
CA CYS D 353 3.96 -35.61 54.90
C CYS D 353 4.10 -34.93 53.55
N SER D 354 4.95 -33.91 53.50
CA SER D 354 5.19 -33.20 52.26
C SER D 354 6.20 -33.94 51.40
N ALA D 355 6.28 -33.55 50.13
CA ALA D 355 7.34 -34.04 49.27
C ALA D 355 8.71 -33.70 49.84
N ARG D 356 8.88 -32.46 50.28
CA ARG D 356 10.14 -32.07 50.90
C ARG D 356 10.32 -32.76 52.24
N GLU D 357 9.22 -33.07 52.92
CA GLU D 357 9.33 -33.85 54.15
C GLU D 357 9.82 -35.26 53.85
N LEU D 358 9.23 -35.92 52.85
CA LEU D 358 9.60 -37.29 52.52
C LEU D 358 11.04 -37.36 52.02
N ASP D 359 11.49 -36.36 51.27
CA ASP D 359 12.85 -36.36 50.74
C ASP D 359 13.81 -35.57 51.60
N GLU D 360 13.36 -35.10 52.77
CA GLU D 360 14.21 -34.24 53.59
C GLU D 360 15.39 -35.02 54.19
N LYS D 361 15.10 -36.17 54.78
CA LYS D 361 16.13 -36.98 55.44
C LYS D 361 15.65 -38.42 55.43
N PRO D 362 16.58 -39.38 55.53
CA PRO D 362 16.16 -40.79 55.62
C PRO D 362 15.15 -41.01 56.72
N SER D 363 15.51 -40.63 57.96
CA SER D 363 14.60 -40.81 59.08
C SER D 363 13.29 -40.05 58.87
N ILE D 364 13.33 -38.97 58.08
CA ILE D 364 12.10 -38.23 57.80
C ILE D 364 11.13 -39.09 57.01
N LEU D 365 11.63 -39.81 56.01
CA LEU D 365 10.78 -40.68 55.21
C LEU D 365 10.15 -41.78 56.07
N ILE D 366 10.94 -42.38 56.96
CA ILE D 366 10.47 -43.45 57.84
C ILE D 366 9.84 -44.59 57.05
N MET E 1 -32.69 -1.97 -44.67
CA MET E 1 -33.15 -1.46 -43.39
C MET E 1 -32.20 -1.84 -42.26
N SER E 2 -32.08 -3.14 -41.99
CA SER E 2 -31.18 -3.62 -40.96
C SER E 2 -29.74 -3.42 -41.39
N LEU E 3 -28.89 -3.00 -40.44
CA LEU E 3 -27.47 -2.79 -40.71
C LEU E 3 -26.82 -4.08 -41.15
N SER E 4 -26.44 -4.18 -42.41
CA SER E 4 -25.96 -5.42 -42.99
C SER E 4 -24.50 -5.31 -43.38
N PHE E 5 -23.75 -6.41 -43.22
CA PHE E 5 -22.32 -6.38 -43.49
C PHE E 5 -22.01 -6.04 -44.93
N CYS E 6 -22.94 -6.30 -45.83
CA CYS E 6 -22.86 -5.78 -47.18
C CYS E 6 -24.20 -5.13 -47.52
N GLY E 7 -24.30 -4.59 -48.72
CA GLY E 7 -25.47 -3.82 -49.08
C GLY E 7 -26.73 -4.66 -49.02
N ASN E 8 -27.83 -4.01 -48.61
CA ASN E 8 -29.12 -4.70 -48.58
C ASN E 8 -29.58 -5.12 -49.96
N ASN E 9 -28.95 -4.60 -51.02
CA ASN E 9 -29.17 -5.10 -52.37
C ASN E 9 -28.87 -6.59 -52.40
N ILE E 10 -29.92 -7.40 -52.60
CA ILE E 10 -29.77 -8.85 -52.49
C ILE E 10 -28.90 -9.45 -53.58
N SER E 11 -28.55 -8.67 -54.61
CA SER E 11 -27.64 -9.17 -55.63
C SER E 11 -26.28 -9.47 -55.03
N SER E 12 -25.89 -8.75 -53.99
CA SER E 12 -24.60 -8.99 -53.37
C SER E 12 -24.56 -10.37 -52.71
N TYR E 13 -23.35 -10.89 -52.60
CA TYR E 13 -23.07 -12.22 -52.06
C TYR E 13 -24.04 -13.28 -52.59
N ASN E 14 -24.09 -13.37 -53.91
CA ASN E 14 -24.66 -14.53 -54.59
C ASN E 14 -23.51 -15.45 -55.00
N ILE E 15 -22.92 -16.08 -53.99
CA ILE E 15 -21.63 -16.73 -54.18
C ILE E 15 -21.83 -18.03 -54.92
N TYR E 16 -21.79 -17.96 -56.24
CA TYR E 16 -21.84 -19.13 -57.10
C TYR E 16 -20.61 -19.22 -58.00
N HIS E 17 -20.21 -18.11 -58.63
CA HIS E 17 -19.17 -18.15 -59.64
C HIS E 17 -17.85 -18.65 -59.07
N GLY E 18 -17.46 -18.17 -57.90
CA GLY E 18 -16.16 -18.48 -57.36
C GLY E 18 -16.21 -18.66 -55.85
N VAL E 19 -15.24 -19.44 -55.35
CA VAL E 19 -15.13 -19.64 -53.91
C VAL E 19 -14.96 -18.30 -53.20
N LEU E 20 -14.09 -17.44 -53.73
CA LEU E 20 -13.86 -16.13 -53.13
C LEU E 20 -13.83 -15.03 -54.17
N GLN E 21 -14.23 -15.29 -55.41
CA GLN E 21 -14.32 -14.21 -56.38
C GLN E 21 -15.55 -13.37 -56.07
N ASN E 22 -15.50 -12.68 -54.94
CA ASN E 22 -16.59 -11.85 -54.45
C ASN E 22 -16.04 -10.89 -53.40
N PRO E 23 -16.42 -9.61 -53.44
CA PRO E 23 -15.76 -8.64 -52.56
C PRO E 23 -16.12 -8.83 -51.10
N CYS E 24 -17.39 -9.08 -50.80
CA CYS E 24 -17.81 -9.16 -49.40
C CYS E 24 -17.04 -10.25 -48.66
N PHE E 25 -16.88 -11.41 -49.30
CA PHE E 25 -16.16 -12.52 -48.68
C PHE E 25 -14.72 -12.13 -48.37
N VAL E 26 -14.04 -11.52 -49.34
CA VAL E 26 -12.64 -11.16 -49.13
C VAL E 26 -12.52 -10.14 -48.00
N ASP E 27 -13.46 -9.19 -47.94
CA ASP E 27 -13.45 -8.22 -46.87
C ASP E 27 -13.60 -8.90 -45.52
N ALA E 28 -14.57 -9.81 -45.40
CA ALA E 28 -14.77 -10.49 -44.13
C ALA E 28 -13.55 -11.31 -43.74
N LEU E 29 -12.91 -11.96 -44.71
CA LEU E 29 -11.73 -12.76 -44.40
C LEU E 29 -10.62 -11.85 -43.89
N ASN E 30 -10.39 -10.72 -44.57
CA ASN E 30 -9.40 -9.76 -44.09
C ASN E 30 -9.76 -9.20 -42.73
N LEU E 31 -11.04 -9.22 -42.36
CA LEU E 31 -11.44 -8.82 -41.02
C LEU E 31 -11.13 -9.89 -39.98
N VAL E 32 -11.15 -11.16 -40.38
CA VAL E 32 -11.04 -12.25 -39.42
C VAL E 32 -9.81 -12.14 -38.50
N PRO E 33 -8.58 -12.01 -39.01
CA PRO E 33 -7.42 -12.14 -38.11
C PRO E 33 -7.38 -11.11 -37.01
N HIS E 34 -7.88 -9.89 -37.28
CA HIS E 34 -7.85 -8.86 -36.26
C HIS E 34 -8.60 -9.28 -35.01
N VAL E 35 -9.85 -9.73 -35.17
CA VAL E 35 -10.59 -10.22 -34.02
C VAL E 35 -9.93 -11.48 -33.46
N PHE E 36 -9.54 -12.40 -34.34
CA PHE E 36 -9.02 -13.68 -33.87
C PHE E 36 -7.71 -13.56 -33.11
N LEU E 37 -7.04 -12.42 -33.18
CA LEU E 37 -5.87 -12.16 -32.33
C LEU E 37 -6.14 -11.16 -31.24
N LEU E 38 -7.11 -10.26 -31.42
CA LEU E 38 -7.45 -9.30 -30.37
C LEU E 38 -8.05 -10.02 -29.17
N PHE E 39 -8.86 -11.05 -29.43
CA PHE E 39 -9.45 -11.83 -28.36
C PHE E 39 -8.43 -12.74 -27.66
N ILE E 40 -7.22 -12.83 -28.19
CA ILE E 40 -6.13 -13.53 -27.50
C ILE E 40 -5.27 -12.51 -26.79
N THR E 41 -5.21 -11.30 -27.34
CA THR E 41 -4.48 -10.21 -26.69
C THR E 41 -5.10 -9.87 -25.33
N PHE E 42 -6.35 -9.42 -25.31
CA PHE E 42 -6.90 -8.91 -24.05
C PHE E 42 -6.84 -9.88 -22.87
N PRO E 43 -7.17 -11.16 -22.99
CA PRO E 43 -7.07 -12.04 -21.80
C PRO E 43 -5.66 -12.10 -21.22
N ILE E 44 -4.66 -12.40 -22.05
CA ILE E 44 -3.30 -12.56 -21.54
C ILE E 44 -2.79 -11.23 -20.96
N LEU E 45 -2.97 -10.15 -21.70
CA LEU E 45 -2.50 -8.85 -21.23
C LEU E 45 -3.32 -8.32 -20.07
N PHE E 46 -4.45 -8.96 -19.75
CA PHE E 46 -5.20 -8.60 -18.56
C PHE E 46 -4.78 -9.41 -17.34
N ILE E 47 -4.48 -10.69 -17.53
CA ILE E 47 -4.16 -11.54 -16.38
C ILE E 47 -2.90 -11.06 -15.68
N GLY E 48 -1.84 -10.84 -16.44
CA GLY E 48 -0.58 -10.45 -15.85
C GLY E 48 0.23 -11.66 -15.39
N TRP E 49 1.25 -11.37 -14.57
CA TRP E 49 2.16 -12.39 -14.03
C TRP E 49 2.41 -12.03 -12.57
N GLY E 50 1.57 -12.57 -11.69
CA GLY E 50 1.58 -12.17 -10.29
C GLY E 50 2.67 -12.78 -9.44
N SER E 51 2.84 -14.10 -9.51
CA SER E 51 3.75 -14.82 -8.66
C SER E 51 5.05 -15.10 -9.40
N GLN E 52 6.17 -14.80 -8.75
CA GLN E 52 7.48 -14.97 -9.35
C GLN E 52 8.42 -15.63 -8.36
N SER E 53 9.48 -16.24 -8.90
CA SER E 53 10.47 -16.90 -8.05
C SER E 53 11.23 -15.89 -7.20
N SER E 54 11.75 -14.84 -7.82
CA SER E 54 12.48 -13.81 -7.09
C SER E 54 12.45 -12.52 -7.91
N LYS E 55 12.48 -11.39 -7.21
CA LYS E 55 12.35 -10.08 -7.84
C LYS E 55 13.74 -9.56 -8.20
N VAL E 56 14.24 -10.02 -9.35
CA VAL E 56 15.47 -9.47 -9.91
C VAL E 56 15.36 -9.13 -11.39
N GLN E 57 14.36 -9.63 -12.11
CA GLN E 57 14.25 -9.41 -13.55
C GLN E 57 13.68 -8.05 -13.89
N ILE E 58 12.72 -7.56 -13.07
CA ILE E 58 11.99 -6.34 -13.39
C ILE E 58 12.95 -5.17 -13.57
N HIS E 59 13.92 -5.02 -12.66
CA HIS E 59 14.89 -3.95 -12.80
C HIS E 59 15.85 -4.20 -13.96
N HIS E 60 16.16 -5.47 -14.25
CA HIS E 60 17.12 -5.80 -15.29
C HIS E 60 16.67 -5.31 -16.66
N ASN E 61 15.38 -5.30 -16.92
CA ASN E 61 14.85 -5.07 -18.26
C ASN E 61 14.71 -3.59 -18.62
N THR E 62 15.12 -2.68 -17.74
CA THR E 62 15.08 -1.26 -18.08
C THR E 62 15.88 -0.98 -19.35
N TRP E 63 16.99 -1.69 -19.54
CA TRP E 63 17.80 -1.62 -20.75
C TRP E 63 17.72 -2.91 -21.55
N LEU E 64 16.51 -3.50 -21.66
CA LEU E 64 16.38 -4.76 -22.38
C LEU E 64 16.59 -4.57 -23.88
N HIS E 65 15.73 -3.78 -24.52
CA HIS E 65 15.87 -3.37 -25.91
C HIS E 65 16.21 -4.54 -26.83
N PHE E 66 15.24 -5.44 -26.96
CA PHE E 66 15.40 -6.58 -27.86
C PHE E 66 15.56 -6.09 -29.30
N PRO E 67 16.23 -6.86 -30.16
CA PRO E 67 16.58 -6.37 -31.49
C PRO E 67 15.37 -6.07 -32.36
N GLY E 68 15.53 -5.06 -33.21
CA GLY E 68 14.50 -4.66 -34.15
C GLY E 68 13.58 -3.55 -33.67
N HIS E 69 13.90 -2.91 -32.55
CA HIS E 69 12.92 -2.07 -31.86
C HIS E 69 12.51 -0.85 -32.68
N ASN E 70 13.50 -0.13 -33.22
CA ASN E 70 13.20 1.12 -33.93
C ASN E 70 12.35 0.87 -35.17
N LEU E 71 12.71 -0.16 -35.95
CA LEU E 71 11.95 -0.46 -37.16
C LEU E 71 10.53 -0.87 -36.80
N ARG E 72 10.38 -1.67 -35.75
CA ARG E 72 9.05 -2.13 -35.37
C ARG E 72 8.17 -0.94 -34.97
N TRP E 73 8.71 -0.04 -34.15
CA TRP E 73 7.93 1.09 -33.70
C TRP E 73 7.54 2.00 -34.86
N ILE E 74 8.50 2.30 -35.75
CA ILE E 74 8.23 3.21 -36.87
C ILE E 74 7.19 2.59 -37.79
N LEU E 75 7.49 1.39 -38.30
CA LEU E 75 6.56 0.71 -39.20
C LEU E 75 5.16 0.60 -38.59
N THR E 76 5.07 0.32 -37.29
CA THR E 76 3.76 0.24 -36.65
C THR E 76 3.03 1.56 -36.70
N PHE E 77 3.74 2.66 -36.44
CA PHE E 77 3.10 3.98 -36.53
C PHE E 77 2.60 4.24 -37.95
N ALA E 78 3.42 3.89 -38.94
CA ALA E 78 3.00 4.08 -40.33
C ALA E 78 1.78 3.24 -40.67
N LEU E 79 1.73 2.01 -40.18
CA LEU E 79 0.58 1.15 -40.42
C LEU E 79 -0.68 1.74 -39.80
N LEU E 80 -0.56 2.29 -38.60
CA LEU E 80 -1.73 2.91 -37.98
C LEU E 80 -2.22 4.10 -38.81
N PHE E 81 -1.28 4.90 -39.32
CA PHE E 81 -1.69 6.04 -40.14
C PHE E 81 -2.38 5.59 -41.43
N VAL E 82 -1.83 4.57 -42.09
CA VAL E 82 -2.48 4.09 -43.31
C VAL E 82 -3.85 3.50 -42.99
N HIS E 83 -4.00 2.87 -41.82
CA HIS E 83 -5.32 2.38 -41.43
C HIS E 83 -6.30 3.55 -41.32
N VAL E 84 -5.86 4.65 -40.72
CA VAL E 84 -6.72 5.83 -40.64
C VAL E 84 -7.10 6.33 -42.03
N CYS E 85 -6.13 6.33 -42.95
CA CYS E 85 -6.42 6.76 -44.32
C CYS E 85 -7.46 5.85 -44.97
N GLU E 86 -7.33 4.54 -44.75
CA GLU E 86 -8.31 3.60 -45.28
C GLU E 86 -9.69 3.88 -44.70
N ILE E 87 -9.74 4.14 -43.38
CA ILE E 87 -11.00 4.50 -42.73
C ILE E 87 -11.66 5.67 -43.45
N ALA E 88 -10.93 6.77 -43.58
CA ALA E 88 -11.44 7.94 -44.28
C ALA E 88 -11.96 7.59 -45.67
N GLU E 89 -11.18 6.82 -46.44
CA GLU E 89 -11.61 6.44 -47.77
C GLU E 89 -12.91 5.67 -47.73
N GLY E 90 -13.03 4.75 -46.77
CA GLY E 90 -14.25 3.97 -46.66
C GLY E 90 -15.45 4.81 -46.34
N ILE E 91 -15.28 5.78 -45.43
CA ILE E 91 -16.41 6.64 -45.06
C ILE E 91 -16.86 7.44 -46.27
N VAL E 92 -15.91 8.01 -47.01
CA VAL E 92 -16.26 8.79 -48.18
C VAL E 92 -16.99 7.91 -49.20
N SER E 93 -16.46 6.72 -49.45
CA SER E 93 -17.10 5.83 -50.42
C SER E 93 -18.51 5.46 -49.99
N ASP E 94 -18.68 5.09 -48.72
CA ASP E 94 -19.98 4.70 -48.21
C ASP E 94 -20.97 5.85 -48.23
N SER E 95 -20.48 7.09 -48.20
CA SER E 95 -21.38 8.23 -48.28
C SER E 95 -22.22 8.19 -49.55
N GLN E 96 -21.58 7.95 -50.70
CA GLN E 96 -22.30 7.99 -51.97
C GLN E 96 -23.30 6.87 -52.13
N ARG E 97 -23.15 5.77 -51.41
CA ARG E 97 -24.13 4.69 -51.49
C ARG E 97 -25.40 5.08 -50.74
N ALA E 98 -26.43 4.25 -50.89
CA ALA E 98 -27.71 4.49 -50.24
C ALA E 98 -27.80 3.79 -48.89
N SER E 99 -27.42 2.51 -48.84
CA SER E 99 -27.51 1.72 -47.63
C SER E 99 -26.31 2.01 -46.72
N ARG E 100 -26.11 1.16 -45.71
CA ARG E 100 -25.00 1.38 -44.78
C ARG E 100 -23.69 0.87 -45.35
N HIS E 101 -23.67 -0.38 -45.83
CA HIS E 101 -22.50 -0.98 -46.47
C HIS E 101 -21.29 -0.98 -45.53
N LEU E 102 -21.44 -1.73 -44.44
CA LEU E 102 -20.38 -1.80 -43.45
C LEU E 102 -19.07 -2.35 -44.01
N HIS E 103 -19.12 -3.10 -45.11
CA HIS E 103 -17.94 -3.85 -45.56
C HIS E 103 -16.82 -2.95 -46.05
N LEU E 104 -17.10 -1.68 -46.33
CA LEU E 104 -16.07 -0.83 -46.92
C LEU E 104 -15.02 -0.41 -45.90
N PHE E 105 -15.41 -0.19 -44.65
CA PHE E 105 -14.51 0.41 -43.66
C PHE E 105 -14.37 -0.35 -42.37
N MET E 106 -15.32 -1.20 -41.99
CA MET E 106 -15.21 -1.96 -40.75
C MET E 106 -13.89 -2.72 -40.61
N PRO E 107 -13.36 -3.39 -41.64
CA PRO E 107 -12.06 -4.04 -41.47
C PRO E 107 -10.95 -3.08 -41.07
N ALA E 108 -10.91 -1.89 -41.66
CA ALA E 108 -9.89 -0.93 -41.28
C ALA E 108 -10.09 -0.45 -39.84
N VAL E 109 -11.35 -0.20 -39.47
CA VAL E 109 -11.64 0.26 -38.12
C VAL E 109 -11.19 -0.76 -37.09
N MET E 110 -11.46 -2.04 -37.35
CA MET E 110 -11.04 -3.06 -36.39
C MET E 110 -9.53 -3.28 -36.44
N GLY E 111 -8.91 -3.14 -37.61
CA GLY E 111 -7.47 -3.25 -37.69
C GLY E 111 -6.76 -2.18 -36.89
N PHE E 112 -7.32 -0.98 -36.87
CA PHE E 112 -6.82 0.07 -35.99
C PHE E 112 -6.63 -0.46 -34.57
N VAL E 113 -7.72 -0.96 -33.99
CA VAL E 113 -7.67 -1.44 -32.60
C VAL E 113 -6.72 -2.62 -32.50
N ALA E 114 -6.73 -3.50 -33.49
CA ALA E 114 -5.87 -4.67 -33.46
C ALA E 114 -4.40 -4.26 -33.37
N THR E 115 -3.99 -3.31 -34.19
CA THR E 115 -2.58 -2.93 -34.23
C THR E 115 -2.18 -2.10 -33.01
N THR E 116 -3.09 -1.27 -32.50
CA THR E 116 -2.78 -0.61 -31.22
C THR E 116 -2.58 -1.63 -30.12
N THR E 117 -3.44 -2.66 -30.07
CA THR E 117 -3.23 -3.72 -29.10
C THR E 117 -1.91 -4.42 -29.36
N SER E 118 -1.52 -4.56 -30.62
CA SER E 118 -0.24 -5.19 -30.95
C SER E 118 0.92 -4.39 -30.38
N ILE E 119 0.88 -3.07 -30.53
CA ILE E 119 1.98 -2.25 -30.04
C ILE E 119 2.01 -2.25 -28.52
N VAL E 120 0.84 -2.28 -27.87
CA VAL E 120 0.80 -2.36 -26.42
C VAL E 120 1.38 -3.69 -25.95
N TYR E 121 1.04 -4.77 -26.65
CA TYR E 121 1.60 -6.07 -26.33
C TYR E 121 3.11 -6.06 -26.45
N TYR E 122 3.63 -5.46 -27.53
CA TYR E 122 5.08 -5.42 -27.72
C TYR E 122 5.76 -4.65 -26.61
N HIS E 123 5.23 -3.48 -26.27
CA HIS E 123 5.84 -2.68 -25.20
C HIS E 123 5.82 -3.43 -23.88
N ASN E 124 4.68 -4.03 -23.54
CA ASN E 124 4.57 -4.70 -22.26
C ASN E 124 5.43 -5.96 -22.20
N ILE E 125 5.65 -6.62 -23.34
CA ILE E 125 6.58 -7.74 -23.35
C ILE E 125 8.01 -7.24 -23.18
N GLU E 126 8.37 -6.16 -23.87
CA GLU E 126 9.72 -5.61 -23.73
C GLU E 126 9.99 -5.20 -22.29
N THR E 127 8.95 -4.78 -21.56
CA THR E 127 9.14 -4.40 -20.17
C THR E 127 9.55 -5.59 -19.30
N SER E 128 9.11 -6.80 -19.65
CA SER E 128 9.41 -7.98 -18.86
C SER E 128 9.69 -9.14 -19.81
N ASN E 129 10.94 -9.61 -19.82
CA ASN E 129 11.40 -10.61 -20.78
C ASN E 129 10.50 -11.84 -20.78
N PHE E 130 9.92 -12.15 -21.94
CA PHE E 130 9.04 -13.30 -22.08
C PHE E 130 9.02 -13.76 -23.54
N PRO E 131 10.15 -14.27 -24.04
CA PRO E 131 10.19 -14.70 -25.45
C PRO E 131 9.18 -15.77 -25.79
N LYS E 132 8.88 -16.67 -24.85
CA LYS E 132 8.04 -17.83 -25.16
C LYS E 132 6.66 -17.41 -25.65
N LEU E 133 6.06 -16.39 -25.05
CA LEU E 133 4.69 -16.02 -25.39
C LEU E 133 4.59 -15.00 -26.51
N LEU E 134 5.71 -14.59 -27.12
CA LEU E 134 5.59 -13.67 -28.25
C LEU E 134 5.30 -14.40 -29.55
N LEU E 135 5.36 -15.72 -29.56
CA LEU E 135 5.18 -16.46 -30.80
C LEU E 135 3.81 -16.20 -31.40
N ALA E 136 2.81 -16.05 -30.55
CA ALA E 136 1.45 -15.84 -31.05
C ALA E 136 1.39 -14.60 -31.93
N LEU E 137 2.12 -13.55 -31.56
CA LEU E 137 2.08 -12.34 -32.36
C LEU E 137 2.51 -12.64 -33.79
N PHE E 138 3.56 -13.45 -33.94
CA PHE E 138 4.04 -13.74 -35.28
C PHE E 138 2.95 -14.39 -36.11
N LEU E 139 2.19 -15.30 -35.50
CA LEU E 139 1.14 -15.98 -36.24
C LEU E 139 0.15 -14.96 -36.80
N TYR E 140 -0.21 -13.97 -35.98
CA TYR E 140 -1.18 -12.99 -36.45
C TYR E 140 -0.68 -12.29 -37.69
N TRP E 141 0.61 -11.93 -37.71
CA TRP E 141 1.12 -11.21 -38.87
C TRP E 141 0.92 -12.05 -40.12
N VAL E 142 1.27 -13.33 -40.02
CA VAL E 142 1.16 -14.18 -41.20
C VAL E 142 -0.28 -14.20 -41.68
N MET E 143 -1.22 -14.34 -40.73
CA MET E 143 -2.61 -14.41 -41.14
C MET E 143 -2.99 -13.13 -41.85
N ALA E 144 -2.67 -11.98 -41.26
CA ALA E 144 -3.04 -10.73 -41.89
C ALA E 144 -2.37 -10.61 -43.24
N PHE E 145 -1.08 -11.01 -43.29
CA PHE E 145 -0.35 -10.89 -44.52
C PHE E 145 -1.09 -11.66 -45.60
N ILE E 146 -1.44 -12.91 -45.28
CA ILE E 146 -2.06 -13.75 -46.30
C ILE E 146 -3.35 -13.11 -46.77
N THR E 147 -4.15 -12.63 -45.82
CA THR E 147 -5.45 -12.09 -46.20
C THR E 147 -5.24 -10.91 -47.14
N LYS E 148 -4.35 -9.99 -46.76
CA LYS E 148 -4.18 -8.81 -47.60
C LYS E 148 -3.68 -9.21 -48.97
N THR E 149 -2.77 -10.18 -49.02
CA THR E 149 -2.24 -10.57 -50.31
C THR E 149 -3.34 -11.07 -51.21
N ILE E 150 -4.26 -11.87 -50.65
CA ILE E 150 -5.33 -12.40 -51.47
C ILE E 150 -6.16 -11.25 -52.03
N LYS E 151 -6.43 -10.24 -51.20
CA LYS E 151 -7.20 -9.11 -51.66
C LYS E 151 -6.53 -8.48 -52.87
N LEU E 152 -5.21 -8.28 -52.78
CA LEU E 152 -4.49 -7.64 -53.87
C LEU E 152 -4.68 -8.41 -55.16
N VAL E 153 -4.63 -9.74 -55.10
CA VAL E 153 -4.72 -10.51 -56.33
C VAL E 153 -6.03 -10.21 -57.04
N LYS E 154 -7.13 -10.20 -56.28
CA LYS E 154 -8.41 -9.92 -56.92
C LYS E 154 -8.38 -8.51 -57.49
N TYR E 155 -7.87 -7.56 -56.72
CA TYR E 155 -7.79 -6.19 -57.21
C TYR E 155 -6.96 -6.14 -58.48
N TRP E 156 -5.86 -6.90 -58.52
CA TRP E 156 -5.04 -6.90 -59.71
C TRP E 156 -5.81 -7.43 -60.91
N GLN E 157 -6.53 -8.53 -60.72
CA GLN E 157 -7.26 -9.11 -61.83
C GLN E 157 -8.56 -8.38 -62.14
N LEU E 158 -8.78 -7.22 -61.55
CA LEU E 158 -9.99 -6.44 -61.78
C LEU E 158 -9.80 -5.35 -62.83
N GLY E 159 -8.59 -5.22 -63.38
CA GLY E 159 -8.33 -4.19 -64.36
C GLY E 159 -7.92 -2.85 -63.80
N TRP E 160 -7.55 -2.78 -62.52
CA TRP E 160 -7.17 -1.51 -61.91
C TRP E 160 -5.69 -1.21 -62.09
N GLY E 161 -4.83 -2.10 -61.58
CA GLY E 161 -3.41 -2.03 -61.89
C GLY E 161 -2.62 -0.83 -61.41
N MET E 162 -2.74 -0.51 -60.11
CA MET E 162 -1.86 0.46 -59.44
C MET E 162 -2.10 1.89 -59.93
N SER E 163 -3.37 2.25 -60.16
CA SER E 163 -3.74 3.62 -60.46
C SER E 163 -4.71 4.18 -59.44
N ASP E 164 -5.75 3.42 -59.09
CA ASP E 164 -6.74 3.88 -58.13
C ASP E 164 -6.14 3.98 -56.74
N LEU E 165 -6.73 4.85 -55.91
CA LEU E 165 -6.23 5.07 -54.56
C LEU E 165 -6.31 3.79 -53.73
N ARG E 166 -7.39 3.03 -53.89
CA ARG E 166 -7.56 1.81 -53.11
C ARG E 166 -6.42 0.84 -53.33
N PHE E 167 -5.98 0.70 -54.60
CA PHE E 167 -4.85 -0.18 -54.88
C PHE E 167 -3.61 0.29 -54.16
N CYS E 168 -3.36 1.61 -54.15
CA CYS E 168 -2.18 2.13 -53.46
C CYS E 168 -2.24 1.83 -51.97
N ILE E 169 -3.39 2.07 -51.35
CA ILE E 169 -3.51 1.83 -49.91
C ILE E 169 -3.28 0.35 -49.61
N THR E 170 -3.89 -0.53 -50.41
CA THR E 170 -3.72 -1.95 -50.19
C THR E 170 -2.26 -2.36 -50.35
N GLY E 171 -1.60 -1.84 -51.39
CA GLY E 171 -0.21 -2.20 -51.61
C GLY E 171 0.68 -1.78 -50.46
N VAL E 172 0.48 -0.55 -49.97
CA VAL E 172 1.26 -0.09 -48.82
C VAL E 172 1.00 -1.00 -47.62
N MET E 173 -0.26 -1.39 -47.42
CA MET E 173 -0.60 -2.25 -46.30
C MET E 173 0.14 -3.58 -46.40
N VAL E 174 0.14 -4.18 -47.60
CA VAL E 174 0.80 -5.46 -47.79
C VAL E 174 2.29 -5.34 -47.53
N ILE E 175 2.91 -4.29 -48.08
CA ILE E 175 4.34 -4.12 -47.91
C ILE E 175 4.70 -3.96 -46.43
N LEU E 176 3.91 -3.15 -45.71
CA LEU E 176 4.19 -2.93 -44.30
C LEU E 176 4.04 -4.23 -43.51
N ASN E 177 2.98 -4.99 -43.81
CA ASN E 177 2.77 -6.24 -43.09
C ASN E 177 3.90 -7.22 -43.35
N GLY E 178 4.36 -7.31 -44.60
CA GLY E 178 5.46 -8.21 -44.91
C GLY E 178 6.73 -7.82 -44.20
N LEU E 179 7.04 -6.53 -44.18
CA LEU E 179 8.22 -6.06 -43.47
C LEU E 179 8.12 -6.39 -41.99
N LEU E 180 6.93 -6.23 -41.42
CA LEU E 180 6.70 -6.62 -40.03
C LEU E 180 7.03 -8.09 -39.81
N MET E 181 6.37 -8.98 -40.55
CA MET E 181 6.65 -10.41 -40.47
C MET E 181 8.15 -10.68 -40.50
N ALA E 182 8.87 -10.04 -41.42
CA ALA E 182 10.31 -10.26 -41.52
C ALA E 182 11.03 -9.80 -40.26
N VAL E 183 10.64 -8.64 -39.72
CA VAL E 183 11.27 -8.15 -38.49
C VAL E 183 11.06 -9.13 -37.35
N GLU E 184 9.85 -9.68 -37.25
CA GLU E 184 9.56 -10.65 -36.19
C GLU E 184 10.39 -11.90 -36.38
N ILE E 185 10.60 -12.33 -37.62
CA ILE E 185 11.45 -13.51 -37.85
C ILE E 185 12.88 -13.23 -37.40
N ASN E 186 13.42 -12.08 -37.80
CA ASN E 186 14.77 -11.73 -37.38
C ASN E 186 14.87 -11.57 -35.87
N VAL E 187 13.77 -11.24 -35.21
CA VAL E 187 13.74 -11.24 -33.76
C VAL E 187 13.78 -12.67 -33.22
N ILE E 188 13.05 -13.57 -33.88
CA ILE E 188 13.02 -14.97 -33.47
C ILE E 188 14.36 -15.66 -33.73
N ARG E 189 15.25 -15.02 -34.47
CA ARG E 189 16.61 -15.53 -34.61
C ARG E 189 17.28 -15.81 -33.27
N VAL E 190 17.14 -14.90 -32.30
CA VAL E 190 17.70 -15.15 -30.97
C VAL E 190 17.04 -16.37 -30.34
N ARG E 191 15.73 -16.53 -30.53
CA ARG E 191 15.03 -17.68 -29.99
C ARG E 191 15.57 -18.97 -30.58
N ARG E 192 15.80 -18.98 -31.89
CA ARG E 192 16.38 -20.16 -32.54
C ARG E 192 17.78 -20.46 -32.00
N TYR E 193 18.60 -19.41 -31.83
CA TYR E 193 19.93 -19.60 -31.28
C TYR E 193 19.87 -20.12 -29.85
N VAL E 194 18.85 -19.73 -29.10
CA VAL E 194 18.67 -20.23 -27.73
C VAL E 194 18.23 -21.69 -27.77
N PHE E 195 17.37 -22.05 -28.72
CA PHE E 195 16.97 -23.45 -28.87
C PHE E 195 18.18 -24.31 -29.21
N PHE E 196 19.08 -23.82 -30.06
CA PHE E 196 20.34 -24.49 -30.29
C PHE E 196 21.26 -24.47 -29.08
N MET E 197 20.95 -23.64 -28.07
CA MET E 197 21.72 -23.55 -26.83
C MET E 197 23.18 -23.19 -27.10
N VAL E 213 18.30 -1.94 -35.18
CA VAL E 213 19.02 -2.31 -33.97
C VAL E 213 20.53 -2.18 -34.17
N ARG E 214 20.94 -1.22 -35.00
CA ARG E 214 22.34 -0.92 -35.26
C ARG E 214 22.57 0.59 -35.20
N PHE E 215 22.02 1.22 -34.16
CA PHE E 215 22.11 2.67 -33.97
C PHE E 215 21.55 3.41 -35.18
N LEU E 216 20.44 2.92 -35.72
CA LEU E 216 19.90 3.46 -36.96
C LEU E 216 19.24 4.82 -36.74
N GLN E 217 18.19 4.86 -35.93
CA GLN E 217 17.34 6.05 -35.80
C GLN E 217 17.14 6.40 -34.33
N PRO E 218 18.04 7.19 -33.74
CA PRO E 218 17.79 7.73 -32.40
C PRO E 218 17.10 9.08 -32.40
N PHE E 219 17.05 9.76 -33.56
CA PHE E 219 16.44 11.08 -33.62
C PHE E 219 14.95 11.01 -33.34
N VAL E 220 14.26 10.01 -33.89
CA VAL E 220 12.84 9.85 -33.61
C VAL E 220 12.60 9.75 -32.12
N ASN E 221 13.45 8.99 -31.40
CA ASN E 221 13.31 8.92 -29.95
C ASN E 221 13.61 10.25 -29.30
N LEU E 222 14.65 10.95 -29.78
CA LEU E 222 15.04 12.21 -29.17
C LEU E 222 13.91 13.23 -29.22
N LEU E 223 13.29 13.36 -30.40
CA LEU E 223 12.13 14.23 -30.52
C LEU E 223 10.94 13.69 -29.75
N SER E 224 10.92 12.37 -29.70
CA SER E 224 9.92 11.54 -29.07
C SER E 224 9.72 11.87 -27.63
N LYS E 225 10.81 11.98 -26.88
CA LYS E 225 10.62 12.31 -25.50
C LYS E 225 10.16 13.73 -25.59
N ALA E 226 9.01 14.01 -25.03
CA ALA E 226 8.45 15.36 -25.05
C ALA E 226 7.89 15.75 -23.68
N THR E 227 8.78 15.86 -22.70
CA THR E 227 8.45 16.24 -21.32
C THR E 227 7.42 15.36 -20.66
N TYR E 228 7.42 14.07 -20.95
CA TYR E 228 6.46 13.23 -20.28
C TYR E 228 7.08 11.97 -19.62
N TRP E 229 7.86 11.22 -20.39
CA TRP E 229 8.43 9.98 -19.92
C TRP E 229 9.39 10.11 -18.78
N TRP E 230 10.27 11.09 -18.84
CA TRP E 230 11.26 11.19 -17.79
C TRP E 230 10.64 11.48 -16.45
N MET E 231 9.64 12.33 -16.41
CA MET E 231 8.98 12.61 -15.14
C MET E 231 7.86 11.61 -14.86
N ASN E 232 7.59 10.68 -15.77
CA ASN E 232 6.51 9.73 -15.58
C ASN E 232 6.70 8.86 -14.34
N THR E 233 7.94 8.52 -14.06
CA THR E 233 8.26 7.71 -12.90
C THR E 233 7.71 8.28 -11.61
N LEU E 234 8.16 9.49 -11.28
CA LEU E 234 7.81 10.16 -10.04
C LEU E 234 6.31 10.35 -9.91
N ILE E 235 5.63 10.71 -11.00
CA ILE E 235 4.16 10.80 -11.00
C ILE E 235 3.49 9.44 -10.82
N ILE E 236 4.10 8.41 -11.42
CA ILE E 236 3.63 7.03 -11.38
C ILE E 236 3.75 6.52 -9.96
N SER E 237 4.92 6.73 -9.36
CA SER E 237 5.15 6.29 -7.98
C SER E 237 4.63 7.37 -7.04
N ALA E 238 3.32 7.38 -6.86
CA ALA E 238 2.69 8.41 -6.04
C ALA E 238 3.04 8.45 -4.58
N HIS E 239 2.98 7.34 -3.88
CA HIS E 239 3.30 7.41 -2.46
C HIS E 239 4.46 6.52 -2.10
N ARG E 240 4.64 5.46 -2.88
CA ARG E 240 5.70 4.48 -2.64
C ARG E 240 7.05 5.13 -2.76
N LYS E 241 7.19 5.99 -3.74
CA LYS E 241 8.43 6.68 -3.94
C LYS E 241 8.76 7.57 -2.75
N PRO E 242 10.07 7.67 -2.49
CA PRO E 242 10.68 8.50 -1.46
C PRO E 242 10.69 9.93 -1.97
N ILE E 243 10.91 10.88 -1.07
CA ILE E 243 10.93 12.26 -1.48
C ILE E 243 12.03 12.52 -2.53
N ASP E 244 13.21 11.92 -2.35
CA ASP E 244 14.31 12.04 -3.31
C ASP E 244 14.64 13.47 -3.63
N LEU E 245 14.75 14.29 -2.58
CA LEU E 245 15.06 15.70 -2.70
C LEU E 245 16.13 16.04 -3.75
N LYS E 246 17.24 15.33 -3.77
CA LYS E 246 18.26 15.61 -4.78
C LYS E 246 18.24 14.46 -5.78
N ALA E 247 17.40 14.59 -6.80
CA ALA E 247 17.23 13.50 -7.77
C ALA E 247 18.47 13.35 -8.64
N ILE E 248 18.78 14.37 -9.44
CA ILE E 248 19.92 14.31 -10.35
C ILE E 248 20.22 15.69 -10.90
N GLY E 249 21.49 15.98 -11.11
CA GLY E 249 21.86 17.13 -11.92
C GLY E 249 21.54 16.83 -13.36
N LYS E 250 22.18 15.81 -13.90
CA LYS E 250 21.84 15.16 -15.16
C LYS E 250 22.15 16.02 -16.37
N LEU E 251 22.53 17.28 -16.14
CA LEU E 251 23.10 18.12 -17.18
C LEU E 251 23.85 19.30 -16.58
N PRO E 252 24.88 19.06 -15.75
CA PRO E 252 25.63 20.19 -15.21
C PRO E 252 26.59 20.74 -16.25
N ILE E 253 26.99 19.88 -17.18
CA ILE E 253 27.86 20.30 -18.28
C ILE E 253 27.10 21.20 -19.23
N ALA E 254 25.83 20.89 -19.49
CA ALA E 254 25.07 21.57 -20.52
C ALA E 254 24.91 23.07 -20.23
N MET E 255 24.17 23.42 -19.19
CA MET E 255 23.83 24.82 -18.98
C MET E 255 23.83 25.23 -17.51
N ARG E 256 24.57 24.55 -16.64
CA ARG E 256 24.48 24.85 -15.21
C ARG E 256 25.35 26.04 -14.83
N ALA E 257 26.67 25.88 -14.92
CA ALA E 257 27.58 26.95 -14.55
C ALA E 257 28.55 27.32 -15.66
N VAL E 258 29.20 26.34 -16.26
CA VAL E 258 30.34 26.64 -17.14
C VAL E 258 29.88 27.29 -18.42
N THR E 259 28.90 26.70 -19.11
CA THR E 259 28.45 27.25 -20.38
C THR E 259 27.80 28.61 -20.21
N ASN E 260 27.09 28.82 -19.10
CA ASN E 260 26.46 30.12 -18.86
C ASN E 260 27.50 31.24 -18.88
N TYR E 261 28.56 31.10 -18.09
CA TYR E 261 29.62 32.10 -18.11
C TYR E 261 30.32 32.14 -19.46
N VAL E 262 30.56 30.96 -20.06
CA VAL E 262 31.27 30.89 -21.34
C VAL E 262 30.52 31.66 -22.42
N CYS E 263 29.21 31.80 -22.26
CA CYS E 263 28.42 32.59 -23.21
C CYS E 263 28.35 34.05 -22.81
N LEU E 264 27.98 34.33 -21.56
CA LEU E 264 27.72 35.72 -21.17
C LEU E 264 29.00 36.54 -21.14
N LYS E 265 30.11 35.97 -20.69
CA LYS E 265 31.37 36.70 -20.69
C LYS E 265 31.81 37.05 -22.10
N GLU E 266 31.69 36.10 -23.03
CA GLU E 266 32.04 36.38 -24.42
C GLU E 266 31.12 37.45 -24.99
N ALA E 267 29.84 37.43 -24.63
CA ALA E 267 28.92 38.47 -25.08
C ALA E 267 29.33 39.83 -24.54
N TYR E 268 29.74 39.89 -23.27
CA TYR E 268 30.21 41.15 -22.70
C TYR E 268 31.47 41.63 -23.40
N GLU E 269 32.39 40.71 -23.73
CA GLU E 269 33.60 41.08 -24.43
C GLU E 269 33.29 41.65 -25.80
N GLU E 270 32.37 41.01 -26.53
CA GLU E 270 31.95 41.53 -27.83
C GLU E 270 31.31 42.90 -27.70
N GLN E 271 30.46 43.07 -26.68
CA GLN E 271 29.81 44.36 -26.45
C GLN E 271 30.84 45.46 -26.26
N LYS E 272 31.81 45.24 -25.36
CA LYS E 272 32.82 46.25 -25.09
C LYS E 272 33.67 46.52 -26.32
N LYS E 273 34.11 45.46 -27.00
CA LYS E 273 34.99 45.63 -28.15
C LYS E 273 34.29 46.42 -29.25
N LYS E 274 33.02 46.13 -29.51
CA LYS E 274 32.29 46.86 -30.54
C LYS E 274 32.04 48.30 -30.11
N ALA E 275 31.53 48.50 -28.89
CA ALA E 275 31.22 49.84 -28.43
C ALA E 275 32.45 50.71 -28.25
N ALA E 276 33.65 50.12 -28.26
CA ALA E 276 34.87 50.92 -28.17
C ALA E 276 34.92 51.97 -29.26
N ASP E 277 34.46 51.64 -30.47
CA ASP E 277 34.52 52.58 -31.58
C ASP E 277 33.65 53.81 -31.32
N HIS E 278 32.46 53.61 -30.76
CA HIS E 278 31.54 54.69 -30.42
C HIS E 278 31.36 54.68 -28.90
N PRO E 279 32.33 55.23 -28.16
CA PRO E 279 32.28 55.11 -26.69
C PRO E 279 31.05 55.75 -26.07
N ASN E 280 30.58 56.88 -26.62
CA ASN E 280 29.45 57.58 -26.03
C ASN E 280 28.46 58.15 -27.04
N ARG E 281 28.63 57.89 -28.34
CA ARG E 281 27.67 58.39 -29.31
C ARG E 281 26.30 57.74 -29.11
N THR E 282 26.28 56.44 -28.89
CA THR E 282 25.05 55.71 -28.63
C THR E 282 25.13 55.05 -27.26
N PRO E 283 24.45 55.58 -26.24
CA PRO E 283 24.57 55.02 -24.89
C PRO E 283 23.65 53.82 -24.64
N SER E 284 24.05 52.67 -25.16
CA SER E 284 23.33 51.43 -24.92
C SER E 284 23.93 50.68 -23.74
N ILE E 285 23.22 49.66 -23.28
CA ILE E 285 23.65 48.89 -22.12
C ILE E 285 23.86 47.43 -22.50
N TRP E 286 22.81 46.77 -22.97
CA TRP E 286 22.86 45.37 -23.36
C TRP E 286 22.23 45.16 -24.72
N LEU E 287 22.60 46.03 -25.68
CA LEU E 287 22.09 45.88 -27.03
C LEU E 287 22.54 44.58 -27.68
N ALA E 288 23.56 43.94 -27.12
CA ALA E 288 23.99 42.62 -27.57
C ALA E 288 23.46 41.50 -26.69
N MET E 289 22.53 41.80 -25.79
CA MET E 289 21.88 40.75 -25.00
C MET E 289 21.07 39.81 -25.88
N TYR E 290 20.67 40.25 -27.07
CA TYR E 290 20.12 39.32 -28.05
C TYR E 290 21.12 38.20 -28.35
N ARG E 291 22.27 38.56 -28.92
CA ARG E 291 23.36 37.62 -29.16
C ARG E 291 24.10 37.41 -27.85
N ALA E 292 23.48 36.64 -26.96
CA ALA E 292 24.05 36.35 -25.66
C ALA E 292 24.36 34.88 -25.44
N PHE E 293 23.59 33.97 -26.01
CA PHE E 293 23.73 32.54 -25.75
C PHE E 293 24.09 31.73 -26.97
N GLY E 294 23.51 32.03 -28.11
CA GLY E 294 23.51 31.12 -29.23
C GLY E 294 22.45 30.06 -29.17
N ARG E 295 21.75 29.93 -28.04
CA ARG E 295 20.62 29.02 -27.88
C ARG E 295 19.40 29.67 -28.51
N PRO E 296 18.97 29.21 -29.68
CA PRO E 296 17.96 29.96 -30.45
C PRO E 296 16.62 30.02 -29.73
N ILE E 297 15.93 31.15 -29.92
CA ILE E 297 14.53 31.27 -29.55
C ILE E 297 13.62 31.22 -30.76
N LEU E 298 14.19 31.24 -31.97
CA LEU E 298 13.36 31.23 -33.18
C LEU E 298 12.53 29.96 -33.28
N LEU E 299 13.05 28.84 -32.77
CA LEU E 299 12.25 27.61 -32.74
C LEU E 299 10.97 27.82 -31.95
N SER E 300 11.06 28.54 -30.83
CA SER E 300 9.86 28.80 -30.02
C SER E 300 8.82 29.57 -30.82
N SER E 301 9.23 30.66 -31.45
CA SER E 301 8.27 31.48 -32.20
C SER E 301 7.70 30.72 -33.38
N THR E 302 8.54 29.95 -34.08
CA THR E 302 8.06 29.17 -35.21
C THR E 302 7.01 28.16 -34.78
N PHE E 303 7.31 27.37 -33.75
CA PHE E 303 6.35 26.38 -33.28
C PHE E 303 5.08 27.05 -32.77
N ARG E 304 5.23 28.19 -32.09
CA ARG E 304 4.06 28.89 -31.57
C ARG E 304 3.16 29.35 -32.70
N TYR E 305 3.74 29.96 -33.73
CA TYR E 305 2.94 30.40 -34.88
C TYR E 305 2.23 29.22 -35.54
N LEU E 306 2.93 28.09 -35.70
CA LEU E 306 2.28 26.91 -36.28
C LEU E 306 1.11 26.45 -35.43
N ALA E 307 1.31 26.39 -34.10
CA ALA E 307 0.25 25.94 -33.21
C ALA E 307 -0.93 26.89 -33.24
N ASP E 308 -0.67 28.20 -33.26
CA ASP E 308 -1.74 29.17 -33.30
C ASP E 308 -2.55 29.04 -34.59
N LEU E 309 -1.86 28.86 -35.72
CA LEU E 309 -2.58 28.71 -36.98
C LEU E 309 -3.45 27.46 -36.95
N LEU E 310 -2.93 26.34 -36.44
CA LEU E 310 -3.72 25.11 -36.38
C LEU E 310 -4.93 25.29 -35.47
N GLY E 311 -4.73 25.88 -34.29
CA GLY E 311 -5.82 26.06 -33.36
C GLY E 311 -6.92 26.95 -33.94
N PHE E 312 -6.52 28.09 -34.53
CA PHE E 312 -7.52 28.96 -35.13
C PHE E 312 -8.18 28.30 -36.33
N ALA E 313 -7.49 27.38 -37.00
CA ALA E 313 -8.10 26.65 -38.10
C ALA E 313 -9.21 25.73 -37.61
N GLY E 314 -9.00 25.09 -36.47
CA GLY E 314 -9.96 24.16 -35.91
C GLY E 314 -11.43 24.54 -36.04
N PRO E 315 -11.80 25.75 -35.60
CA PRO E 315 -13.19 26.17 -35.72
C PRO E 315 -13.71 26.18 -37.15
N LEU E 316 -12.86 26.45 -38.14
CA LEU E 316 -13.30 26.30 -39.51
C LEU E 316 -13.67 24.85 -39.81
N CYS E 317 -12.94 23.90 -39.20
CA CYS E 317 -13.33 22.51 -39.33
C CYS E 317 -14.66 22.24 -38.65
N ILE E 318 -14.92 22.91 -37.52
CA ILE E 318 -16.23 22.79 -36.89
C ILE E 318 -17.33 23.28 -37.82
N SER E 319 -17.08 24.43 -38.47
CA SER E 319 -18.06 24.97 -39.41
C SER E 319 -18.30 24.01 -40.56
N GLY E 320 -17.25 23.41 -41.08
CA GLY E 320 -17.42 22.39 -42.10
C GLY E 320 -18.26 21.22 -41.62
N ILE E 321 -17.97 20.74 -40.40
CA ILE E 321 -18.70 19.61 -39.85
C ILE E 321 -20.16 19.94 -39.59
N VAL E 322 -20.50 21.22 -39.41
CA VAL E 322 -21.90 21.60 -39.26
C VAL E 322 -22.55 21.94 -40.59
N GLN E 323 -21.76 22.21 -41.63
CA GLN E 323 -22.32 22.66 -42.90
C GLN E 323 -23.24 21.60 -43.51
N ARG E 324 -22.83 20.34 -43.48
CA ARG E 324 -23.52 19.28 -44.19
C ARG E 324 -24.81 18.81 -43.51
N VAL E 325 -25.32 19.56 -42.53
CA VAL E 325 -26.48 19.12 -41.78
C VAL E 325 -27.70 19.01 -42.69
N ASN E 326 -27.90 20.00 -43.55
CA ASN E 326 -28.97 19.92 -44.53
C ASN E 326 -28.77 18.70 -45.42
N GLU E 327 -29.87 18.03 -45.77
CA GLU E 327 -29.85 16.73 -46.42
C GLU E 327 -30.42 16.81 -47.83
N PRO E 328 -29.62 17.20 -48.84
CA PRO E 328 -30.12 17.31 -50.23
C PRO E 328 -29.95 16.02 -51.03
N LYS E 329 -30.78 15.02 -50.73
CA LYS E 329 -30.74 13.77 -51.47
C LYS E 329 -32.11 13.40 -52.01
N ASN E 330 -32.24 12.18 -52.54
CA ASN E 330 -33.45 11.62 -53.13
C ASN E 330 -33.83 12.30 -54.43
N ASN E 331 -33.11 13.35 -54.84
CA ASN E 331 -33.29 13.96 -56.15
C ASN E 331 -31.99 14.02 -56.95
N THR E 332 -30.85 13.70 -56.34
CA THR E 332 -29.57 13.71 -57.05
C THR E 332 -28.58 12.88 -56.25
N THR E 333 -28.03 11.84 -56.88
CA THR E 333 -26.99 11.01 -56.27
C THR E 333 -25.94 10.74 -57.35
N ARG E 334 -24.94 11.62 -57.42
CA ARG E 334 -23.94 11.54 -58.46
C ARG E 334 -23.09 10.28 -58.31
N PHE E 335 -22.50 9.84 -59.42
CA PHE E 335 -21.67 8.64 -59.40
C PHE E 335 -20.28 8.94 -58.86
N SER E 336 -19.55 9.81 -59.55
CA SER E 336 -18.20 10.21 -59.17
C SER E 336 -17.33 8.99 -58.83
N GLU E 337 -17.15 8.14 -59.83
CA GLU E 337 -16.38 6.92 -59.65
C GLU E 337 -14.90 7.26 -59.49
N THR E 338 -14.29 6.68 -58.46
CA THR E 338 -12.85 6.72 -58.22
C THR E 338 -12.31 8.14 -57.99
N LEU E 339 -13.18 9.14 -57.95
CA LEU E 339 -12.74 10.49 -57.65
C LEU E 339 -12.27 10.58 -56.21
N SER E 340 -11.24 11.40 -55.98
CA SER E 340 -10.62 11.52 -54.67
C SER E 340 -10.82 12.89 -54.05
N SER E 341 -10.38 13.96 -54.72
CA SER E 341 -10.49 15.31 -54.18
C SER E 341 -11.82 15.97 -54.49
N LYS E 342 -12.70 15.29 -55.23
CA LYS E 342 -13.96 15.92 -55.63
C LYS E 342 -14.87 16.16 -54.44
N GLU E 343 -15.09 15.13 -53.62
CA GLU E 343 -16.05 15.21 -52.52
C GLU E 343 -15.45 14.81 -51.19
N PHE E 344 -14.13 14.89 -51.06
CA PHE E 344 -13.45 14.47 -49.84
C PHE E 344 -13.66 15.43 -48.68
N LEU E 345 -14.22 16.62 -48.93
CA LEU E 345 -14.24 17.67 -47.92
C LEU E 345 -15.55 17.69 -47.13
N GLU E 346 -16.69 17.82 -47.82
CA GLU E 346 -17.94 18.10 -47.14
C GLU E 346 -18.43 16.98 -46.25
N ASN E 347 -17.84 15.78 -46.34
CA ASN E 347 -18.23 14.69 -45.47
C ASN E 347 -17.87 15.00 -44.03
N ALA E 348 -18.78 14.65 -43.11
CA ALA E 348 -18.62 15.03 -41.72
C ALA E 348 -17.48 14.29 -41.03
N HIS E 349 -17.45 12.95 -41.18
CA HIS E 349 -16.53 12.14 -40.39
C HIS E 349 -15.08 12.49 -40.69
N VAL E 350 -14.75 12.74 -41.96
CA VAL E 350 -13.38 13.09 -42.30
C VAL E 350 -12.99 14.42 -41.65
N LEU E 351 -13.93 15.37 -41.63
CA LEU E 351 -13.65 16.64 -40.96
C LEU E 351 -13.42 16.42 -39.47
N ALA E 352 -14.21 15.54 -38.84
CA ALA E 352 -14.03 15.27 -37.42
C ALA E 352 -12.64 14.69 -37.16
N VAL E 353 -12.21 13.73 -37.98
CA VAL E 353 -10.88 13.16 -37.80
C VAL E 353 -9.81 14.22 -38.03
N LEU E 354 -10.04 15.11 -38.99
CA LEU E 354 -9.11 16.20 -39.23
C LEU E 354 -8.99 17.08 -37.99
N LEU E 355 -10.13 17.38 -37.37
CA LEU E 355 -10.11 18.19 -36.16
C LEU E 355 -9.30 17.51 -35.07
N PHE E 356 -9.49 16.19 -34.91
CA PHE E 356 -8.74 15.49 -33.87
C PHE E 356 -7.24 15.57 -34.14
N LEU E 357 -6.84 15.36 -35.39
CA LEU E 357 -5.42 15.39 -35.72
C LEU E 357 -4.85 16.78 -35.45
N ALA E 358 -5.55 17.81 -35.89
CA ALA E 358 -5.07 19.18 -35.70
C ALA E 358 -4.95 19.50 -34.22
N LEU E 359 -5.95 19.09 -33.43
CA LEU E 359 -5.94 19.42 -32.00
C LEU E 359 -4.75 18.78 -31.32
N ILE E 360 -4.51 17.49 -31.58
CA ILE E 360 -3.40 16.79 -30.94
C ILE E 360 -2.08 17.43 -31.35
N LEU E 361 -1.92 17.70 -32.65
CA LEU E 361 -0.67 18.28 -33.13
C LEU E 361 -0.42 19.66 -32.52
N GLN E 362 -1.45 20.50 -32.48
CA GLN E 362 -1.29 21.85 -31.96
C GLN E 362 -0.89 21.82 -30.50
N ARG E 363 -1.64 21.07 -29.68
CA ARG E 363 -1.33 20.99 -28.26
C ARG E 363 0.09 20.52 -28.04
N THR E 364 0.48 19.43 -28.73
CA THR E 364 1.82 18.88 -28.54
C THR E 364 2.90 19.88 -28.94
N PHE E 365 2.76 20.50 -30.11
CA PHE E 365 3.76 21.46 -30.57
C PHE E 365 3.89 22.64 -29.61
N LEU E 366 2.75 23.21 -29.19
CA LEU E 366 2.77 24.34 -28.26
C LEU E 366 3.51 23.99 -26.97
N GLN E 367 3.08 22.90 -26.32
CA GLN E 367 3.70 22.52 -25.05
C GLN E 367 5.18 22.25 -25.22
N ALA E 368 5.56 21.49 -26.25
CA ALA E 368 6.97 21.18 -26.44
C ALA E 368 7.79 22.45 -26.68
N SER E 369 7.28 23.36 -27.52
CA SER E 369 8.04 24.56 -27.83
C SER E 369 8.30 25.41 -26.60
N TYR E 370 7.28 25.64 -25.78
CA TYR E 370 7.64 26.52 -24.67
C TYR E 370 8.27 25.76 -23.51
N TYR E 371 8.20 24.43 -23.52
CA TYR E 371 9.03 23.64 -22.60
C TYR E 371 10.49 23.86 -22.93
N VAL E 372 10.82 23.79 -24.22
CA VAL E 372 12.19 24.02 -24.65
C VAL E 372 12.60 25.45 -24.30
N THR E 373 11.67 26.41 -24.51
CA THR E 373 12.02 27.80 -24.21
C THR E 373 12.33 27.96 -22.72
N ILE E 374 11.55 27.33 -21.86
CA ILE E 374 11.78 27.45 -20.42
C ILE E 374 13.13 26.85 -20.05
N GLU E 375 13.45 25.69 -20.63
CA GLU E 375 14.73 25.05 -20.32
C GLU E 375 15.90 25.98 -20.62
N THR E 376 15.70 26.97 -21.49
CA THR E 376 16.68 27.98 -21.86
C THR E 376 16.64 29.14 -20.87
N GLY E 377 15.41 29.53 -20.51
CA GLY E 377 15.23 30.58 -19.51
C GLY E 377 15.99 30.30 -18.23
N ILE E 378 15.78 29.10 -17.66
CA ILE E 378 16.52 28.71 -16.46
C ILE E 378 18.02 28.94 -16.63
N ASN E 379 18.56 28.58 -17.80
CA ASN E 379 19.98 28.82 -18.08
C ASN E 379 20.30 30.31 -18.05
N LEU E 380 19.41 31.13 -18.63
CA LEU E 380 19.66 32.56 -18.62
C LEU E 380 19.71 33.11 -17.21
N ARG E 381 18.82 32.60 -16.33
CA ARG E 381 18.82 33.05 -14.95
C ARG E 381 20.12 32.68 -14.27
N GLY E 382 20.57 31.44 -14.49
CA GLY E 382 21.83 31.01 -13.91
C GLY E 382 22.99 31.86 -14.37
N ALA E 383 22.99 32.21 -15.66
CA ALA E 383 24.06 33.05 -16.19
C ALA E 383 24.06 34.41 -15.52
N LEU E 384 22.90 35.11 -15.58
CA LEU E 384 22.82 36.43 -14.98
C LEU E 384 23.33 36.42 -13.55
N LEU E 385 22.95 35.40 -12.77
CA LEU E 385 23.42 35.35 -11.40
C LEU E 385 24.94 35.16 -11.34
N ALA E 386 25.45 34.20 -12.12
CA ALA E 386 26.89 33.97 -12.17
C ALA E 386 27.66 35.25 -12.44
N MET E 387 27.14 36.09 -13.34
CA MET E 387 27.83 37.34 -13.65
C MET E 387 27.71 38.35 -12.52
N ILE E 388 26.54 38.43 -11.87
CA ILE E 388 26.40 39.36 -10.76
C ILE E 388 27.36 38.98 -9.65
N TYR E 389 27.68 37.69 -9.55
CA TYR E 389 28.58 37.26 -8.48
C TYR E 389 30.02 37.47 -8.88
N ASN E 390 30.35 37.21 -10.15
CA ASN E 390 31.72 37.40 -10.61
C ASN E 390 32.11 38.86 -10.47
N LYS E 391 31.16 39.77 -10.69
CA LYS E 391 31.47 41.19 -10.53
C LYS E 391 31.21 41.71 -9.12
N ILE E 392 30.59 40.93 -8.24
CA ILE E 392 30.38 41.36 -6.87
C ILE E 392 31.40 40.79 -5.88
N LEU E 393 32.14 39.75 -6.25
CA LEU E 393 33.02 39.08 -5.30
C LEU E 393 34.43 39.67 -5.29
N ARG E 394 35.13 39.59 -6.42
CA ARG E 394 36.51 40.01 -6.50
C ARG E 394 36.68 41.49 -6.86
N LEU E 395 35.61 42.28 -6.74
CA LEU E 395 35.69 43.70 -7.06
C LEU E 395 35.14 44.55 -5.93
N SER E 396 34.10 44.06 -5.26
CA SER E 396 33.35 44.86 -4.29
C SER E 396 33.96 44.82 -2.89
N THR E 397 35.26 44.57 -2.77
CA THR E 397 35.89 44.52 -1.46
C THR E 397 36.22 45.92 -0.96
N SER E 398 37.08 46.64 -1.68
CA SER E 398 37.53 47.97 -1.26
C SER E 398 36.52 49.00 -1.74
N ASN E 399 35.37 49.04 -1.06
CA ASN E 399 34.27 49.92 -1.42
C ASN E 399 34.10 50.99 -0.36
N LEU E 400 34.02 52.25 -0.79
CA LEU E 400 33.77 53.38 0.10
C LEU E 400 32.49 54.13 -0.23
N SER E 401 32.08 54.16 -1.50
CA SER E 401 30.80 54.73 -1.87
C SER E 401 29.64 53.81 -1.51
N MET E 402 29.88 52.51 -1.38
CA MET E 402 28.84 51.55 -1.05
C MET E 402 28.31 51.71 0.37
N GLY E 403 28.95 52.54 1.19
CA GLY E 403 28.48 52.77 2.55
C GLY E 403 27.17 53.52 2.65
N GLU E 404 26.66 54.02 1.53
CA GLU E 404 25.33 54.62 1.53
C GLU E 404 24.23 53.57 1.59
N MET E 405 24.45 52.41 0.96
CA MET E 405 23.50 51.30 1.03
C MET E 405 24.32 50.01 0.98
N THR E 406 24.60 49.44 2.15
CA THR E 406 25.48 48.29 2.23
C THR E 406 24.82 46.99 1.82
N LEU E 407 23.49 46.95 1.74
CA LEU E 407 22.76 45.75 1.36
C LEU E 407 21.89 46.00 0.12
N GLY E 408 22.28 46.97 -0.71
CA GLY E 408 21.53 47.23 -1.92
C GLY E 408 21.51 46.05 -2.87
N GLN E 409 22.66 45.41 -3.04
CA GLN E 409 22.73 44.25 -3.93
C GLN E 409 21.83 43.13 -3.43
N ILE E 410 21.95 42.78 -2.15
CA ILE E 410 21.19 41.70 -1.55
C ILE E 410 19.74 42.13 -1.36
N ASN E 411 19.44 43.38 -1.68
CA ASN E 411 18.08 43.89 -1.65
C ASN E 411 17.41 43.84 -3.02
N ASN E 412 18.17 44.10 -4.08
CA ASN E 412 17.62 44.12 -5.44
C ASN E 412 17.79 42.78 -6.14
N LEU E 413 19.02 42.30 -6.30
CA LEU E 413 19.28 41.15 -7.15
C LEU E 413 18.87 39.84 -6.53
N VAL E 414 18.39 39.83 -5.29
CA VAL E 414 18.08 38.59 -4.59
C VAL E 414 17.03 37.79 -5.35
N ALA E 415 15.81 38.34 -5.45
CA ALA E 415 14.73 37.64 -6.12
C ALA E 415 13.82 38.54 -6.94
N ILE E 416 14.07 39.84 -7.02
CA ILE E 416 13.20 40.72 -7.79
C ILE E 416 13.65 40.82 -9.24
N GLU E 417 14.96 40.67 -9.50
CA GLU E 417 15.52 40.89 -10.83
C GLU E 417 15.61 39.60 -11.64
N THR E 418 16.35 38.61 -11.12
CA THR E 418 16.56 37.38 -11.87
C THR E 418 15.25 36.67 -12.17
N ASN E 419 14.35 36.63 -11.20
CA ASN E 419 13.04 36.02 -11.43
C ASN E 419 12.29 36.79 -12.52
N GLN E 420 12.36 38.12 -12.49
CA GLN E 420 11.69 38.91 -13.52
C GLN E 420 12.24 38.57 -14.89
N LEU E 421 13.56 38.49 -15.02
CA LEU E 421 14.15 38.18 -16.33
C LEU E 421 13.81 36.77 -16.79
N MET E 422 13.82 35.79 -15.88
CA MET E 422 13.49 34.43 -16.26
C MET E 422 12.04 34.33 -16.73
N TRP E 423 11.12 34.95 -15.99
CA TRP E 423 9.72 34.94 -16.42
C TRP E 423 9.55 35.67 -17.74
N PHE E 424 10.23 36.80 -17.92
CA PHE E 424 10.07 37.54 -19.15
C PHE E 424 10.62 36.78 -20.34
N LEU E 425 11.74 36.07 -20.16
CA LEU E 425 12.25 35.24 -21.24
C LEU E 425 11.28 34.11 -21.56
N PHE E 426 10.70 33.49 -20.52
CA PHE E 426 9.73 32.43 -20.78
C PHE E 426 8.44 32.94 -21.40
N LEU E 427 8.15 34.23 -21.28
CA LEU E 427 6.90 34.79 -21.79
C LEU E 427 7.05 35.62 -23.06
N CYS E 428 8.28 35.89 -23.49
CA CYS E 428 8.49 36.72 -24.69
C CYS E 428 7.76 36.26 -25.95
N PRO E 429 7.71 34.97 -26.29
CA PRO E 429 7.04 34.59 -27.55
C PRO E 429 5.62 35.10 -27.67
N ASN E 430 4.90 35.25 -26.55
CA ASN E 430 3.56 35.81 -26.61
C ASN E 430 3.59 37.23 -27.14
N LEU E 431 4.46 38.07 -26.57
CA LEU E 431 4.61 39.43 -27.07
C LEU E 431 5.04 39.43 -28.52
N TRP E 432 5.92 38.49 -28.89
CA TRP E 432 6.52 38.50 -30.21
C TRP E 432 5.51 38.10 -31.28
N ALA E 433 4.56 37.20 -30.97
CA ALA E 433 3.68 36.64 -31.99
C ALA E 433 2.23 36.50 -31.53
N MET E 434 1.73 37.42 -30.71
CA MET E 434 0.31 37.47 -30.40
C MET E 434 -0.50 38.07 -31.54
N PRO E 435 0.01 39.09 -32.24
CA PRO E 435 -0.65 39.49 -33.50
C PRO E 435 -0.79 38.34 -34.47
N VAL E 436 0.15 37.39 -34.48
CA VAL E 436 0.03 36.23 -35.34
C VAL E 436 -1.26 35.47 -35.08
N GLN E 437 -1.84 35.62 -33.89
CA GLN E 437 -3.14 35.03 -33.58
C GLN E 437 -4.28 36.01 -33.74
N ILE E 438 -4.13 37.25 -33.29
CA ILE E 438 -5.22 38.22 -33.36
C ILE E 438 -5.57 38.55 -34.80
N ILE E 439 -4.55 38.86 -35.61
CA ILE E 439 -4.79 39.19 -37.01
C ILE E 439 -5.40 37.99 -37.74
N MET E 440 -4.88 36.80 -37.48
CA MET E 440 -5.41 35.61 -38.13
C MET E 440 -6.88 35.38 -37.78
N GLY E 441 -7.21 35.53 -36.50
CA GLY E 441 -8.60 35.38 -36.09
C GLY E 441 -9.49 36.43 -36.72
N VAL E 442 -9.00 37.66 -36.81
CA VAL E 442 -9.78 38.73 -37.42
C VAL E 442 -10.03 38.43 -38.89
N ILE E 443 -9.00 37.96 -39.60
CA ILE E 443 -9.15 37.64 -41.01
C ILE E 443 -10.15 36.50 -41.21
N LEU E 444 -10.04 35.45 -40.39
CA LEU E 444 -10.98 34.34 -40.48
C LEU E 444 -12.40 34.79 -40.17
N LEU E 445 -12.56 35.64 -39.15
CA LEU E 445 -13.88 36.12 -38.78
C LEU E 445 -14.48 36.99 -39.87
N TYR E 446 -13.67 37.81 -40.53
CA TYR E 446 -14.17 38.58 -41.66
C TYR E 446 -14.55 37.67 -42.82
N ASN E 447 -13.74 36.64 -43.07
CA ASN E 447 -13.97 35.77 -44.21
C ASN E 447 -15.25 34.95 -44.07
N LEU E 448 -15.48 34.37 -42.89
CA LEU E 448 -16.65 33.51 -42.72
C LEU E 448 -17.85 34.21 -42.09
N LEU E 449 -17.62 35.14 -41.16
CA LEU E 449 -18.74 35.86 -40.56
C LEU E 449 -19.44 36.74 -41.58
N GLY E 450 -18.66 37.48 -42.39
CA GLY E 450 -19.24 38.42 -43.33
C GLY E 450 -19.06 39.87 -42.91
N SER E 451 -20.17 40.56 -42.67
CA SER E 451 -20.14 41.97 -42.30
C SER E 451 -20.80 42.27 -40.96
N SER E 452 -21.79 41.48 -40.55
CA SER E 452 -22.54 41.77 -39.34
C SER E 452 -21.74 41.54 -38.07
N ALA E 453 -20.52 41.00 -38.16
CA ALA E 453 -19.78 40.62 -36.97
C ALA E 453 -18.57 41.50 -36.66
N LEU E 454 -17.92 42.07 -37.67
CA LEU E 454 -16.72 42.86 -37.42
C LEU E 454 -16.97 43.96 -36.39
N VAL E 455 -18.13 44.61 -36.49
CA VAL E 455 -18.49 45.63 -35.51
C VAL E 455 -18.60 45.01 -34.12
N GLY E 456 -19.22 43.85 -34.03
CA GLY E 456 -19.27 43.12 -32.78
C GLY E 456 -18.02 42.32 -32.47
N ALA E 457 -17.03 42.35 -33.35
CA ALA E 457 -15.77 41.64 -33.17
C ALA E 457 -14.68 42.52 -32.59
N ALA E 458 -14.49 43.72 -33.14
CA ALA E 458 -13.40 44.60 -32.72
C ALA E 458 -13.56 45.10 -31.28
N VAL E 459 -14.64 44.72 -30.59
CA VAL E 459 -14.84 45.20 -29.23
C VAL E 459 -13.85 44.58 -28.25
N ILE E 460 -13.52 43.30 -28.44
CA ILE E 460 -12.64 42.63 -27.48
C ILE E 460 -11.20 43.13 -27.61
N VAL E 461 -10.78 43.48 -28.83
CA VAL E 461 -9.46 44.05 -29.04
C VAL E 461 -9.26 45.31 -28.21
N LEU E 462 -10.35 45.99 -27.87
CA LEU E 462 -10.29 47.11 -26.93
C LEU E 462 -10.66 46.71 -25.51
N LEU E 463 -11.36 45.58 -25.34
CA LEU E 463 -11.64 45.09 -24.00
C LEU E 463 -10.37 44.75 -23.25
N ALA E 464 -9.41 44.12 -23.92
CA ALA E 464 -8.15 43.77 -23.26
C ALA E 464 -7.44 44.99 -22.66
N PRO E 465 -7.33 46.13 -23.34
CA PRO E 465 -6.75 47.31 -22.68
C PRO E 465 -7.45 47.72 -21.41
N ILE E 466 -8.70 47.29 -21.17
CA ILE E 466 -9.33 47.59 -19.89
C ILE E 466 -8.60 46.88 -18.76
N GLN E 467 -8.26 45.60 -18.96
CA GLN E 467 -7.43 44.91 -17.98
C GLN E 467 -6.04 45.53 -17.90
N TYR E 468 -5.47 45.89 -19.05
CA TYR E 468 -4.16 46.53 -19.05
C TYR E 468 -4.18 47.85 -18.28
N PHE E 469 -5.34 48.49 -18.21
CA PHE E 469 -5.52 49.72 -17.46
C PHE E 469 -5.74 49.46 -15.98
N ILE E 470 -6.46 48.37 -15.67
CA ILE E 470 -6.69 48.02 -14.26
C ILE E 470 -5.39 47.62 -13.59
N ALA E 471 -4.42 47.12 -14.37
CA ALA E 471 -3.19 46.60 -13.80
C ALA E 471 -2.46 47.64 -12.96
N THR E 472 -2.34 48.87 -13.46
CA THR E 472 -1.56 49.89 -12.77
C THR E 472 -2.17 50.23 -11.41
N LYS E 473 -3.49 50.43 -11.38
CA LYS E 473 -4.16 50.73 -10.12
C LYS E 473 -4.01 49.58 -9.13
N LEU E 474 -4.14 48.34 -9.63
CA LEU E 474 -3.96 47.20 -8.74
C LEU E 474 -2.56 47.17 -8.16
N ALA E 475 -1.55 47.49 -8.98
CA ALA E 475 -0.17 47.51 -8.49
C ALA E 475 0.00 48.58 -7.41
N GLU E 476 -0.57 49.76 -7.63
CA GLU E 476 -0.47 50.82 -6.62
C GLU E 476 -1.10 50.39 -5.31
N ALA E 477 -2.27 49.76 -5.38
CA ALA E 477 -2.93 49.30 -4.17
C ALA E 477 -2.09 48.23 -3.46
N GLN E 478 -1.49 47.32 -4.23
CA GLN E 478 -0.65 46.29 -3.62
C GLN E 478 0.55 46.90 -2.92
N LYS E 479 1.16 47.93 -3.53
CA LYS E 479 2.29 48.60 -2.88
C LYS E 479 1.88 49.27 -1.58
N SER E 480 0.75 49.96 -1.58
CA SER E 480 0.29 50.58 -0.34
C SER E 480 0.02 49.53 0.74
N THR E 481 -0.62 48.43 0.35
CA THR E 481 -0.88 47.35 1.30
C THR E 481 0.42 46.77 1.85
N LEU E 482 1.42 46.61 0.98
CA LEU E 482 2.70 46.07 1.43
C LEU E 482 3.37 46.98 2.44
N ASP E 483 3.34 48.30 2.19
CA ASP E 483 3.96 49.22 3.15
C ASP E 483 3.24 49.20 4.49
N TYR E 484 1.90 49.17 4.46
CA TYR E 484 1.15 49.06 5.70
C TYR E 484 1.48 47.76 6.43
N SER E 485 1.64 46.67 5.67
CA SER E 485 1.99 45.38 6.26
C SER E 485 3.38 45.43 6.89
N THR E 486 4.32 46.15 6.27
CA THR E 486 5.64 46.29 6.86
C THR E 486 5.57 47.03 8.19
N GLU E 487 4.78 48.10 8.25
CA GLU E 487 4.59 48.80 9.52
C GLU E 487 3.98 47.88 10.56
N ARG E 488 2.95 47.11 10.17
CA ARG E 488 2.32 46.17 11.08
C ARG E 488 3.31 45.14 11.59
N LEU E 489 4.14 44.60 10.70
CA LEU E 489 5.09 43.57 11.10
C LEU E 489 6.12 44.10 12.08
N LYS E 490 6.64 45.31 11.83
CA LYS E 490 7.60 45.87 12.78
C LYS E 490 6.96 46.11 14.14
N LYS E 491 5.75 46.66 14.16
CA LYS E 491 5.06 46.89 15.42
C LYS E 491 4.79 45.58 16.15
N THR E 492 4.39 44.54 15.41
CA THR E 492 4.11 43.26 16.01
C THR E 492 5.39 42.63 16.59
N ASN E 493 6.51 42.79 15.89
CA ASN E 493 7.77 42.28 16.41
C ASN E 493 8.11 42.96 17.73
N GLU E 494 7.99 44.29 17.77
CA GLU E 494 8.25 45.00 19.02
C GLU E 494 7.31 44.52 20.13
N ILE E 495 6.05 44.30 19.80
CA ILE E 495 5.07 43.91 20.82
C ILE E 495 5.40 42.51 21.35
N LEU E 496 5.68 41.57 20.46
CA LEU E 496 5.91 40.19 20.87
C LEU E 496 7.27 39.99 21.52
N LYS E 497 8.20 40.92 21.35
CA LYS E 497 9.51 40.75 21.97
C LYS E 497 9.49 40.87 23.49
N GLY E 498 8.40 41.33 24.08
CA GLY E 498 8.33 41.50 25.53
C GLY E 498 7.27 40.66 26.21
N ILE E 499 7.13 39.40 25.80
CA ILE E 499 6.03 38.56 26.28
C ILE E 499 6.17 38.30 27.77
N LYS E 500 7.37 37.95 28.24
CA LYS E 500 7.55 37.64 29.66
C LYS E 500 7.48 38.89 30.52
N LEU E 501 7.84 40.05 29.95
CA LEU E 501 7.74 41.30 30.70
C LEU E 501 6.29 41.74 30.86
N LEU E 502 5.50 41.67 29.80
CA LEU E 502 4.14 42.18 29.82
C LEU E 502 3.11 41.18 30.32
N LYS E 503 3.49 39.91 30.51
CA LYS E 503 2.51 38.87 30.82
C LYS E 503 1.84 39.08 32.17
N LEU E 504 2.40 39.92 33.04
CA LEU E 504 1.76 40.19 34.33
C LEU E 504 1.75 41.66 34.73
N TYR E 505 2.52 42.53 34.09
CA TYR E 505 2.58 43.93 34.50
C TYR E 505 1.32 44.67 34.08
N ALA E 506 1.30 45.98 34.35
CA ALA E 506 0.17 46.82 34.01
C ALA E 506 0.11 47.17 32.52
N TRP E 507 0.89 46.50 31.69
CA TRP E 507 0.98 46.74 30.26
C TRP E 507 0.85 45.44 29.48
N GLU E 508 -0.17 44.65 29.83
CA GLU E 508 -0.36 43.36 29.19
C GLU E 508 -1.09 43.50 27.85
N HIS E 509 -2.31 44.02 27.88
CA HIS E 509 -3.11 44.14 26.67
C HIS E 509 -2.96 45.49 26.00
N ILE E 510 -2.71 46.55 26.77
CA ILE E 510 -2.79 47.91 26.24
C ILE E 510 -1.78 48.15 25.13
N PHE E 511 -0.61 47.54 25.21
CA PHE E 511 0.44 47.80 24.23
C PHE E 511 0.03 47.41 22.82
N CYS E 512 -0.97 46.55 22.66
CA CYS E 512 -1.43 46.14 21.34
C CYS E 512 -2.59 46.99 20.82
N LYS E 513 -3.10 47.92 21.63
CA LYS E 513 -4.34 48.63 21.30
C LYS E 513 -4.24 49.30 19.94
N SER E 514 -3.37 50.30 19.82
CA SER E 514 -3.16 50.92 18.51
C SER E 514 -2.76 49.88 17.47
N VAL E 515 -1.96 48.90 17.88
CA VAL E 515 -1.57 47.83 16.97
C VAL E 515 -2.80 47.17 16.37
N GLU E 516 -3.78 46.86 17.22
CA GLU E 516 -5.03 46.32 16.71
C GLU E 516 -5.65 47.28 15.71
N GLU E 517 -5.76 48.56 16.09
CA GLU E 517 -6.24 49.57 15.16
C GLU E 517 -5.39 49.57 13.89
N THR E 518 -4.07 49.41 14.07
CA THR E 518 -3.17 49.28 12.92
C THR E 518 -3.71 48.29 11.92
N ARG E 519 -4.00 47.07 12.38
CA ARG E 519 -4.55 46.05 11.49
C ARG E 519 -5.79 46.59 10.80
N MET E 520 -6.74 47.10 11.59
CA MET E 520 -7.95 47.68 11.01
C MET E 520 -7.58 48.78 10.02
N LYS E 521 -6.67 49.66 10.43
CA LYS E 521 -6.21 50.70 9.51
C LYS E 521 -5.66 50.07 8.24
N GLU E 522 -4.73 49.12 8.40
CA GLU E 522 -4.18 48.47 7.21
C GLU E 522 -5.28 47.74 6.45
N LEU E 523 -6.25 47.18 7.17
CA LEU E 523 -7.34 46.47 6.52
C LEU E 523 -8.01 47.35 5.49
N SER E 524 -8.12 48.65 5.78
CA SER E 524 -8.82 49.53 4.85
C SER E 524 -8.12 49.56 3.50
N SER E 525 -6.78 49.62 3.50
CA SER E 525 -6.05 49.62 2.25
C SER E 525 -6.33 48.34 1.49
N LEU E 526 -6.39 47.21 2.20
CA LEU E 526 -6.67 45.94 1.54
C LEU E 526 -8.01 46.00 0.82
N LYS E 527 -9.01 46.60 1.46
CA LYS E 527 -10.32 46.67 0.83
C LYS E 527 -10.21 47.36 -0.52
N THR E 528 -9.45 48.45 -0.57
CA THR E 528 -9.31 49.18 -1.84
C THR E 528 -8.78 48.26 -2.92
N PHE E 529 -7.73 47.49 -2.60
CA PHE E 529 -7.16 46.62 -3.60
C PHE E 529 -8.20 45.62 -4.08
N ALA E 530 -8.96 45.06 -3.13
CA ALA E 530 -9.92 44.03 -3.50
C ALA E 530 -10.87 44.55 -4.55
N LEU E 531 -11.26 45.82 -4.44
CA LEU E 531 -12.26 46.35 -5.35
C LEU E 531 -11.80 46.17 -6.80
N TYR E 532 -10.58 46.60 -7.10
CA TYR E 532 -10.13 46.49 -8.49
C TYR E 532 -10.10 45.03 -8.92
N THR E 533 -9.63 44.15 -8.04
CA THR E 533 -9.53 42.76 -8.45
C THR E 533 -10.91 42.23 -8.81
N SER E 534 -11.91 42.56 -8.00
CA SER E 534 -13.25 42.07 -8.31
C SER E 534 -13.70 42.63 -9.64
N LEU E 535 -13.44 43.93 -9.87
CA LEU E 535 -13.84 44.53 -11.13
C LEU E 535 -13.16 43.84 -12.29
N SER E 536 -11.87 43.51 -12.12
CA SER E 536 -11.15 42.86 -13.22
C SER E 536 -11.82 41.55 -13.59
N ILE E 537 -12.31 40.82 -12.57
CA ILE E 537 -12.96 39.55 -12.85
C ILE E 537 -14.18 39.78 -13.74
N PHE E 538 -14.95 40.84 -13.44
CA PHE E 538 -16.11 41.15 -14.28
C PHE E 538 -15.66 41.41 -15.71
N MET E 539 -14.55 42.13 -15.88
CA MET E 539 -14.05 42.38 -17.22
C MET E 539 -13.76 41.06 -17.93
N ASN E 540 -13.20 40.10 -17.20
CA ASN E 540 -12.91 38.79 -17.78
C ASN E 540 -14.13 37.87 -17.83
N ALA E 541 -15.23 38.23 -17.17
CA ALA E 541 -16.41 37.38 -17.15
C ALA E 541 -17.59 37.91 -17.95
N ALA E 542 -17.46 39.05 -18.59
CA ALA E 542 -18.63 39.58 -19.27
C ALA E 542 -18.40 39.96 -20.72
N ILE E 543 -17.24 40.53 -21.04
CA ILE E 543 -17.00 41.17 -22.33
C ILE E 543 -17.32 40.27 -23.51
N PRO E 544 -16.93 38.96 -23.52
CA PRO E 544 -17.26 38.12 -24.67
C PRO E 544 -18.73 38.13 -25.04
N ILE E 545 -19.58 37.71 -24.09
CA ILE E 545 -21.02 37.70 -24.32
C ILE E 545 -21.47 39.04 -24.87
N ALA E 546 -21.20 40.11 -24.12
CA ALA E 546 -21.51 41.46 -24.57
C ALA E 546 -21.11 41.65 -26.02
N ALA E 547 -19.83 41.39 -26.32
CA ALA E 547 -19.31 41.63 -27.66
C ALA E 547 -20.18 40.92 -28.71
N VAL E 548 -20.49 39.64 -28.49
CA VAL E 548 -21.19 38.90 -29.52
C VAL E 548 -22.58 39.48 -29.73
N LEU E 549 -23.21 39.96 -28.66
CA LEU E 549 -24.50 40.60 -28.80
C LEU E 549 -24.41 41.75 -29.79
N ALA E 550 -23.36 42.56 -29.68
CA ALA E 550 -23.16 43.66 -30.62
C ALA E 550 -23.21 43.16 -32.05
N THR E 551 -22.48 42.08 -32.33
CA THR E 551 -22.48 41.54 -33.69
C THR E 551 -23.88 41.17 -34.12
N PHE E 552 -24.63 40.50 -33.23
CA PHE E 552 -25.99 40.12 -33.59
C PHE E 552 -26.89 41.34 -33.73
N VAL E 553 -26.59 42.42 -33.01
CA VAL E 553 -27.28 43.68 -33.27
C VAL E 553 -26.97 44.13 -34.69
N THR E 554 -25.69 44.09 -35.07
CA THR E 554 -25.33 44.40 -36.44
C THR E 554 -25.82 43.34 -37.42
N HIS E 555 -26.35 42.22 -36.90
CA HIS E 555 -27.07 41.28 -37.77
C HIS E 555 -28.24 41.97 -38.45
N ALA E 556 -28.87 42.95 -37.78
CA ALA E 556 -29.93 43.72 -38.41
C ALA E 556 -29.41 44.62 -39.52
N TYR E 557 -28.09 44.76 -39.65
CA TYR E 557 -27.48 45.45 -40.77
C TYR E 557 -27.19 44.50 -41.94
N ALA E 558 -27.57 43.22 -41.83
CA ALA E 558 -27.39 42.28 -42.93
C ALA E 558 -28.67 42.05 -43.72
N SER E 559 -29.83 42.28 -43.12
CA SER E 559 -31.15 42.16 -43.76
C SER E 559 -31.45 40.76 -44.25
N GLY E 560 -30.65 39.77 -43.87
CA GLY E 560 -30.87 38.41 -44.30
C GLY E 560 -32.04 37.77 -43.59
N ASN E 561 -32.48 36.64 -44.13
CA ASN E 561 -33.59 35.91 -43.52
C ASN E 561 -33.21 35.42 -42.12
N ASN E 562 -32.08 34.74 -42.01
CA ASN E 562 -31.58 34.24 -40.74
C ASN E 562 -30.11 33.88 -40.91
N LEU E 563 -29.54 33.27 -39.87
CA LEU E 563 -28.15 32.83 -39.90
C LEU E 563 -28.10 31.31 -39.92
N LYS E 564 -27.36 30.76 -40.87
CA LYS E 564 -27.19 29.33 -40.94
C LYS E 564 -26.50 28.84 -39.68
N PRO E 565 -27.06 27.84 -38.97
CA PRO E 565 -26.42 27.35 -37.74
C PRO E 565 -24.98 26.90 -37.94
N ALA E 566 -24.57 26.63 -39.18
CA ALA E 566 -23.19 26.36 -39.51
C ALA E 566 -22.41 27.62 -39.84
N GLU E 567 -22.96 28.80 -39.58
CA GLU E 567 -22.27 30.06 -39.84
C GLU E 567 -21.90 30.83 -38.60
N ALA E 568 -22.69 30.72 -37.53
CA ALA E 568 -22.47 31.51 -36.32
C ALA E 568 -21.90 30.70 -35.16
N PHE E 569 -22.13 29.39 -35.11
CA PHE E 569 -21.52 28.58 -34.06
C PHE E 569 -20.01 28.62 -34.17
N ALA E 570 -19.48 28.47 -35.38
CA ALA E 570 -18.04 28.60 -35.57
C ALA E 570 -17.54 30.02 -35.33
N SER E 571 -18.39 31.02 -35.61
CA SER E 571 -18.02 32.39 -35.29
C SER E 571 -17.85 32.56 -33.78
N LEU E 572 -18.78 32.02 -33.01
CA LEU E 572 -18.66 32.07 -31.56
C LEU E 572 -17.46 31.28 -31.08
N SER E 573 -17.14 30.17 -31.76
CA SER E 573 -15.94 29.42 -31.41
C SER E 573 -14.68 30.23 -31.64
N LEU E 574 -14.61 30.93 -32.78
CA LEU E 574 -13.47 31.81 -33.04
C LEU E 574 -13.38 32.89 -31.99
N PHE E 575 -14.52 33.46 -31.59
CA PHE E 575 -14.52 34.49 -30.55
C PHE E 575 -14.02 33.92 -29.22
N HIS E 576 -14.44 32.71 -28.87
CA HIS E 576 -14.02 32.09 -27.62
C HIS E 576 -12.58 31.60 -27.67
N ILE E 577 -11.99 31.50 -28.86
CA ILE E 577 -10.58 31.12 -28.97
C ILE E 577 -9.68 32.35 -28.95
N LEU E 578 -10.11 33.42 -29.62
CA LEU E 578 -9.30 34.63 -29.69
C LEU E 578 -8.99 35.19 -28.32
N VAL E 579 -9.89 35.04 -27.35
CA VAL E 579 -9.85 35.78 -26.10
C VAL E 579 -8.74 35.31 -25.18
N THR E 580 -8.03 34.25 -25.57
CA THR E 580 -7.05 33.70 -24.65
C THR E 580 -5.77 34.54 -24.56
N PRO E 581 -5.05 34.80 -25.66
CA PRO E 581 -3.74 35.47 -25.53
C PRO E 581 -3.83 36.93 -25.10
N LEU E 582 -5.03 37.51 -25.01
CA LEU E 582 -5.14 38.91 -24.63
C LEU E 582 -4.66 39.15 -23.21
N PHE E 583 -4.98 38.22 -22.29
CA PHE E 583 -4.48 38.34 -20.93
C PHE E 583 -2.97 38.19 -20.88
N LEU E 584 -2.41 37.29 -21.71
CA LEU E 584 -0.96 37.19 -21.82
C LEU E 584 -0.36 38.52 -22.26
N LEU E 585 -0.99 39.17 -23.25
CA LEU E 585 -0.50 40.46 -23.71
C LEU E 585 -0.56 41.51 -22.60
N SER E 586 -1.67 41.54 -21.85
CA SER E 586 -1.80 42.51 -20.77
C SER E 586 -0.73 42.28 -19.70
N THR E 587 -0.45 41.02 -19.37
CA THR E 587 0.63 40.73 -18.44
C THR E 587 1.97 41.18 -19.00
N VAL E 588 2.21 40.93 -20.29
CA VAL E 588 3.45 41.35 -20.92
C VAL E 588 3.63 42.86 -20.83
N VAL E 589 2.52 43.60 -20.83
CA VAL E 589 2.60 45.05 -20.75
C VAL E 589 3.42 45.48 -19.53
N ARG E 590 3.16 44.84 -18.38
CA ARG E 590 3.96 45.14 -17.19
C ARG E 590 5.29 44.39 -17.18
N PHE E 591 5.31 43.18 -17.75
CA PHE E 591 6.53 42.36 -17.68
C PHE E 591 7.69 43.01 -18.43
N ALA E 592 7.41 43.61 -19.59
CA ALA E 592 8.47 44.27 -20.34
C ALA E 592 9.09 45.42 -19.56
N VAL E 593 8.23 46.24 -18.93
CA VAL E 593 8.74 47.35 -18.12
C VAL E 593 9.57 46.82 -16.96
N LYS E 594 9.09 45.76 -16.30
CA LYS E 594 9.85 45.19 -15.19
C LYS E 594 11.22 44.71 -15.65
N ALA E 595 11.26 44.00 -16.78
CA ALA E 595 12.55 43.50 -17.28
C ALA E 595 13.49 44.64 -17.67
N ILE E 596 12.96 45.68 -18.32
CA ILE E 596 13.80 46.80 -18.73
C ILE E 596 14.40 47.50 -17.51
N ILE E 597 13.56 47.75 -16.51
CA ILE E 597 14.04 48.37 -15.27
C ILE E 597 15.10 47.50 -14.62
N SER E 598 14.86 46.18 -14.55
CA SER E 598 15.81 45.29 -13.91
C SER E 598 17.15 45.26 -14.64
N VAL E 599 17.13 45.18 -15.97
CA VAL E 599 18.38 45.10 -16.71
C VAL E 599 19.16 46.41 -16.61
N GLN E 600 18.45 47.54 -16.64
CA GLN E 600 19.15 48.81 -16.47
C GLN E 600 19.78 48.92 -15.08
N LYS E 601 19.02 48.51 -14.05
CA LYS E 601 19.58 48.53 -12.70
C LYS E 601 20.79 47.62 -12.58
N LEU E 602 20.73 46.44 -13.18
CA LEU E 602 21.87 45.53 -13.15
C LEU E 602 23.07 46.13 -13.86
N ASN E 603 22.85 46.77 -15.01
CA ASN E 603 23.96 47.38 -15.74
C ASN E 603 24.59 48.50 -14.92
N GLU E 604 23.76 49.35 -14.32
CA GLU E 604 24.29 50.43 -13.49
C GLU E 604 25.08 49.91 -12.32
N PHE E 605 24.57 48.88 -11.63
CA PHE E 605 25.27 48.34 -10.48
C PHE E 605 26.60 47.71 -10.90
N LEU E 606 26.57 46.85 -11.92
CA LEU E 606 27.79 46.21 -12.41
C LEU E 606 28.72 47.16 -13.14
N LEU E 607 28.31 48.42 -13.34
CA LEU E 607 29.21 49.43 -13.89
C LEU E 607 29.42 50.55 -12.88
N SER E 608 29.66 50.20 -11.62
CA SER E 608 29.83 51.19 -10.55
C SER E 608 31.17 50.98 -9.87
N ASP E 609 32.23 51.57 -10.44
CA ASP E 609 33.56 51.57 -9.84
C ASP E 609 34.06 50.16 -9.56
N GLU E 610 33.60 49.18 -10.33
CA GLU E 610 34.06 47.80 -10.17
C GLU E 610 35.46 47.59 -10.73
N ILE E 611 36.00 48.57 -11.45
CA ILE E 611 37.38 48.56 -11.91
C ILE E 611 38.11 49.68 -11.16
N GLY E 612 39.25 49.34 -10.56
CA GLY E 612 39.96 50.21 -9.66
C GLY E 612 39.73 49.87 -8.20
N GLU E 613 38.60 49.25 -7.89
CA GLU E 613 38.40 48.62 -6.59
C GLU E 613 39.12 47.28 -6.49
N ASP E 614 39.64 46.78 -7.61
CA ASP E 614 40.53 45.62 -7.62
C ASP E 614 41.51 45.83 -8.78
N SER E 615 42.64 46.44 -8.47
CA SER E 615 43.65 46.79 -9.47
C SER E 615 44.92 46.00 -9.17
N TRP E 616 45.19 44.99 -9.99
CA TRP E 616 46.38 44.16 -9.82
C TRP E 616 47.47 44.57 -10.81
N GLU E 664 62.11 37.30 1.89
CA GLU E 664 61.53 36.43 2.90
C GLU E 664 60.07 36.77 3.16
N ASP E 665 59.23 36.63 2.13
CA ASP E 665 57.79 36.90 2.21
C ASP E 665 57.53 38.34 2.65
N VAL E 666 57.94 39.28 1.79
CA VAL E 666 57.72 40.71 2.02
C VAL E 666 57.12 41.31 0.76
N ALA E 667 56.40 42.42 0.94
CA ALA E 667 55.59 42.97 -0.15
C ALA E 667 55.77 44.46 -0.37
N ILE E 668 56.08 45.21 0.69
CA ILE E 668 55.89 46.66 0.71
C ILE E 668 57.22 47.34 0.45
N LYS E 669 57.29 48.07 -0.68
CA LYS E 669 58.34 49.07 -0.92
C LYS E 669 57.76 50.08 -1.90
N VAL E 670 57.24 51.19 -1.37
CA VAL E 670 56.51 52.17 -2.15
C VAL E 670 57.16 53.53 -2.01
N THR E 671 57.24 54.27 -3.11
CA THR E 671 57.72 55.64 -3.13
C THR E 671 56.62 56.57 -3.66
N ASN E 672 55.40 56.35 -3.18
CA ASN E 672 54.22 56.99 -3.78
C ASN E 672 54.26 58.51 -3.63
N GLY E 673 53.98 59.20 -4.72
CA GLY E 673 53.57 60.59 -4.62
C GLY E 673 52.13 60.76 -4.22
N TYR E 674 51.40 59.64 -4.11
CA TYR E 674 50.03 59.61 -3.62
C TYR E 674 49.63 58.18 -3.29
N PHE E 675 49.02 57.96 -2.12
CA PHE E 675 48.47 56.67 -1.73
C PHE E 675 47.07 56.96 -1.19
N SER E 676 46.08 56.95 -2.08
CA SER E 676 44.74 57.38 -1.73
C SER E 676 44.01 56.34 -0.89
N TRP E 677 43.16 56.82 0.02
CA TRP E 677 42.24 55.95 0.76
C TRP E 677 41.13 55.57 -0.22
N GLY E 678 41.44 54.60 -1.08
CA GLY E 678 40.52 54.20 -2.11
C GLY E 678 40.13 55.36 -2.99
N SER E 679 38.89 55.82 -2.84
CA SER E 679 38.43 56.99 -3.57
C SER E 679 39.01 58.29 -3.01
N GLY E 680 39.29 58.33 -1.71
CA GLY E 680 39.80 59.52 -1.08
C GLY E 680 41.28 59.75 -1.30
N LEU E 681 41.61 60.75 -2.11
CA LEU E 681 43.00 61.03 -2.45
C LEU E 681 43.69 61.84 -1.35
N ALA E 682 45.01 61.96 -1.48
CA ALA E 682 45.84 62.73 -0.55
C ALA E 682 45.68 62.25 0.88
N THR E 683 45.50 60.94 1.08
CA THR E 683 45.34 60.38 2.41
C THR E 683 46.67 59.91 2.99
N LEU E 684 47.49 59.22 2.20
CA LEU E 684 48.78 58.71 2.65
C LEU E 684 49.85 59.24 1.69
N SER E 685 50.39 60.41 1.99
CA SER E 685 51.44 61.01 1.19
C SER E 685 52.80 60.69 1.79
N ASN E 686 53.76 60.39 0.91
CA ASN E 686 55.14 60.09 1.31
C ASN E 686 55.21 58.89 2.26
N ILE E 687 54.83 57.75 1.71
CA ILE E 687 54.81 56.48 2.46
C ILE E 687 55.85 55.54 1.87
N ASP E 688 56.73 55.02 2.74
CA ASP E 688 57.78 54.10 2.31
C ASP E 688 58.24 53.30 3.52
N ILE E 689 57.92 52.01 3.55
CA ILE E 689 58.31 51.17 4.68
C ILE E 689 58.26 49.71 4.25
N ARG E 690 59.28 48.95 4.65
CA ARG E 690 59.29 47.50 4.55
C ARG E 690 59.43 46.92 5.95
N ILE E 691 58.53 46.02 6.32
CA ILE E 691 58.40 45.54 7.69
C ILE E 691 59.09 44.17 7.78
N PRO E 692 60.14 44.03 8.59
CA PRO E 692 60.66 42.69 8.86
C PRO E 692 59.61 41.82 9.52
N THR E 693 59.58 40.55 9.12
CA THR E 693 58.51 39.66 9.54
C THR E 693 58.62 39.35 11.03
N GLY E 694 57.65 38.58 11.53
CA GLY E 694 57.69 38.06 12.89
C GLY E 694 57.81 39.10 13.99
N GLN E 695 56.99 40.15 13.91
CA GLN E 695 57.08 41.26 14.84
C GLN E 695 55.69 41.64 15.33
N LEU E 696 55.67 42.35 16.46
CA LEU E 696 54.43 42.85 17.04
C LEU E 696 54.23 44.31 16.65
N THR E 697 54.04 44.53 15.34
CA THR E 697 53.92 45.88 14.80
C THR E 697 52.55 46.46 15.17
N MET E 698 52.55 47.46 16.05
CA MET E 698 51.31 48.01 16.61
C MET E 698 51.49 49.51 16.77
N ILE E 699 50.87 50.28 15.87
CA ILE E 699 50.82 51.75 16.01
C ILE E 699 49.58 52.04 16.83
N VAL E 700 49.74 51.95 18.15
CA VAL E 700 48.60 52.13 19.06
C VAL E 700 48.18 53.59 19.06
N GLY E 701 46.94 53.85 18.67
CA GLY E 701 46.39 55.19 18.65
C GLY E 701 44.92 55.20 18.29
N GLN E 702 44.10 55.93 19.04
CA GLN E 702 42.67 55.94 18.80
C GLN E 702 42.20 57.09 17.91
N VAL E 703 43.02 58.12 17.73
CA VAL E 703 42.63 59.31 16.98
C VAL E 703 43.58 59.49 15.80
N GLY E 704 43.01 59.62 14.61
CA GLY E 704 43.82 59.86 13.41
C GLY E 704 44.86 58.80 13.15
N CYS E 705 44.61 57.56 13.57
CA CYS E 705 45.63 56.53 13.46
C CYS E 705 45.84 56.10 12.01
N GLY E 706 44.75 55.91 11.27
CA GLY E 706 44.86 55.28 9.97
C GLY E 706 44.98 53.78 10.02
N LYS E 707 44.72 53.19 11.20
CA LYS E 707 44.95 51.76 11.40
C LYS E 707 44.16 50.91 10.41
N SER E 708 42.97 51.35 10.03
CA SER E 708 42.22 50.55 9.06
C SER E 708 42.66 50.88 7.66
N SER E 709 42.91 52.16 7.36
CA SER E 709 43.33 52.53 6.03
C SER E 709 44.71 51.96 5.76
N LEU E 710 45.63 52.13 6.72
CA LEU E 710 46.98 51.61 6.56
C LEU E 710 46.97 50.08 6.52
N LEU E 711 46.16 49.45 7.37
CA LEU E 711 46.12 47.99 7.39
C LEU E 711 45.61 47.45 6.07
N LEU E 712 44.58 48.08 5.49
CA LEU E 712 44.08 47.63 4.19
C LEU E 712 45.08 47.94 3.08
N ALA E 713 45.82 49.05 3.19
CA ALA E 713 46.73 49.45 2.12
C ALA E 713 48.07 48.72 2.15
N ILE E 714 48.43 48.09 3.26
CA ILE E 714 49.71 47.38 3.32
C ILE E 714 49.73 46.19 2.36
N LEU E 715 48.70 45.35 2.43
CA LEU E 715 48.67 44.10 1.68
C LEU E 715 48.19 44.26 0.25
N GLY E 716 47.92 45.49 -0.19
CA GLY E 716 47.43 45.73 -1.53
C GLY E 716 45.93 45.65 -1.68
N GLU E 717 45.22 45.14 -0.67
CA GLU E 717 43.77 45.04 -0.74
C GLU E 717 43.08 46.40 -0.80
N MET E 718 43.79 47.48 -0.49
CA MET E 718 43.27 48.84 -0.62
C MET E 718 43.99 49.54 -1.76
N GLN E 719 43.25 50.44 -2.42
CA GLN E 719 43.75 51.11 -3.63
C GLN E 719 44.63 52.30 -3.22
N THR E 720 45.83 51.96 -2.77
CA THR E 720 46.89 52.94 -2.52
C THR E 720 48.07 52.76 -3.45
N LEU E 721 47.91 51.98 -4.52
CA LEU E 721 48.99 51.62 -5.43
C LEU E 721 49.46 52.78 -6.31
N GLU E 722 48.92 53.98 -6.14
CA GLU E 722 49.35 55.10 -6.97
C GLU E 722 50.82 55.39 -6.73
N GLY E 723 51.55 55.65 -7.82
CA GLY E 723 52.98 55.83 -7.74
C GLY E 723 53.74 54.57 -8.12
N LYS E 724 54.89 54.35 -7.48
CA LYS E 724 55.70 53.16 -7.72
C LYS E 724 55.76 52.32 -6.46
N VAL E 725 55.44 51.04 -6.59
CA VAL E 725 55.43 50.09 -5.48
C VAL E 725 56.32 48.92 -5.85
N TYR E 726 57.22 48.55 -4.94
CA TYR E 726 58.12 47.42 -5.12
C TYR E 726 57.88 46.39 -4.01
N TRP E 727 58.38 45.18 -4.23
CA TRP E 727 58.24 44.08 -3.29
C TRP E 727 59.60 43.47 -3.02
N ASN E 728 59.60 42.41 -2.21
CA ASN E 728 60.83 41.70 -1.89
C ASN E 728 61.38 41.00 -3.15
N ASN E 729 62.58 40.45 -3.01
CA ASN E 729 63.24 39.81 -4.14
C ASN E 729 62.60 38.49 -4.55
N VAL E 730 61.67 37.95 -3.73
CA VAL E 730 61.00 36.70 -4.05
C VAL E 730 59.75 36.62 -3.19
N ASN E 731 58.79 35.80 -3.61
CA ASN E 731 57.56 35.60 -2.86
C ASN E 731 57.74 34.68 -1.66
N GLU E 732 58.87 33.98 -1.56
CA GLU E 732 59.12 33.08 -0.45
C GLU E 732 60.61 32.84 -0.26
N ARG E 741 50.51 38.32 -10.06
CA ARG E 741 51.13 39.45 -9.38
C ARG E 741 50.13 40.17 -8.50
N SER E 742 49.90 39.65 -7.29
CA SER E 742 48.94 40.22 -6.35
C SER E 742 49.61 41.02 -5.25
N ARG E 743 50.79 41.59 -5.53
CA ARG E 743 51.53 42.44 -4.59
C ARG E 743 52.03 41.65 -3.37
N SER E 744 52.37 40.38 -3.57
CA SER E 744 52.99 39.54 -2.53
C SER E 744 52.13 39.47 -1.27
N ARG E 745 50.94 38.88 -1.43
CA ARG E 745 50.02 38.72 -0.30
C ARG E 745 49.37 37.34 -0.28
N TYR E 746 49.95 36.35 -0.96
CA TYR E 746 49.36 35.02 -1.01
C TYR E 746 49.42 34.29 0.32
N SER E 747 50.18 34.78 1.30
CA SER E 747 50.30 34.16 2.61
C SER E 747 49.59 34.95 3.70
N VAL E 748 48.57 35.72 3.34
CA VAL E 748 47.94 36.62 4.29
C VAL E 748 46.98 35.85 5.20
N ALA E 749 46.68 36.44 6.35
CA ALA E 749 45.72 35.91 7.30
C ALA E 749 45.11 37.07 8.05
N TYR E 750 43.79 37.06 8.21
CA TYR E 750 43.06 38.22 8.68
C TYR E 750 41.99 37.79 9.68
N ALA E 751 41.59 38.72 10.53
CA ALA E 751 40.52 38.50 11.49
C ALA E 751 39.65 39.76 11.54
N ALA E 752 38.44 39.58 12.05
CA ALA E 752 37.43 40.63 11.97
C ALA E 752 37.86 41.87 12.76
N GLN E 753 37.59 43.04 12.17
CA GLN E 753 37.58 44.31 12.89
C GLN E 753 36.17 44.86 13.05
N LYS E 754 35.35 44.73 12.02
CA LYS E 754 33.91 44.74 12.17
C LYS E 754 33.43 43.30 12.27
N PRO E 755 32.74 42.92 13.35
CA PRO E 755 32.49 41.49 13.60
C PRO E 755 31.71 40.83 12.47
N TRP E 756 31.85 39.51 12.39
CA TRP E 756 31.21 38.72 11.33
C TRP E 756 30.99 37.30 11.82
N LEU E 757 29.79 36.79 11.57
CA LEU E 757 29.43 35.43 11.94
C LEU E 757 28.68 34.76 10.81
N LEU E 758 29.03 33.51 10.52
CA LEU E 758 28.41 32.79 9.42
C LEU E 758 26.97 32.44 9.76
N ASN E 759 26.16 32.30 8.72
CA ASN E 759 24.76 31.89 8.86
C ASN E 759 24.63 30.38 8.87
N ALA E 760 25.41 29.75 9.74
CA ALA E 760 25.46 28.29 9.82
C ALA E 760 26.01 27.91 11.20
N THR E 761 26.43 26.67 11.33
CA THR E 761 27.08 26.21 12.56
C THR E 761 28.37 26.98 12.80
N VAL E 762 28.65 27.27 14.07
CA VAL E 762 29.89 27.97 14.43
C VAL E 762 31.10 27.14 14.03
N GLU E 763 31.04 25.82 14.27
CA GLU E 763 32.13 24.94 13.83
C GLU E 763 32.38 25.08 12.34
N GLU E 764 31.30 25.18 11.56
CA GLU E 764 31.45 25.51 10.14
C GLU E 764 32.08 26.89 9.97
N ASN E 765 31.65 27.86 10.77
CA ASN E 765 32.19 29.22 10.66
C ASN E 765 33.69 29.26 10.93
N ILE E 766 34.23 28.26 11.62
CA ILE E 766 35.65 28.23 11.93
C ILE E 766 36.42 27.21 11.11
N THR E 767 35.74 26.30 10.41
CA THR E 767 36.44 25.25 9.66
C THR E 767 37.50 25.82 8.73
N PHE E 768 37.14 26.87 8.00
CA PHE E 768 38.12 27.68 7.24
C PHE E 768 38.86 26.87 6.18
N GLY E 769 38.14 25.95 5.54
CA GLY E 769 38.64 25.31 4.33
C GLY E 769 39.95 24.54 4.46
N SER E 770 40.05 23.69 5.48
CA SER E 770 41.24 22.87 5.70
C SER E 770 40.80 21.58 6.37
N SER E 771 41.76 20.85 6.94
CA SER E 771 41.44 19.64 7.67
C SER E 771 40.70 19.98 8.97
N PHE E 772 40.26 18.94 9.67
CA PHE E 772 39.56 19.13 10.95
C PHE E 772 39.76 17.87 11.80
N ASN E 773 40.66 17.95 12.76
CA ASN E 773 40.88 16.87 13.72
C ASN E 773 40.87 17.45 15.12
N ARG E 774 40.51 16.59 16.09
CA ARG E 774 40.19 17.08 17.43
C ARG E 774 41.39 17.68 18.15
N GLN E 775 42.60 17.20 17.86
CA GLN E 775 43.77 17.57 18.67
C GLN E 775 44.10 19.06 18.64
N ARG E 776 44.56 19.58 17.50
CA ARG E 776 44.99 20.97 17.44
C ARG E 776 43.80 21.93 17.56
N TYR E 777 42.65 21.57 16.99
CA TYR E 777 41.48 22.43 17.08
C TYR E 777 40.99 22.52 18.52
N LYS E 778 40.95 21.40 19.23
CA LYS E 778 40.50 21.40 20.62
C LYS E 778 41.51 22.08 21.53
N ALA E 779 42.81 21.93 21.24
CA ALA E 779 43.82 22.64 22.02
C ALA E 779 43.69 24.15 21.85
N VAL E 780 43.53 24.61 20.60
CA VAL E 780 43.33 26.03 20.35
C VAL E 780 42.06 26.52 21.05
N THR E 781 40.98 25.75 20.95
CA THR E 781 39.72 26.15 21.58
C THR E 781 39.86 26.23 23.09
N ASP E 782 40.53 25.25 23.71
CA ASP E 782 40.67 25.20 25.15
C ASP E 782 41.69 26.20 25.67
N ALA E 783 42.53 26.77 24.80
CA ALA E 783 43.39 27.87 25.23
C ALA E 783 42.56 29.00 25.85
N CYS E 784 41.46 29.37 25.19
CA CYS E 784 40.46 30.29 25.74
C CYS E 784 39.10 29.64 25.47
N SER E 785 38.64 28.81 26.39
CA SER E 785 37.46 28.00 26.17
C SER E 785 36.19 28.85 26.09
N LEU E 786 35.27 28.42 25.24
CA LEU E 786 33.95 29.02 25.15
C LEU E 786 32.95 28.21 25.99
N GLN E 787 33.24 28.13 27.28
CA GLN E 787 32.42 27.33 28.18
C GLN E 787 30.96 27.78 28.20
N PRO E 788 30.63 29.07 28.34
CA PRO E 788 29.22 29.46 28.21
C PRO E 788 28.64 29.11 26.86
N ASP E 789 29.43 29.23 25.78
CA ASP E 789 28.97 28.78 24.48
C ASP E 789 28.98 27.26 24.37
N ILE E 790 29.83 26.58 25.15
CA ILE E 790 29.83 25.13 25.16
C ILE E 790 28.53 24.60 25.76
N ASP E 791 28.05 25.21 26.84
CA ASP E 791 26.82 24.75 27.46
C ASP E 791 25.57 25.31 26.80
N LEU E 792 25.64 26.52 26.23
CA LEU E 792 24.43 27.17 25.72
C LEU E 792 23.99 26.60 24.38
N LEU E 793 24.93 26.11 23.58
CA LEU E 793 24.60 25.57 22.26
C LEU E 793 23.97 24.20 22.42
N PRO E 794 22.76 23.97 21.88
CA PRO E 794 22.10 22.67 22.09
C PRO E 794 22.77 21.51 21.35
N PHE E 795 23.74 21.78 20.48
CA PHE E 795 24.46 20.71 19.79
C PHE E 795 25.95 21.03 19.67
N GLY E 796 26.46 21.85 20.57
CA GLY E 796 27.86 22.24 20.49
C GLY E 796 28.06 23.30 19.42
N ASP E 797 29.32 23.46 19.00
CA ASP E 797 29.64 24.43 17.97
C ASP E 797 28.92 24.14 16.66
N GLN E 798 28.48 22.89 16.47
CA GLN E 798 27.70 22.52 15.29
C GLN E 798 26.26 23.01 15.34
N THR E 799 25.81 23.56 16.47
CA THR E 799 24.45 24.04 16.60
C THR E 799 24.29 25.37 15.86
N GLU E 800 23.13 25.99 16.00
CA GLU E 800 22.86 27.26 15.32
C GLU E 800 23.80 28.35 15.81
N ILE E 801 24.23 29.21 14.88
CA ILE E 801 25.14 30.30 15.22
C ILE E 801 24.99 31.38 14.16
N GLY E 802 25.11 32.63 14.59
CA GLY E 802 25.14 33.75 13.66
C GLY E 802 23.76 34.31 13.35
N GLU E 803 23.71 35.05 12.23
CA GLU E 803 22.47 35.67 11.79
C GLU E 803 21.40 34.60 11.54
N ARG E 804 20.19 34.88 12.00
CA ARG E 804 19.05 33.97 11.92
C ARG E 804 19.32 32.64 12.62
N GLY E 805 20.31 32.62 13.52
CA GLY E 805 20.60 31.49 14.36
C GLY E 805 20.67 31.92 15.82
N ILE E 806 21.44 31.16 16.60
CA ILE E 806 21.65 31.53 17.99
C ILE E 806 22.50 32.78 18.07
N ASN E 807 22.12 33.69 18.97
CA ASN E 807 22.86 34.93 19.13
C ASN E 807 24.22 34.68 19.75
N LEU E 808 25.12 35.66 19.57
CA LEU E 808 26.45 35.63 20.16
C LEU E 808 26.85 37.04 20.56
N SER E 809 27.59 37.15 21.65
CA SER E 809 28.00 38.45 22.15
C SER E 809 29.19 38.98 21.37
N GLY E 810 29.36 40.31 21.40
CA GLY E 810 30.44 40.94 20.66
C GLY E 810 31.81 40.55 21.16
N GLY E 811 31.95 40.39 22.48
CA GLY E 811 33.19 39.82 23.00
C GLY E 811 33.42 38.41 22.51
N GLN E 812 32.38 37.59 22.57
CA GLN E 812 32.47 36.25 21.99
C GLN E 812 32.67 36.31 20.48
N ARG E 813 32.11 37.33 19.83
CA ARG E 813 32.32 37.48 18.39
C ARG E 813 33.79 37.74 18.08
N GLN E 814 34.42 38.63 18.83
CA GLN E 814 35.84 38.91 18.60
C GLN E 814 36.71 37.72 18.95
N ARG E 815 36.36 37.00 20.03
CA ARG E 815 37.07 35.77 20.34
C ARG E 815 36.97 34.77 19.20
N ILE E 816 35.77 34.61 18.62
CA ILE E 816 35.59 33.67 17.52
C ILE E 816 36.40 34.10 16.31
N CYS E 817 36.43 35.41 16.04
CA CYS E 817 37.23 35.91 14.92
C CYS E 817 38.71 35.61 15.12
N VAL E 818 39.24 35.91 16.31
CA VAL E 818 40.64 35.64 16.58
C VAL E 818 40.93 34.14 16.53
N ALA E 819 39.97 33.32 16.96
CA ALA E 819 40.19 31.87 16.95
C ALA E 819 40.21 31.32 15.54
N ARG E 820 39.31 31.79 14.68
CA ARG E 820 39.36 31.41 13.27
C ARG E 820 40.62 31.94 12.61
N ALA E 821 41.16 33.05 13.11
CA ALA E 821 42.51 33.45 12.72
C ALA E 821 43.55 32.43 13.18
N LEU E 822 43.35 31.84 14.36
CA LEU E 822 44.31 30.87 14.89
C LEU E 822 44.29 29.59 14.07
N TYR E 823 43.10 28.99 13.89
CA TYR E 823 42.99 27.81 13.06
C TYR E 823 43.07 28.21 11.60
N GLN E 824 44.21 28.75 11.20
CA GLN E 824 44.54 29.01 9.81
C GLN E 824 45.96 28.53 9.58
N ASN E 825 46.26 28.18 8.33
CA ASN E 825 47.57 27.64 7.99
C ASN E 825 48.35 28.66 7.16
N THR E 826 49.64 28.36 6.98
CA THR E 826 50.58 29.30 6.38
C THR E 826 50.49 30.65 7.10
N ASN E 827 50.51 30.59 8.43
CA ASN E 827 50.20 31.74 9.26
C ASN E 827 51.26 32.82 9.10
N ILE E 828 50.92 33.87 8.36
CA ILE E 828 51.60 35.15 8.43
C ILE E 828 50.49 36.17 8.65
N VAL E 829 50.15 36.43 9.90
CA VAL E 829 48.85 36.99 10.23
C VAL E 829 48.89 38.51 10.09
N PHE E 830 47.74 39.08 9.72
CA PHE E 830 47.56 40.52 9.59
C PHE E 830 46.32 40.91 10.38
N LEU E 831 46.50 41.76 11.39
CA LEU E 831 45.40 42.21 12.22
C LEU E 831 45.37 43.73 12.27
N ASP E 832 44.17 44.28 12.48
CA ASP E 832 43.95 45.74 12.53
C ASP E 832 43.17 46.07 13.81
N ASP E 833 43.89 46.20 14.93
CA ASP E 833 43.36 46.54 16.24
C ASP E 833 42.10 45.75 16.59
N PRO E 834 42.19 44.43 16.75
CA PRO E 834 40.99 43.65 17.11
C PRO E 834 40.61 43.72 18.57
N PHE E 835 41.49 44.24 19.44
CA PHE E 835 41.25 44.20 20.88
C PHE E 835 41.21 45.58 21.51
N SER E 836 40.49 46.51 20.90
CA SER E 836 40.23 47.81 21.51
C SER E 836 38.84 47.93 22.10
N ALA E 837 37.91 47.07 21.69
CA ALA E 837 36.55 47.09 22.20
C ALA E 837 36.20 45.84 22.99
N LEU E 838 36.39 44.65 22.41
CA LEU E 838 36.07 43.40 23.10
C LEU E 838 37.28 42.96 23.92
N ASP E 839 37.55 43.75 24.96
CA ASP E 839 38.70 43.50 25.82
C ASP E 839 38.40 42.32 26.74
N ILE E 840 39.29 41.33 26.75
CA ILE E 840 39.16 40.16 27.62
C ILE E 840 39.72 40.55 28.98
N HIS E 841 38.84 40.94 29.91
CA HIS E 841 39.24 41.44 31.22
C HIS E 841 40.09 40.41 31.97
N LEU E 842 41.35 40.75 32.20
CA LEU E 842 42.33 39.88 32.86
C LEU E 842 42.59 38.63 32.03
N SER E 843 41.97 38.55 30.84
CA SER E 843 42.16 37.44 29.94
C SER E 843 42.77 37.84 28.61
N ASP E 844 42.85 39.14 28.31
CA ASP E 844 43.60 39.59 27.15
C ASP E 844 45.07 39.18 27.27
N HIS E 845 45.62 39.28 28.47
CA HIS E 845 46.91 38.67 28.74
C HIS E 845 46.83 37.16 28.63
N LEU E 846 45.74 36.56 29.12
CA LEU E 846 45.58 35.11 29.00
C LEU E 846 45.41 34.70 27.55
N MET E 847 44.66 35.47 26.77
CA MET E 847 44.54 35.19 25.34
C MET E 847 45.87 35.37 24.64
N GLN E 848 46.65 36.39 25.03
CA GLN E 848 47.94 36.60 24.40
C GLN E 848 48.97 35.55 24.82
N GLU E 849 48.79 34.90 25.97
CA GLU E 849 49.69 33.82 26.36
C GLU E 849 49.30 32.51 25.69
N GLY E 850 48.00 32.26 25.54
CA GLY E 850 47.58 31.15 24.70
C GLY E 850 48.08 31.31 23.28
N ILE E 851 47.95 32.52 22.73
CA ILE E 851 48.52 32.81 21.41
C ILE E 851 50.04 32.73 21.45
N LEU E 852 50.65 33.01 22.60
CA LEU E 852 52.10 32.87 22.72
C LEU E 852 52.50 31.42 22.48
N LYS E 853 52.02 30.52 23.34
CA LYS E 853 52.29 29.10 23.17
C LYS E 853 51.78 28.57 21.82
N PHE E 854 50.86 29.28 21.18
CA PHE E 854 50.29 28.84 19.91
C PHE E 854 51.19 29.20 18.73
N LEU E 855 51.50 30.49 18.57
CA LEU E 855 52.29 30.98 17.44
C LEU E 855 53.56 31.70 17.87
N GLN E 856 53.53 32.45 18.98
CA GLN E 856 54.72 33.17 19.40
C GLN E 856 55.76 32.24 20.00
N ASP E 857 55.39 30.99 20.28
CA ASP E 857 56.32 29.91 20.52
C ASP E 857 56.47 29.02 19.29
N ASP E 858 55.92 29.44 18.15
CA ASP E 858 55.96 28.72 16.89
C ASP E 858 56.65 29.59 15.85
N LYS E 859 56.84 29.03 14.65
CA LYS E 859 57.49 29.74 13.55
C LYS E 859 56.40 30.24 12.60
N ARG E 860 55.84 31.38 12.94
CA ARG E 860 54.78 31.99 12.14
C ARG E 860 54.66 33.46 12.53
N THR E 861 54.81 34.36 11.57
CA THR E 861 54.73 35.79 11.84
C THR E 861 53.38 36.14 12.44
N VAL E 862 53.39 36.61 13.69
CA VAL E 862 52.19 36.99 14.42
C VAL E 862 52.33 38.44 14.85
N VAL E 863 51.30 39.24 14.56
CA VAL E 863 51.31 40.67 14.83
C VAL E 863 49.95 41.06 15.41
N LEU E 864 49.80 42.35 15.70
CA LEU E 864 48.57 42.93 16.19
C LEU E 864 48.71 44.43 16.16
N VAL E 865 47.63 45.13 15.81
CA VAL E 865 47.67 46.59 15.69
C VAL E 865 46.77 47.20 16.76
N THR E 866 46.69 46.53 17.90
CA THR E 866 45.81 46.97 18.97
C THR E 866 46.28 48.30 19.56
N HIS E 867 45.37 48.93 20.31
CA HIS E 867 45.66 50.17 21.01
C HIS E 867 45.57 50.04 22.52
N LYS E 868 45.21 48.87 23.03
CA LYS E 868 45.06 48.67 24.46
C LYS E 868 46.42 48.47 25.13
N LEU E 869 46.53 48.97 26.36
CA LEU E 869 47.75 48.86 27.15
C LEU E 869 47.70 47.73 28.18
N GLN E 870 46.58 47.01 28.25
CA GLN E 870 46.53 45.83 29.13
C GLN E 870 47.50 44.76 28.64
N TYR E 871 47.48 44.46 27.35
CA TYR E 871 48.50 43.64 26.71
C TYR E 871 49.46 44.58 26.00
N LEU E 872 50.39 45.13 26.78
CA LEU E 872 51.43 46.00 26.25
C LEU E 872 52.83 45.48 26.51
N THR E 873 52.97 44.32 27.13
CA THR E 873 54.28 43.72 27.27
C THR E 873 54.83 43.35 25.91
N HIS E 874 56.11 43.64 25.70
CA HIS E 874 56.79 43.41 24.43
C HIS E 874 56.12 44.16 23.28
N ALA E 875 55.33 45.19 23.58
CA ALA E 875 54.74 46.04 22.55
C ALA E 875 55.82 46.99 22.03
N ASP E 876 56.73 46.40 21.26
CA ASP E 876 57.94 47.11 20.84
C ASP E 876 57.65 48.05 19.68
N TRP E 877 57.21 47.52 18.54
CA TRP E 877 57.02 48.33 17.35
C TRP E 877 55.84 49.27 17.53
N ILE E 878 56.05 50.54 17.20
CA ILE E 878 55.02 51.57 17.34
C ILE E 878 55.31 52.68 16.33
N ILE E 879 54.26 53.38 15.91
CA ILE E 879 54.37 54.43 14.91
C ILE E 879 53.58 55.65 15.35
N ALA E 880 53.87 56.78 14.69
CA ALA E 880 53.32 58.10 14.99
C ALA E 880 52.74 58.72 13.74
N MET E 881 51.86 57.98 13.07
CA MET E 881 51.43 58.28 11.70
C MET E 881 50.91 59.70 11.52
N LYS E 882 49.78 60.01 12.15
CA LYS E 882 49.14 61.32 12.03
C LYS E 882 49.07 61.76 10.55
N ASP E 883 48.32 60.97 9.77
CA ASP E 883 48.22 61.14 8.32
C ASP E 883 49.56 60.97 7.63
N GLY E 884 50.41 60.10 8.20
CA GLY E 884 51.71 59.83 7.62
C GLY E 884 52.04 58.35 7.72
N SER E 885 53.10 57.96 7.02
CA SER E 885 53.54 56.58 7.07
C SER E 885 54.23 56.28 8.40
N VAL E 886 54.51 54.99 8.62
CA VAL E 886 55.18 54.56 9.84
C VAL E 886 56.65 54.97 9.75
N LEU E 887 57.04 55.96 10.55
CA LEU E 887 58.41 56.43 10.61
C LEU E 887 59.13 56.00 11.89
N ARG E 888 58.47 55.25 12.75
CA ARG E 888 59.04 54.82 14.02
C ARG E 888 58.97 53.29 14.12
N GLU E 889 60.02 52.70 14.66
CA GLU E 889 60.08 51.26 14.89
C GLU E 889 61.22 50.99 15.85
N GLY E 890 60.93 50.27 16.93
CA GLY E 890 61.95 50.02 17.93
C GLY E 890 61.55 48.87 18.84
N THR E 891 62.42 48.61 19.81
CA THR E 891 62.21 47.56 20.79
C THR E 891 61.34 48.08 21.93
N LEU E 892 61.30 47.34 23.04
CA LEU E 892 60.47 47.73 24.17
C LEU E 892 60.90 49.08 24.74
N LYS E 893 62.20 49.31 24.83
CA LYS E 893 62.72 50.57 25.35
C LYS E 893 63.45 51.40 24.31
N ASP E 894 63.75 50.83 23.14
CA ASP E 894 64.43 51.58 22.08
C ASP E 894 63.65 52.83 21.69
N ILE E 895 62.31 52.78 21.79
CA ILE E 895 61.50 53.95 21.49
C ILE E 895 61.87 55.10 22.42
N GLN E 896 62.05 54.80 23.71
CA GLN E 896 62.50 55.82 24.65
C GLN E 896 63.85 56.40 24.25
N THR E 897 64.63 55.66 23.45
CA THR E 897 65.87 56.20 22.90
C THR E 897 65.60 57.42 22.04
N LYS E 898 64.65 57.31 21.12
CA LYS E 898 64.34 58.48 20.33
C LYS E 898 63.90 59.61 21.27
N ASP E 899 63.49 59.23 22.49
CA ASP E 899 63.07 60.14 23.56
C ASP E 899 61.90 61.07 23.21
N VAL E 900 60.94 60.57 22.46
CA VAL E 900 59.79 61.38 22.08
C VAL E 900 58.91 61.69 23.27
N GLU E 901 58.15 62.76 23.22
CA GLU E 901 57.25 63.02 24.34
C GLU E 901 56.19 61.91 24.41
N LEU E 902 56.21 61.01 23.42
CA LEU E 902 55.27 59.88 23.32
C LEU E 902 55.29 58.74 24.36
N TYR E 903 56.46 58.24 24.74
CA TYR E 903 56.49 57.17 25.76
C TYR E 903 56.10 57.65 27.15
N GLU E 904 56.68 58.79 27.52
CA GLU E 904 56.50 59.38 28.83
C GLU E 904 55.08 59.78 29.11
N HIS E 905 54.44 60.35 28.11
CA HIS E 905 53.07 60.83 28.24
C HIS E 905 52.10 59.71 28.56
N TRP E 906 52.33 58.55 27.97
CA TRP E 906 51.44 57.43 28.15
C TRP E 906 51.28 57.05 29.61
N LYS E 907 52.36 57.05 30.38
CA LYS E 907 52.26 56.67 31.79
C LYS E 907 51.32 57.56 32.58
N THR E 908 51.37 58.88 32.30
CA THR E 908 50.54 59.85 33.02
C THR E 908 49.07 59.53 32.84
N LEU E 909 48.69 59.16 31.62
CA LEU E 909 47.33 58.74 31.35
C LEU E 909 47.21 57.22 31.54
N MET E 910 48.32 56.54 31.82
CA MET E 910 48.36 55.10 32.02
C MET E 910 47.70 54.39 30.85
N ASP E 961 7.34 11.03 15.23
CA ASP E 961 7.23 11.26 13.80
C ASP E 961 7.31 9.96 13.02
N ASN E 962 6.58 9.89 11.91
CA ASN E 962 6.57 8.69 11.07
C ASN E 962 6.02 9.05 9.70
N MET E 963 6.42 8.27 8.71
CA MET E 963 5.91 8.47 7.35
C MET E 963 4.42 8.15 7.27
N SER E 964 3.98 7.13 8.01
CA SER E 964 2.57 6.77 8.03
C SER E 964 1.69 7.82 8.70
N THR E 965 2.28 8.79 9.38
CA THR E 965 1.54 9.90 9.97
C THR E 965 1.68 11.19 9.18
N VAL E 966 2.39 11.18 8.06
CA VAL E 966 2.54 12.37 7.23
C VAL E 966 2.04 12.09 5.82
N MET E 967 2.67 11.13 5.14
CA MET E 967 2.27 10.81 3.77
C MET E 967 0.89 10.16 3.74
N ARG E 968 0.67 9.17 4.61
CA ARG E 968 -0.60 8.45 4.59
C ARG E 968 -1.77 9.36 4.99
N LEU E 969 -1.50 10.40 5.77
CA LEU E 969 -2.52 11.37 6.13
C LEU E 969 -2.46 12.62 5.26
N ARG E 970 -1.59 12.64 4.25
CA ARG E 970 -1.51 13.80 3.35
C ARG E 970 -2.67 13.84 2.37
N THR E 971 -3.25 12.70 2.02
CA THR E 971 -4.33 12.67 1.04
C THR E 971 -5.54 13.45 1.56
N LYS E 972 -6.08 14.31 0.70
CA LYS E 972 -7.18 15.21 1.07
C LYS E 972 -6.84 15.98 2.35
N MET E 973 -5.64 16.55 2.36
CA MET E 973 -5.12 17.15 3.59
C MET E 973 -6.01 18.25 4.17
N PRO E 974 -6.47 19.24 3.42
CA PRO E 974 -7.11 20.41 4.05
C PRO E 974 -8.63 20.38 4.14
N TRP E 975 -9.30 19.30 3.74
CA TRP E 975 -10.75 19.30 3.58
C TRP E 975 -11.47 19.88 4.80
N LYS E 976 -11.30 19.23 5.96
CA LYS E 976 -11.98 19.71 7.16
C LYS E 976 -11.58 21.15 7.49
N THR E 977 -10.30 21.49 7.31
CA THR E 977 -9.86 22.86 7.55
C THR E 977 -10.50 23.83 6.56
N CYS E 978 -10.66 23.42 5.29
CA CYS E 978 -11.37 24.27 4.34
C CYS E 978 -12.81 24.50 4.78
N TRP E 979 -13.46 23.44 5.28
CA TRP E 979 -14.82 23.60 5.80
C TRP E 979 -14.84 24.58 6.96
N TRP E 980 -13.82 24.52 7.83
CA TRP E 980 -13.72 25.51 8.91
C TRP E 980 -13.54 26.91 8.34
N TYR E 981 -12.73 27.03 7.29
CA TYR E 981 -12.44 28.34 6.72
C TYR E 981 -13.69 28.99 6.15
N LEU E 982 -14.42 28.28 5.29
CA LEU E 982 -15.55 28.88 4.60
C LEU E 982 -16.71 29.13 5.55
N THR E 983 -17.13 28.10 6.29
CA THR E 983 -18.33 28.16 7.11
C THR E 983 -18.32 29.34 8.08
N SER E 984 -17.30 29.42 8.93
CA SER E 984 -17.33 30.36 10.05
C SER E 984 -17.48 31.80 9.58
N GLY E 985 -16.53 32.29 8.79
CA GLY E 985 -16.51 33.71 8.47
C GLY E 985 -17.08 34.05 7.11
N GLY E 986 -18.08 33.30 6.68
CA GLY E 986 -18.71 33.55 5.39
C GLY E 986 -20.02 34.31 5.48
N PHE E 987 -19.98 35.60 5.22
CA PHE E 987 -21.18 36.42 5.15
C PHE E 987 -21.86 36.14 3.81
N PHE E 988 -22.93 35.35 3.84
CA PHE E 988 -23.56 34.82 2.63
C PHE E 988 -22.52 34.12 1.76
N LEU E 989 -21.75 33.22 2.38
CA LEU E 989 -20.72 32.48 1.66
C LEU E 989 -21.33 31.62 0.57
N LEU E 990 -22.32 30.80 0.92
CA LEU E 990 -23.04 29.98 -0.05
C LEU E 990 -24.53 30.27 -0.10
N PHE E 991 -25.06 31.04 0.85
CA PHE E 991 -26.46 31.42 0.80
C PHE E 991 -26.76 32.28 -0.43
N LEU E 992 -25.85 33.20 -0.75
CA LEU E 992 -26.03 34.10 -1.87
C LEU E 992 -25.01 33.89 -2.98
N MET E 993 -23.73 33.78 -2.64
CA MET E 993 -22.69 33.73 -3.66
C MET E 993 -22.75 32.45 -4.48
N ILE E 994 -22.99 31.31 -3.82
CA ILE E 994 -23.07 30.04 -4.54
C ILE E 994 -24.25 30.06 -5.51
N PHE E 995 -25.42 30.45 -5.02
CA PHE E 995 -26.61 30.51 -5.86
C PHE E 995 -26.40 31.49 -7.01
N SER E 996 -25.79 32.64 -6.74
CA SER E 996 -25.54 33.63 -7.79
C SER E 996 -24.60 33.08 -8.85
N LYS E 997 -23.52 32.41 -8.43
CA LYS E 997 -22.58 31.84 -9.39
C LYS E 997 -23.24 30.79 -10.26
N LEU E 998 -24.02 29.90 -9.63
CA LEU E 998 -24.73 28.88 -10.41
C LEU E 998 -25.73 29.50 -11.36
N LEU E 999 -26.45 30.53 -10.88
CA LEU E 999 -27.43 31.20 -11.73
C LEU E 999 -26.76 31.85 -12.92
N LYS E 1000 -25.64 32.54 -12.70
CA LYS E 1000 -24.93 33.20 -13.80
C LYS E 1000 -24.44 32.19 -14.83
N HIS E 1001 -23.85 31.08 -14.35
CA HIS E 1001 -23.34 30.08 -15.27
C HIS E 1001 -24.47 29.46 -16.08
N SER E 1002 -25.55 29.07 -15.41
CA SER E 1002 -26.69 28.50 -16.13
C SER E 1002 -27.29 29.52 -17.08
N VAL E 1003 -27.27 30.80 -16.70
CA VAL E 1003 -27.79 31.85 -17.57
C VAL E 1003 -26.96 31.94 -18.84
N ILE E 1004 -25.64 31.83 -18.72
CA ILE E 1004 -24.79 31.85 -19.92
C ILE E 1004 -25.08 30.62 -20.79
N VAL E 1005 -25.28 29.47 -20.15
CA VAL E 1005 -25.61 28.27 -20.92
C VAL E 1005 -26.94 28.44 -21.64
N ALA E 1006 -27.92 29.01 -20.95
CA ALA E 1006 -29.21 29.30 -21.56
C ALA E 1006 -29.09 30.34 -22.66
N ILE E 1007 -28.15 31.29 -22.53
CA ILE E 1007 -27.89 32.25 -23.59
C ILE E 1007 -27.44 31.52 -24.83
N ASP E 1008 -26.52 30.56 -24.66
CA ASP E 1008 -26.08 29.75 -25.80
C ASP E 1008 -27.24 28.96 -26.40
N TYR E 1009 -28.05 28.32 -25.56
CA TYR E 1009 -29.21 27.58 -26.05
C TYR E 1009 -30.18 28.50 -26.79
N TRP E 1010 -30.35 29.72 -26.30
CA TRP E 1010 -31.20 30.71 -26.97
C TRP E 1010 -30.62 31.10 -28.32
N LEU E 1011 -29.29 31.21 -28.39
CA LEU E 1011 -28.67 31.50 -29.68
C LEU E 1011 -28.96 30.38 -30.66
N ALA E 1012 -28.90 29.14 -30.18
CA ALA E 1012 -29.27 28.00 -31.02
C ALA E 1012 -30.73 28.08 -31.44
N THR E 1013 -31.61 28.44 -30.50
CA THR E 1013 -33.05 28.50 -30.80
C THR E 1013 -33.36 29.57 -31.85
N TRP E 1014 -32.70 30.73 -31.77
CA TRP E 1014 -32.99 31.82 -32.69
C TRP E 1014 -32.73 31.43 -34.14
N THR E 1015 -31.73 30.58 -34.38
CA THR E 1015 -31.41 30.10 -35.72
C THR E 1015 -31.51 28.58 -35.77
N SER E 1016 -32.50 28.03 -35.07
CA SER E 1016 -32.65 26.57 -34.97
C SER E 1016 -32.91 25.92 -36.32
N GLU E 1017 -34.05 26.23 -36.93
CA GLU E 1017 -34.42 25.62 -38.19
C GLU E 1017 -34.91 26.61 -39.24
N TYR E 1018 -35.38 27.78 -38.85
CA TYR E 1018 -35.85 28.76 -39.83
C TYR E 1018 -34.67 29.36 -40.57
N SER E 1019 -34.29 28.75 -41.69
CA SER E 1019 -33.19 29.25 -42.52
C SER E 1019 -33.70 29.70 -43.89
N ILE E 1020 -34.36 28.82 -44.63
CA ILE E 1020 -35.00 29.18 -45.89
C ILE E 1020 -36.49 28.88 -45.89
N ASN E 1021 -37.03 28.43 -44.75
CA ASN E 1021 -38.47 28.17 -44.67
C ASN E 1021 -39.28 29.45 -44.79
N ASP E 1022 -38.69 30.58 -44.44
CA ASP E 1022 -39.38 31.87 -44.56
C ASP E 1022 -38.37 33.00 -44.68
N PRO E 1023 -38.06 33.47 -45.90
CA PRO E 1023 -37.20 34.65 -46.03
C PRO E 1023 -37.85 35.87 -45.39
N GLY E 1024 -39.04 36.20 -45.88
CA GLY E 1024 -39.95 37.11 -45.21
C GLY E 1024 -39.41 38.47 -44.81
N LYS E 1025 -40.20 39.19 -44.02
CA LYS E 1025 -39.78 40.44 -43.40
C LYS E 1025 -40.06 40.51 -41.91
N ALA E 1026 -40.92 39.65 -41.36
CA ALA E 1026 -41.26 39.66 -39.95
C ALA E 1026 -40.56 38.56 -39.15
N ASP E 1027 -39.74 37.72 -39.81
CA ASP E 1027 -39.02 36.67 -39.12
C ASP E 1027 -37.62 37.07 -38.71
N GLN E 1028 -37.21 38.31 -39.02
CA GLN E 1028 -35.84 38.75 -38.71
C GLN E 1028 -35.68 39.05 -37.22
N THR E 1029 -36.74 39.47 -36.54
CA THR E 1029 -36.64 39.93 -35.15
C THR E 1029 -37.56 39.14 -34.22
N PHE E 1030 -37.96 37.92 -34.61
CA PHE E 1030 -38.83 37.13 -33.76
C PHE E 1030 -38.16 36.79 -32.42
N TYR E 1031 -36.96 36.26 -32.47
CA TYR E 1031 -36.33 35.68 -31.30
C TYR E 1031 -35.48 36.67 -30.51
N VAL E 1032 -35.56 37.97 -30.84
CA VAL E 1032 -34.78 38.96 -30.10
C VAL E 1032 -35.22 39.01 -28.64
N ALA E 1033 -36.47 38.63 -28.36
CA ALA E 1033 -36.95 38.51 -27.00
C ALA E 1033 -36.72 37.13 -26.41
N GLY E 1034 -36.22 36.19 -27.20
CA GLY E 1034 -35.95 34.85 -26.72
C GLY E 1034 -34.47 34.56 -26.62
N PHE E 1035 -33.67 35.27 -27.40
CA PHE E 1035 -32.22 35.14 -27.36
C PHE E 1035 -31.51 36.41 -26.95
N SER E 1036 -31.79 37.52 -27.63
CA SER E 1036 -31.06 38.75 -27.35
C SER E 1036 -31.48 39.38 -26.02
N ILE E 1037 -32.75 39.21 -25.63
CA ILE E 1037 -33.22 39.83 -24.40
C ILE E 1037 -32.53 39.26 -23.17
N LEU E 1038 -31.91 38.10 -23.28
CA LEU E 1038 -31.16 37.53 -22.17
C LEU E 1038 -29.71 38.01 -22.14
N CYS E 1039 -29.25 38.70 -23.18
CA CYS E 1039 -27.84 39.07 -23.27
C CYS E 1039 -27.44 39.97 -22.11
N GLY E 1040 -28.33 40.90 -21.72
CA GLY E 1040 -28.04 41.75 -20.58
C GLY E 1040 -27.75 40.94 -19.33
N ALA E 1041 -28.51 39.86 -19.12
CA ALA E 1041 -28.26 38.98 -17.98
C ALA E 1041 -26.81 38.49 -17.99
N GLY E 1042 -26.31 38.11 -19.16
CA GLY E 1042 -24.92 37.67 -19.26
C GLY E 1042 -23.95 38.75 -18.82
N ILE E 1043 -24.26 40.01 -19.14
CA ILE E 1043 -23.39 41.10 -18.70
C ILE E 1043 -23.70 41.53 -17.27
N PHE E 1044 -24.84 41.14 -16.72
CA PHE E 1044 -25.26 41.62 -15.40
C PHE E 1044 -25.01 40.60 -14.30
N LEU E 1045 -25.61 39.41 -14.42
CA LEU E 1045 -25.54 38.44 -13.33
C LEU E 1045 -24.11 38.15 -12.93
N CYS E 1046 -23.26 37.84 -13.90
CA CYS E 1046 -21.87 37.53 -13.61
C CYS E 1046 -21.21 38.67 -12.84
N LEU E 1047 -21.52 39.91 -13.21
CA LEU E 1047 -20.93 41.06 -12.52
C LEU E 1047 -21.14 40.97 -11.02
N VAL E 1048 -22.34 40.57 -10.59
CA VAL E 1048 -22.59 40.44 -9.15
C VAL E 1048 -21.64 39.42 -8.55
N THR E 1049 -21.58 38.23 -9.16
CA THR E 1049 -20.68 37.21 -8.65
C THR E 1049 -19.24 37.67 -8.72
N SER E 1050 -18.94 38.61 -9.63
CA SER E 1050 -17.58 39.10 -9.76
C SER E 1050 -17.08 39.72 -8.47
N LEU E 1051 -17.99 40.21 -7.62
CA LEU E 1051 -17.56 40.68 -6.32
C LEU E 1051 -17.81 39.67 -5.21
N THR E 1052 -18.75 38.74 -5.42
CA THR E 1052 -19.26 37.94 -4.31
C THR E 1052 -18.15 37.21 -3.58
N VAL E 1053 -17.44 36.34 -4.30
CA VAL E 1053 -16.37 35.57 -3.66
C VAL E 1053 -15.39 36.50 -2.98
N GLU E 1054 -14.96 37.54 -3.70
CA GLU E 1054 -13.93 38.42 -3.15
C GLU E 1054 -14.43 39.05 -1.87
N TRP E 1055 -15.69 39.49 -1.85
CA TRP E 1055 -16.20 40.14 -0.66
C TRP E 1055 -16.10 39.19 0.53
N MET E 1056 -16.50 37.93 0.33
CA MET E 1056 -16.46 36.98 1.43
C MET E 1056 -15.05 36.91 2.00
N GLY E 1057 -14.06 36.80 1.11
CA GLY E 1057 -12.70 36.64 1.59
C GLY E 1057 -12.28 37.80 2.47
N LEU E 1058 -12.64 39.02 2.06
CA LEU E 1058 -12.21 40.19 2.82
C LEU E 1058 -12.71 40.08 4.24
N THR E 1059 -13.99 39.74 4.39
CA THR E 1059 -14.55 39.67 5.73
C THR E 1059 -13.79 38.65 6.56
N ALA E 1060 -13.56 37.47 5.97
CA ALA E 1060 -12.91 36.41 6.73
C ALA E 1060 -11.55 36.88 7.19
N ALA E 1061 -10.84 37.60 6.32
CA ALA E 1061 -9.49 38.01 6.67
C ALA E 1061 -9.51 38.80 7.95
N LYS E 1062 -10.38 39.80 8.04
CA LYS E 1062 -10.39 40.63 9.25
C LYS E 1062 -10.73 39.75 10.43
N ASN E 1063 -11.76 38.92 10.29
CA ASN E 1063 -12.17 38.09 11.40
C ASN E 1063 -11.03 37.19 11.81
N LEU E 1064 -10.36 36.58 10.82
CA LEU E 1064 -9.28 35.66 11.17
C LEU E 1064 -8.21 36.41 11.93
N HIS E 1065 -7.83 37.59 11.42
CA HIS E 1065 -6.79 38.35 12.10
C HIS E 1065 -7.25 38.71 13.49
N HIS E 1066 -8.50 39.14 13.61
CA HIS E 1066 -9.01 39.53 14.91
C HIS E 1066 -8.95 38.37 15.86
N ASN E 1067 -9.28 37.17 15.37
CA ASN E 1067 -9.29 35.99 16.23
C ASN E 1067 -7.92 35.79 16.85
N LEU E 1068 -6.86 36.00 16.06
CA LEU E 1068 -5.52 35.81 16.59
C LEU E 1068 -5.30 36.72 17.79
N LEU E 1069 -5.62 38.01 17.62
CA LEU E 1069 -5.48 38.94 18.73
C LEU E 1069 -6.39 38.54 19.88
N ASN E 1070 -7.61 38.09 19.54
CA ASN E 1070 -8.51 37.61 20.56
C ASN E 1070 -7.95 36.38 21.26
N LYS E 1071 -7.34 35.46 20.50
CA LYS E 1071 -6.83 34.23 21.11
C LYS E 1071 -5.64 34.52 22.01
N ILE E 1072 -4.71 35.34 21.56
CA ILE E 1072 -3.40 35.45 22.21
C ILE E 1072 -3.19 36.86 22.73
N ILE E 1073 -4.27 37.52 23.14
CA ILE E 1073 -4.14 38.77 23.87
C ILE E 1073 -3.27 38.58 25.10
N LEU E 1074 -3.58 37.54 25.89
CA LEU E 1074 -2.72 37.07 26.96
C LEU E 1074 -2.80 35.56 27.00
N GLY E 1075 -1.72 34.92 27.44
CA GLY E 1075 -1.64 33.47 27.42
C GLY E 1075 -0.82 32.88 28.54
N PRO E 1076 -0.72 31.55 28.56
CA PRO E 1076 0.11 30.89 29.57
C PRO E 1076 1.59 31.10 29.31
N ILE E 1077 2.34 31.20 30.39
CA ILE E 1077 3.78 31.47 30.28
C ILE E 1077 4.57 30.24 29.84
N ARG E 1078 4.00 29.04 29.97
CA ARG E 1078 4.74 27.82 29.63
C ARG E 1078 5.04 27.74 28.14
N PHE E 1079 4.01 27.91 27.31
CA PHE E 1079 4.22 27.84 25.87
C PHE E 1079 5.13 28.97 25.39
N PHE E 1080 4.89 30.18 25.90
CA PHE E 1080 5.67 31.33 25.44
C PHE E 1080 7.13 31.23 25.87
N ASP E 1081 7.40 30.64 27.03
CA ASP E 1081 8.78 30.36 27.44
C ASP E 1081 9.32 29.07 26.85
N THR E 1082 8.49 28.31 26.12
CA THR E 1082 8.92 27.06 25.50
C THR E 1082 9.23 27.22 24.02
N THR E 1083 8.26 27.70 23.24
CA THR E 1083 8.40 27.73 21.79
C THR E 1083 9.29 28.91 21.34
N PRO E 1084 9.92 28.81 20.18
CA PRO E 1084 10.68 29.95 19.65
C PRO E 1084 9.76 31.06 19.18
N LEU E 1085 10.30 32.28 19.19
CA LEU E 1085 9.52 33.43 18.76
C LEU E 1085 9.35 33.47 17.23
N GLY E 1086 10.34 33.01 16.49
CA GLY E 1086 10.31 33.14 15.04
C GLY E 1086 9.13 32.42 14.41
N LEU E 1087 8.83 31.21 14.88
CA LEU E 1087 7.70 30.46 14.33
C LEU E 1087 6.39 31.19 14.56
N ILE E 1088 6.21 31.75 15.76
CA ILE E 1088 4.99 32.48 16.07
C ILE E 1088 4.87 33.72 15.19
N LEU E 1089 5.97 34.45 15.03
CA LEU E 1089 5.94 35.63 14.17
C LEU E 1089 5.61 35.25 12.72
N ASN E 1090 6.18 34.15 12.24
CA ASN E 1090 5.88 33.69 10.89
C ASN E 1090 4.41 33.33 10.76
N ARG E 1091 3.87 32.59 11.72
CA ARG E 1091 2.45 32.25 11.71
C ARG E 1091 1.58 33.49 11.73
N PHE E 1092 2.05 34.57 12.37
CA PHE E 1092 1.27 35.79 12.40
C PHE E 1092 1.35 36.57 11.09
N SER E 1093 2.50 36.52 10.40
CA SER E 1093 2.72 37.40 9.24
C SER E 1093 2.46 36.69 7.92
N ALA E 1094 3.17 35.60 7.64
CA ALA E 1094 3.09 34.98 6.32
C ALA E 1094 1.69 34.41 6.07
N ASP E 1095 1.10 33.78 7.09
CA ASP E 1095 -0.21 33.18 6.89
C ASP E 1095 -1.29 34.25 6.73
N THR E 1096 -1.15 35.36 7.44
CA THR E 1096 -2.10 36.46 7.25
C THR E 1096 -1.97 37.05 5.86
N ASN E 1097 -0.74 37.15 5.36
CA ASN E 1097 -0.54 37.57 3.97
C ASN E 1097 -1.22 36.60 3.00
N ILE E 1098 -1.04 35.30 3.24
CA ILE E 1098 -1.61 34.30 2.34
C ILE E 1098 -3.12 34.40 2.30
N ILE E 1099 -3.75 34.42 3.49
CA ILE E 1099 -5.21 34.47 3.55
C ILE E 1099 -5.72 35.78 2.98
N ASP E 1100 -4.97 36.86 3.14
CA ASP E 1100 -5.42 38.15 2.61
C ASP E 1100 -5.35 38.17 1.09
N GLN E 1101 -4.28 37.61 0.51
CA GLN E 1101 -3.98 37.87 -0.89
C GLN E 1101 -4.36 36.76 -1.85
N HIS E 1102 -4.07 35.50 -1.51
CA HIS E 1102 -4.04 34.47 -2.55
C HIS E 1102 -5.23 33.51 -2.53
N ILE E 1103 -5.90 33.32 -1.39
CA ILE E 1103 -7.03 32.38 -1.35
C ILE E 1103 -8.17 32.81 -2.26
N PRO E 1104 -8.62 34.06 -2.27
CA PRO E 1104 -9.80 34.43 -3.07
C PRO E 1104 -9.64 34.12 -4.55
N PRO E 1105 -8.56 34.57 -5.21
CA PRO E 1105 -8.48 34.29 -6.66
C PRO E 1105 -8.43 32.81 -6.95
N THR E 1106 -7.76 32.03 -6.10
CA THR E 1106 -7.70 30.58 -6.30
C THR E 1106 -9.10 29.98 -6.22
N LEU E 1107 -9.86 30.36 -5.20
CA LEU E 1107 -11.20 29.82 -5.04
C LEU E 1107 -12.09 30.22 -6.21
N GLU E 1108 -12.02 31.48 -6.63
CA GLU E 1108 -12.84 31.93 -7.75
C GLU E 1108 -12.50 31.17 -9.03
N SER E 1109 -11.20 31.03 -9.33
CA SER E 1109 -10.81 30.33 -10.54
C SER E 1109 -11.23 28.87 -10.49
N LEU E 1110 -11.02 28.20 -9.36
CA LEU E 1110 -11.39 26.80 -9.27
C LEU E 1110 -12.89 26.61 -9.43
N THR E 1111 -13.69 27.46 -8.78
CA THR E 1111 -15.14 27.33 -8.88
C THR E 1111 -15.61 27.60 -10.30
N ARG E 1112 -15.08 28.64 -10.94
CA ARG E 1112 -15.49 28.94 -12.31
C ARG E 1112 -15.14 27.79 -13.24
N SER E 1113 -13.93 27.27 -13.13
CA SER E 1113 -13.52 26.16 -13.99
C SER E 1113 -14.39 24.94 -13.77
N THR E 1114 -14.60 24.57 -12.50
CA THR E 1114 -15.38 23.37 -12.22
C THR E 1114 -16.81 23.51 -12.72
N LEU E 1115 -17.45 24.65 -12.44
CA LEU E 1115 -18.84 24.81 -12.85
C LEU E 1115 -18.97 24.84 -14.37
N LEU E 1116 -18.05 25.53 -15.06
CA LEU E 1116 -18.13 25.58 -16.52
C LEU E 1116 -17.90 24.21 -17.13
N CYS E 1117 -16.92 23.46 -16.62
CA CYS E 1117 -16.68 22.13 -17.14
C CYS E 1117 -17.87 21.22 -16.90
N LEU E 1118 -18.51 21.33 -15.72
CA LEU E 1118 -19.68 20.53 -15.44
C LEU E 1118 -20.83 20.90 -16.37
N SER E 1119 -21.04 22.19 -16.60
CA SER E 1119 -22.11 22.62 -17.50
C SER E 1119 -21.87 22.10 -18.91
N ALA E 1120 -20.64 22.18 -19.39
CA ALA E 1120 -20.33 21.68 -20.72
C ALA E 1120 -20.52 20.16 -20.79
N ILE E 1121 -20.13 19.45 -19.75
CA ILE E 1121 -20.32 18.00 -19.72
C ILE E 1121 -21.80 17.66 -19.78
N GLY E 1122 -22.61 18.40 -19.01
CA GLY E 1122 -24.04 18.17 -19.05
C GLY E 1122 -24.63 18.42 -20.44
N MET E 1123 -24.22 19.51 -21.08
CA MET E 1123 -24.71 19.79 -22.43
C MET E 1123 -24.31 18.68 -23.40
N ILE E 1124 -23.04 18.27 -23.36
CA ILE E 1124 -22.55 17.25 -24.29
C ILE E 1124 -23.23 15.92 -24.04
N SER E 1125 -23.63 15.66 -22.79
CA SER E 1125 -24.39 14.45 -22.52
C SER E 1125 -25.83 14.58 -22.99
N TYR E 1126 -26.40 15.78 -22.92
CA TYR E 1126 -27.77 15.97 -23.40
C TYR E 1126 -27.85 15.72 -24.89
N ALA E 1127 -26.94 16.33 -25.66
CA ALA E 1127 -27.07 16.31 -27.12
C ALA E 1127 -27.04 14.90 -27.68
N THR E 1128 -26.50 13.93 -26.93
CA THR E 1128 -26.48 12.53 -27.34
C THR E 1128 -26.49 11.65 -26.10
N PRO E 1129 -27.48 10.76 -25.95
CA PRO E 1129 -27.53 9.93 -24.75
C PRO E 1129 -26.28 9.09 -24.55
N VAL E 1130 -25.74 8.53 -25.63
CA VAL E 1130 -24.55 7.69 -25.51
C VAL E 1130 -23.40 8.47 -24.89
N PHE E 1131 -23.37 9.79 -25.11
CA PHE E 1131 -22.32 10.62 -24.55
C PHE E 1131 -22.23 10.45 -23.03
N LEU E 1132 -23.39 10.31 -22.37
CA LEU E 1132 -23.38 10.09 -20.93
C LEU E 1132 -22.51 8.90 -20.57
N ILE E 1133 -22.69 7.79 -21.29
CA ILE E 1133 -21.77 6.67 -21.13
C ILE E 1133 -20.42 7.01 -21.75
N ALA E 1134 -20.42 7.64 -22.94
CA ALA E 1134 -19.19 7.80 -23.70
C ALA E 1134 -18.17 8.65 -22.96
N LEU E 1135 -18.63 9.72 -22.31
CA LEU E 1135 -17.74 10.59 -21.55
C LEU E 1135 -17.53 10.12 -20.12
N ALA E 1136 -18.07 8.95 -19.75
CA ALA E 1136 -17.94 8.45 -18.39
C ALA E 1136 -16.55 7.91 -18.07
N PRO E 1137 -16.05 6.88 -18.80
CA PRO E 1137 -14.88 6.14 -18.28
C PRO E 1137 -13.58 6.93 -18.22
N LEU E 1138 -13.15 7.49 -19.35
CA LEU E 1138 -11.78 8.00 -19.45
C LEU E 1138 -11.51 9.09 -18.41
N GLY E 1139 -12.36 10.11 -18.36
CA GLY E 1139 -12.19 11.16 -17.37
C GLY E 1139 -12.24 10.61 -15.95
N VAL E 1140 -13.09 9.61 -15.72
CA VAL E 1140 -13.12 8.97 -14.42
C VAL E 1140 -11.75 8.39 -14.09
N ALA E 1141 -11.14 7.72 -15.06
CA ALA E 1141 -9.76 7.27 -14.87
C ALA E 1141 -8.85 8.46 -14.62
N PHE E 1142 -9.04 9.55 -15.37
CA PHE E 1142 -8.29 10.77 -15.14
C PHE E 1142 -8.42 11.21 -13.70
N TYR E 1143 -9.60 11.01 -13.10
CA TYR E 1143 -9.80 11.36 -11.70
C TYR E 1143 -8.71 10.76 -10.83
N PHE E 1144 -8.47 9.46 -10.98
CA PHE E 1144 -7.38 8.82 -10.25
C PHE E 1144 -6.06 9.52 -10.53
N ILE E 1145 -5.75 9.71 -11.82
CA ILE E 1145 -4.54 10.42 -12.19
C ILE E 1145 -4.55 11.82 -11.58
N GLN E 1146 -5.72 12.47 -11.59
CA GLN E 1146 -5.84 13.77 -10.94
C GLN E 1146 -5.34 13.71 -9.51
N LYS E 1147 -5.84 12.73 -8.75
CA LYS E 1147 -5.43 12.59 -7.36
C LYS E 1147 -3.92 12.51 -7.25
N TYR E 1148 -3.28 11.79 -8.17
CA TYR E 1148 -1.83 11.67 -8.15
C TYR E 1148 -1.17 13.05 -8.14
N PHE E 1149 -1.55 13.90 -9.09
CA PHE E 1149 -0.97 15.23 -9.11
C PHE E 1149 -1.34 15.98 -7.85
N ARG E 1150 -2.57 15.79 -7.37
CA ARG E 1150 -3.07 16.45 -6.16
C ARG E 1150 -2.11 16.25 -5.00
N VAL E 1151 -1.18 15.30 -5.13
CA VAL E 1151 -0.09 15.15 -4.18
C VAL E 1151 1.26 15.35 -4.85
N ALA E 1152 1.46 14.80 -6.03
CA ALA E 1152 2.80 14.55 -6.56
C ALA E 1152 3.65 15.80 -6.64
N SER E 1153 3.27 16.74 -7.51
CA SER E 1153 4.05 17.96 -7.65
C SER E 1153 4.13 18.71 -6.33
N LYS E 1154 3.13 18.55 -5.46
CA LYS E 1154 3.17 19.17 -4.14
C LYS E 1154 4.45 18.80 -3.43
N ASP E 1155 4.77 17.50 -3.37
CA ASP E 1155 6.02 17.09 -2.77
C ASP E 1155 7.20 17.74 -3.48
N LEU E 1156 7.18 17.74 -4.81
CA LEU E 1156 8.19 18.46 -5.57
C LEU E 1156 8.18 19.93 -5.20
N GLN E 1157 6.99 20.54 -5.15
CA GLN E 1157 6.87 21.90 -4.64
C GLN E 1157 7.45 21.99 -3.24
N GLU E 1158 7.14 21.01 -2.39
CA GLU E 1158 7.73 20.95 -1.06
C GLU E 1158 9.25 21.02 -1.16
N LEU E 1159 9.84 20.21 -2.04
CA LEU E 1159 11.28 20.32 -2.27
C LEU E 1159 11.64 21.74 -2.70
N ASP E 1160 10.94 22.26 -3.71
CA ASP E 1160 11.12 23.64 -4.10
C ASP E 1160 10.96 24.57 -2.91
N ASP E 1161 9.98 24.27 -2.06
CA ASP E 1161 9.70 25.12 -0.90
C ASP E 1161 10.94 25.34 -0.05
N SER E 1162 11.84 24.36 0.00
CA SER E 1162 13.08 24.53 0.72
C SER E 1162 14.26 24.82 -0.19
N THR E 1163 14.19 24.41 -1.47
CA THR E 1163 15.38 24.41 -2.32
C THR E 1163 15.96 25.81 -2.48
N GLN E 1164 15.15 26.84 -2.36
CA GLN E 1164 15.60 28.21 -2.57
C GLN E 1164 16.15 28.87 -1.31
N LEU E 1165 16.04 28.21 -0.16
CA LEU E 1165 16.51 28.82 1.09
C LEU E 1165 18.02 29.07 1.13
N PRO E 1166 18.90 28.09 0.80
CA PRO E 1166 20.33 28.34 1.00
C PRO E 1166 20.96 29.26 -0.03
N LEU E 1167 20.61 29.10 -1.30
CA LEU E 1167 21.35 29.77 -2.37
C LEU E 1167 21.28 31.29 -2.22
N LEU E 1168 20.09 31.82 -1.96
CA LEU E 1168 19.96 33.26 -1.75
C LEU E 1168 20.83 33.72 -0.59
N CYS E 1169 20.90 32.91 0.47
CA CYS E 1169 21.73 33.26 1.61
C CYS E 1169 23.19 33.42 1.21
N HIS E 1170 23.65 32.70 0.18
CA HIS E 1170 25.00 32.92 -0.32
C HIS E 1170 25.17 34.36 -0.78
N PHE E 1171 24.24 34.85 -1.60
CA PHE E 1171 24.26 36.25 -2.00
C PHE E 1171 23.99 37.17 -0.82
N SER E 1172 23.48 36.63 0.28
CA SER E 1172 23.38 37.39 1.51
C SER E 1172 24.72 37.50 2.21
N GLU E 1173 25.55 36.47 2.14
CA GLU E 1173 26.77 36.45 2.96
C GLU E 1173 27.89 37.27 2.33
N THR E 1174 28.33 36.87 1.14
CA THR E 1174 29.51 37.49 0.53
C THR E 1174 29.35 39.00 0.43
N ALA E 1175 28.15 39.46 0.10
CA ALA E 1175 27.91 40.90 -0.02
C ALA E 1175 27.87 41.55 1.36
N GLU E 1176 27.23 40.91 2.33
CA GLU E 1176 27.14 41.50 3.67
C GLU E 1176 28.51 41.78 4.23
N GLY E 1177 29.43 40.83 4.09
CA GLY E 1177 30.83 41.09 4.33
C GLY E 1177 31.45 41.67 3.09
N LEU E 1178 31.11 42.92 2.77
CA LEU E 1178 31.69 43.57 1.60
C LEU E 1178 33.21 43.71 1.75
N THR E 1179 33.67 43.98 2.97
CA THR E 1179 35.09 44.05 3.27
C THR E 1179 35.57 42.99 4.25
N THR E 1180 34.66 42.27 4.92
CA THR E 1180 35.06 41.28 5.91
C THR E 1180 35.78 40.09 5.29
N ILE E 1181 35.61 39.86 3.99
CA ILE E 1181 36.21 38.71 3.32
C ILE E 1181 37.18 39.24 2.26
N ARG E 1182 37.82 40.38 2.58
CA ARG E 1182 38.60 41.11 1.57
C ARG E 1182 39.71 40.24 0.97
N ALA E 1183 40.68 39.83 1.79
CA ALA E 1183 41.90 39.18 1.30
C ALA E 1183 42.24 37.95 2.13
N PHE E 1184 41.25 37.08 2.34
CA PHE E 1184 41.43 35.89 3.15
C PHE E 1184 41.97 34.70 2.34
N ARG E 1185 42.58 34.96 1.19
CA ARG E 1185 43.23 33.94 0.36
C ARG E 1185 42.27 32.84 -0.07
N HIS E 1186 40.97 33.13 -0.10
CA HIS E 1186 40.00 32.14 -0.54
C HIS E 1186 38.91 32.76 -1.43
N GLU E 1187 39.17 33.93 -2.02
CA GLU E 1187 38.15 34.63 -2.79
C GLU E 1187 37.68 33.80 -3.99
N THR E 1188 38.63 33.26 -4.76
CA THR E 1188 38.25 32.43 -5.89
C THR E 1188 37.49 31.19 -5.44
N ARG E 1189 37.85 30.64 -4.28
CA ARG E 1189 37.18 29.46 -3.74
C ARG E 1189 35.69 29.71 -3.44
N PHE E 1190 35.27 30.97 -3.34
CA PHE E 1190 33.86 31.27 -3.12
C PHE E 1190 32.99 30.78 -4.27
N LYS E 1191 33.48 30.84 -5.50
CA LYS E 1191 32.73 30.35 -6.65
C LYS E 1191 32.47 28.85 -6.59
N GLN E 1192 33.39 28.10 -5.95
CA GLN E 1192 33.30 26.64 -5.98
C GLN E 1192 31.98 26.12 -5.44
N ARG E 1193 31.46 26.74 -4.38
CA ARG E 1193 30.19 26.29 -3.82
C ARG E 1193 28.99 26.84 -4.56
N MET E 1194 29.03 28.12 -4.93
CA MET E 1194 27.96 28.74 -5.69
C MET E 1194 27.67 27.98 -6.98
N LEU E 1195 28.72 27.61 -7.72
CA LEU E 1195 28.53 26.93 -9.00
C LEU E 1195 27.94 25.54 -8.82
N GLU E 1196 27.98 24.96 -7.62
CA GLU E 1196 27.23 23.75 -7.34
C GLU E 1196 25.79 24.07 -6.93
N LEU E 1197 25.60 25.09 -6.08
CA LEU E 1197 24.28 25.40 -5.55
C LEU E 1197 23.32 25.80 -6.65
N THR E 1198 23.78 26.64 -7.59
CA THR E 1198 22.92 27.12 -8.66
C THR E 1198 22.31 25.95 -9.42
N ASP E 1199 23.14 24.99 -9.83
CA ASP E 1199 22.64 23.80 -10.52
C ASP E 1199 21.76 22.96 -9.60
N THR E 1200 22.18 22.78 -8.35
CA THR E 1200 21.41 21.95 -7.42
C THR E 1200 20.01 22.48 -7.19
N ASN E 1201 19.78 23.77 -7.45
CA ASN E 1201 18.45 24.35 -7.33
C ASN E 1201 17.70 24.40 -8.66
N ASN E 1202 18.38 24.82 -9.74
CA ASN E 1202 17.71 24.87 -11.03
C ASN E 1202 17.30 23.49 -11.52
N ILE E 1203 17.94 22.42 -11.04
CA ILE E 1203 17.51 21.08 -11.40
C ILE E 1203 16.11 20.81 -10.87
N ALA E 1204 15.86 21.18 -9.60
CA ALA E 1204 14.53 21.01 -9.04
C ALA E 1204 13.52 21.94 -9.72
N TYR E 1205 13.95 23.17 -10.04
CA TYR E 1205 13.08 24.07 -10.78
C TYR E 1205 12.61 23.43 -12.08
N LEU E 1206 13.55 22.88 -12.85
CA LEU E 1206 13.21 22.24 -14.12
C LEU E 1206 12.36 21.00 -13.90
N PHE E 1207 12.60 20.25 -12.82
CA PHE E 1207 11.77 19.08 -12.54
C PHE E 1207 10.32 19.48 -12.29
N LEU E 1208 10.11 20.55 -11.51
CA LEU E 1208 8.76 21.04 -11.30
C LEU E 1208 8.12 21.48 -12.61
N SER E 1209 8.88 22.19 -13.44
CA SER E 1209 8.35 22.60 -14.74
C SER E 1209 7.93 21.40 -15.57
N ALA E 1210 8.76 20.35 -15.58
CA ALA E 1210 8.45 19.16 -16.36
C ALA E 1210 7.20 18.46 -15.84
N ALA E 1211 7.03 18.42 -14.51
CA ALA E 1211 5.80 17.84 -13.96
C ALA E 1211 4.58 18.62 -14.42
N ASN E 1212 4.67 19.95 -14.41
CA ASN E 1212 3.54 20.75 -14.88
C ASN E 1212 3.27 20.48 -16.37
N ARG E 1213 4.33 20.37 -17.16
CA ARG E 1213 4.18 20.08 -18.58
C ARG E 1213 3.45 18.76 -18.79
N TRP E 1214 3.85 17.74 -18.04
CA TRP E 1214 3.21 16.43 -18.20
C TRP E 1214 1.74 16.51 -17.82
N LEU E 1215 1.43 17.26 -16.77
CA LEU E 1215 0.02 17.40 -16.38
C LEU E 1215 -0.78 18.04 -17.51
N GLU E 1216 -0.23 19.09 -18.11
CA GLU E 1216 -0.92 19.78 -19.20
C GLU E 1216 -1.13 18.86 -20.40
N VAL E 1217 -0.11 18.09 -20.77
CA VAL E 1217 -0.22 17.20 -21.91
C VAL E 1217 -1.29 16.14 -21.66
N ARG E 1218 -1.29 15.55 -20.46
CA ARG E 1218 -2.29 14.53 -20.15
C ARG E 1218 -3.69 15.11 -20.23
N THR E 1219 -3.89 16.30 -19.68
CA THR E 1219 -5.20 16.94 -19.76
C THR E 1219 -5.60 17.19 -21.21
N ASP E 1220 -4.67 17.65 -22.03
CA ASP E 1220 -4.98 17.94 -23.43
C ASP E 1220 -5.40 16.67 -24.18
N TYR E 1221 -4.70 15.56 -23.96
CA TYR E 1221 -5.07 14.35 -24.69
C TYR E 1221 -6.39 13.78 -24.19
N LEU E 1222 -6.65 13.87 -22.89
CA LEU E 1222 -7.97 13.46 -22.40
C LEU E 1222 -9.06 14.28 -23.05
N GLY E 1223 -8.87 15.59 -23.14
CA GLY E 1223 -9.86 16.44 -23.79
C GLY E 1223 -10.06 16.08 -25.25
N ALA E 1224 -8.96 15.79 -25.96
CA ALA E 1224 -9.08 15.41 -27.36
C ALA E 1224 -9.89 14.13 -27.52
N CYS E 1225 -9.67 13.16 -26.63
CA CYS E 1225 -10.46 11.94 -26.66
C CYS E 1225 -11.95 12.25 -26.44
N ILE E 1226 -12.24 13.11 -25.47
CA ILE E 1226 -13.63 13.49 -25.21
C ILE E 1226 -14.24 14.14 -26.44
N VAL E 1227 -13.46 14.98 -27.12
CA VAL E 1227 -13.96 15.69 -28.30
C VAL E 1227 -14.29 14.70 -29.41
N LEU E 1228 -13.38 13.76 -29.66
CA LEU E 1228 -13.64 12.77 -30.71
C LEU E 1228 -14.90 11.99 -30.41
N THR E 1229 -15.06 11.56 -29.15
CA THR E 1229 -16.23 10.78 -28.78
C THR E 1229 -17.52 11.59 -29.00
N ALA E 1230 -17.58 12.80 -28.45
CA ALA E 1230 -18.79 13.59 -28.55
C ALA E 1230 -19.10 13.93 -30.01
N SER E 1231 -18.07 14.25 -30.79
CA SER E 1231 -18.29 14.57 -32.21
C SER E 1231 -18.84 13.37 -32.97
N ILE E 1232 -18.26 12.18 -32.75
CA ILE E 1232 -18.76 11.00 -33.43
C ILE E 1232 -20.21 10.74 -33.05
N ALA E 1233 -20.53 10.86 -31.76
CA ALA E 1233 -21.90 10.62 -31.33
C ALA E 1233 -22.87 11.62 -31.97
N SER E 1234 -22.49 12.90 -31.99
CA SER E 1234 -23.36 13.91 -32.57
C SER E 1234 -23.57 13.68 -34.05
N ILE E 1235 -22.51 13.35 -34.79
CA ILE E 1235 -22.67 13.17 -36.23
C ILE E 1235 -23.47 11.90 -36.54
N SER E 1236 -23.35 10.86 -35.71
CA SER E 1236 -24.16 9.67 -35.91
C SER E 1236 -25.63 9.94 -35.62
N GLY E 1237 -25.92 10.64 -34.52
CA GLY E 1237 -27.32 10.92 -34.18
C GLY E 1237 -28.00 11.80 -35.22
N SER E 1238 -27.31 12.87 -35.63
CA SER E 1238 -27.77 13.74 -36.72
C SER E 1238 -29.16 14.28 -36.48
N SER E 1239 -29.44 14.68 -35.23
CA SER E 1239 -30.74 15.27 -34.91
C SER E 1239 -30.95 16.56 -35.68
N ASN E 1240 -30.14 17.57 -35.40
CA ASN E 1240 -30.22 18.85 -36.09
C ASN E 1240 -28.88 19.56 -35.96
N SER E 1241 -28.69 20.58 -36.79
CA SER E 1241 -27.43 21.30 -36.80
C SER E 1241 -27.16 21.97 -35.45
N GLY E 1242 -28.22 22.46 -34.80
CA GLY E 1242 -28.04 23.13 -33.52
C GLY E 1242 -27.42 22.24 -32.47
N LEU E 1243 -27.91 21.00 -32.36
CA LEU E 1243 -27.41 20.09 -31.33
C LEU E 1243 -25.94 19.78 -31.54
N VAL E 1244 -25.56 19.41 -32.77
CA VAL E 1244 -24.16 19.07 -33.04
C VAL E 1244 -23.27 20.30 -32.86
N GLY E 1245 -23.74 21.46 -33.29
CA GLY E 1245 -22.95 22.66 -33.11
C GLY E 1245 -22.69 22.97 -31.64
N LEU E 1246 -23.74 22.92 -30.83
CA LEU E 1246 -23.56 23.16 -29.40
C LEU E 1246 -22.63 22.13 -28.78
N GLY E 1247 -22.79 20.85 -29.14
CA GLY E 1247 -21.95 19.82 -28.57
C GLY E 1247 -20.48 20.01 -28.92
N LEU E 1248 -20.19 20.26 -30.20
CA LEU E 1248 -18.81 20.42 -30.62
C LEU E 1248 -18.19 21.67 -30.00
N LEU E 1249 -18.94 22.78 -29.96
CA LEU E 1249 -18.41 23.99 -29.35
C LEU E 1249 -18.12 23.78 -27.87
N TYR E 1250 -19.02 23.11 -27.16
CA TYR E 1250 -18.78 22.90 -25.73
C TYR E 1250 -17.64 21.93 -25.49
N ALA E 1251 -17.46 20.93 -26.36
CA ALA E 1251 -16.31 20.06 -26.23
C ALA E 1251 -15.01 20.82 -26.44
N LEU E 1252 -14.97 21.67 -27.48
CA LEU E 1252 -13.78 22.48 -27.70
C LEU E 1252 -13.52 23.44 -26.54
N THR E 1253 -14.59 23.92 -25.89
CA THR E 1253 -14.42 24.74 -24.70
C THR E 1253 -13.82 23.92 -23.56
N ILE E 1254 -14.41 22.75 -23.29
CA ILE E 1254 -13.98 21.92 -22.17
C ILE E 1254 -12.56 21.39 -22.36
N THR E 1255 -12.08 21.37 -23.60
CA THR E 1255 -10.73 20.87 -23.86
C THR E 1255 -9.69 21.55 -22.98
N ASN E 1256 -9.84 22.84 -22.74
CA ASN E 1256 -8.79 23.62 -22.09
C ASN E 1256 -8.95 23.73 -20.58
N TYR E 1257 -10.13 23.49 -20.04
CA TYR E 1257 -10.36 23.80 -18.63
C TYR E 1257 -9.79 22.76 -17.67
N LEU E 1258 -9.38 21.59 -18.16
CA LEU E 1258 -8.87 20.58 -17.25
C LEU E 1258 -7.58 21.03 -16.58
N ASN E 1259 -6.68 21.65 -17.34
CA ASN E 1259 -5.43 22.15 -16.75
C ASN E 1259 -5.72 23.20 -15.70
N TRP E 1260 -6.63 24.12 -15.99
CA TRP E 1260 -7.07 25.09 -15.00
C TRP E 1260 -7.57 24.40 -13.74
N VAL E 1261 -8.43 23.38 -13.90
CA VAL E 1261 -9.01 22.71 -12.74
C VAL E 1261 -7.92 22.08 -11.89
N VAL E 1262 -6.99 21.37 -12.53
CA VAL E 1262 -5.95 20.68 -11.77
C VAL E 1262 -5.07 21.67 -11.03
N ARG E 1263 -4.62 22.72 -11.74
CA ARG E 1263 -3.74 23.70 -11.13
C ARG E 1263 -4.43 24.41 -9.98
N ASN E 1264 -5.69 24.80 -10.17
CA ASN E 1264 -6.42 25.47 -9.11
C ASN E 1264 -6.65 24.55 -7.92
N LEU E 1265 -6.89 23.26 -8.17
CA LEU E 1265 -7.03 22.33 -7.06
C LEU E 1265 -5.74 22.25 -6.26
N ALA E 1266 -4.60 22.17 -6.94
CA ALA E 1266 -3.32 22.15 -6.24
C ALA E 1266 -3.11 23.43 -5.45
N ASP E 1267 -3.39 24.58 -6.05
CA ASP E 1267 -3.19 25.86 -5.38
C ASP E 1267 -4.06 25.96 -4.14
N LEU E 1268 -5.34 25.61 -4.25
CA LEU E 1268 -6.23 25.67 -3.11
C LEU E 1268 -5.78 24.73 -2.01
N GLU E 1269 -5.38 23.51 -2.38
CA GLU E 1269 -4.94 22.54 -1.37
C GLU E 1269 -3.73 23.08 -0.61
N VAL E 1270 -2.72 23.56 -1.34
CA VAL E 1270 -1.52 24.05 -0.67
C VAL E 1270 -1.82 25.27 0.19
N GLN E 1271 -2.62 26.20 -0.33
CA GLN E 1271 -2.94 27.41 0.43
C GLN E 1271 -3.70 27.06 1.71
N MET E 1272 -4.69 26.17 1.63
CA MET E 1272 -5.45 25.83 2.82
C MET E 1272 -4.62 25.03 3.81
N GLY E 1273 -3.71 24.20 3.31
CA GLY E 1273 -2.79 23.52 4.22
C GLY E 1273 -1.89 24.50 4.96
N ALA E 1274 -1.41 25.53 4.27
CA ALA E 1274 -0.65 26.57 4.93
C ALA E 1274 -1.51 27.30 5.97
N VAL E 1275 -2.78 27.55 5.64
CA VAL E 1275 -3.69 28.19 6.58
C VAL E 1275 -3.85 27.33 7.84
N LYS E 1276 -3.97 26.02 7.65
CA LYS E 1276 -4.27 25.12 8.76
C LYS E 1276 -3.17 25.08 9.81
N LYS E 1277 -1.97 25.58 9.50
CA LYS E 1277 -0.89 25.57 10.47
C LYS E 1277 -1.18 26.49 11.65
N VAL E 1278 -1.84 27.62 11.39
CA VAL E 1278 -2.24 28.54 12.45
C VAL E 1278 -3.75 28.56 12.67
N ASN E 1279 -4.53 27.96 11.77
CA ASN E 1279 -5.97 27.84 12.00
C ASN E 1279 -6.30 26.82 13.07
N SER E 1280 -5.37 25.91 13.37
CA SER E 1280 -5.61 24.95 14.45
C SER E 1280 -5.48 25.61 15.82
N PHE E 1281 -4.62 26.61 15.95
CA PHE E 1281 -4.48 27.41 17.16
C PHE E 1281 -5.24 28.72 17.05
N LEU E 1282 -6.40 28.69 16.38
CA LEU E 1282 -7.12 29.92 16.06
C LEU E 1282 -7.62 30.63 17.31
N THR E 1283 -8.27 29.91 18.21
CA THR E 1283 -8.88 30.54 19.37
C THR E 1283 -8.71 29.74 20.66
N MET E 1284 -7.77 28.81 20.70
CA MET E 1284 -7.59 27.96 21.88
C MET E 1284 -7.26 28.81 23.10
N GLU E 1285 -7.89 28.49 24.23
CA GLU E 1285 -7.70 29.20 25.48
C GLU E 1285 -7.19 28.24 26.54
N SER E 1286 -6.08 28.59 27.19
CA SER E 1286 -5.46 27.76 28.21
C SER E 1286 -5.11 28.55 29.45
N GLU E 1287 -5.91 29.57 29.76
CA GLU E 1287 -5.76 30.33 31.02
C GLU E 1287 -7.14 30.84 31.40
N ASN E 1288 -7.83 30.10 32.26
CA ASN E 1288 -9.20 30.42 32.64
C ASN E 1288 -9.23 31.39 33.81
N TYR E 1289 -10.41 31.98 34.02
CA TYR E 1289 -10.60 32.94 35.11
C TYR E 1289 -12.06 32.81 35.57
N GLU E 1290 -12.29 31.97 36.58
CA GLU E 1290 -13.62 31.73 37.13
C GLU E 1290 -13.52 31.77 38.64
N GLY E 1291 -13.70 32.97 39.21
CA GLY E 1291 -13.62 33.13 40.65
C GLY E 1291 -14.64 34.12 41.18
N THR E 1292 -15.17 33.86 42.37
CA THR E 1292 -16.16 34.72 43.00
C THR E 1292 -15.52 35.77 43.90
N MET E 1293 -14.30 36.18 43.60
CA MET E 1293 -13.60 37.17 44.41
C MET E 1293 -14.43 38.43 44.57
N ASP E 1294 -14.75 38.78 45.81
CA ASP E 1294 -15.60 39.91 46.08
C ASP E 1294 -14.90 41.22 45.73
N PRO E 1295 -15.66 42.30 45.50
CA PRO E 1295 -15.03 43.59 45.22
C PRO E 1295 -14.22 44.10 46.39
N SER E 1296 -12.90 44.16 46.23
CA SER E 1296 -11.99 44.61 47.28
C SER E 1296 -11.29 45.88 46.81
N GLN E 1297 -11.34 46.92 47.65
CA GLN E 1297 -10.65 48.17 47.32
C GLN E 1297 -9.15 47.93 47.13
N VAL E 1298 -8.48 47.52 48.21
CA VAL E 1298 -7.06 47.18 48.19
C VAL E 1298 -6.23 48.29 47.54
N PRO E 1299 -6.07 49.45 48.18
CA PRO E 1299 -5.18 50.48 47.62
C PRO E 1299 -3.72 50.11 47.75
N GLU E 1300 -2.83 51.02 47.39
CA GLU E 1300 -1.39 50.74 47.36
C GLU E 1300 -0.76 50.60 48.74
N HIS E 1301 -1.54 50.70 49.81
CA HIS E 1301 -0.98 50.65 51.16
C HIS E 1301 -0.37 49.28 51.46
N TRP E 1302 0.71 49.29 52.25
CA TRP E 1302 1.38 48.06 52.65
C TRP E 1302 0.77 47.54 53.94
N PRO E 1303 0.14 46.36 53.94
CA PRO E 1303 -0.57 45.89 55.14
C PRO E 1303 0.34 45.63 56.33
N GLN E 1304 1.32 44.73 56.16
CA GLN E 1304 2.24 44.36 57.24
C GLN E 1304 3.65 44.24 56.69
N GLU E 1305 4.05 45.21 55.86
CA GLU E 1305 5.29 45.16 55.09
C GLU E 1305 5.31 43.95 54.15
N GLY E 1306 4.15 43.56 53.64
CA GLY E 1306 4.03 42.46 52.72
C GLY E 1306 4.48 41.13 53.28
N GLU E 1307 4.04 40.81 54.49
CA GLU E 1307 4.41 39.55 55.12
C GLU E 1307 3.88 38.39 54.30
N ILE E 1308 4.79 37.54 53.82
CA ILE E 1308 4.40 36.38 53.02
C ILE E 1308 5.30 35.19 53.35
N LYS E 1309 4.77 34.23 54.10
CA LYS E 1309 5.44 32.95 54.35
C LYS E 1309 4.41 31.86 54.07
N ILE E 1310 4.29 31.46 52.80
CA ILE E 1310 3.24 30.55 52.36
C ILE E 1310 3.79 29.20 51.92
N HIS E 1311 5.10 28.98 52.02
CA HIS E 1311 5.73 27.76 51.57
C HIS E 1311 6.48 27.12 52.72
N ASP E 1312 6.15 25.88 53.03
CA ASP E 1312 6.84 25.10 54.05
C ASP E 1312 6.97 23.67 53.54
N LEU E 1313 8.19 23.28 53.18
CA LEU E 1313 8.46 21.99 52.55
C LEU E 1313 7.64 21.85 51.26
N CYS E 1314 7.98 22.71 50.30
CA CYS E 1314 7.26 22.80 49.04
C CYS E 1314 7.25 21.45 48.32
N VAL E 1315 6.09 21.11 47.77
CA VAL E 1315 5.94 19.85 47.04
C VAL E 1315 6.52 20.00 45.64
N ARG E 1316 6.71 18.89 44.95
CA ARG E 1316 7.18 18.93 43.56
C ARG E 1316 6.11 19.59 42.70
N TYR E 1317 6.48 20.66 42.00
CA TYR E 1317 5.51 21.45 41.26
C TYR E 1317 5.03 20.69 40.02
N GLU E 1318 4.00 21.24 39.39
CA GLU E 1318 3.35 20.61 38.25
C GLU E 1318 2.81 21.70 37.34
N ASN E 1319 1.87 21.33 36.46
CA ASN E 1319 1.20 22.18 35.49
C ASN E 1319 2.06 22.50 34.28
N ASN E 1320 3.13 21.74 34.06
CA ASN E 1320 3.94 21.82 32.84
C ASN E 1320 4.39 23.25 32.54
N LEU E 1321 4.87 23.93 33.57
CA LEU E 1321 5.32 25.31 33.48
C LEU E 1321 6.69 25.47 34.13
N LYS E 1322 7.61 24.58 33.77
CA LYS E 1322 8.93 24.48 34.39
C LYS E 1322 8.79 24.26 35.89
N PRO E 1323 8.32 23.09 36.32
CA PRO E 1323 8.03 22.88 37.74
C PRO E 1323 9.30 22.93 38.59
N VAL E 1324 9.12 23.36 39.84
CA VAL E 1324 10.16 23.22 40.85
C VAL E 1324 10.14 21.79 41.36
N LEU E 1325 11.28 21.12 41.27
CA LEU E 1325 11.37 19.68 41.49
C LEU E 1325 12.11 19.34 42.79
N LYS E 1326 11.85 20.09 43.85
CA LYS E 1326 12.49 19.84 45.14
C LYS E 1326 11.60 20.38 46.24
N HIS E 1327 12.14 20.47 47.45
CA HIS E 1327 11.42 20.97 48.62
C HIS E 1327 12.26 22.05 49.28
N VAL E 1328 11.72 23.27 49.33
CA VAL E 1328 12.42 24.39 49.94
C VAL E 1328 11.43 25.21 50.76
N LYS E 1329 11.42 25.01 52.08
CA LYS E 1329 10.54 25.77 52.95
C LYS E 1329 10.90 27.24 52.91
N ALA E 1330 9.88 28.09 52.85
CA ALA E 1330 10.06 29.53 52.73
C ALA E 1330 9.61 30.23 54.00
N TYR E 1331 10.47 31.11 54.51
CA TYR E 1331 10.17 31.90 55.71
C TYR E 1331 11.05 33.13 55.64
N ILE E 1332 10.47 34.28 55.30
CA ILE E 1332 11.23 35.45 54.91
C ILE E 1332 11.15 36.50 56.01
N LYS E 1333 11.94 37.56 55.84
CA LYS E 1333 12.01 38.65 56.79
C LYS E 1333 11.06 39.75 56.36
N PRO E 1334 10.08 40.12 57.18
CA PRO E 1334 9.08 41.12 56.75
C PRO E 1334 9.68 42.50 56.52
N GLY E 1335 10.46 43.00 57.48
CA GLY E 1335 11.03 44.33 57.38
C GLY E 1335 12.43 44.34 56.82
N GLN E 1336 12.68 43.55 55.79
CA GLN E 1336 14.02 43.38 55.23
C GLN E 1336 14.21 44.38 54.10
N LYS E 1337 15.13 45.33 54.29
CA LYS E 1337 15.35 46.37 53.30
C LYS E 1337 16.26 45.91 52.18
N VAL E 1338 17.52 45.56 52.50
CA VAL E 1338 18.50 45.21 51.49
C VAL E 1338 18.33 43.75 51.08
N GLY E 1339 19.02 43.35 50.00
CA GLY E 1339 18.92 42.00 49.50
C GLY E 1339 19.77 41.00 50.26
N ILE E 1340 19.55 39.72 49.96
CA ILE E 1340 20.20 38.61 50.66
C ILE E 1340 20.77 37.64 49.64
N CYS E 1341 21.95 37.09 49.94
CA CYS E 1341 22.59 36.12 49.07
C CYS E 1341 21.79 34.83 49.02
N GLY E 1342 21.76 34.20 47.85
CA GLY E 1342 20.99 32.98 47.66
C GLY E 1342 21.72 31.98 46.79
N ARG E 1343 21.33 30.72 46.95
CA ARG E 1343 21.95 29.63 46.21
C ARG E 1343 21.31 29.47 44.83
N THR E 1344 22.10 28.95 43.89
CA THR E 1344 21.61 28.71 42.54
C THR E 1344 20.48 27.69 42.51
N GLY E 1345 20.49 26.75 43.45
CA GLY E 1345 19.51 25.67 43.44
C GLY E 1345 18.07 26.15 43.49
N SER E 1346 17.81 27.19 44.28
CA SER E 1346 16.46 27.76 44.36
C SER E 1346 16.38 29.24 43.98
N GLY E 1347 17.50 29.86 43.58
CA GLY E 1347 17.46 31.28 43.27
C GLY E 1347 16.55 31.59 42.09
N LYS E 1348 16.64 30.78 41.04
CA LYS E 1348 15.75 30.96 39.89
C LYS E 1348 14.30 30.66 40.27
N SER E 1349 14.09 29.61 41.06
CA SER E 1349 12.72 29.25 41.43
C SER E 1349 12.07 30.37 42.24
N SER E 1350 12.82 30.95 43.17
CA SER E 1350 12.31 32.06 43.96
C SER E 1350 12.05 33.28 43.07
N LEU E 1351 12.99 33.60 42.19
CA LEU E 1351 12.81 34.75 41.30
C LEU E 1351 11.54 34.60 40.47
N SER E 1352 11.32 33.40 39.92
CA SER E 1352 10.07 33.12 39.21
C SER E 1352 8.88 33.06 40.15
N LEU E 1353 9.11 32.87 41.45
CA LEU E 1353 8.02 32.72 42.41
C LEU E 1353 7.57 34.04 43.01
N ALA E 1354 8.18 35.16 42.63
CA ALA E 1354 7.74 36.45 43.16
C ALA E 1354 6.32 36.77 42.74
N PHE E 1355 5.99 36.54 41.47
CA PHE E 1355 4.63 36.79 40.99
C PHE E 1355 4.05 35.71 40.09
N PHE E 1356 4.87 34.89 39.42
CA PHE E 1356 4.34 33.98 38.41
C PHE E 1356 3.47 32.90 39.04
N ARG E 1357 2.39 32.57 38.35
CA ARG E 1357 1.42 31.61 38.87
C ARG E 1357 1.96 30.18 38.78
N MET E 1358 1.42 29.33 39.64
CA MET E 1358 1.72 27.91 39.69
C MET E 1358 0.68 27.23 40.56
N VAL E 1359 0.38 25.97 40.23
CA VAL E 1359 -0.72 25.26 40.88
C VAL E 1359 -0.23 24.42 42.04
N ASP E 1360 0.64 23.44 41.76
CA ASP E 1360 1.10 22.49 42.77
C ASP E 1360 2.49 22.83 43.27
N ILE E 1361 2.82 24.12 43.39
CA ILE E 1361 4.12 24.56 43.87
C ILE E 1361 3.94 25.25 45.21
N PHE E 1362 4.52 24.64 46.25
CA PHE E 1362 4.68 25.26 47.57
C PHE E 1362 3.36 25.54 48.27
N ASP E 1363 2.30 24.82 47.92
CA ASP E 1363 1.03 25.00 48.60
C ASP E 1363 1.14 24.54 50.05
N GLY E 1364 0.44 25.24 50.94
CA GLY E 1364 0.50 24.91 52.35
C GLY E 1364 -0.03 26.07 53.19
N LYS E 1365 0.40 26.08 54.46
CA LYS E 1365 0.05 27.17 55.36
C LYS E 1365 0.53 28.49 54.78
N ILE E 1366 -0.33 29.51 54.81
CA ILE E 1366 -0.08 30.76 54.11
C ILE E 1366 -0.48 31.94 54.99
N VAL E 1367 0.36 32.96 55.03
CA VAL E 1367 0.00 34.26 55.58
C VAL E 1367 0.57 35.31 54.63
N ILE E 1368 -0.26 35.82 53.72
CA ILE E 1368 0.23 36.73 52.68
C ILE E 1368 -0.82 37.75 52.27
N ASP E 1369 -0.48 39.03 52.44
CA ASP E 1369 -1.17 40.14 51.78
C ASP E 1369 -2.55 40.45 52.35
N GLY E 1370 -3.04 39.62 53.25
CA GLY E 1370 -4.37 39.83 53.80
C GLY E 1370 -5.50 39.33 52.93
N ILE E 1371 -5.21 38.83 51.73
CA ILE E 1371 -6.19 38.14 50.89
C ILE E 1371 -5.53 36.86 50.40
N ASP E 1372 -6.36 35.85 50.13
CA ASP E 1372 -5.84 34.56 49.72
C ASP E 1372 -5.03 34.69 48.44
N ILE E 1373 -3.95 33.93 48.36
CA ILE E 1373 -3.08 34.00 47.19
C ILE E 1373 -3.78 33.47 45.96
N SER E 1374 -4.58 32.41 46.11
CA SER E 1374 -5.24 31.78 44.98
C SER E 1374 -6.59 32.40 44.64
N LYS E 1375 -7.17 33.17 45.55
CA LYS E 1375 -8.51 33.73 45.36
C LYS E 1375 -8.48 35.19 44.90
N LEU E 1376 -7.31 35.76 44.65
CA LEU E 1376 -7.25 37.13 44.14
C LEU E 1376 -7.88 37.17 42.75
N PRO E 1377 -8.63 38.22 42.42
CA PRO E 1377 -9.35 38.25 41.13
C PRO E 1377 -8.39 38.18 39.96
N LEU E 1378 -8.76 37.37 38.96
CA LEU E 1378 -7.95 37.31 37.75
C LEU E 1378 -8.20 38.48 36.82
N HIS E 1379 -9.25 39.27 37.08
CA HIS E 1379 -9.53 40.41 36.22
C HIS E 1379 -8.56 41.56 36.48
N THR E 1380 -8.26 41.85 37.74
CA THR E 1380 -7.54 43.08 38.07
C THR E 1380 -6.34 42.88 38.98
N LEU E 1381 -6.36 41.82 39.81
CA LEU E 1381 -5.30 41.67 40.81
C LEU E 1381 -3.94 41.47 40.16
N ARG E 1382 -3.87 40.65 39.09
CA ARG E 1382 -2.58 40.43 38.45
C ARG E 1382 -2.04 41.70 37.82
N SER E 1383 -2.90 42.68 37.55
CA SER E 1383 -2.43 43.95 37.02
C SER E 1383 -1.72 44.78 38.10
N ARG E 1384 -1.90 44.45 39.37
CA ARG E 1384 -1.36 45.23 40.47
C ARG E 1384 0.04 44.80 40.87
N LEU E 1385 0.58 43.77 40.25
CA LEU E 1385 1.89 43.25 40.63
C LEU E 1385 2.99 44.03 39.93
N SER E 1386 4.24 43.66 40.24
CA SER E 1386 5.41 44.29 39.67
C SER E 1386 6.56 43.32 39.69
N ILE E 1387 7.45 43.44 38.70
CA ILE E 1387 8.65 42.62 38.59
C ILE E 1387 9.71 43.45 37.90
N ILE E 1388 10.92 42.88 37.80
CA ILE E 1388 12.01 43.46 37.03
C ILE E 1388 12.61 42.37 36.17
N LEU E 1389 12.92 42.70 34.91
CA LEU E 1389 13.50 41.75 33.99
C LEU E 1389 14.91 41.37 34.46
N GLN E 1390 15.35 40.18 34.03
CA GLN E 1390 16.66 39.67 34.43
C GLN E 1390 17.75 40.72 34.22
N ASP E 1391 17.95 41.13 32.97
CA ASP E 1391 18.73 42.31 32.65
C ASP E 1391 17.76 43.33 32.05
N PRO E 1392 17.32 44.33 32.83
CA PRO E 1392 16.16 45.14 32.40
C PRO E 1392 16.29 45.71 30.99
N ILE E 1393 15.46 45.19 30.09
CA ILE E 1393 15.45 45.58 28.70
C ILE E 1393 14.04 46.05 28.37
N LEU E 1394 13.91 47.33 28.04
CA LEU E 1394 12.65 47.91 27.55
C LEU E 1394 12.93 48.33 26.11
N PHE E 1395 12.59 47.45 25.18
CA PHE E 1395 12.99 47.64 23.78
C PHE E 1395 12.38 48.90 23.18
N SER E 1396 11.07 49.08 23.37
CA SER E 1396 10.38 50.22 22.76
C SER E 1396 10.66 51.47 23.58
N GLY E 1397 9.93 52.55 23.29
CA GLY E 1397 10.08 53.78 24.04
C GLY E 1397 9.85 53.57 25.53
N SER E 1398 8.61 53.23 25.90
CA SER E 1398 8.24 52.95 27.29
C SER E 1398 8.41 54.17 28.19
N ILE E 1399 8.75 55.31 27.61
CA ILE E 1399 8.89 56.56 28.35
C ILE E 1399 8.01 57.61 27.70
N ARG E 1400 8.07 57.70 26.37
CA ARG E 1400 7.28 58.69 25.64
C ARG E 1400 5.80 58.51 25.91
N PHE E 1401 5.31 57.28 25.83
CA PHE E 1401 3.91 56.95 26.08
C PHE E 1401 3.74 56.12 27.34
N ASN E 1402 4.65 56.28 28.31
CA ASN E 1402 4.60 55.51 29.54
C ASN E 1402 3.34 55.78 30.35
N LEU E 1403 2.63 56.88 30.07
CA LEU E 1403 1.39 57.19 30.76
C LEU E 1403 0.19 56.61 30.03
N ASP E 1404 0.24 55.31 29.74
CA ASP E 1404 -0.87 54.64 29.08
C ASP E 1404 -1.98 54.32 30.08
N PRO E 1405 -1.66 53.78 31.27
CA PRO E 1405 -2.69 53.71 32.32
C PRO E 1405 -3.02 55.10 32.86
N GLU E 1406 -3.90 55.17 33.86
CA GLU E 1406 -4.39 56.45 34.36
C GLU E 1406 -3.32 57.12 35.21
N CYS E 1407 -2.40 57.79 34.53
CA CYS E 1407 -1.39 58.65 35.17
C CYS E 1407 -1.25 59.90 34.32
N LYS E 1408 -2.07 60.90 34.62
CA LYS E 1408 -1.81 62.28 34.18
C LYS E 1408 -0.99 62.99 35.23
N CYS E 1409 0.09 62.30 35.63
CA CYS E 1409 0.85 62.69 36.81
C CYS E 1409 1.53 64.03 36.63
N THR E 1410 1.92 64.37 35.40
CA THR E 1410 2.56 65.65 35.09
C THR E 1410 3.80 65.87 35.96
N ASP E 1411 4.47 64.79 36.33
CA ASP E 1411 5.65 64.88 37.18
C ASP E 1411 6.78 63.96 36.73
N ASP E 1412 6.65 63.33 35.57
CA ASP E 1412 7.71 62.45 35.06
C ASP E 1412 8.91 63.23 34.54
N ARG E 1413 8.81 64.55 34.42
CA ARG E 1413 9.91 65.34 33.87
C ARG E 1413 11.10 65.36 34.83
N LEU E 1414 10.90 65.92 36.03
CA LEU E 1414 12.01 66.08 36.95
C LEU E 1414 11.68 65.77 38.41
N TRP E 1415 10.43 65.45 38.75
CA TRP E 1415 10.05 65.30 40.14
C TRP E 1415 10.12 63.85 40.62
N GLU E 1416 9.69 62.90 39.78
CA GLU E 1416 9.72 61.49 40.14
C GLU E 1416 10.85 60.72 39.45
N ALA E 1417 11.56 61.34 38.51
CA ALA E 1417 12.58 60.66 37.74
C ALA E 1417 13.97 61.26 37.92
N LEU E 1418 14.09 62.59 37.86
CA LEU E 1418 15.40 63.22 37.98
C LEU E 1418 16.03 62.93 39.33
N GLU E 1419 15.22 62.96 40.40
CA GLU E 1419 15.75 62.67 41.72
C GLU E 1419 16.31 61.26 41.81
N ILE E 1420 15.75 60.32 41.04
CA ILE E 1420 16.28 58.96 41.01
C ILE E 1420 17.70 58.93 40.48
N ALA E 1421 18.12 59.99 39.79
CA ALA E 1421 19.49 60.22 39.30
C ALA E 1421 19.91 59.20 38.25
N GLN E 1422 19.07 58.23 37.92
CA GLN E 1422 19.30 57.32 36.81
C GLN E 1422 18.49 57.71 35.59
N LEU E 1423 17.28 58.21 35.79
CA LEU E 1423 16.49 58.81 34.72
C LEU E 1423 16.77 60.29 34.54
N LYS E 1424 17.59 60.88 35.43
CA LYS E 1424 17.88 62.30 35.33
C LYS E 1424 18.60 62.63 34.02
N ASN E 1425 19.50 61.74 33.58
CA ASN E 1425 20.26 62.00 32.36
C ASN E 1425 19.34 62.10 31.16
N MET E 1426 18.37 61.20 31.05
CA MET E 1426 17.42 61.22 29.94
C MET E 1426 16.25 62.18 30.17
N VAL E 1427 16.12 62.76 31.36
CA VAL E 1427 15.00 63.64 31.64
C VAL E 1427 15.48 65.01 32.10
N LYS E 1428 16.21 65.05 33.22
CA LYS E 1428 16.56 66.34 33.84
C LYS E 1428 17.42 67.19 32.92
N SER E 1429 18.44 66.58 32.30
CA SER E 1429 19.36 67.33 31.46
C SER E 1429 19.37 66.77 30.04
N LEU E 1430 18.19 66.52 29.48
CA LEU E 1430 18.10 65.98 28.13
C LEU E 1430 17.11 66.79 27.31
N PRO E 1431 17.39 66.98 26.02
CA PRO E 1431 16.44 67.67 25.12
C PRO E 1431 15.51 66.75 24.33
N GLY E 1432 15.58 65.43 24.55
CA GLY E 1432 14.64 64.55 23.87
C GLY E 1432 13.20 64.83 24.25
N GLY E 1433 12.94 64.96 25.55
CA GLY E 1433 11.65 65.39 26.05
C GLY E 1433 10.89 64.26 26.73
N LEU E 1434 9.65 64.59 27.11
CA LEU E 1434 8.72 63.62 27.66
C LEU E 1434 8.16 62.67 26.59
N ASP E 1435 8.47 62.93 25.32
CA ASP E 1435 8.05 62.08 24.21
C ASP E 1435 9.30 61.74 23.40
N ALA E 1436 10.01 60.69 23.83
CA ALA E 1436 11.18 60.20 23.13
C ALA E 1436 11.14 58.68 23.11
N THR E 1437 11.55 58.09 22.00
CA THR E 1437 11.51 56.63 21.83
C THR E 1437 12.83 56.15 21.25
N VAL E 1438 13.13 54.88 21.53
CA VAL E 1438 14.30 54.19 21.01
C VAL E 1438 13.85 52.88 20.41
N THR E 1439 14.33 52.58 19.20
CA THR E 1439 13.88 51.40 18.46
C THR E 1439 14.55 50.17 19.03
N GLU E 1440 13.76 49.29 19.67
CA GLU E 1440 14.23 48.02 20.19
C GLU E 1440 15.45 48.18 21.07
N GLY E 1441 15.42 49.20 21.93
CA GLY E 1441 16.57 49.47 22.78
C GLY E 1441 16.25 49.67 24.24
N GLY E 1442 16.73 48.76 25.08
CA GLY E 1442 16.69 48.96 26.51
C GLY E 1442 18.06 49.36 27.01
N GLU E 1443 19.07 49.19 26.16
CA GLU E 1443 20.43 49.56 26.47
C GLU E 1443 21.13 50.26 25.31
N ASN E 1444 20.42 50.57 24.23
CA ASN E 1444 21.03 51.30 23.13
C ASN E 1444 21.27 52.76 23.49
N PHE E 1445 20.19 53.49 23.77
CA PHE E 1445 20.29 54.88 24.15
C PHE E 1445 20.04 55.12 25.63
N SER E 1446 19.63 54.11 26.39
CA SER E 1446 19.32 54.23 27.80
C SER E 1446 20.39 53.49 28.61
N VAL E 1447 21.48 54.18 28.90
CA VAL E 1447 22.57 53.62 29.69
C VAL E 1447 22.49 54.18 31.10
N GLY E 1448 21.90 55.37 31.22
CA GLY E 1448 21.77 56.00 32.54
C GLY E 1448 20.78 55.29 33.44
N GLN E 1449 19.77 54.65 32.85
CA GLN E 1449 18.82 53.86 33.62
C GLN E 1449 18.36 52.70 32.74
N ARG E 1450 19.06 51.56 32.86
CA ARG E 1450 18.61 50.38 32.14
C ARG E 1450 17.38 49.78 32.79
N GLN E 1451 17.21 49.99 34.09
CA GLN E 1451 16.05 49.49 34.81
C GLN E 1451 14.96 50.55 34.87
N LEU E 1452 13.73 50.10 35.01
CA LEU E 1452 12.60 51.00 35.08
C LEU E 1452 12.72 51.92 36.28
N PHE E 1453 12.35 53.19 36.10
CA PHE E 1453 12.41 54.16 37.18
C PHE E 1453 11.42 53.78 38.27
N CYS E 1454 11.94 53.31 39.41
CA CYS E 1454 11.07 52.88 40.50
C CYS E 1454 10.32 54.06 41.11
N LEU E 1455 11.01 55.17 41.36
CA LEU E 1455 10.34 56.34 41.94
C LEU E 1455 9.26 56.88 41.02
N ALA E 1456 9.52 56.88 39.71
CA ALA E 1456 8.56 57.45 38.76
C ALA E 1456 7.24 56.70 38.79
N ARG E 1457 7.29 55.36 38.84
CA ARG E 1457 6.06 54.59 38.97
C ARG E 1457 5.32 54.91 40.26
N ALA E 1458 6.02 55.39 41.28
CA ALA E 1458 5.41 55.81 42.54
C ALA E 1458 5.36 57.32 42.67
N PHE E 1459 5.14 58.03 41.56
CA PHE E 1459 5.08 59.49 41.56
C PHE E 1459 3.96 60.03 42.44
N SER E 1463 3.29 50.67 41.76
CA SER E 1463 2.93 49.67 42.76
C SER E 1463 3.64 49.92 44.08
N SER E 1464 3.73 48.88 44.93
CA SER E 1464 4.34 48.99 46.25
C SER E 1464 5.36 47.91 46.55
N ILE E 1465 5.40 46.82 45.79
CA ILE E 1465 6.36 45.73 45.99
C ILE E 1465 7.39 45.80 44.88
N LEU E 1466 8.66 45.90 45.27
CA LEU E 1466 9.78 45.95 44.33
C LEU E 1466 10.53 44.64 44.40
N ILE E 1467 10.79 44.05 43.24
CA ILE E 1467 11.50 42.78 43.12
C ILE E 1467 12.69 42.97 42.21
N MET E 1468 13.84 42.43 42.59
CA MET E 1468 15.08 42.63 41.88
C MET E 1468 15.42 41.41 41.03
N ASP E 1469 16.55 41.49 40.33
CA ASP E 1469 16.99 40.45 39.42
C ASP E 1469 18.52 40.42 39.43
N GLU E 1470 19.11 39.78 38.43
CA GLU E 1470 20.56 39.63 38.31
C GLU E 1470 21.09 40.64 37.30
N ALA E 1471 21.76 41.68 37.80
CA ALA E 1471 22.35 42.70 36.94
C ALA E 1471 23.56 42.14 36.21
N THR E 1472 23.34 41.64 34.98
CA THR E 1472 24.39 40.94 34.26
C THR E 1472 25.42 41.91 33.67
N ALA E 1473 24.99 43.08 33.21
CA ALA E 1473 25.88 44.01 32.51
C ALA E 1473 25.74 45.42 33.07
N SER E 1474 25.62 45.54 34.40
CA SER E 1474 25.44 46.83 35.04
C SER E 1474 26.73 47.29 35.71
N ILE E 1475 27.06 48.57 35.51
CA ILE E 1475 28.19 49.16 36.19
C ILE E 1475 27.94 49.19 37.69
N ASP E 1476 28.97 48.82 38.46
CA ASP E 1476 28.79 48.70 39.91
C ASP E 1476 28.42 50.03 40.54
N MET E 1477 29.08 51.12 40.13
CA MET E 1477 28.74 52.43 40.66
C MET E 1477 27.28 52.78 40.39
N ALA E 1478 26.81 52.52 39.16
CA ALA E 1478 25.43 52.78 38.82
C ALA E 1478 24.49 51.93 39.65
N THR E 1479 24.86 50.67 39.89
CA THR E 1479 24.05 49.81 40.74
C THR E 1479 23.98 50.35 42.16
N GLU E 1480 25.08 50.88 42.68
CA GLU E 1480 25.05 51.50 44.00
C GLU E 1480 24.14 52.73 44.02
N ASN E 1481 24.18 53.53 42.95
CA ASN E 1481 23.30 54.70 42.87
C ASN E 1481 21.84 54.26 42.84
N ILE E 1482 21.55 53.19 42.09
CA ILE E 1482 20.20 52.62 42.07
C ILE E 1482 19.82 52.08 43.43
N LEU E 1483 20.79 51.54 44.18
CA LEU E 1483 20.51 51.11 45.55
C LEU E 1483 20.15 52.29 46.44
N GLN E 1484 20.83 53.43 46.26
CA GLN E 1484 20.45 54.62 47.00
C GLN E 1484 19.02 55.06 46.65
N LYS E 1485 18.67 55.00 45.36
CA LYS E 1485 17.30 55.26 44.95
C LYS E 1485 16.34 54.23 45.54
N VAL E 1486 16.79 52.98 45.67
CA VAL E 1486 15.98 51.92 46.27
C VAL E 1486 15.72 52.21 47.74
N VAL E 1487 16.70 52.78 48.45
CA VAL E 1487 16.47 53.22 49.83
C VAL E 1487 15.48 54.38 49.84
N MET E 1488 15.58 55.30 48.88
CA MET E 1488 14.62 56.38 48.78
C MET E 1488 13.20 55.84 48.56
N THR E 1489 13.07 54.79 47.76
CA THR E 1489 11.80 54.11 47.60
C THR E 1489 11.40 53.34 48.85
N ALA E 1490 12.38 52.78 49.56
CA ALA E 1490 12.12 52.06 50.80
C ALA E 1490 11.52 52.98 51.85
N PHE E 1491 11.82 54.28 51.75
CA PHE E 1491 11.09 55.25 52.56
C PHE E 1491 9.59 55.09 52.39
N ALA E 1492 9.15 54.70 51.18
CA ALA E 1492 7.77 54.33 50.94
C ALA E 1492 7.51 52.82 51.03
N ASP E 1493 8.56 51.99 51.00
CA ASP E 1493 8.39 50.55 51.06
C ASP E 1493 8.99 49.93 52.32
N ARG E 1494 10.28 50.15 52.58
CA ARG E 1494 10.99 49.56 53.72
C ARG E 1494 10.94 48.03 53.70
N THR E 1495 10.91 47.44 52.50
CA THR E 1495 10.95 45.99 52.36
C THR E 1495 11.26 45.61 50.91
N VAL E 1496 12.28 44.77 50.71
CA VAL E 1496 12.70 44.36 49.38
C VAL E 1496 13.31 42.97 49.47
N VAL E 1497 12.97 42.11 48.51
CA VAL E 1497 13.54 40.78 48.37
C VAL E 1497 14.21 40.70 47.00
N THR E 1498 15.37 40.06 46.94
CA THR E 1498 16.14 39.95 45.71
C THR E 1498 16.63 38.52 45.53
N ILE E 1499 17.06 38.23 44.31
CA ILE E 1499 17.60 36.92 43.95
C ILE E 1499 18.98 37.13 43.35
N ALA E 1500 19.98 36.45 43.91
CA ALA E 1500 21.36 36.62 43.48
C ALA E 1500 22.19 35.46 44.02
N HIS E 1501 23.25 35.13 43.29
CA HIS E 1501 24.20 34.10 43.71
C HIS E 1501 25.63 34.61 43.80
N ARG E 1502 25.88 35.88 43.50
CA ARG E 1502 27.21 36.46 43.55
C ARG E 1502 27.22 37.66 44.48
N VAL E 1503 28.39 37.94 45.05
CA VAL E 1503 28.52 39.00 46.05
C VAL E 1503 28.30 40.37 45.43
N HIS E 1504 28.58 40.52 44.13
CA HIS E 1504 28.41 41.83 43.47
C HIS E 1504 26.99 42.35 43.57
N THR E 1505 26.01 41.46 43.72
CA THR E 1505 24.62 41.86 43.90
C THR E 1505 24.10 41.69 45.31
N ILE E 1506 24.79 40.92 46.16
CA ILE E 1506 24.31 40.64 47.51
C ILE E 1506 25.34 41.08 48.54
N LEU E 1507 26.08 42.14 48.23
CA LEU E 1507 27.13 42.62 49.13
C LEU E 1507 26.64 43.62 50.15
N THR E 1508 25.57 44.37 49.85
CA THR E 1508 25.11 45.46 50.68
C THR E 1508 23.95 45.07 51.60
N ALA E 1509 23.94 43.83 52.08
CA ALA E 1509 22.86 43.36 52.95
C ALA E 1509 22.82 44.14 54.25
N ASP E 1510 21.63 44.63 54.60
CA ASP E 1510 21.36 45.28 55.88
C ASP E 1510 20.50 44.43 56.80
N LEU E 1511 19.44 43.82 56.27
CA LEU E 1511 18.65 42.82 56.98
C LEU E 1511 18.52 41.60 56.08
N VAL E 1512 18.87 40.43 56.61
CA VAL E 1512 18.94 39.20 55.83
C VAL E 1512 18.39 38.05 56.65
N ILE E 1513 18.45 36.85 56.08
CA ILE E 1513 17.98 35.64 56.72
C ILE E 1513 19.07 34.58 56.61
N VAL E 1514 18.94 33.53 57.43
CA VAL E 1514 19.82 32.38 57.41
C VAL E 1514 19.09 31.25 56.70
N MET E 1515 19.58 30.88 55.53
CA MET E 1515 18.80 30.08 54.59
C MET E 1515 18.98 28.59 54.82
N LYS E 1516 18.38 27.78 53.94
CA LYS E 1516 18.50 26.33 54.00
C LYS E 1516 18.50 25.80 52.57
N ARG E 1517 19.69 25.48 52.05
CA ARG E 1517 19.94 24.86 50.76
C ARG E 1517 19.59 25.77 49.58
N GLY E 1518 19.11 26.99 49.82
CA GLY E 1518 18.75 27.88 48.74
C GLY E 1518 17.52 28.71 49.06
N ASN E 1519 16.80 28.34 50.11
CA ASN E 1519 15.64 29.08 50.58
C ASN E 1519 15.82 29.44 52.04
N ILE E 1520 15.16 30.51 52.46
CA ILE E 1520 15.35 31.04 53.81
C ILE E 1520 14.82 30.05 54.84
N LEU E 1521 15.62 29.82 55.88
CA LEU E 1521 15.26 28.92 56.97
C LEU E 1521 14.82 29.66 58.23
N GLU E 1522 15.53 30.72 58.61
CA GLU E 1522 15.19 31.48 59.81
C GLU E 1522 15.61 32.92 59.62
N TYR E 1523 15.08 33.79 60.47
CA TYR E 1523 15.37 35.22 60.40
C TYR E 1523 16.57 35.54 61.28
N ASP E 1524 17.58 36.20 60.68
CA ASP E 1524 18.80 36.53 61.43
C ASP E 1524 19.49 37.69 60.74
N THR E 1525 19.61 38.82 61.45
CA THR E 1525 20.32 39.97 60.90
C THR E 1525 21.80 39.71 60.67
N PRO E 1526 22.58 39.21 61.64
CA PRO E 1526 24.04 39.19 61.47
C PRO E 1526 24.48 38.33 60.29
N GLU E 1527 25.49 38.82 59.56
CA GLU E 1527 26.09 38.04 58.48
C GLU E 1527 27.01 36.96 59.03
N SER E 1528 27.73 37.27 60.13
CA SER E 1528 28.59 36.27 60.76
C SER E 1528 27.78 35.12 61.32
N LEU E 1529 26.58 35.41 61.85
CA LEU E 1529 25.70 34.33 62.28
C LEU E 1529 25.32 33.44 61.11
N LEU E 1530 25.05 34.04 59.95
CA LEU E 1530 24.83 33.25 58.74
C LEU E 1530 26.06 32.46 58.35
N ALA E 1531 27.25 32.97 58.68
CA ALA E 1531 28.48 32.23 58.39
C ALA E 1531 28.60 31.00 59.29
N GLN E 1532 28.26 31.15 60.57
CA GLN E 1532 28.32 30.01 61.49
C GLN E 1532 27.34 28.93 61.06
N GLU E 1533 26.13 29.32 60.63
CA GLU E 1533 25.15 28.39 60.13
C GLU E 1533 25.37 28.18 58.64
N ASP E 1534 24.41 27.55 57.96
CA ASP E 1534 24.48 27.31 56.52
C ASP E 1534 24.05 28.54 55.71
N GLY E 1535 24.01 29.71 56.34
CA GLY E 1535 23.52 30.90 55.69
C GLY E 1535 24.33 31.39 54.51
N VAL E 1536 25.55 31.86 54.76
CA VAL E 1536 26.29 32.57 53.73
C VAL E 1536 27.64 31.92 53.44
N PHE E 1537 27.74 30.61 53.64
CA PHE E 1537 28.99 29.92 53.34
C PHE E 1537 29.33 30.02 51.86
N ALA E 1538 28.35 29.76 50.99
CA ALA E 1538 28.56 29.96 49.56
C ALA E 1538 28.85 31.43 49.27
N SER E 1539 28.17 32.35 49.95
CA SER E 1539 28.52 33.75 49.85
C SER E 1539 29.90 34.02 50.48
N PHE E 1540 30.20 33.35 51.59
CA PHE E 1540 31.51 33.49 52.21
C PHE E 1540 32.64 33.07 51.27
N VAL E 1541 32.36 32.23 50.27
CA VAL E 1541 33.35 31.81 49.29
C VAL E 1541 34.01 33.03 48.66
N ARG E 1542 33.34 34.18 48.74
CA ARG E 1542 33.96 35.46 48.38
C ARG E 1542 34.16 36.38 49.57
N ALA E 1543 33.49 36.14 50.68
CA ALA E 1543 33.65 36.99 51.85
C ALA E 1543 34.80 36.51 52.72
N MET F 1 -59.75 -19.07 -17.45
CA MET F 1 -59.79 -17.78 -16.76
C MET F 1 -59.02 -17.84 -15.45
N SER F 2 -58.14 -16.87 -15.25
CA SER F 2 -57.29 -16.82 -14.07
C SER F 2 -56.87 -15.37 -13.85
N LEU F 3 -55.86 -15.16 -13.00
CA LEU F 3 -55.42 -13.82 -12.68
C LEU F 3 -54.96 -13.08 -13.92
N SER F 4 -55.34 -11.81 -14.02
CA SER F 4 -54.95 -10.92 -15.12
C SER F 4 -54.42 -9.63 -14.51
N PHE F 5 -53.12 -9.58 -14.29
CA PHE F 5 -52.48 -8.44 -13.65
C PHE F 5 -52.74 -7.12 -14.36
N CYS F 6 -53.22 -7.15 -15.60
CA CYS F 6 -53.55 -5.92 -16.30
C CYS F 6 -55.02 -5.77 -16.65
N GLY F 7 -55.86 -6.74 -16.27
CA GLY F 7 -57.29 -6.50 -16.21
C GLY F 7 -58.17 -7.41 -17.05
N ASN F 8 -57.66 -8.41 -17.74
CA ASN F 8 -58.47 -9.33 -18.54
C ASN F 8 -59.31 -8.61 -19.58
N ASN F 9 -58.96 -7.35 -19.87
CA ASN F 9 -59.60 -6.55 -20.90
C ASN F 9 -58.59 -6.40 -22.03
N ILE F 10 -58.98 -6.77 -23.24
CA ILE F 10 -58.09 -6.56 -24.38
C ILE F 10 -57.76 -5.09 -24.48
N SER F 11 -56.61 -4.79 -25.06
CA SER F 11 -56.04 -3.45 -25.23
C SER F 11 -55.63 -2.83 -23.91
N SER F 12 -55.89 -3.48 -22.78
CA SER F 12 -55.35 -2.98 -21.52
C SER F 12 -53.85 -3.20 -21.43
N TYR F 13 -53.35 -3.94 -22.38
CA TYR F 13 -51.94 -4.17 -22.51
C TYR F 13 -51.49 -3.61 -23.85
N ASN F 14 -52.33 -2.83 -24.53
CA ASN F 14 -51.96 -2.32 -25.83
C ASN F 14 -51.08 -1.17 -25.57
N ILE F 15 -49.81 -1.35 -25.82
CA ILE F 15 -48.82 -0.35 -25.56
C ILE F 15 -48.47 0.41 -26.82
N TYR F 16 -49.32 0.33 -27.83
CA TYR F 16 -49.04 1.03 -29.08
C TYR F 16 -48.98 2.55 -28.96
N HIS F 17 -49.88 3.16 -28.20
CA HIS F 17 -49.90 4.63 -28.04
C HIS F 17 -48.69 5.26 -27.36
N GLY F 18 -48.22 4.70 -26.26
CA GLY F 18 -47.08 5.23 -25.57
C GLY F 18 -46.36 4.12 -24.86
N VAL F 19 -45.06 4.26 -24.65
CA VAL F 19 -44.27 3.23 -23.98
C VAL F 19 -44.54 2.94 -22.49
N LEU F 20 -44.70 3.99 -21.70
CA LEU F 20 -44.94 3.86 -20.27
C LEU F 20 -46.16 4.59 -19.81
N GLN F 21 -47.08 4.93 -20.71
CA GLN F 21 -48.29 5.67 -20.31
C GLN F 21 -49.44 4.72 -20.29
N ASN F 22 -49.33 3.77 -19.38
CA ASN F 22 -50.28 2.69 -19.20
C ASN F 22 -50.61 2.54 -17.73
N PRO F 23 -51.84 2.16 -17.40
CA PRO F 23 -52.20 2.03 -15.99
C PRO F 23 -51.50 0.88 -15.29
N CYS F 24 -51.30 -0.25 -15.97
CA CYS F 24 -50.77 -1.43 -15.28
C CYS F 24 -49.26 -1.53 -15.38
N PHE F 25 -48.66 -1.07 -16.48
CA PHE F 25 -47.21 -1.17 -16.61
C PHE F 25 -46.52 -0.35 -15.53
N VAL F 26 -47.08 0.81 -15.18
CA VAL F 26 -46.54 1.60 -14.08
C VAL F 26 -46.62 0.83 -12.78
N ASP F 27 -47.74 0.14 -12.54
CA ASP F 27 -47.87 -0.66 -11.33
C ASP F 27 -46.84 -1.77 -11.28
N ALA F 28 -46.63 -2.47 -12.39
CA ALA F 28 -45.64 -3.55 -12.40
C ALA F 28 -44.24 -3.01 -12.17
N LEU F 29 -43.90 -1.89 -12.82
CA LEU F 29 -42.60 -1.28 -12.59
C LEU F 29 -42.43 -0.93 -11.12
N ASN F 30 -43.47 -0.37 -10.49
CA ASN F 30 -43.39 -0.09 -9.06
C ASN F 30 -43.23 -1.37 -8.25
N LEU F 31 -43.78 -2.49 -8.74
CA LEU F 31 -43.64 -3.76 -8.03
C LEU F 31 -42.21 -4.26 -8.06
N VAL F 32 -41.52 -4.07 -9.19
CA VAL F 32 -40.21 -4.70 -9.38
C VAL F 32 -39.24 -4.48 -8.21
N PRO F 33 -39.10 -3.27 -7.65
CA PRO F 33 -38.11 -3.09 -6.59
C PRO F 33 -38.30 -4.00 -5.40
N HIS F 34 -39.54 -4.30 -5.01
CA HIS F 34 -39.72 -5.22 -3.88
C HIS F 34 -39.26 -6.62 -4.24
N VAL F 35 -39.58 -7.09 -5.43
CA VAL F 35 -39.21 -8.44 -5.86
C VAL F 35 -37.73 -8.48 -6.20
N PHE F 36 -37.05 -7.35 -6.09
CA PHE F 36 -35.60 -7.35 -6.09
C PHE F 36 -35.00 -7.30 -4.69
N LEU F 37 -35.55 -6.44 -3.82
CA LEU F 37 -35.02 -6.31 -2.48
C LEU F 37 -35.19 -7.59 -1.68
N LEU F 38 -36.34 -8.26 -1.83
CA LEU F 38 -36.55 -9.51 -1.11
C LEU F 38 -35.52 -10.56 -1.52
N PHE F 39 -35.29 -10.70 -2.83
CA PHE F 39 -34.42 -11.75 -3.34
C PHE F 39 -32.95 -11.38 -3.32
N ILE F 40 -32.61 -10.14 -2.95
CA ILE F 40 -31.23 -9.79 -2.67
C ILE F 40 -30.98 -9.60 -1.18
N THR F 41 -32.02 -9.67 -0.36
CA THR F 41 -31.87 -9.53 1.09
C THR F 41 -32.40 -10.72 1.88
N PHE F 42 -32.95 -11.74 1.22
CA PHE F 42 -33.33 -12.95 1.96
C PHE F 42 -32.11 -13.77 2.38
N PRO F 43 -31.25 -14.23 1.47
CA PRO F 43 -30.18 -15.14 1.91
C PRO F 43 -29.06 -14.44 2.65
N ILE F 44 -28.77 -13.19 2.32
CA ILE F 44 -27.71 -12.46 3.01
C ILE F 44 -27.99 -12.42 4.51
N LEU F 45 -29.23 -12.13 4.90
CA LEU F 45 -29.60 -12.24 6.30
C LEU F 45 -29.70 -13.69 6.75
N PHE F 46 -30.03 -14.61 5.84
CA PHE F 46 -30.18 -16.00 6.22
C PHE F 46 -28.85 -16.60 6.66
N ILE F 47 -27.82 -16.45 5.83
CA ILE F 47 -26.48 -16.96 6.16
C ILE F 47 -25.76 -15.81 6.86
N GLY F 48 -25.97 -15.70 8.16
CA GLY F 48 -25.32 -14.66 8.93
C GLY F 48 -23.83 -14.85 9.01
N TRP F 49 -23.15 -13.84 9.54
CA TRP F 49 -21.70 -13.90 9.70
C TRP F 49 -21.35 -14.86 10.83
N GLY F 50 -20.70 -15.97 10.47
CA GLY F 50 -20.38 -16.99 11.46
C GLY F 50 -18.89 -17.22 11.64
N SER F 51 -18.06 -16.45 10.96
CA SER F 51 -16.62 -16.61 11.06
C SER F 51 -16.13 -16.13 12.43
N GLN F 52 -15.00 -16.68 12.86
CA GLN F 52 -14.41 -16.33 14.15
C GLN F 52 -13.23 -15.39 13.92
N SER F 53 -13.28 -14.21 14.54
CA SER F 53 -12.20 -13.24 14.42
C SER F 53 -11.52 -12.99 15.76
N SER F 54 -12.25 -12.58 16.79
CA SER F 54 -11.66 -12.27 18.08
C SER F 54 -12.15 -13.18 19.19
N LYS F 55 -13.46 -13.29 19.37
CA LYS F 55 -14.04 -14.13 20.41
C LYS F 55 -15.51 -14.37 20.07
N VAL F 56 -16.24 -14.96 21.00
CA VAL F 56 -17.66 -15.20 20.83
C VAL F 56 -18.51 -14.28 21.69
N GLN F 57 -18.06 -13.93 22.89
CA GLN F 57 -18.83 -13.05 23.77
C GLN F 57 -18.70 -11.62 23.28
N ILE F 58 -19.61 -11.23 22.40
CA ILE F 58 -19.71 -9.86 21.94
C ILE F 58 -20.59 -9.08 22.90
N HIS F 59 -20.34 -7.78 23.01
CA HIS F 59 -21.18 -6.93 23.85
C HIS F 59 -22.62 -7.00 23.34
N HIS F 60 -23.52 -7.56 24.15
CA HIS F 60 -24.90 -7.72 23.73
C HIS F 60 -25.54 -6.38 23.42
N ASN F 61 -26.18 -6.29 22.26
CA ASN F 61 -26.74 -5.05 21.75
C ASN F 61 -25.70 -3.93 21.79
N THR F 62 -24.59 -4.17 21.09
CA THR F 62 -23.41 -3.32 21.21
C THR F 62 -23.70 -1.89 20.78
N TRP F 63 -23.98 -1.67 19.50
CA TRP F 63 -24.27 -0.32 19.00
C TRP F 63 -25.79 -0.12 19.01
N LEU F 64 -26.32 -0.02 20.24
CA LEU F 64 -27.76 0.09 20.43
C LEU F 64 -28.35 1.23 19.62
N HIS F 65 -27.63 2.34 19.54
CA HIS F 65 -28.02 3.45 18.69
C HIS F 65 -27.27 3.39 17.37
N PHE F 66 -27.87 3.97 16.34
CA PHE F 66 -27.26 4.13 15.04
C PHE F 66 -27.47 5.57 14.58
N PRO F 67 -26.56 6.10 13.76
CA PRO F 67 -26.73 7.47 13.28
C PRO F 67 -28.04 7.69 12.55
N GLY F 68 -28.92 8.51 13.12
CA GLY F 68 -30.23 8.76 12.57
C GLY F 68 -31.28 7.73 12.93
N HIS F 69 -31.02 6.89 13.94
CA HIS F 69 -31.92 5.80 14.27
C HIS F 69 -33.29 6.28 14.76
N ASN F 70 -33.38 7.50 15.27
CA ASN F 70 -34.63 7.93 15.91
C ASN F 70 -35.79 7.93 14.92
N LEU F 71 -35.57 8.45 13.72
CA LEU F 71 -36.66 8.50 12.74
C LEU F 71 -37.04 7.11 12.24
N ARG F 72 -36.03 6.29 11.94
CA ARG F 72 -36.19 5.05 11.18
C ARG F 72 -37.41 4.22 11.58
N TRP F 73 -37.51 3.86 12.86
CA TRP F 73 -38.60 2.98 13.29
C TRP F 73 -39.96 3.63 13.03
N ILE F 74 -40.13 4.88 13.46
CA ILE F 74 -41.41 5.56 13.31
C ILE F 74 -41.75 5.73 11.83
N LEU F 75 -40.77 6.12 11.03
CA LEU F 75 -40.99 6.32 9.61
C LEU F 75 -41.41 5.02 8.92
N THR F 76 -40.75 3.91 9.26
CA THR F 76 -41.10 2.64 8.65
C THR F 76 -42.44 2.12 9.14
N PHE F 77 -42.81 2.44 10.39
CA PHE F 77 -44.14 2.09 10.85
C PHE F 77 -45.19 2.88 10.11
N ALA F 78 -44.92 4.15 9.82
CA ALA F 78 -45.82 4.94 8.99
C ALA F 78 -45.90 4.37 7.57
N LEU F 79 -44.77 3.86 7.06
CA LEU F 79 -44.78 3.21 5.76
C LEU F 79 -45.66 1.98 5.77
N LEU F 80 -45.59 1.19 6.84
CA LEU F 80 -46.48 0.03 6.97
C LEU F 80 -47.93 0.48 7.03
N PHE F 81 -48.21 1.55 7.77
CA PHE F 81 -49.58 2.06 7.85
C PHE F 81 -50.11 2.48 6.48
N VAL F 82 -49.29 3.19 5.71
CA VAL F 82 -49.76 3.68 4.42
C VAL F 82 -49.89 2.53 3.43
N HIS F 83 -49.02 1.52 3.52
CA HIS F 83 -49.21 0.32 2.71
C HIS F 83 -50.52 -0.38 3.06
N VAL F 84 -50.84 -0.45 4.36
CA VAL F 84 -52.11 -1.03 4.78
C VAL F 84 -53.27 -0.26 4.17
N CYS F 85 -53.20 1.07 4.23
CA CYS F 85 -54.26 1.89 3.66
C CYS F 85 -54.39 1.65 2.16
N GLU F 86 -53.25 1.54 1.46
CA GLU F 86 -53.29 1.32 0.02
C GLU F 86 -53.94 -0.02 -0.31
N ILE F 87 -53.53 -1.08 0.39
CA ILE F 87 -54.12 -2.40 0.16
C ILE F 87 -55.60 -2.37 0.47
N ALA F 88 -55.99 -1.63 1.51
CA ALA F 88 -57.40 -1.53 1.87
C ALA F 88 -58.21 -0.86 0.76
N GLU F 89 -57.71 0.27 0.26
CA GLU F 89 -58.42 0.97 -0.80
C GLU F 89 -58.54 0.10 -2.03
N GLY F 90 -57.46 -0.56 -2.41
CA GLY F 90 -57.51 -1.46 -3.56
C GLY F 90 -58.52 -2.58 -3.36
N ILE F 91 -58.49 -3.23 -2.19
CA ILE F 91 -59.32 -4.40 -1.96
C ILE F 91 -60.79 -4.00 -1.91
N VAL F 92 -61.09 -2.84 -1.33
CA VAL F 92 -62.47 -2.36 -1.30
C VAL F 92 -62.93 -2.01 -2.71
N SER F 93 -62.04 -1.45 -3.53
CA SER F 93 -62.41 -1.17 -4.91
C SER F 93 -62.57 -2.44 -5.73
N ASP F 94 -61.91 -3.53 -5.34
CA ASP F 94 -61.85 -4.71 -6.19
C ASP F 94 -63.24 -5.28 -6.46
N SER F 95 -64.08 -5.36 -5.42
CA SER F 95 -65.36 -6.05 -5.56
C SER F 95 -66.27 -5.41 -6.58
N GLN F 96 -66.06 -4.14 -6.90
CA GLN F 96 -66.90 -3.47 -7.90
C GLN F 96 -66.50 -3.89 -9.31
N ARG F 97 -65.21 -4.11 -9.55
CA ARG F 97 -64.73 -4.43 -10.89
C ARG F 97 -65.15 -5.84 -11.29
N ALA F 98 -64.97 -6.15 -12.57
CA ALA F 98 -65.38 -7.45 -13.10
C ALA F 98 -64.35 -8.53 -12.78
N SER F 99 -63.14 -8.38 -13.30
CA SER F 99 -62.11 -9.40 -13.16
C SER F 99 -61.27 -9.12 -11.92
N ARG F 100 -60.28 -9.99 -11.67
CA ARG F 100 -59.48 -9.88 -10.46
C ARG F 100 -58.70 -8.56 -10.41
N HIS F 101 -58.08 -8.18 -11.52
CA HIS F 101 -57.29 -6.94 -11.61
C HIS F 101 -56.28 -6.85 -10.48
N LEU F 102 -55.33 -7.79 -10.48
CA LEU F 102 -54.35 -7.86 -9.40
C LEU F 102 -53.50 -6.61 -9.29
N HIS F 103 -53.44 -5.79 -10.35
CA HIS F 103 -52.66 -4.57 -10.32
C HIS F 103 -53.12 -3.62 -9.22
N LEU F 104 -54.35 -3.77 -8.75
CA LEU F 104 -54.85 -2.90 -7.68
C LEU F 104 -54.04 -3.06 -6.40
N PHE F 105 -53.73 -4.29 -6.01
CA PHE F 105 -53.17 -4.49 -4.67
C PHE F 105 -51.97 -5.41 -4.58
N MET F 106 -51.65 -6.23 -5.59
CA MET F 106 -50.43 -7.05 -5.52
C MET F 106 -49.18 -6.22 -5.23
N PRO F 107 -48.94 -5.08 -5.91
CA PRO F 107 -47.79 -4.26 -5.53
C PRO F 107 -47.85 -3.82 -4.08
N ALA F 108 -49.04 -3.52 -3.56
CA ALA F 108 -49.15 -3.09 -2.18
C ALA F 108 -48.70 -4.19 -1.22
N VAL F 109 -49.17 -5.42 -1.45
CA VAL F 109 -48.79 -6.51 -0.56
C VAL F 109 -47.29 -6.78 -0.65
N MET F 110 -46.76 -6.78 -1.88
CA MET F 110 -45.34 -7.03 -2.04
C MET F 110 -44.53 -5.96 -1.34
N GLY F 111 -44.97 -4.70 -1.42
CA GLY F 111 -44.31 -3.63 -0.70
C GLY F 111 -44.43 -3.76 0.80
N PHE F 112 -45.57 -4.25 1.29
CA PHE F 112 -45.73 -4.50 2.71
C PHE F 112 -44.67 -5.46 3.21
N VAL F 113 -44.55 -6.61 2.56
CA VAL F 113 -43.56 -7.58 3.02
C VAL F 113 -42.15 -7.06 2.79
N ALA F 114 -41.94 -6.29 1.73
CA ALA F 114 -40.63 -5.71 1.48
C ALA F 114 -40.24 -4.74 2.59
N THR F 115 -41.18 -3.90 3.03
CA THR F 115 -40.89 -2.96 4.09
C THR F 115 -40.60 -3.67 5.40
N THR F 116 -41.37 -4.71 5.71
CA THR F 116 -41.07 -5.49 6.91
C THR F 116 -39.67 -6.10 6.84
N THR F 117 -39.32 -6.66 5.68
CA THR F 117 -37.98 -7.20 5.51
C THR F 117 -36.93 -6.11 5.62
N SER F 118 -37.24 -4.90 5.16
CA SER F 118 -36.30 -3.79 5.27
C SER F 118 -36.04 -3.45 6.74
N ILE F 119 -37.10 -3.42 7.55
CA ILE F 119 -36.92 -3.16 8.97
C ILE F 119 -36.06 -4.26 9.61
N VAL F 120 -36.35 -5.51 9.28
CA VAL F 120 -35.58 -6.62 9.86
C VAL F 120 -34.12 -6.53 9.44
N TYR F 121 -33.89 -6.21 8.16
CA TYR F 121 -32.52 -6.11 7.66
C TYR F 121 -31.78 -4.99 8.36
N TYR F 122 -32.43 -3.84 8.53
CA TYR F 122 -31.81 -2.71 9.24
C TYR F 122 -31.41 -3.10 10.65
N HIS F 123 -32.33 -3.73 11.38
CA HIS F 123 -32.05 -4.06 12.77
C HIS F 123 -30.98 -5.15 12.89
N ASN F 124 -31.01 -6.13 11.98
CA ASN F 124 -30.03 -7.22 12.07
C ASN F 124 -28.66 -6.83 11.54
N ILE F 125 -28.58 -5.79 10.71
CA ILE F 125 -27.29 -5.38 10.17
C ILE F 125 -26.69 -4.21 10.94
N GLU F 126 -27.49 -3.47 11.70
CA GLU F 126 -26.96 -2.35 12.47
C GLU F 126 -26.49 -2.78 13.85
N THR F 127 -27.28 -3.61 14.55
CA THR F 127 -26.91 -4.03 15.89
C THR F 127 -25.58 -4.76 15.90
N SER F 128 -25.39 -5.68 14.96
CA SER F 128 -24.09 -6.29 14.77
C SER F 128 -23.18 -5.35 13.98
N ASN F 129 -21.88 -5.48 14.19
CA ASN F 129 -20.90 -4.59 13.56
C ASN F 129 -20.64 -5.08 12.14
N PHE F 130 -21.42 -4.57 11.20
CA PHE F 130 -21.23 -4.87 9.79
C PHE F 130 -21.91 -3.81 8.93
N PRO F 131 -21.51 -2.54 9.01
CA PRO F 131 -22.20 -1.51 8.22
C PRO F 131 -21.77 -1.46 6.76
N LYS F 132 -20.67 -2.11 6.39
CA LYS F 132 -20.23 -2.11 5.00
C LYS F 132 -21.29 -2.73 4.09
N LEU F 133 -22.13 -3.61 4.62
CA LEU F 133 -23.20 -4.20 3.84
C LEU F 133 -24.36 -3.23 3.67
N LEU F 134 -24.56 -2.33 4.63
CA LEU F 134 -25.74 -1.48 4.64
C LEU F 134 -25.88 -0.66 3.37
N LEU F 135 -24.75 -0.40 2.69
CA LEU F 135 -24.81 0.38 1.46
C LEU F 135 -25.80 -0.20 0.47
N ALA F 136 -25.89 -1.53 0.42
CA ALA F 136 -26.82 -2.18 -0.51
C ALA F 136 -28.23 -1.63 -0.32
N LEU F 137 -28.67 -1.52 0.94
CA LEU F 137 -30.01 -1.02 1.22
C LEU F 137 -30.26 0.29 0.51
N PHE F 138 -29.29 1.21 0.54
CA PHE F 138 -29.48 2.52 -0.06
C PHE F 138 -29.97 2.40 -1.49
N LEU F 139 -29.35 1.51 -2.26
CA LEU F 139 -29.73 1.34 -3.66
C LEU F 139 -31.22 1.11 -3.80
N TYR F 140 -31.74 0.16 -3.03
CA TYR F 140 -33.17 -0.13 -3.01
C TYR F 140 -33.97 1.15 -3.01
N TRP F 141 -33.75 1.99 -1.99
CA TRP F 141 -34.56 3.19 -1.83
C TRP F 141 -34.54 4.00 -3.11
N VAL F 142 -33.35 4.28 -3.64
CA VAL F 142 -33.24 5.05 -4.87
C VAL F 142 -34.16 4.44 -5.92
N MET F 143 -33.93 3.16 -6.24
CA MET F 143 -34.78 2.45 -7.17
C MET F 143 -36.24 2.67 -6.83
N ALA F 144 -36.62 2.29 -5.61
CA ALA F 144 -38.03 2.40 -5.24
C ALA F 144 -38.53 3.80 -5.43
N PHE F 145 -37.77 4.79 -4.94
CA PHE F 145 -38.20 6.18 -5.06
C PHE F 145 -38.52 6.50 -6.51
N ILE F 146 -37.60 6.16 -7.42
CA ILE F 146 -37.80 6.51 -8.82
C ILE F 146 -39.13 5.94 -9.31
N THR F 147 -39.36 4.65 -9.04
CA THR F 147 -40.59 4.04 -9.52
C THR F 147 -41.79 4.76 -8.95
N LYS F 148 -41.75 5.09 -7.66
CA LYS F 148 -42.88 5.79 -7.05
C LYS F 148 -43.10 7.12 -7.76
N THR F 149 -42.02 7.85 -8.01
CA THR F 149 -42.16 9.10 -8.76
C THR F 149 -42.74 8.81 -10.13
N ILE F 150 -42.25 7.76 -10.80
CA ILE F 150 -42.71 7.44 -12.14
C ILE F 150 -44.22 7.24 -12.15
N LYS F 151 -44.80 6.88 -11.01
CA LYS F 151 -46.25 6.84 -10.91
C LYS F 151 -46.82 8.25 -10.81
N LEU F 152 -46.46 8.96 -9.74
CA LEU F 152 -47.22 10.13 -9.30
C LEU F 152 -47.33 11.16 -10.42
N VAL F 153 -46.19 11.50 -11.04
CA VAL F 153 -46.18 12.53 -12.07
C VAL F 153 -47.19 12.22 -13.16
N LYS F 154 -47.23 10.95 -13.59
CA LYS F 154 -48.15 10.57 -14.66
C LYS F 154 -49.60 10.85 -14.24
N TYR F 155 -49.93 10.59 -12.98
CA TYR F 155 -51.28 10.87 -12.50
C TYR F 155 -51.63 12.33 -12.69
N TRP F 156 -50.68 13.23 -12.44
CA TRP F 156 -50.94 14.65 -12.66
C TRP F 156 -51.24 14.92 -14.12
N GLN F 157 -50.53 14.25 -15.03
CA GLN F 157 -50.87 14.36 -16.44
C GLN F 157 -52.29 13.86 -16.70
N LEU F 158 -52.70 12.82 -15.98
CA LEU F 158 -54.09 12.40 -16.01
C LEU F 158 -54.97 13.24 -15.08
N GLY F 159 -54.35 14.00 -14.17
CA GLY F 159 -55.08 14.95 -13.36
C GLY F 159 -56.19 14.36 -12.54
N TRP F 160 -55.92 13.24 -11.85
CA TRP F 160 -56.90 12.66 -10.96
C TRP F 160 -57.27 13.66 -9.86
N GLY F 161 -58.54 13.64 -9.46
CA GLY F 161 -59.02 14.64 -8.53
C GLY F 161 -58.25 14.62 -7.23
N MET F 162 -57.99 15.82 -6.69
CA MET F 162 -57.30 15.92 -5.42
C MET F 162 -58.13 15.36 -4.28
N SER F 163 -59.46 15.46 -4.38
CA SER F 163 -60.34 14.91 -3.36
C SER F 163 -60.53 13.40 -3.48
N ASP F 164 -60.12 12.80 -4.58
CA ASP F 164 -60.26 11.36 -4.74
C ASP F 164 -59.43 10.63 -3.70
N LEU F 165 -59.98 9.51 -3.21
CA LEU F 165 -59.31 8.78 -2.14
C LEU F 165 -57.97 8.20 -2.59
N ARG F 166 -57.94 7.62 -3.80
CA ARG F 166 -56.76 6.87 -4.23
C ARG F 166 -55.55 7.77 -4.40
N PHE F 167 -55.71 8.89 -5.12
CA PHE F 167 -54.60 9.78 -5.38
C PHE F 167 -54.05 10.37 -4.09
N CYS F 168 -54.93 10.82 -3.21
CA CYS F 168 -54.49 11.38 -1.94
C CYS F 168 -53.77 10.33 -1.09
N ILE F 169 -54.30 9.11 -1.06
CA ILE F 169 -53.69 8.05 -0.26
C ILE F 169 -52.30 7.72 -0.80
N THR F 170 -52.16 7.62 -2.11
CA THR F 170 -50.89 7.25 -2.71
C THR F 170 -49.87 8.39 -2.70
N GLY F 171 -50.31 9.64 -2.54
CA GLY F 171 -49.38 10.75 -2.59
C GLY F 171 -48.25 10.66 -1.58
N VAL F 172 -48.60 10.35 -0.32
CA VAL F 172 -47.64 10.52 0.76
C VAL F 172 -46.47 9.53 0.69
N MET F 173 -46.61 8.45 -0.08
CA MET F 173 -45.55 7.45 -0.12
C MET F 173 -44.26 8.03 -0.66
N VAL F 174 -44.35 8.92 -1.65
CA VAL F 174 -43.15 9.51 -2.22
C VAL F 174 -42.39 10.29 -1.16
N ILE F 175 -43.11 11.09 -0.36
CA ILE F 175 -42.47 11.88 0.67
C ILE F 175 -41.87 10.99 1.74
N LEU F 176 -42.60 9.92 2.10
CA LEU F 176 -42.05 8.99 3.09
C LEU F 176 -40.76 8.35 2.59
N ASN F 177 -40.75 7.94 1.32
CA ASN F 177 -39.54 7.35 0.74
C ASN F 177 -38.40 8.36 0.69
N GLY F 178 -38.71 9.62 0.38
CA GLY F 178 -37.68 10.64 0.38
C GLY F 178 -37.07 10.85 1.75
N LEU F 179 -37.92 10.90 2.79
CA LEU F 179 -37.42 11.05 4.14
C LEU F 179 -36.57 9.84 4.54
N LEU F 180 -37.00 8.65 4.17
CA LEU F 180 -36.20 7.46 4.45
C LEU F 180 -34.87 7.50 3.73
N MET F 181 -34.87 7.96 2.48
CA MET F 181 -33.62 8.09 1.73
C MET F 181 -32.67 9.07 2.40
N ALA F 182 -33.19 10.21 2.85
CA ALA F 182 -32.36 11.16 3.55
C ALA F 182 -31.81 10.57 4.84
N VAL F 183 -32.63 9.79 5.55
CA VAL F 183 -32.17 9.13 6.77
C VAL F 183 -31.01 8.19 6.45
N GLU F 184 -31.16 7.40 5.37
CA GLU F 184 -30.09 6.49 4.99
C GLU F 184 -28.85 7.22 4.53
N ILE F 185 -29.01 8.41 3.94
CA ILE F 185 -27.86 9.18 3.50
C ILE F 185 -27.10 9.76 4.68
N ASN F 186 -27.83 10.24 5.70
CA ASN F 186 -27.20 10.96 6.80
C ASN F 186 -26.22 10.11 7.58
N VAL F 187 -26.40 8.80 7.58
CA VAL F 187 -25.43 7.93 8.24
C VAL F 187 -24.45 7.42 7.21
N ILE F 188 -24.37 8.15 6.10
CA ILE F 188 -23.51 7.75 5.03
C ILE F 188 -22.06 8.01 5.34
N ARG F 189 -21.78 9.04 6.14
CA ARG F 189 -20.39 9.39 6.43
C ARG F 189 -19.51 8.40 7.20
N VAL F 190 -19.99 7.82 8.29
CA VAL F 190 -19.10 6.93 9.03
C VAL F 190 -18.69 5.71 8.22
N ARG F 191 -19.67 5.05 7.60
CA ARG F 191 -19.42 3.85 6.80
C ARG F 191 -19.90 4.01 5.37
N ARG F 192 -18.93 3.93 4.48
CA ARG F 192 -19.17 4.09 3.06
C ARG F 192 -17.96 3.58 2.32
N TYR F 193 -18.02 3.67 1.01
CA TYR F 193 -16.92 3.20 0.19
C TYR F 193 -15.61 3.93 0.41
N VAL F 194 -15.61 5.25 0.56
CA VAL F 194 -14.33 5.95 0.70
C VAL F 194 -14.26 7.33 1.37
N PHE F 195 -13.03 7.75 1.61
CA PHE F 195 -12.71 9.07 2.13
C PHE F 195 -13.42 9.43 3.39
N PHE F 196 -13.49 8.49 4.30
CA PHE F 196 -14.12 8.76 5.55
C PHE F 196 -13.17 8.28 6.63
N MET F 197 -13.26 8.87 7.80
CA MET F 197 -12.37 8.47 8.87
C MET F 197 -12.62 6.99 9.21
N ASN F 198 -13.89 6.60 9.28
CA ASN F 198 -14.30 5.24 9.61
C ASN F 198 -13.69 4.82 10.94
N PRO F 199 -13.78 5.69 11.95
CA PRO F 199 -13.27 5.55 13.32
C PRO F 199 -13.92 4.39 14.06
N GLN F 200 -13.17 3.57 14.79
CA GLN F 200 -13.78 2.43 15.50
C GLN F 200 -13.74 2.51 17.04
N LYS F 201 -14.91 2.64 17.64
CA LYS F 201 -15.05 2.72 19.11
C LYS F 201 -16.07 1.72 19.59
N VAL F 202 -15.67 0.86 20.52
CA VAL F 202 -16.55 -0.16 21.12
C VAL F 202 -17.54 0.47 22.10
N LYS F 203 -18.71 -0.13 22.25
CA LYS F 203 -19.66 0.46 23.18
C LYS F 203 -19.93 -0.48 24.31
N PRO F 204 -19.96 0.05 25.53
CA PRO F 204 -20.17 -0.55 26.86
C PRO F 204 -21.54 -1.20 27.04
N PRO F 205 -21.60 -2.33 27.76
CA PRO F 205 -22.87 -3.01 27.98
C PRO F 205 -23.87 -2.09 28.65
C1 NAG G . -28.44 -3.70 -57.07
C2 NAG G . -27.50 -4.65 -57.75
C3 NAG G . -27.68 -4.75 -59.20
C4 NAG G . -29.03 -4.46 -59.79
C5 NAG G . -30.10 -3.77 -58.88
C6 NAG G . -31.38 -4.24 -59.21
C7 NAG G . -24.95 -5.10 -57.80
C8 NAG G . -23.51 -4.63 -57.57
N2 NAG G . -26.06 -4.19 -57.53
O3 NAG G . -27.31 -6.13 -59.56
O4 NAG G . -28.85 -3.61 -60.92
O5 NAG G . -29.82 -4.07 -57.41
O6 NAG G . -32.23 -3.95 -58.14
O7 NAG G . -25.15 -6.20 -58.19
C1 NAG G . -27.78 -4.06 -61.78
C2 NAG G . -28.33 -4.27 -63.16
C3 NAG G . -27.43 -3.85 -64.23
C4 NAG G . -25.97 -4.04 -64.01
C5 NAG G . -25.47 -3.63 -62.59
C6 NAG G . -24.49 -2.64 -62.71
C7 NAG G . -27.93 -6.90 -63.06
C8 NAG G . -28.50 -8.31 -63.31
N2 NAG G . -28.76 -5.74 -63.35
O3 NAG G . -27.67 -2.41 -64.46
O4 NAG G . -25.64 -5.41 -64.23
O5 NAG G . -26.67 -3.08 -61.81
O6 NAG G . -25.01 -1.58 -63.47
O7 NAG G . -26.82 -6.80 -62.63
C1 NAG H . -62.37 -2.42 -21.54
C2 NAG H . -61.80 -1.18 -22.18
C3 NAG H . -62.79 -0.27 -22.76
C4 NAG H . -64.04 -0.86 -23.35
C5 NAG H . -64.52 -2.16 -22.62
C6 NAG H . -65.53 -2.78 -23.37
C7 NAG H . -60.13 0.68 -21.50
C8 NAG H . -59.37 1.46 -20.40
N2 NAG H . -61.04 -0.39 -21.13
O3 NAG H . -62.05 0.43 -23.83
O4 NAG H . -65.17 0.03 -23.32
O5 NAG H . -63.31 -3.08 -22.46
O6 NAG H . -66.66 -1.94 -23.34
O7 NAG H . -59.95 0.95 -22.64
C1 NAG H . -64.86 1.43 -23.46
C2 NAG H . -64.72 1.78 -24.91
C3 NAG H . -65.82 2.61 -25.36
C4 NAG H . -65.78 3.93 -24.68
C5 NAG H . -65.80 3.76 -23.13
C6 NAG H . -66.89 4.46 -22.59
C7 NAG H . -62.62 2.49 -26.28
C8 NAG H . -63.06 1.55 -27.44
N2 NAG H . -63.43 2.58 -25.07
O3 NAG H . -67.08 1.95 -25.02
O4 NAG H . -64.60 4.61 -25.05
O5 NAG H . -65.91 2.26 -22.83
O6 NAG H . -67.17 5.55 -23.41
O7 NAG H . -61.63 3.12 -26.37
K K I . -28.30 -29.07 -21.29
K K J . -9.17 -29.80 -1.37
PG ATP K . -0.53 1.43 17.85
O1G ATP K . 0.49 2.51 18.12
O2G ATP K . -0.24 0.59 16.64
O3G ATP K . -1.97 1.88 17.97
PB ATP K . -0.50 0.90 20.59
O1B ATP K . 0.69 1.77 20.97
O2B ATP K . -1.90 1.44 20.78
O3B ATP K . -0.34 0.42 19.08
PA ATP K . 0.89 -1.43 21.10
O1A ATP K . 1.17 -2.22 22.36
O2A ATP K . 1.95 -0.57 20.48
O3A ATP K . -0.40 -0.50 21.36
O5' ATP K . 0.36 -2.41 19.95
C5' ATP K . 1.25 -2.98 18.99
C4' ATP K . 0.47 -3.93 18.10
O4' ATP K . -0.52 -4.56 18.89
C3' ATP K . -0.25 -3.20 16.97
O3' ATP K . 0.19 -3.72 15.72
C2' ATP K . -1.73 -3.49 17.15
O2' ATP K . -2.28 -4.02 15.95
C1' ATP K . -1.80 -4.53 18.25
N9 ATP K . -2.80 -4.16 19.27
C8 ATP K . -2.57 -3.37 20.33
N7 ATP K . -3.68 -3.23 21.09
C5 ATP K . -4.65 -3.95 20.51
C6 ATP K . -6.07 -4.25 20.79
N6 ATP K . -6.68 -3.72 21.87
N1 ATP K . -6.72 -5.05 19.94
C2 ATP K . -6.12 -5.59 18.86
N3 ATP K . -4.83 -5.37 18.54
C4 ATP K . -4.06 -4.58 19.31
C1 PTY L . 0.52 -26.04 -20.30
C2 PTY L . 4.21 -27.95 -14.97
C3 PTY L . 3.00 -28.30 -15.84
O4 PTY L . -0.23 -24.94 -20.73
C5 PTY L . 2.91 -26.54 -20.68
C6 PTY L . 1.55 -26.41 -21.35
O7 PTY L . 1.62 -25.38 -22.30
C8 PTY L . 0.88 -25.60 -23.46
O10 PTY L . -0.29 -25.81 -23.41
C11 PTY L . 1.57 -25.54 -24.83
C12 PTY L . 2.14 -26.89 -25.26
C13 PTY L . 2.56 -26.91 -26.73
C14 PTY L . 1.74 -27.90 -27.54
C15 PTY L . 0.25 -27.85 -27.22
C16 PTY L . -0.63 -28.31 -28.38
C17 PTY L . -2.11 -28.08 -28.11
C18 PTY L . -2.66 -29.02 -27.04
C19 PTY L . -2.47 -30.49 -27.43
C20 PTY L . -3.35 -30.88 -28.62
C30 PTY L . -0.11 -23.82 -19.91
C31 PTY L . -1.15 -22.70 -19.96
O30 PTY L . 0.81 -23.71 -19.17
C32 PTY L . -2.59 -23.19 -19.74
C33 PTY L . -3.52 -22.03 -19.39
C34 PTY L . -3.16 -20.74 -20.12
C35 PTY L . -3.70 -19.50 -19.42
P1 PTY L . 3.26 -27.10 -18.14
O11 PTY L . 3.41 -28.41 -17.17
O12 PTY L . 2.17 -26.23 -17.57
O13 PTY L . 4.57 -26.33 -18.17
O14 PTY L . 2.84 -27.52 -19.68
N1 PTY L . 4.41 -28.97 -13.95
C1 PTY M . 4.54 -22.92 -27.27
C2 PTY M . 7.72 -24.73 -20.13
C3 PTY M . 6.28 -24.22 -20.17
O4 PTY M . 3.76 -21.95 -26.62
C5 PTY M . 5.84 -23.19 -25.15
C6 PTY M . 5.04 -23.91 -26.22
O7 PTY M . 5.84 -24.86 -26.84
C8 PTY M . 6.36 -25.82 -25.98
O10 PTY M . 5.64 -26.42 -25.25
C11 PTY M . 7.87 -26.11 -25.97
C12 PTY M . 8.64 -25.04 -26.72
C13 PTY M . 8.81 -25.36 -28.21
C14 PTY M . 10.22 -25.88 -28.54
C15 PTY M . 10.41 -27.36 -28.16
C16 PTY M . 9.26 -28.24 -28.66
C17 PTY M . 9.58 -29.72 -28.58
C18 PTY M . 8.42 -30.59 -29.06
C19 PTY M . 7.19 -30.45 -28.18
C20 PTY M . 5.97 -31.14 -28.79
C30 PTY M . 2.40 -22.01 -26.95
C31 PTY M . 1.57 -20.72 -26.95
O30 PTY M . 1.90 -23.05 -27.22
C32 PTY M . 0.29 -20.88 -27.78
C33 PTY M . 0.57 -20.97 -29.27
C34 PTY M . -0.45 -21.85 -29.99
C35 PTY M . -0.46 -23.28 -29.46
P1 PTY M . 6.13 -24.27 -22.79
O11 PTY M . 6.11 -23.47 -21.35
O12 PTY M . 7.55 -24.41 -23.27
O13 PTY M . 5.55 -25.65 -22.59
O14 PTY M . 5.26 -23.45 -23.90
N1 PTY M . 7.80 -26.10 -20.59
C1 PTY N . -16.96 -8.85 -4.38
C2 PTY N . -10.48 -5.21 -5.97
C3 PTY N . -11.61 -5.38 -4.95
O4 PTY N . -18.25 -9.22 -4.02
C5 PTY N . -15.09 -7.91 -3.00
C6 PTY N . -16.06 -9.08 -3.17
O7 PTY N . -15.35 -10.27 -3.36
C8 PTY N . -15.38 -11.13 -2.26
O10 PTY N . -14.77 -10.84 -1.27
C11 PTY N . -16.17 -12.44 -2.31
C12 PTY N . -17.68 -12.22 -2.28
C13 PTY N . -18.45 -13.53 -2.14
C14 PTY N . -19.92 -13.30 -1.78
C15 PTY N . -20.70 -14.58 -1.53
C16 PTY N . -22.08 -14.29 -0.93
C17 PTY N . -22.87 -15.57 -0.62
C18 PTY N . -23.40 -16.27 -1.88
C19 PTY N . -24.11 -17.58 -1.56
C20 PTY N . -24.72 -18.23 -2.80
C30 PTY N . -19.01 -9.77 -5.06
C31 PTY N . -20.21 -10.66 -4.73
O30 PTY N . -18.73 -9.54 -6.18
C32 PTY N . -20.53 -11.68 -5.83
C33 PTY N . -21.18 -12.95 -5.25
C34 PTY N . -21.83 -13.83 -6.31
C35 PTY N . -22.23 -15.19 -5.75
P1 PTY N . -12.61 -7.25 -3.44
O11 PTY N . -11.90 -6.74 -4.84
O12 PTY N . -11.62 -8.09 -2.66
O13 PTY N . -13.00 -6.05 -2.62
O14 PTY N . -13.94 -8.15 -3.76
N1 PTY N . -10.73 -4.03 -6.78
C1 PTY O . -22.22 -8.73 -39.49
C2 PTY O . -28.92 -10.33 -44.06
C3 PTY O . -28.45 -8.90 -43.82
O4 PTY O . -21.66 -7.88 -38.53
C5 PTY O . -24.19 -8.94 -40.98
C6 PTY O . -23.70 -8.45 -39.61
O7 PTY O . -23.90 -7.08 -39.49
C8 PTY O . -24.56 -6.74 -38.31
O10 PTY O . -25.68 -7.08 -38.14
C11 PTY O . -23.85 -5.91 -37.25
C12 PTY O . -23.88 -6.55 -35.87
C13 PTY O . -25.21 -6.32 -35.14
C14 PTY O . -25.04 -6.37 -33.62
C15 PTY O . -25.56 -7.68 -33.04
C16 PTY O . -26.75 -7.45 -32.12
C17 PTY O . -26.32 -7.05 -30.70
C18 PTY O . -25.53 -8.16 -30.01
C19 PTY O . -25.00 -7.71 -28.65
C20 PTY O . -26.02 -6.90 -27.86
C30 PTY O . -20.26 -7.92 -38.47
C31 PTY O . -19.54 -8.89 -37.54
O30 PTY O . -19.63 -7.21 -39.16
C32 PTY O . -18.50 -8.19 -36.68
C33 PTY O . -17.77 -9.15 -35.73
C34 PTY O . -16.72 -8.45 -34.86
C35 PTY O . -17.08 -8.50 -33.38
P1 PTY O . -26.33 -9.40 -42.38
O11 PTY O . -27.86 -8.83 -42.56
O12 PTY O . -26.40 -10.87 -42.08
O13 PTY O . -25.57 -9.19 -43.67
O14 PTY O . -25.55 -8.65 -41.14
N1 PTY O . -30.25 -10.33 -44.62
PG ATP P . 29.44 -24.01 -13.08
O1G ATP P . 27.92 -24.08 -13.06
O2G ATP P . 30.02 -23.43 -14.34
O3G ATP P . 30.12 -25.27 -12.60
PB ATP P . 29.63 -23.25 -10.39
O1B ATP P . 28.87 -24.54 -10.24
O2B ATP P . 30.97 -23.09 -9.73
O3B ATP P . 29.77 -22.91 -11.96
PA ATP P . 28.12 -22.14 -8.38
O1A ATP P . 27.98 -20.75 -7.82
O2A ATP P . 28.95 -23.19 -7.66
O3A ATP P . 28.69 -22.06 -9.87
O5' ATP P . 26.67 -22.76 -8.63
C5' ATP P . 26.18 -23.81 -7.79
C4' ATP P . 24.73 -24.09 -8.15
O4' ATP P . 23.96 -22.93 -7.83
C3' ATP P . 24.54 -24.37 -9.62
O3' ATP P . 24.13 -25.73 -9.79
C2' ATP P . 23.45 -23.46 -10.09
O2' ATP P . 22.30 -24.23 -10.43
C1' ATP P . 23.12 -22.56 -8.91
N9 ATP P . 23.50 -21.19 -9.29
C8 ATP P . 24.74 -20.80 -9.61
N7 ATP P . 24.77 -19.47 -9.91
C5 ATP P . 23.52 -19.01 -9.78
C6 ATP P . 22.85 -17.70 -9.95
N6 ATP P . 23.56 -16.61 -10.33
N1 ATP P . 21.53 -17.64 -9.73
C2 ATP P . 20.82 -18.72 -9.36
N3 ATP P . 21.36 -19.94 -9.18
C4 ATP P . 22.68 -20.14 -9.38
PG ATP Q . 8.30 -64.86 3.23
O1G ATP Q . 7.69 -64.06 4.36
O2G ATP Q . 7.83 -64.43 1.85
O3G ATP Q . 8.35 -66.34 3.46
PB ATP Q . 10.76 -64.75 4.52
O1B ATP Q . 10.05 -64.19 5.73
O2B ATP Q . 11.15 -66.20 4.49
O3B ATP Q . 9.85 -64.45 3.24
PA ATP Q . 12.64 -62.73 5.14
O1A ATP Q . 14.09 -62.53 4.80
O2A ATP Q . 12.21 -63.00 6.55
O3A ATP Q . 12.06 -63.87 4.16
O5' ATP Q . 11.79 -61.48 4.60
C5' ATP Q . 10.63 -61.07 5.33
C4' ATP Q . 9.92 -59.91 4.63
O4' ATP Q . 10.69 -59.42 3.54
C3' ATP Q . 8.56 -60.32 4.08
O3' ATP Q . 7.55 -59.58 4.74
C2' ATP Q . 8.57 -59.91 2.62
O2' ATP Q . 7.43 -59.10 2.35
C1' ATP Q . 9.83 -59.09 2.45
N9 ATP Q . 10.52 -59.45 1.20
C8 ATP Q . 11.59 -60.27 1.12
N7 ATP Q . 12.00 -60.39 -0.17
C5 ATP Q . 11.19 -59.63 -0.92
C6 ATP Q . 11.08 -59.31 -2.36
N6 ATP Q . 11.94 -59.85 -3.24
N1 ATP Q . 10.09 -58.49 -2.74
C2 ATP Q . 9.23 -57.96 -1.85
N3 ATP Q . 9.28 -58.20 -0.53
C4 ATP Q . 10.22 -59.01 -0.01
N POV R . -28.65 -43.06 -47.97
P POV R . -25.07 -44.68 -45.31
C1 POV R . -22.49 -44.95 -45.15
C2 POV R . -21.24 -44.30 -44.56
C3 POV R . -20.91 -44.98 -43.22
C210 POV R . -12.12 -39.28 -41.96
C11 POV R . -26.61 -44.37 -47.41
O11 POV R . -23.56 -44.04 -45.09
C12 POV R . -28.15 -44.24 -47.21
O12 POV R . -25.96 -43.72 -46.34
C13 POV R . -30.09 -42.96 -47.70
O13 POV R . -24.95 -46.05 -45.93
C14 POV R . -28.06 -41.73 -47.71
O14 POV R . -25.78 -44.79 -43.98
C15 POV R . -28.41 -43.33 -49.39
C21 POV R . -20.42 -42.10 -44.78
O21 POV R . -21.48 -42.94 -44.35
C22 POV R . -19.12 -41.99 -43.93
O22 POV R . -20.53 -41.48 -45.77
C23 POV R . -18.55 -40.54 -43.90
C24 POV R . -17.77 -40.23 -42.60
C25 POV R . -16.93 -41.45 -42.10
C26 POV R . -16.59 -41.34 -40.59
C27 POV R . -15.06 -41.31 -40.35
C28 POV R . -14.37 -40.10 -41.04
C29 POV R . -12.84 -40.09 -40.87
C31 POV R . -19.09 -46.01 -42.12
O31 POV R . -19.50 -45.15 -43.17
C32 POV R . -17.64 -45.96 -41.60
O32 POV R . -19.86 -46.77 -41.64
C33 POV R . -17.45 -46.77 -40.30
C34 POV R . -16.18 -46.34 -39.52
C35 POV R . -16.48 -46.10 -38.01
C36 POV R . -15.18 -45.89 -37.20
C37 POV R . -14.16 -44.99 -37.94
C38 POV R . -12.97 -44.60 -37.04
PG ATP S . -15.11 -42.00 35.35
O1G ATP S . -15.83 -42.75 34.26
O2G ATP S . -14.08 -41.02 34.86
O3G ATP S . -14.67 -42.85 36.52
PB ATP S . -17.68 -41.76 36.34
O1B ATP S . -17.45 -43.23 36.60
O2B ATP S . -18.37 -40.90 37.38
O3B ATP S . -16.27 -41.08 35.97
PA ATP S . -18.34 -40.18 34.18
O1A ATP S . -18.00 -39.12 35.19
O2A ATP S . -19.55 -40.01 33.29
O3A ATP S . -18.44 -41.60 34.94
O5' ATP S . -17.03 -40.40 33.27
C5' ATP S . -16.07 -39.36 33.18
C4' ATP S . -15.16 -39.65 32.00
O4' ATP S . -14.98 -41.06 31.86
C3' ATP S . -15.82 -39.14 30.73
O3' ATP S . -14.98 -38.16 30.10
C2' ATP S . -15.95 -40.35 29.84
O2' ATP S . -15.50 -40.06 28.52
C1' ATP S . -15.06 -41.39 30.48
N9 ATP S . -15.60 -42.76 30.26
C8 ATP S . -15.88 -43.66 31.21
N7 ATP S . -16.34 -44.81 30.67
C5 ATP S . -16.36 -44.64 29.33
C6 ATP S . -16.73 -45.46 28.16
N6 ATP S . -17.20 -46.72 28.30
N1 ATP S . -16.60 -44.90 26.94
C2 ATP S . -16.14 -43.64 26.78
N3 ATP S . -15.78 -42.85 27.80
C4 ATP S . -15.86 -43.29 29.07
C1 PTY T . -10.52 -51.29 -11.39
C2 PTY T . -9.49 -48.99 -4.82
C3 PTY T . -9.34 -50.47 -5.16
O4 PTY T . -11.87 -51.39 -11.06
C5 PTY T . -9.82 -49.38 -9.94
C6 PTY T . -10.10 -49.83 -11.37
O7 PTY T . -11.12 -49.03 -11.90
C8 PTY T . -10.67 -47.94 -12.64
O10 PTY T . -9.57 -47.53 -12.48
C11 PTY T . -11.58 -47.26 -13.66
C12 PTY T . -11.20 -45.81 -13.89
C13 PTY T . -12.39 -44.96 -14.35
C14 PTY T . -12.31 -44.61 -15.84
C15 PTY T . -13.67 -44.33 -16.45
C16 PTY T . -14.40 -45.61 -16.84
C17 PTY T . -15.44 -45.38 -17.92
C18 PTY T . -16.16 -46.67 -18.31
C19 PTY T . -16.83 -47.34 -17.12
C20 PTY T . -16.24 -48.72 -16.82
C30 PTY T . -12.40 -52.66 -11.24
C31 PTY T . -12.65 -53.20 -12.66
O30 PTY T . -12.67 -53.34 -10.31
C32 PTY T . -14.04 -52.88 -13.16
C33 PTY T . -14.02 -51.83 -14.28
C34 PTY T . -14.86 -50.61 -13.94
C35 PTY T . -14.29 -49.83 -12.77
P1 PTY T . -9.07 -50.56 -7.76
O11 PTY T . -9.97 -50.70 -6.39
O12 PTY T . -8.23 -49.31 -7.70
O13 PTY T . -8.18 -51.76 -7.91
O14 PTY T . -10.05 -50.46 -9.07
N1 PTY T . -8.57 -48.19 -5.63
C1 PTY U . -30.07 -34.92 8.17
C2 PTY U . -23.79 -32.61 11.98
C3 PTY U . -24.11 -32.36 10.51
O4 PTY U . -30.97 -34.97 7.10
C5 PTY U . -28.09 -33.52 7.74
C6 PTY U . -28.65 -34.93 7.62
O7 PTY U . -28.67 -35.31 6.28
C8 PTY U . -27.47 -35.86 5.82
O10 PTY U . -27.05 -36.84 6.32
C11 PTY U . -26.72 -35.20 4.67
C12 PTY U . -27.44 -35.41 3.34
C13 PTY U . -26.55 -36.07 2.27
C14 PTY U . -27.34 -36.96 1.33
C15 PTY U . -28.17 -36.17 0.32
C16 PTY U . -28.71 -37.04 -0.81
C17 PTY U . -29.76 -36.34 -1.66
C18 PTY U . -31.01 -35.98 -0.87
C19 PTY U . -31.87 -34.94 -1.57
C20 PTY U . -32.83 -34.23 -0.62
C30 PTY U . -32.30 -34.76 7.49
C31 PTY U . -33.41 -34.80 6.44
O30 PTY U . -32.56 -34.56 8.62
C32 PTY U . -34.65 -34.02 6.91
C33 PTY U . -35.94 -34.56 6.30
C34 PTY U . -36.14 -36.04 6.57
C35 PTY U . -37.46 -36.56 6.02
P1 PTY U . -26.46 -33.25 9.75
O11 PTY U . -24.84 -33.44 10.04
O12 PTY U . -27.26 -34.16 10.65
O13 PTY U . -26.84 -31.82 10.02
O14 PTY U . -26.77 -33.63 8.18
N1 PTY U . -22.53 -33.32 12.11
N POV V . -53.00 -46.40 -23.53
P POV V . -50.66 -48.13 -19.74
C1 POV V . -48.69 -49.39 -21.00
C2 POV V . -47.27 -49.89 -20.76
C3 POV V . -46.96 -49.75 -19.27
C210 POV V . -35.34 -50.08 -19.10
C11 POV V . -51.06 -47.06 -22.11
O11 POV V . -49.15 -48.83 -19.78
C12 POV V . -51.82 -47.31 -23.45
O12 POV V . -51.34 -48.14 -21.24
C13 POV V . -53.72 -46.76 -24.76
O13 POV V . -50.53 -46.70 -19.26
C14 POV V . -53.98 -46.38 -22.42
O14 POV V . -51.54 -48.89 -18.77
C15 POV V . -52.45 -45.03 -23.64
C21 POV V . -45.43 -49.80 -22.29
O21 POV V . -46.38 -49.10 -21.49
C22 POV V . -44.31 -50.63 -21.61
O22 POV V . -45.51 -49.75 -23.47
C23 POV V . -42.97 -50.63 -22.42
C24 POV V . -41.89 -51.51 -21.73
C25 POV V . -40.55 -51.53 -22.51
C26 POV V . -39.55 -50.45 -22.00
C27 POV V . -38.16 -51.05 -21.61
C28 POV V . -37.34 -50.10 -20.70
C29 POV V . -35.92 -50.63 -20.42
C31 POV V . -45.74 -50.71 -17.48
O31 POV V . -46.06 -50.76 -18.87
C32 POV V . -44.34 -51.10 -16.99
O32 POV V . -46.57 -50.36 -16.71
C33 POV V . -44.31 -51.49 -15.48
C34 POV V . -44.32 -50.26 -14.52
C35 POV V . -43.11 -50.23 -13.56
C36 POV V . -43.05 -48.92 -12.72
C37 POV V . -42.05 -49.01 -11.55
C38 POV V . -42.25 -50.31 -10.73
N POV W . -53.47 -13.82 -19.91
P POV W . -50.37 -12.32 -16.89
C1 POV W . -50.91 -13.63 -14.66
C2 POV W . -50.48 -13.74 -13.19
C3 POV W . -49.65 -12.51 -12.80
C210 POV W . -51.89 -19.64 -8.09
C11 POV W . -52.22 -11.99 -18.72
O11 POV W . -50.28 -12.51 -15.23
C12 POV W . -52.12 -13.37 -19.46
O12 POV W . -51.96 -12.24 -17.35
C13 POV W . -53.98 -12.81 -20.85
O13 POV W . -49.67 -11.05 -17.32
C14 POV W . -53.58 -15.13 -20.60
O14 POV W . -49.70 -13.51 -17.54
C15 POV W . -54.33 -13.93 -18.71
C21 POV W . -50.01 -15.64 -11.89
O21 POV W . -49.69 -14.87 -13.03
C22 POV W . -48.94 -15.89 -10.78
O22 POV W . -51.10 -16.09 -11.77
C23 POV W . -48.91 -17.36 -10.30
C24 POV W . -47.82 -18.21 -11.03
C25 POV W . -47.76 -19.68 -10.53
C26 POV W . -48.95 -20.52 -11.06
C27 POV W . -50.01 -20.76 -9.96
C28 POV W . -51.46 -20.52 -10.48
C29 POV W . -52.49 -20.33 -9.34
C31 POV W . -48.24 -11.75 -11.04
O31 POV W . -49.02 -12.81 -11.57
C32 POV W . -47.19 -12.05 -9.94
O32 POV W . -48.38 -10.65 -11.44
C33 POV W . -46.30 -10.81 -9.64
C34 POV W . -44.83 -11.01 -10.10
C35 POV W . -44.15 -12.23 -9.41
C36 POV W . -43.12 -11.77 -8.34
C37 POV W . -42.81 -12.90 -7.31
C38 POV W . -44.07 -13.41 -6.60
C1 PTY X . -27.51 -3.80 -32.35
C2 PTY X . -33.82 -5.18 -36.05
C3 PTY X . -32.84 -5.45 -34.91
O4 PTY X . -26.47 -3.22 -33.07
C5 PTY X . -29.09 -2.91 -34.05
C6 PTY X . -28.76 -2.93 -32.56
O7 PTY X . -28.49 -1.65 -32.11
C8 PTY X . -29.28 -1.24 -31.04
O10 PTY X . -30.29 -0.63 -31.23
C11 PTY X . -28.86 -1.56 -29.61
C12 PTY X . -29.00 -0.36 -28.67
C13 PTY X . -29.11 -0.78 -27.21
C14 PTY X . -30.57 -0.81 -26.74
C15 PTY X . -31.19 0.58 -26.69
C16 PTY X . -32.69 0.54 -26.38
C17 PTY X . -33.55 0.38 -27.62
C18 PTY X . -34.06 -1.05 -27.80
C19 PTY X . -34.90 -1.22 -29.07
C20 PTY X . -36.39 -1.26 -28.77
C30 PTY X . -25.50 -2.64 -32.26
C31 PTY X . -24.56 -1.58 -32.84
O30 PTY X . -25.40 -2.97 -31.13
C32 PTY X . -23.24 -1.46 -32.08
C33 PTY X . -22.69 -0.03 -32.08
C34 PTY X . -21.19 0.03 -31.83
C35 PTY X . -20.75 -0.84 -30.65
P1 PTY X . -30.58 -4.32 -35.68
O11 PTY X . -31.56 -5.63 -35.45
O12 PTY X . -29.79 -4.49 -36.94
O13 PTY X . -31.42 -3.06 -35.78
O14 PTY X . -29.56 -4.18 -34.40
N1 PTY X . -33.20 -5.50 -37.33
PG ATP Y . 38.45 53.00 15.64
O1G ATP Y . 39.39 53.81 16.49
O2G ATP Y . 38.85 51.54 15.49
O3G ATP Y . 36.99 53.22 15.93
PB ATP Y . 40.04 53.31 13.40
O1B ATP Y . 41.15 53.80 14.30
O2B ATP Y . 40.02 51.89 12.91
O3B ATP Y . 38.65 53.59 14.17
PA ATP Y . 41.33 54.70 11.35
O1A ATP Y . 41.95 53.45 10.78
O2A ATP Y . 42.15 55.60 12.23
O3A ATP Y . 39.99 54.30 12.14
O5' ATP Y . 40.74 55.59 10.14
C5' ATP Y . 41.62 56.23 9.20
C4' ATP Y . 40.86 57.28 8.39
O4' ATP Y . 40.17 56.67 7.30
C3' ATP Y . 39.82 58.00 9.25
O3' ATP Y . 40.19 59.37 9.42
C2' ATP Y . 38.52 57.91 8.47
O2' ATP Y . 38.01 59.22 8.24
C1' ATP Y . 38.88 57.25 7.14
N9 ATP Y . 37.89 56.20 6.82
C8 ATP Y . 38.16 54.90 6.66
N7 ATP Y . 37.03 54.20 6.37
C5 ATP Y . 36.01 55.07 6.34
C6 ATP Y . 34.55 55.01 6.10
N6 ATP Y . 33.94 53.82 5.82
N1 ATP Y . 33.85 56.15 6.16
C2 ATP Y . 34.44 57.33 6.44
N3 ATP Y . 35.76 57.46 6.67
C4 ATP Y . 36.58 56.40 6.64
O3 GBM Z . 3.86 27.68 -13.90
O4 GBM Z . 2.21 26.76 -15.83
O5 GBM Z . 3.52 24.99 -17.40
O6 GBM Z . 1.43 31.21 -18.65
CL1 GBM Z . -1.89 32.89 -22.43
S2 GBM Z . 3.68 26.35 -16.48
O7 GBM Z . 3.43 30.24 -22.02
N8 GBM Z . 5.67 26.63 -12.96
N9 GBM Z . 4.81 26.08 -15.23
N10 GBM Z . 3.56 31.76 -19.16
C11 GBM Z . 6.70 25.62 -13.17
C12 GBM Z . 7.16 25.08 -11.81
C13 GBM Z . 7.83 26.23 -14.01
C14 GBM Z . 8.44 25.74 -11.28
C15 GBM Z . 8.68 27.27 -13.27
C16 GBM Z . 8.55 27.18 -11.74
C17 GBM Z . 4.72 26.86 -14.02
C18 GBM Z . 4.29 27.72 -17.49
C19 GBM Z . 5.21 29.83 -19.04
C20 GBM Z . 5.72 30.98 -19.92
C21 GBM Z . 5.05 28.73 -16.92
C22 GBM Z . 3.98 27.77 -18.84
C23 GBM Z . 5.52 29.78 -17.69
C24 GBM Z . 4.45 28.83 -19.61
C25 GBM Z . 4.66 32.09 -20.04
C26 GBM Z . 2.19 31.44 -19.53
C27 GBM Z . 1.59 31.43 -20.95
C28 GBM Z . 2.19 30.87 -22.08
C29 GBM Z . 0.35 32.04 -21.07
C30 GBM Z . 1.54 30.93 -23.29
C31 GBM Z . -0.30 32.09 -22.30
C32 GBM Z . 0.30 31.53 -23.42
C33 GBM Z . 4.16 30.29 -23.20
C1 PTY AA . -28.85 7.62 -40.33
C2 PTY AA . -29.72 11.94 -46.99
C3 PTY AA . -28.56 12.08 -46.00
O4 PTY AA . -28.41 6.52 -39.58
C5 PTY AA . -28.82 8.08 -42.76
C6 PTY AA . -27.95 7.78 -41.54
O7 PTY AA . -27.22 6.61 -41.76
C8 PTY AA . -25.91 6.81 -42.19
O10 PTY AA . -25.69 7.51 -43.12
C11 PTY AA . -24.76 6.14 -41.45
C12 PTY AA . -25.04 4.68 -41.12
C13 PTY AA . -25.90 4.51 -39.88
C14 PTY AA . -25.09 4.62 -38.59
C15 PTY AA . -24.68 3.25 -38.05
C16 PTY AA . -23.29 2.83 -38.52
C17 PTY AA . -22.89 1.47 -37.98
C18 PTY AA . -22.13 1.55 -36.66
C19 PTY AA . -20.62 1.39 -36.86
C20 PTY AA . -19.85 1.50 -35.55
C30 PTY AA . -28.84 6.55 -38.25
C31 PTY AA . -28.37 5.48 -37.27
O30 PTY AA . -29.58 7.40 -37.88
C32 PTY AA . -28.62 5.88 -35.81
C33 PTY AA . -27.92 4.95 -34.82
C34 PTY AA . -28.62 3.61 -34.69
C35 PTY AA . -28.16 2.83 -33.47
P1 PTY AA . -28.87 9.83 -44.70
O11 PTY AA . -28.94 11.47 -44.80
O12 PTY AA . -30.17 9.22 -45.16
O13 PTY AA . -27.74 9.32 -45.58
O14 PTY AA . -28.58 9.39 -43.14
N1 PTY AA . -30.10 13.24 -47.51
C1 PTY BA . -14.47 -24.52 -51.06
C2 PTY BA . -21.47 -24.92 -53.75
C3 PTY BA . -20.41 -23.83 -53.69
O4 PTY BA . -13.25 -24.65 -50.38
C5 PTY BA . -16.73 -23.54 -51.02
C6 PTY BA . -15.51 -23.84 -50.17
O7 PTY BA . -14.99 -22.63 -49.67
C8 PTY BA . -14.46 -22.67 -48.38
O10 PTY BA . -13.35 -23.04 -48.20
C11 PTY BA . -15.29 -22.22 -47.18
C12 PTY BA . -14.48 -22.32 -45.89
C13 PTY BA . -14.70 -21.14 -44.96
C14 PTY BA . -13.39 -20.45 -44.60
C15 PTY BA . -13.42 -19.86 -43.20
C16 PTY BA . -13.06 -20.89 -42.13
C17 PTY BA . -13.10 -20.32 -40.71
C18 PTY BA . -12.68 -21.36 -39.68
C19 PTY BA . -13.31 -22.73 -39.93
C20 PTY BA . -12.67 -23.82 -39.07
C30 PTY BA . -12.81 -25.97 -50.25
C31 PTY BA . -11.81 -26.33 -49.15
O30 PTY BA . -13.23 -26.82 -50.97
C32 PTY BA . -12.38 -26.08 -47.75
C33 PTY BA . -11.38 -25.34 -46.86
C34 PTY BA . -12.02 -24.92 -45.53
C35 PTY BA . -11.08 -24.07 -44.68
P1 PTY BA . -18.58 -24.97 -52.21
O11 PTY BA . -19.79 -23.89 -52.42
O12 PTY BA . -19.17 -26.34 -51.99
O13 PTY BA . -17.70 -24.98 -53.44
O14 PTY BA . -17.68 -24.55 -50.88
N1 PTY BA . -22.78 -24.34 -54.00
C1 PTY CA . -2.58 -4.93 -16.37
C2 PTY CA . -2.58 -9.01 -10.75
C3 PTY CA . -3.08 -7.57 -10.65
O4 PTY CA . -1.29 -4.36 -16.39
C5 PTY CA . -3.32 -4.32 -14.06
C6 PTY CA . -3.50 -4.02 -15.55
O7 PTY CA . -4.83 -4.25 -15.91
C8 PTY CA . -5.74 -3.34 -15.36
O10 PTY CA . -6.42 -3.67 -14.45
C11 PTY CA . -5.85 -1.93 -15.92
C12 PTY CA . -5.73 -1.89 -17.45
C13 PTY CA . -7.09 -1.73 -18.13
C14 PTY CA . -7.77 -3.08 -18.37
C15 PTY CA . -6.89 -4.05 -19.16
C16 PTY CA . -7.32 -4.18 -20.62
C17 PTY CA . -6.13 -4.52 -21.52
C18 PTY CA . -5.74 -3.34 -22.44
C19 PTY CA . -4.30 -3.44 -22.92
C20 PTY CA . -3.31 -3.09 -21.82
C30 PTY CA . -1.07 -3.50 -17.48
C31 PTY CA . 0.03 -2.45 -17.40
O30 PTY CA . -1.74 -3.60 -18.45
C32 PTY CA . -0.45 -1.10 -16.88
C33 PTY CA . -1.48 -0.45 -17.81
C34 PTY CA . -2.11 0.80 -17.20
C35 PTY CA . -1.15 1.99 -17.19
P1 PTY CA . -3.09 -6.73 -13.12
O11 PTY CA . -2.42 -6.82 -11.62
O12 PTY CA . -2.77 -7.99 -13.89
O13 PTY CA . -4.59 -6.58 -12.99
O14 PTY CA . -2.49 -5.43 -13.93
N1 PTY CA . -1.23 -9.03 -11.29
#